data_2L7N
#
_entry.id   2L7N
#
_entity_poly.entity_id   1
_entity_poly.type   'polypeptide(L)'
_entity_poly.pdbx_seq_one_letter_code
;GIDPFTGPLEMDSALSVVQNLEKDLQEIKAAARDGKLKPLPGETMEKCTQDLGNSTKAVSSAIAKLLGEIAQGNENYAGI
AARDVAGGLRSLAQAARGVAALTSDPAVQAIVLDTASDVLDKASSLIEEAKKASGHPGDPESQQRLAQVAKAVTQALNRC
VSCLPGQR
;
_entity_poly.pdbx_strand_id   A
#
# COMPACT_ATOMS: atom_id res chain seq x y z
N GLY A 1 -20.50 28.52 -8.83
CA GLY A 1 -19.17 28.06 -8.39
C GLY A 1 -19.11 27.87 -6.89
N ILE A 2 -17.90 27.89 -6.34
CA ILE A 2 -17.67 27.71 -4.91
C ILE A 2 -18.29 26.40 -4.44
N ASP A 3 -17.62 25.30 -4.71
CA ASP A 3 -18.12 23.98 -4.37
C ASP A 3 -17.58 23.53 -3.01
N PRO A 4 -18.48 23.21 -2.09
CA PRO A 4 -18.10 22.78 -0.74
C PRO A 4 -17.86 21.27 -0.68
N PHE A 5 -17.02 20.79 -1.58
CA PHE A 5 -16.69 19.36 -1.64
C PHE A 5 -15.38 19.11 -0.90
N THR A 6 -15.06 20.00 0.02
CA THR A 6 -13.82 19.95 0.76
C THR A 6 -13.89 18.99 1.95
N GLY A 7 -14.94 18.19 2.00
CA GLY A 7 -15.09 17.23 3.07
C GLY A 7 -14.23 15.99 2.87
N PRO A 8 -14.60 15.10 1.95
CA PRO A 8 -13.89 13.84 1.73
C PRO A 8 -12.67 13.98 0.83
N LEU A 9 -11.96 15.10 0.94
CA LEU A 9 -10.76 15.33 0.13
C LEU A 9 -9.57 14.51 0.64
N GLU A 10 -9.80 13.78 1.72
CA GLU A 10 -8.77 12.94 2.32
C GLU A 10 -8.31 11.86 1.35
N MET A 11 -9.25 11.37 0.56
CA MET A 11 -8.96 10.30 -0.40
C MET A 11 -8.01 10.79 -1.48
N ASP A 12 -8.27 11.99 -2.00
CA ASP A 12 -7.40 12.57 -3.02
C ASP A 12 -6.02 12.84 -2.44
N SER A 13 -6.00 13.32 -1.20
CA SER A 13 -4.75 13.58 -0.50
C SER A 13 -3.98 12.28 -0.26
N ALA A 14 -4.72 11.22 0.08
CA ALA A 14 -4.13 9.90 0.29
C ALA A 14 -3.56 9.35 -1.01
N LEU A 15 -4.26 9.61 -2.11
CA LEU A 15 -3.79 9.21 -3.43
C LEU A 15 -2.41 9.80 -3.69
N SER A 16 -2.27 11.08 -3.35
CA SER A 16 -0.99 11.76 -3.48
C SER A 16 0.10 11.05 -2.70
N VAL A 17 -0.24 10.61 -1.49
CA VAL A 17 0.70 9.89 -0.64
C VAL A 17 1.17 8.61 -1.32
N VAL A 18 0.22 7.85 -1.86
CA VAL A 18 0.54 6.59 -2.54
C VAL A 18 1.36 6.84 -3.80
N GLN A 19 1.02 7.91 -4.52
CA GLN A 19 1.77 8.30 -5.71
C GLN A 19 3.18 8.75 -5.35
N ASN A 20 3.35 9.28 -4.15
CA ASN A 20 4.67 9.61 -3.64
C ASN A 20 5.39 8.34 -3.20
N LEU A 21 4.63 7.33 -2.79
CA LEU A 21 5.20 6.06 -2.35
C LEU A 21 5.82 5.29 -3.51
N GLU A 22 5.12 5.26 -4.65
CA GLU A 22 5.66 4.61 -5.84
C GLU A 22 6.96 5.29 -6.26
N LYS A 23 6.96 6.61 -6.24
CA LYS A 23 8.13 7.38 -6.64
C LYS A 23 9.25 7.27 -5.61
N ASP A 24 8.87 7.03 -4.36
CA ASP A 24 9.85 6.76 -3.31
C ASP A 24 10.61 5.49 -3.64
N LEU A 25 9.87 4.44 -3.96
CA LEU A 25 10.48 3.15 -4.26
C LEU A 25 11.11 3.18 -5.65
N GLN A 26 10.67 4.10 -6.50
CA GLN A 26 11.29 4.31 -7.81
C GLN A 26 12.77 4.63 -7.65
N GLU A 27 13.06 5.53 -6.73
CA GLU A 27 14.44 5.90 -6.42
C GLU A 27 15.19 4.71 -5.84
N ILE A 28 14.46 3.93 -5.05
CA ILE A 28 15.01 2.77 -4.36
C ILE A 28 15.31 1.63 -5.34
N LYS A 29 14.43 1.46 -6.32
CA LYS A 29 14.65 0.46 -7.37
C LYS A 29 15.99 0.68 -8.06
N ALA A 30 16.22 1.92 -8.50
CA ALA A 30 17.47 2.27 -9.14
C ALA A 30 18.64 2.15 -8.16
N ALA A 31 18.40 2.56 -6.92
CA ALA A 31 19.40 2.48 -5.88
C ALA A 31 19.80 1.04 -5.59
N ALA A 32 18.81 0.16 -5.46
CA ALA A 32 19.07 -1.25 -5.20
C ALA A 32 19.78 -1.89 -6.38
N ARG A 33 19.37 -1.52 -7.58
CA ARG A 33 20.00 -1.98 -8.81
C ARG A 33 21.47 -1.57 -8.84
N ASP A 34 21.73 -0.34 -8.43
CA ASP A 34 23.10 0.18 -8.40
C ASP A 34 23.90 -0.44 -7.27
N GLY A 35 23.24 -0.67 -6.14
CA GLY A 35 23.89 -1.25 -4.99
C GLY A 35 23.98 -0.28 -3.83
N LYS A 36 23.01 0.62 -3.76
CA LYS A 36 22.97 1.59 -2.68
C LYS A 36 22.17 1.05 -1.50
N LEU A 37 20.84 1.19 -1.56
CA LEU A 37 19.95 0.79 -0.47
C LEU A 37 20.42 1.30 0.89
N LYS A 38 19.88 0.74 1.96
CA LYS A 38 20.33 1.02 3.29
C LYS A 38 20.69 -0.29 3.98
N PRO A 39 21.93 -0.78 3.77
CA PRO A 39 22.34 -2.12 4.17
C PRO A 39 22.72 -2.21 5.65
N LEU A 40 22.13 -1.36 6.46
CA LEU A 40 22.37 -1.38 7.90
C LEU A 40 21.60 -2.52 8.55
N PRO A 41 22.31 -3.49 9.12
CA PRO A 41 21.73 -4.69 9.72
C PRO A 41 21.27 -4.45 11.16
N GLY A 42 20.88 -3.21 11.47
CA GLY A 42 20.36 -2.91 12.79
C GLY A 42 19.01 -3.56 12.98
N GLU A 43 18.17 -3.45 11.97
CA GLU A 43 16.92 -4.17 11.91
C GLU A 43 17.16 -5.50 11.19
N THR A 44 17.02 -6.60 11.92
CA THR A 44 17.25 -7.91 11.36
C THR A 44 16.11 -8.32 10.43
N MET A 45 16.41 -9.21 9.49
CA MET A 45 15.45 -9.63 8.49
C MET A 45 14.21 -10.25 9.13
N GLU A 46 14.40 -10.94 10.25
CA GLU A 46 13.27 -11.52 10.98
C GLU A 46 12.28 -10.44 11.41
N LYS A 47 12.80 -9.28 11.80
CA LYS A 47 11.95 -8.18 12.25
C LYS A 47 11.30 -7.48 11.08
N CYS A 48 12.06 -7.29 10.01
CA CYS A 48 11.55 -6.63 8.82
C CYS A 48 10.44 -7.45 8.16
N THR A 49 10.64 -8.77 8.11
CA THR A 49 9.65 -9.66 7.53
C THR A 49 8.43 -9.77 8.45
N GLN A 50 8.67 -9.69 9.75
CA GLN A 50 7.59 -9.72 10.74
C GLN A 50 6.76 -8.45 10.64
N ASP A 51 7.44 -7.32 10.52
CA ASP A 51 6.78 -6.03 10.39
C ASP A 51 6.01 -5.98 9.08
N LEU A 52 6.60 -6.57 8.05
CA LEU A 52 5.97 -6.64 6.73
C LEU A 52 4.63 -7.37 6.82
N GLY A 53 4.63 -8.50 7.52
CA GLY A 53 3.42 -9.26 7.71
C GLY A 53 2.36 -8.46 8.45
N ASN A 54 2.79 -7.74 9.49
CA ASN A 54 1.87 -6.91 10.26
C ASN A 54 1.37 -5.74 9.42
N SER A 55 2.26 -5.14 8.65
CA SER A 55 1.89 -4.06 7.74
C SER A 55 0.83 -4.55 6.75
N THR A 56 1.03 -5.78 6.27
CA THR A 56 0.09 -6.42 5.38
C THR A 56 -1.29 -6.50 6.00
N LYS A 57 -1.36 -7.08 7.20
CA LYS A 57 -2.63 -7.26 7.90
C LYS A 57 -3.25 -5.92 8.27
N ALA A 58 -2.40 -4.95 8.57
CA ALA A 58 -2.84 -3.61 8.95
C ALA A 58 -3.64 -2.96 7.81
N VAL A 59 -3.01 -2.82 6.65
CA VAL A 59 -3.67 -2.17 5.52
C VAL A 59 -4.79 -3.04 4.95
N SER A 60 -4.71 -4.35 5.17
CA SER A 60 -5.79 -5.25 4.80
C SER A 60 -7.04 -4.95 5.62
N SER A 61 -6.83 -4.52 6.86
CA SER A 61 -7.92 -4.10 7.72
C SER A 61 -8.42 -2.73 7.29
N ALA A 62 -7.49 -1.91 6.81
CA ALA A 62 -7.80 -0.56 6.36
C ALA A 62 -8.68 -0.56 5.12
N ILE A 63 -8.37 -1.42 4.16
CA ILE A 63 -9.16 -1.50 2.93
C ILE A 63 -10.58 -1.97 3.23
N ALA A 64 -10.73 -2.79 4.27
CA ALA A 64 -12.03 -3.27 4.70
C ALA A 64 -12.92 -2.11 5.15
N LYS A 65 -12.26 -1.07 5.66
CA LYS A 65 -12.96 0.12 6.13
C LYS A 65 -13.44 0.96 4.94
N LEU A 66 -12.68 0.93 3.85
CA LEU A 66 -13.05 1.62 2.63
C LEU A 66 -14.20 0.90 1.94
N LEU A 67 -14.17 -0.42 1.99
CA LEU A 67 -15.21 -1.25 1.39
C LEU A 67 -16.43 -1.36 2.29
N GLY A 68 -16.45 -0.57 3.35
CA GLY A 68 -17.57 -0.57 4.26
C GLY A 68 -18.52 0.57 3.99
N GLU A 69 -19.76 0.24 3.63
CA GLU A 69 -20.78 1.23 3.29
C GLU A 69 -20.37 2.02 2.05
N ILE A 70 -20.98 3.18 1.87
CA ILE A 70 -20.65 4.04 0.74
C ILE A 70 -20.61 5.51 1.17
N ALA A 71 -19.61 6.23 0.68
CA ALA A 71 -19.47 7.65 0.96
C ALA A 71 -20.33 8.45 -0.03
N GLN A 72 -21.39 9.04 0.47
CA GLN A 72 -22.31 9.78 -0.38
C GLN A 72 -22.11 11.28 -0.24
N GLY A 73 -21.26 11.83 -1.10
CA GLY A 73 -21.03 13.27 -1.10
C GLY A 73 -19.99 13.69 -0.09
N ASN A 74 -20.24 13.38 1.18
CA ASN A 74 -19.32 13.70 2.25
C ASN A 74 -19.36 12.63 3.33
N GLU A 75 -18.19 12.20 3.79
CA GLU A 75 -18.09 11.15 4.78
C GLU A 75 -16.70 11.21 5.41
N ASN A 76 -16.62 10.99 6.72
CA ASN A 76 -15.36 11.12 7.43
C ASN A 76 -14.58 9.82 7.45
N TYR A 77 -15.27 8.71 7.72
CA TYR A 77 -14.61 7.40 7.79
C TYR A 77 -13.94 7.08 6.47
N ALA A 78 -14.62 7.39 5.39
CA ALA A 78 -14.08 7.24 4.05
C ALA A 78 -12.72 7.90 3.92
N GLY A 79 -12.60 9.10 4.48
CA GLY A 79 -11.33 9.81 4.44
C GLY A 79 -10.32 9.24 5.41
N ILE A 80 -10.79 8.89 6.60
CA ILE A 80 -9.93 8.31 7.63
C ILE A 80 -9.35 6.97 7.17
N ALA A 81 -10.18 6.17 6.55
CA ALA A 81 -9.74 4.87 6.03
C ALA A 81 -8.76 5.06 4.89
N ALA A 82 -8.94 6.13 4.12
CA ALA A 82 -8.02 6.46 3.04
C ALA A 82 -6.65 6.85 3.60
N ARG A 83 -6.66 7.48 4.77
CA ARG A 83 -5.43 7.81 5.47
C ARG A 83 -4.81 6.53 6.04
N ASP A 84 -5.66 5.63 6.50
CA ASP A 84 -5.22 4.41 7.17
C ASP A 84 -4.51 3.47 6.19
N VAL A 85 -5.05 3.35 4.97
CA VAL A 85 -4.38 2.53 3.95
C VAL A 85 -3.02 3.11 3.59
N ALA A 86 -2.95 4.43 3.44
CA ALA A 86 -1.70 5.09 3.08
C ALA A 86 -0.61 4.79 4.09
N GLY A 87 -0.96 4.85 5.37
CA GLY A 87 -0.03 4.54 6.43
C GLY A 87 0.44 3.10 6.38
N GLY A 88 -0.49 2.18 6.12
CA GLY A 88 -0.14 0.78 6.01
C GLY A 88 0.78 0.50 4.83
N LEU A 89 0.53 1.20 3.73
CA LEU A 89 1.32 1.02 2.52
C LEU A 89 2.74 1.54 2.71
N ARG A 90 2.88 2.63 3.48
CA ARG A 90 4.20 3.15 3.82
C ARG A 90 4.98 2.12 4.61
N SER A 91 4.35 1.61 5.65
CA SER A 91 4.93 0.60 6.52
C SER A 91 5.32 -0.63 5.70
N LEU A 92 4.45 -0.99 4.77
CA LEU A 92 4.68 -2.13 3.88
C LEU A 92 5.96 -1.89 3.06
N ALA A 93 6.00 -0.77 2.35
CA ALA A 93 7.12 -0.44 1.49
C ALA A 93 8.43 -0.32 2.27
N GLN A 94 8.36 0.30 3.44
CA GLN A 94 9.55 0.51 4.28
C GLN A 94 10.11 -0.82 4.78
N ALA A 95 9.24 -1.75 5.11
CA ALA A 95 9.67 -3.06 5.58
C ALA A 95 10.24 -3.88 4.43
N ALA A 96 9.61 -3.77 3.27
CA ALA A 96 10.04 -4.50 2.07
C ALA A 96 11.43 -4.04 1.61
N ARG A 97 11.63 -2.74 1.57
CA ARG A 97 12.90 -2.18 1.12
C ARG A 97 14.01 -2.49 2.13
N GLY A 98 13.63 -2.70 3.38
CA GLY A 98 14.58 -3.12 4.39
C GLY A 98 15.05 -4.54 4.13
N VAL A 99 14.10 -5.41 3.82
CA VAL A 99 14.40 -6.80 3.47
C VAL A 99 15.41 -6.87 2.31
N ALA A 100 15.16 -6.07 1.28
CA ALA A 100 16.02 -6.03 0.10
C ALA A 100 17.43 -5.54 0.46
N ALA A 101 17.51 -4.63 1.41
CA ALA A 101 18.77 -4.04 1.82
C ALA A 101 19.59 -5.00 2.66
N LEU A 102 18.91 -5.90 3.35
CA LEU A 102 19.58 -6.86 4.23
C LEU A 102 20.14 -8.03 3.45
N THR A 103 19.42 -8.46 2.42
CA THR A 103 19.87 -9.55 1.57
C THR A 103 20.88 -9.04 0.54
N SER A 104 21.80 -9.90 0.14
CA SER A 104 22.81 -9.53 -0.84
C SER A 104 22.57 -10.22 -2.18
N ASP A 105 21.47 -10.94 -2.27
CA ASP A 105 21.17 -11.70 -3.48
C ASP A 105 20.45 -10.83 -4.50
N PRO A 106 21.12 -10.55 -5.64
CA PRO A 106 20.57 -9.67 -6.68
C PRO A 106 19.47 -10.36 -7.48
N ALA A 107 18.37 -10.63 -6.82
CA ALA A 107 17.21 -11.26 -7.43
C ALA A 107 16.01 -11.07 -6.53
N VAL A 108 16.15 -11.50 -5.28
CA VAL A 108 15.10 -11.34 -4.29
C VAL A 108 14.94 -9.86 -3.92
N GLN A 109 16.02 -9.11 -4.05
CA GLN A 109 16.01 -7.67 -3.79
C GLN A 109 14.98 -6.97 -4.66
N ALA A 110 14.96 -7.30 -5.93
CA ALA A 110 14.03 -6.68 -6.87
C ALA A 110 12.63 -7.23 -6.67
N ILE A 111 12.54 -8.50 -6.30
CA ILE A 111 11.27 -9.19 -6.16
C ILE A 111 10.48 -8.68 -4.95
N VAL A 112 11.16 -8.38 -3.85
CA VAL A 112 10.50 -7.88 -2.65
C VAL A 112 10.00 -6.46 -2.85
N LEU A 113 10.73 -5.69 -3.64
CA LEU A 113 10.35 -4.31 -3.91
C LEU A 113 9.23 -4.27 -4.93
N ASP A 114 9.38 -5.11 -5.95
CA ASP A 114 8.39 -5.20 -7.03
C ASP A 114 7.01 -5.53 -6.50
N THR A 115 6.94 -6.49 -5.60
CA THR A 115 5.67 -6.88 -5.00
C THR A 115 5.08 -5.74 -4.17
N ALA A 116 5.93 -5.06 -3.41
CA ALA A 116 5.52 -3.89 -2.63
C ALA A 116 5.00 -2.79 -3.56
N SER A 117 5.64 -2.66 -4.71
CA SER A 117 5.25 -1.66 -5.70
C SER A 117 3.92 -2.06 -6.35
N ASP A 118 3.73 -3.36 -6.53
CA ASP A 118 2.48 -3.87 -7.08
C ASP A 118 1.34 -3.63 -6.11
N VAL A 119 1.63 -3.71 -4.82
CA VAL A 119 0.66 -3.39 -3.78
C VAL A 119 0.13 -1.98 -3.94
N LEU A 120 1.04 -1.00 -3.89
CA LEU A 120 0.66 0.40 -3.99
C LEU A 120 0.06 0.71 -5.36
N ASP A 121 0.51 0.00 -6.38
CA ASP A 121 -0.02 0.15 -7.73
C ASP A 121 -1.53 -0.09 -7.74
N LYS A 122 -1.92 -1.23 -7.21
CA LYS A 122 -3.34 -1.59 -7.14
C LYS A 122 -4.04 -0.73 -6.10
N ALA A 123 -3.33 -0.39 -5.03
CA ALA A 123 -3.87 0.46 -3.97
C ALA A 123 -4.17 1.87 -4.51
N SER A 124 -3.42 2.29 -5.52
CA SER A 124 -3.67 3.56 -6.16
C SER A 124 -5.07 3.59 -6.76
N SER A 125 -5.37 2.60 -7.60
CA SER A 125 -6.68 2.52 -8.25
C SER A 125 -7.77 2.20 -7.24
N LEU A 126 -7.39 1.59 -6.12
CA LEU A 126 -8.30 1.40 -5.00
C LEU A 126 -8.78 2.76 -4.51
N ILE A 127 -7.85 3.68 -4.34
CA ILE A 127 -8.18 5.03 -3.91
C ILE A 127 -8.84 5.82 -5.05
N GLU A 128 -8.36 5.63 -6.27
CA GLU A 128 -8.95 6.28 -7.43
C GLU A 128 -10.43 5.95 -7.54
N GLU A 129 -10.74 4.66 -7.48
CA GLU A 129 -12.13 4.20 -7.53
C GLU A 129 -12.93 4.77 -6.36
N ALA A 130 -12.33 4.74 -5.17
CA ALA A 130 -12.98 5.27 -3.97
C ALA A 130 -13.30 6.75 -4.12
N LYS A 131 -12.37 7.50 -4.72
CA LYS A 131 -12.56 8.91 -5.01
C LYS A 131 -13.83 9.13 -5.82
N LYS A 132 -13.99 8.31 -6.84
CA LYS A 132 -15.15 8.40 -7.72
C LYS A 132 -16.42 7.96 -6.99
N ALA A 133 -16.29 6.90 -6.19
CA ALA A 133 -17.41 6.35 -5.45
C ALA A 133 -17.92 7.35 -4.41
N SER A 134 -17.02 8.17 -3.88
CA SER A 134 -17.38 9.19 -2.90
C SER A 134 -18.29 10.24 -3.53
N GLY A 135 -18.26 10.34 -4.84
CA GLY A 135 -19.12 11.26 -5.55
C GLY A 135 -20.38 10.59 -6.05
N HIS A 136 -20.61 9.36 -5.60
CA HIS A 136 -21.78 8.59 -5.99
C HIS A 136 -22.55 8.16 -4.75
N PRO A 137 -23.81 8.62 -4.62
CA PRO A 137 -24.70 8.24 -3.50
C PRO A 137 -25.13 6.78 -3.55
N GLY A 138 -24.14 5.91 -3.59
CA GLY A 138 -24.39 4.48 -3.64
C GLY A 138 -24.39 3.97 -5.07
N ASP A 139 -23.19 3.79 -5.62
CA ASP A 139 -23.06 3.30 -6.99
C ASP A 139 -22.77 1.81 -6.99
N PRO A 140 -23.56 1.03 -7.75
CA PRO A 140 -23.40 -0.42 -7.81
C PRO A 140 -22.08 -0.84 -8.42
N GLU A 141 -21.78 -0.31 -9.61
CA GLU A 141 -20.61 -0.72 -10.37
C GLU A 141 -19.32 -0.32 -9.67
N SER A 142 -19.31 0.89 -9.13
CA SER A 142 -18.14 1.42 -8.45
C SER A 142 -17.71 0.50 -7.31
N GLN A 143 -18.67 0.06 -6.51
CA GLN A 143 -18.38 -0.81 -5.37
C GLN A 143 -17.93 -2.19 -5.82
N GLN A 144 -18.51 -2.66 -6.93
CA GLN A 144 -18.12 -3.95 -7.50
C GLN A 144 -16.65 -3.93 -7.87
N ARG A 145 -16.23 -2.89 -8.58
CA ARG A 145 -14.85 -2.77 -9.02
C ARG A 145 -13.93 -2.47 -7.83
N LEU A 146 -14.45 -1.69 -6.89
CA LEU A 146 -13.71 -1.33 -5.69
C LEU A 146 -13.35 -2.59 -4.88
N ALA A 147 -14.30 -3.51 -4.78
CA ALA A 147 -14.08 -4.77 -4.06
C ALA A 147 -13.01 -5.60 -4.76
N GLN A 148 -13.06 -5.62 -6.10
CA GLN A 148 -12.12 -6.38 -6.90
C GLN A 148 -10.70 -5.86 -6.72
N VAL A 149 -10.53 -4.55 -6.81
CA VAL A 149 -9.21 -3.94 -6.72
C VAL A 149 -8.69 -4.01 -5.27
N ALA A 150 -9.61 -3.98 -4.31
CA ALA A 150 -9.25 -4.14 -2.91
C ALA A 150 -8.59 -5.49 -2.67
N LYS A 151 -9.20 -6.53 -3.25
CA LYS A 151 -8.66 -7.87 -3.12
C LYS A 151 -7.35 -8.01 -3.87
N ALA A 152 -7.21 -7.26 -4.96
CA ALA A 152 -5.97 -7.25 -5.73
C ALA A 152 -4.82 -6.72 -4.87
N VAL A 153 -5.11 -5.75 -4.03
CA VAL A 153 -4.14 -5.24 -3.07
C VAL A 153 -3.77 -6.35 -2.08
N THR A 154 -4.78 -7.07 -1.61
CA THR A 154 -4.58 -8.16 -0.68
C THR A 154 -3.70 -9.25 -1.29
N GLN A 155 -3.94 -9.56 -2.57
CA GLN A 155 -3.18 -10.58 -3.28
C GLN A 155 -1.72 -10.17 -3.40
N ALA A 156 -1.50 -8.89 -3.69
CA ALA A 156 -0.15 -8.35 -3.81
C ALA A 156 0.57 -8.42 -2.47
N LEU A 157 -0.13 -8.05 -1.41
CA LEU A 157 0.40 -8.13 -0.06
C LEU A 157 0.83 -9.55 0.27
N ASN A 158 -0.07 -10.50 0.00
CA ASN A 158 0.18 -11.90 0.28
C ASN A 158 1.32 -12.43 -0.58
N ARG A 159 1.49 -11.85 -1.75
CA ARG A 159 2.57 -12.24 -2.66
C ARG A 159 3.90 -11.68 -2.17
N CYS A 160 3.86 -10.53 -1.51
CA CYS A 160 5.07 -9.87 -1.05
C CYS A 160 5.67 -10.66 0.10
N VAL A 161 4.82 -11.02 1.04
CA VAL A 161 5.25 -11.82 2.19
C VAL A 161 5.66 -13.23 1.75
N SER A 162 5.13 -13.67 0.62
CA SER A 162 5.46 -14.98 0.08
C SER A 162 6.82 -14.97 -0.61
N CYS A 163 7.14 -13.88 -1.31
CA CYS A 163 8.37 -13.80 -2.09
C CYS A 163 9.57 -13.47 -1.21
N LEU A 164 9.32 -13.28 0.08
CA LEU A 164 10.39 -13.00 1.04
C LEU A 164 11.41 -14.12 1.07
N PRO A 165 12.70 -13.77 1.13
CA PRO A 165 13.78 -14.75 1.20
C PRO A 165 13.76 -15.54 2.52
N GLY A 166 13.34 -16.78 2.43
CA GLY A 166 13.32 -17.64 3.60
C GLY A 166 13.85 -19.02 3.26
N GLN A 167 14.71 -19.06 2.25
CA GLN A 167 15.24 -20.32 1.77
C GLN A 167 16.41 -20.77 2.63
N ARG A 168 16.14 -21.68 3.57
CA ARG A 168 17.17 -22.16 4.47
C ARG A 168 17.26 -23.67 4.38
N GLY A 1 -6.02 16.23 -6.02
CA GLY A 1 -5.07 17.21 -6.59
C GLY A 1 -5.33 18.62 -6.10
N ILE A 2 -4.85 19.61 -6.83
CA ILE A 2 -5.09 20.99 -6.47
C ILE A 2 -6.30 21.54 -7.25
N ASP A 3 -7.44 21.52 -6.60
CA ASP A 3 -8.69 21.96 -7.19
C ASP A 3 -9.76 22.00 -6.10
N PRO A 4 -10.99 22.49 -6.40
CA PRO A 4 -12.09 22.48 -5.42
C PRO A 4 -12.41 21.08 -4.90
N PHE A 5 -11.71 20.70 -3.83
CA PHE A 5 -11.86 19.41 -3.20
C PHE A 5 -10.97 19.34 -1.97
N THR A 6 -11.54 19.67 -0.83
CA THR A 6 -10.78 19.69 0.40
C THR A 6 -11.65 19.25 1.59
N GLY A 7 -12.90 18.89 1.31
CA GLY A 7 -13.77 18.36 2.35
C GLY A 7 -13.38 16.94 2.72
N PRO A 8 -13.49 16.00 1.77
CA PRO A 8 -13.01 14.63 1.93
C PRO A 8 -11.55 14.50 1.55
N LEU A 9 -10.77 15.52 1.90
CA LEU A 9 -9.38 15.62 1.48
C LEU A 9 -8.53 14.47 2.03
N GLU A 10 -9.00 13.83 3.10
CA GLU A 10 -8.22 12.79 3.76
C GLU A 10 -7.83 11.68 2.78
N MET A 11 -8.72 11.40 1.82
CA MET A 11 -8.43 10.41 0.79
C MET A 11 -7.38 10.92 -0.19
N ASP A 12 -7.51 12.16 -0.61
CA ASP A 12 -6.61 12.73 -1.60
C ASP A 12 -5.24 12.98 -0.99
N SER A 13 -5.22 13.31 0.30
CA SER A 13 -3.98 13.45 1.05
C SER A 13 -3.25 12.11 1.09
N ALA A 14 -3.99 11.05 1.38
CA ALA A 14 -3.43 9.71 1.40
C ALA A 14 -2.96 9.31 0.01
N LEU A 15 -3.77 9.68 -0.98
CA LEU A 15 -3.45 9.42 -2.38
C LEU A 15 -2.15 10.12 -2.77
N SER A 16 -1.96 11.33 -2.27
CA SER A 16 -0.73 12.07 -2.51
C SER A 16 0.46 11.32 -1.92
N VAL A 17 0.29 10.83 -0.69
CA VAL A 17 1.36 10.11 -0.01
C VAL A 17 1.64 8.78 -0.67
N VAL A 18 0.59 8.03 -1.00
CA VAL A 18 0.75 6.70 -1.59
C VAL A 18 1.44 6.77 -2.94
N GLN A 19 1.21 7.85 -3.69
CA GLN A 19 1.88 8.06 -4.96
C GLN A 19 3.37 8.32 -4.74
N ASN A 20 3.69 9.06 -3.71
CA ASN A 20 5.08 9.29 -3.36
C ASN A 20 5.74 7.97 -3.00
N LEU A 21 5.04 7.19 -2.18
CA LEU A 21 5.51 5.89 -1.73
C LEU A 21 5.78 4.97 -2.91
N GLU A 22 4.82 4.87 -3.82
CA GLU A 22 4.94 3.96 -4.94
C GLU A 22 6.07 4.38 -5.88
N LYS A 23 6.21 5.68 -6.09
CA LYS A 23 7.21 6.21 -7.00
C LYS A 23 8.60 6.15 -6.37
N ASP A 24 8.67 6.34 -5.05
CA ASP A 24 9.91 6.16 -4.31
C ASP A 24 10.41 4.73 -4.50
N LEU A 25 9.51 3.77 -4.31
CA LEU A 25 9.86 2.36 -4.43
C LEU A 25 10.29 2.01 -5.85
N GLN A 26 9.77 2.75 -6.83
CA GLN A 26 10.18 2.55 -8.21
C GLN A 26 11.64 2.93 -8.40
N GLU A 27 12.04 4.02 -7.76
CA GLU A 27 13.43 4.47 -7.80
C GLU A 27 14.32 3.46 -7.08
N ILE A 28 13.85 2.99 -5.93
CA ILE A 28 14.57 2.01 -5.14
C ILE A 28 14.67 0.68 -5.89
N LYS A 29 13.62 0.35 -6.64
CA LYS A 29 13.61 -0.86 -7.47
C LYS A 29 14.72 -0.80 -8.51
N ALA A 30 14.88 0.39 -9.10
CA ALA A 30 15.94 0.60 -10.09
C ALA A 30 17.31 0.53 -9.43
N ALA A 31 17.39 1.03 -8.20
CA ALA A 31 18.63 1.00 -7.45
C ALA A 31 19.04 -0.43 -7.14
N ALA A 32 18.08 -1.28 -6.82
CA ALA A 32 18.35 -2.67 -6.52
C ALA A 32 18.91 -3.41 -7.73
N ARG A 33 18.41 -3.06 -8.91
CA ARG A 33 18.86 -3.64 -10.16
C ARG A 33 20.37 -3.44 -10.33
N ASP A 34 20.82 -2.20 -10.21
CA ASP A 34 22.23 -1.90 -10.37
C ASP A 34 23.03 -2.33 -9.15
N GLY A 35 22.37 -2.33 -8.00
CA GLY A 35 23.04 -2.64 -6.76
C GLY A 35 23.48 -1.39 -6.04
N LYS A 36 22.58 -0.42 -5.97
CA LYS A 36 22.87 0.87 -5.36
C LYS A 36 21.96 1.13 -4.16
N LEU A 37 21.44 0.05 -3.58
CA LEU A 37 20.59 0.15 -2.39
C LEU A 37 21.36 0.72 -1.21
N LYS A 38 20.63 1.17 -0.20
CA LYS A 38 21.23 1.75 1.00
C LYS A 38 21.43 0.67 2.07
N PRO A 39 22.67 0.21 2.26
CA PRO A 39 22.98 -0.88 3.18
C PRO A 39 23.25 -0.39 4.59
N LEU A 40 22.60 0.70 4.97
CA LEU A 40 22.75 1.28 6.29
C LEU A 40 22.20 0.33 7.35
N PRO A 41 22.94 0.14 8.46
CA PRO A 41 22.53 -0.74 9.55
C PRO A 41 21.46 -0.10 10.44
N GLY A 42 20.56 -0.92 10.94
CA GLY A 42 19.51 -0.43 11.81
C GLY A 42 18.26 -1.26 11.71
N GLU A 43 17.75 -1.39 10.51
CA GLU A 43 16.56 -2.19 10.27
C GLU A 43 16.95 -3.65 10.04
N THR A 44 16.66 -4.50 11.02
CA THR A 44 16.95 -5.91 10.90
C THR A 44 15.90 -6.59 10.00
N MET A 45 16.28 -7.72 9.41
CA MET A 45 15.37 -8.41 8.51
C MET A 45 14.20 -8.99 9.31
N GLU A 46 14.47 -9.33 10.56
CA GLU A 46 13.43 -9.77 11.48
C GLU A 46 12.37 -8.69 11.59
N LYS A 47 12.82 -7.47 11.92
CA LYS A 47 11.94 -6.31 11.96
C LYS A 47 11.19 -6.16 10.64
N CYS A 48 11.92 -6.16 9.54
CA CYS A 48 11.35 -5.92 8.22
C CYS A 48 10.28 -6.96 7.87
N THR A 49 10.62 -8.24 7.95
CA THR A 49 9.71 -9.30 7.56
C THR A 49 8.49 -9.39 8.49
N GLN A 50 8.73 -9.20 9.78
CA GLN A 50 7.67 -9.28 10.78
C GLN A 50 6.73 -8.10 10.66
N ASP A 51 7.29 -6.89 10.58
CA ASP A 51 6.50 -5.68 10.53
C ASP A 51 5.78 -5.56 9.19
N LEU A 52 6.37 -6.13 8.16
CA LEU A 52 5.75 -6.15 6.83
C LEU A 52 4.43 -6.89 6.90
N GLY A 53 4.44 -8.09 7.49
CA GLY A 53 3.23 -8.86 7.65
C GLY A 53 2.20 -8.16 8.50
N ASN A 54 2.66 -7.46 9.54
CA ASN A 54 1.76 -6.73 10.42
C ASN A 54 1.16 -5.53 9.72
N SER A 55 1.95 -4.86 8.89
CA SER A 55 1.45 -3.78 8.07
C SER A 55 0.50 -4.32 7.01
N THR A 56 0.79 -5.53 6.55
CA THR A 56 -0.06 -6.22 5.59
C THR A 56 -1.47 -6.41 6.13
N LYS A 57 -1.58 -7.07 7.29
CA LYS A 57 -2.89 -7.31 7.90
C LYS A 57 -3.57 -6.00 8.25
N ALA A 58 -2.78 -5.03 8.72
CA ALA A 58 -3.29 -3.72 9.07
C ALA A 58 -4.02 -3.07 7.89
N VAL A 59 -3.30 -2.91 6.79
CA VAL A 59 -3.88 -2.25 5.61
C VAL A 59 -4.89 -3.16 4.91
N SER A 60 -4.76 -4.46 5.10
CA SER A 60 -5.71 -5.42 4.54
C SER A 60 -7.10 -5.21 5.14
N SER A 61 -7.13 -4.91 6.45
CA SER A 61 -8.37 -4.60 7.10
C SER A 61 -8.83 -3.20 6.72
N ALA A 62 -7.85 -2.35 6.41
CA ALA A 62 -8.12 -0.97 6.05
C ALA A 62 -8.79 -0.85 4.68
N ILE A 63 -8.25 -1.58 3.70
CA ILE A 63 -8.83 -1.58 2.36
C ILE A 63 -10.23 -2.20 2.36
N ALA A 64 -10.46 -3.12 3.31
CA ALA A 64 -11.77 -3.72 3.46
C ALA A 64 -12.76 -2.69 3.97
N LYS A 65 -12.27 -1.74 4.77
CA LYS A 65 -13.10 -0.64 5.27
C LYS A 65 -13.36 0.38 4.18
N LEU A 66 -12.45 0.47 3.21
CA LEU A 66 -12.61 1.35 2.06
C LEU A 66 -13.76 0.88 1.17
N LEU A 67 -14.04 -0.42 1.22
CA LEU A 67 -15.13 -1.01 0.46
C LEU A 67 -16.46 -0.38 0.84
N GLY A 68 -17.06 0.33 -0.10
CA GLY A 68 -18.33 0.98 0.13
C GLY A 68 -18.95 1.44 -1.17
N GLU A 69 -19.92 2.33 -1.06
CA GLU A 69 -20.62 2.83 -2.23
C GLU A 69 -20.07 4.19 -2.64
N ILE A 70 -19.94 5.09 -1.67
CA ILE A 70 -19.47 6.44 -1.92
C ILE A 70 -18.50 6.88 -0.82
N ALA A 71 -17.78 7.96 -1.08
CA ALA A 71 -16.89 8.54 -0.09
C ALA A 71 -17.39 9.91 0.33
N GLN A 72 -18.70 10.10 0.19
CA GLN A 72 -19.33 11.38 0.53
C GLN A 72 -19.44 11.57 2.04
N GLY A 73 -20.01 12.70 2.43
CA GLY A 73 -20.07 13.07 3.85
C GLY A 73 -20.78 12.05 4.70
N ASN A 74 -21.82 11.42 4.15
CA ASN A 74 -22.54 10.38 4.87
C ASN A 74 -21.61 9.25 5.28
N GLU A 75 -20.63 8.96 4.44
CA GLU A 75 -19.67 7.90 4.72
C GLU A 75 -18.34 8.50 5.17
N ASN A 76 -18.29 8.90 6.44
CA ASN A 76 -17.08 9.51 6.99
C ASN A 76 -15.95 8.49 7.08
N TYR A 77 -16.32 7.21 7.06
CA TYR A 77 -15.36 6.12 7.11
C TYR A 77 -14.36 6.21 5.96
N ALA A 78 -14.79 6.82 4.87
CA ALA A 78 -13.95 7.00 3.69
C ALA A 78 -12.63 7.68 4.07
N GLY A 79 -12.71 8.73 4.86
CA GLY A 79 -11.52 9.44 5.29
C GLY A 79 -10.76 8.68 6.36
N ILE A 80 -11.50 8.09 7.28
CA ILE A 80 -10.90 7.34 8.38
C ILE A 80 -10.07 6.17 7.87
N ALA A 81 -10.63 5.44 6.90
CA ALA A 81 -9.96 4.28 6.33
C ALA A 81 -8.82 4.69 5.42
N ALA A 82 -8.96 5.85 4.79
CA ALA A 82 -7.92 6.38 3.90
C ALA A 82 -6.66 6.73 4.69
N ARG A 83 -6.86 7.14 5.93
CA ARG A 83 -5.74 7.43 6.80
C ARG A 83 -5.11 6.13 7.29
N ASP A 84 -5.95 5.12 7.47
CA ASP A 84 -5.51 3.84 7.99
C ASP A 84 -4.67 3.09 6.94
N VAL A 85 -5.12 3.11 5.68
CA VAL A 85 -4.35 2.50 4.60
C VAL A 85 -3.01 3.20 4.43
N ALA A 86 -3.02 4.53 4.50
CA ALA A 86 -1.80 5.31 4.31
C ALA A 86 -0.71 4.87 5.29
N GLY A 87 -1.11 4.64 6.54
CA GLY A 87 -0.18 4.18 7.55
C GLY A 87 0.38 2.81 7.24
N GLY A 88 -0.48 1.91 6.78
CA GLY A 88 -0.05 0.56 6.44
C GLY A 88 0.83 0.53 5.21
N LEU A 89 0.43 1.28 4.20
CA LEU A 89 1.15 1.30 2.92
C LEU A 89 2.56 1.87 3.07
N ARG A 90 2.69 2.93 3.86
CA ARG A 90 3.99 3.56 4.06
C ARG A 90 4.91 2.66 4.86
N SER A 91 4.35 1.93 5.83
CA SER A 91 5.12 1.00 6.63
C SER A 91 5.54 -0.20 5.77
N LEU A 92 4.64 -0.60 4.87
CA LEU A 92 4.90 -1.67 3.91
C LEU A 92 6.16 -1.33 3.11
N ALA A 93 6.20 -0.11 2.59
CA ALA A 93 7.32 0.36 1.79
C ALA A 93 8.62 0.33 2.59
N GLN A 94 8.56 0.80 3.83
CA GLN A 94 9.74 0.89 4.68
C GLN A 94 10.40 -0.47 4.88
N ALA A 95 9.58 -1.47 5.24
CA ALA A 95 10.09 -2.79 5.55
C ALA A 95 10.69 -3.47 4.32
N ALA A 96 10.06 -3.25 3.16
CA ALA A 96 10.53 -3.83 1.92
C ALA A 96 11.94 -3.32 1.57
N ARG A 97 12.16 -2.03 1.78
CA ARG A 97 13.45 -1.41 1.50
C ARG A 97 14.55 -2.06 2.34
N GLY A 98 14.22 -2.34 3.60
CA GLY A 98 15.17 -2.96 4.50
C GLY A 98 15.57 -4.34 4.04
N VAL A 99 14.57 -5.17 3.71
CA VAL A 99 14.81 -6.54 3.25
C VAL A 99 15.78 -6.56 2.08
N ALA A 100 15.52 -5.73 1.08
CA ALA A 100 16.34 -5.69 -0.13
C ALA A 100 17.76 -5.26 0.16
N ALA A 101 17.91 -4.30 1.07
CA ALA A 101 19.23 -3.77 1.40
C ALA A 101 20.04 -4.77 2.22
N LEU A 102 19.35 -5.63 2.94
CA LEU A 102 20.01 -6.61 3.78
C LEU A 102 20.41 -7.85 3.00
N THR A 103 19.53 -8.32 2.12
CA THR A 103 19.80 -9.53 1.37
C THR A 103 20.89 -9.30 0.33
N SER A 104 21.70 -10.31 0.08
CA SER A 104 22.84 -10.20 -0.82
C SER A 104 22.55 -10.88 -2.16
N ASP A 105 21.33 -11.38 -2.30
CA ASP A 105 20.93 -12.05 -3.55
C ASP A 105 20.34 -11.05 -4.53
N PRO A 106 21.04 -10.81 -5.65
CA PRO A 106 20.58 -9.90 -6.69
C PRO A 106 19.43 -10.49 -7.50
N ALA A 107 18.30 -10.66 -6.84
CA ALA A 107 17.08 -11.13 -7.46
C ALA A 107 15.92 -10.86 -6.52
N VAL A 108 16.01 -11.38 -5.29
CA VAL A 108 15.00 -11.12 -4.28
C VAL A 108 15.00 -9.64 -3.89
N GLN A 109 16.15 -8.99 -4.06
CA GLN A 109 16.26 -7.54 -3.81
C GLN A 109 15.21 -6.78 -4.62
N ALA A 110 15.13 -7.09 -5.89
CA ALA A 110 14.19 -6.41 -6.78
C ALA A 110 12.78 -6.93 -6.54
N ILE A 111 12.68 -8.20 -6.20
CA ILE A 111 11.38 -8.85 -6.03
C ILE A 111 10.63 -8.29 -4.82
N VAL A 112 11.35 -8.04 -3.72
CA VAL A 112 10.72 -7.51 -2.52
C VAL A 112 10.25 -6.08 -2.74
N LEU A 113 11.00 -5.33 -3.55
CA LEU A 113 10.65 -3.96 -3.84
C LEU A 113 9.53 -3.90 -4.85
N ASP A 114 9.65 -4.74 -5.87
CA ASP A 114 8.66 -4.79 -6.94
C ASP A 114 7.29 -5.19 -6.41
N THR A 115 7.26 -6.14 -5.49
CA THR A 115 6.01 -6.59 -4.89
C THR A 115 5.40 -5.48 -4.05
N ALA A 116 6.21 -4.84 -3.20
CA ALA A 116 5.75 -3.75 -2.36
C ALA A 116 5.26 -2.58 -3.21
N SER A 117 6.00 -2.28 -4.26
CA SER A 117 5.65 -1.20 -5.18
C SER A 117 4.37 -1.55 -5.94
N ASP A 118 4.10 -2.85 -6.05
CA ASP A 118 2.90 -3.32 -6.73
C ASP A 118 1.67 -3.18 -5.83
N VAL A 119 1.90 -3.31 -4.52
CA VAL A 119 0.82 -3.21 -3.54
C VAL A 119 0.18 -1.84 -3.56
N LEU A 120 0.98 -0.83 -3.23
CA LEU A 120 0.48 0.55 -3.19
C LEU A 120 0.07 1.04 -4.57
N ASP A 121 0.70 0.50 -5.61
CA ASP A 121 0.31 0.77 -7.00
C ASP A 121 -1.20 0.64 -7.17
N LYS A 122 -1.74 -0.49 -6.75
CA LYS A 122 -3.17 -0.75 -6.85
C LYS A 122 -3.93 -0.03 -5.75
N ALA A 123 -3.27 0.23 -4.63
CA ALA A 123 -3.87 0.98 -3.54
C ALA A 123 -4.15 2.42 -3.98
N SER A 124 -3.27 2.96 -4.81
CA SER A 124 -3.46 4.30 -5.37
C SER A 124 -4.73 4.35 -6.22
N SER A 125 -4.89 3.40 -7.13
CA SER A 125 -6.07 3.35 -7.98
C SER A 125 -7.31 2.97 -7.17
N LEU A 126 -7.09 2.25 -6.07
CA LEU A 126 -8.16 1.95 -5.12
C LEU A 126 -8.70 3.26 -4.55
N ILE A 127 -7.78 4.09 -4.05
CA ILE A 127 -8.14 5.39 -3.48
C ILE A 127 -8.72 6.30 -4.55
N GLU A 128 -8.12 6.29 -5.73
CA GLU A 128 -8.62 7.09 -6.84
C GLU A 128 -10.06 6.70 -7.20
N GLU A 129 -10.28 5.41 -7.44
CA GLU A 129 -11.61 4.94 -7.79
C GLU A 129 -12.59 5.17 -6.64
N ALA A 130 -12.10 5.12 -5.40
CA ALA A 130 -12.94 5.40 -4.24
C ALA A 130 -13.37 6.86 -4.23
N LYS A 131 -12.43 7.75 -4.53
CA LYS A 131 -12.74 9.17 -4.65
C LYS A 131 -13.72 9.39 -5.80
N LYS A 132 -13.51 8.65 -6.87
CA LYS A 132 -14.40 8.69 -8.03
C LYS A 132 -15.75 8.07 -7.71
N ALA A 133 -15.78 7.17 -6.72
CA ALA A 133 -17.01 6.51 -6.31
C ALA A 133 -18.02 7.53 -5.80
N SER A 134 -17.51 8.63 -5.27
CA SER A 134 -18.37 9.74 -4.85
C SER A 134 -19.03 10.41 -6.05
N GLY A 135 -18.52 10.10 -7.23
CA GLY A 135 -19.09 10.61 -8.46
C GLY A 135 -19.76 9.51 -9.26
N HIS A 136 -19.88 8.33 -8.65
CA HIS A 136 -20.63 7.23 -9.24
C HIS A 136 -21.95 7.08 -8.50
N PRO A 137 -23.03 7.62 -9.06
CA PRO A 137 -24.35 7.59 -8.41
C PRO A 137 -25.02 6.23 -8.51
N GLY A 138 -24.74 5.37 -7.55
CA GLY A 138 -25.32 4.04 -7.53
C GLY A 138 -24.95 3.23 -8.76
N ASP A 139 -23.66 3.04 -8.95
CA ASP A 139 -23.17 2.37 -10.14
C ASP A 139 -22.74 0.93 -9.83
N PRO A 140 -23.40 -0.05 -10.44
CA PRO A 140 -23.13 -1.48 -10.22
C PRO A 140 -21.71 -1.87 -10.62
N GLU A 141 -21.21 -1.24 -11.68
CA GLU A 141 -19.87 -1.53 -12.18
C GLU A 141 -18.83 -1.14 -11.14
N SER A 142 -19.02 0.03 -10.54
CA SER A 142 -18.11 0.52 -9.51
C SER A 142 -18.10 -0.39 -8.30
N GLN A 143 -19.23 -1.02 -8.02
CA GLN A 143 -19.34 -1.97 -6.92
C GLN A 143 -18.44 -3.18 -7.17
N GLN A 144 -18.26 -3.50 -8.45
CA GLN A 144 -17.35 -4.57 -8.84
C GLN A 144 -15.92 -4.07 -8.79
N ARG A 145 -15.70 -2.92 -9.42
CA ARG A 145 -14.39 -2.29 -9.51
C ARG A 145 -13.74 -2.11 -8.14
N LEU A 146 -14.48 -1.53 -7.21
CA LEU A 146 -13.97 -1.25 -5.88
C LEU A 146 -13.61 -2.56 -5.16
N ALA A 147 -14.51 -3.54 -5.25
CA ALA A 147 -14.28 -4.84 -4.61
C ALA A 147 -13.05 -5.53 -5.18
N GLN A 148 -12.92 -5.49 -6.50
CA GLN A 148 -11.80 -6.14 -7.18
C GLN A 148 -10.48 -5.49 -6.83
N VAL A 149 -10.40 -4.17 -6.95
CA VAL A 149 -9.15 -3.44 -6.73
C VAL A 149 -8.69 -3.57 -5.28
N ALA A 150 -9.64 -3.65 -4.36
CA ALA A 150 -9.32 -3.81 -2.95
C ALA A 150 -8.64 -5.15 -2.69
N LYS A 151 -9.23 -6.21 -3.22
CA LYS A 151 -8.70 -7.55 -3.01
C LYS A 151 -7.43 -7.77 -3.82
N ALA A 152 -7.27 -6.98 -4.88
CA ALA A 152 -6.05 -7.00 -5.67
C ALA A 152 -4.87 -6.55 -4.81
N VAL A 153 -5.11 -5.54 -3.97
CA VAL A 153 -4.12 -5.07 -3.01
C VAL A 153 -3.83 -6.17 -1.98
N THR A 154 -4.88 -6.88 -1.58
CA THR A 154 -4.74 -7.99 -0.65
C THR A 154 -3.79 -9.05 -1.19
N GLN A 155 -3.99 -9.40 -2.45
CA GLN A 155 -3.15 -10.41 -3.10
C GLN A 155 -1.75 -9.88 -3.35
N ALA A 156 -1.64 -8.58 -3.58
CA ALA A 156 -0.33 -7.96 -3.74
C ALA A 156 0.45 -8.04 -2.45
N LEU A 157 -0.23 -7.75 -1.34
CA LEU A 157 0.35 -7.92 -0.01
C LEU A 157 0.82 -9.35 0.20
N ASN A 158 -0.07 -10.29 -0.10
CA ASN A 158 0.22 -11.72 0.01
C ASN A 158 1.44 -12.09 -0.83
N ARG A 159 1.51 -11.54 -2.05
CA ARG A 159 2.62 -11.82 -2.95
C ARG A 159 3.95 -11.37 -2.34
N CYS A 160 3.92 -10.24 -1.64
CA CYS A 160 5.14 -9.66 -1.09
C CYS A 160 5.62 -10.48 0.09
N VAL A 161 4.70 -10.81 0.98
CA VAL A 161 5.03 -11.56 2.19
C VAL A 161 5.46 -12.99 1.88
N SER A 162 5.05 -13.49 0.72
CA SER A 162 5.38 -14.85 0.32
C SER A 162 6.82 -14.95 -0.16
N CYS A 163 7.29 -13.94 -0.88
CA CYS A 163 8.63 -13.96 -1.47
C CYS A 163 9.70 -13.55 -0.45
N LEU A 164 9.27 -13.21 0.76
CA LEU A 164 10.18 -12.81 1.82
C LEU A 164 11.14 -13.93 2.18
N PRO A 165 12.44 -13.63 2.23
CA PRO A 165 13.45 -14.56 2.72
C PRO A 165 13.45 -14.62 4.24
N GLY A 166 13.70 -15.80 4.80
CA GLY A 166 13.68 -15.95 6.24
C GLY A 166 15.04 -15.73 6.86
N GLN A 167 15.99 -15.31 6.03
CA GLN A 167 17.38 -15.13 6.45
C GLN A 167 17.94 -16.45 6.99
N ARG A 168 18.25 -17.35 6.08
CA ARG A 168 18.78 -18.64 6.43
C ARG A 168 20.20 -18.80 5.91
N GLY A 1 -12.91 18.81 17.08
CA GLY A 1 -12.40 17.43 17.17
C GLY A 1 -10.90 17.36 17.01
N ILE A 2 -10.29 16.29 17.52
CA ILE A 2 -8.84 16.11 17.44
C ILE A 2 -8.41 15.65 16.04
N ASP A 3 -9.39 15.46 15.16
CA ASP A 3 -9.11 15.05 13.79
C ASP A 3 -9.49 16.16 12.84
N PRO A 4 -8.66 16.43 11.84
CA PRO A 4 -8.96 17.42 10.80
C PRO A 4 -10.09 16.95 9.90
N PHE A 5 -11.29 17.49 10.14
CA PHE A 5 -12.47 17.07 9.41
C PHE A 5 -13.12 18.27 8.73
N THR A 6 -12.34 19.32 8.54
CA THR A 6 -12.82 20.51 7.85
C THR A 6 -12.56 20.40 6.35
N GLY A 7 -11.87 19.32 5.99
CA GLY A 7 -11.62 19.02 4.59
C GLY A 7 -11.48 17.52 4.40
N PRO A 8 -12.61 16.78 4.42
CA PRO A 8 -12.63 15.31 4.31
C PRO A 8 -12.25 14.78 2.93
N LEU A 9 -11.37 15.50 2.25
CA LEU A 9 -10.88 15.08 0.95
C LEU A 9 -9.63 14.21 1.14
N GLU A 10 -9.61 13.48 2.25
CA GLU A 10 -8.45 12.70 2.65
C GLU A 10 -8.13 11.59 1.66
N MET A 11 -9.11 11.20 0.84
CA MET A 11 -8.87 10.23 -0.22
C MET A 11 -7.87 10.79 -1.22
N ASP A 12 -7.96 12.08 -1.48
CA ASP A 12 -7.03 12.74 -2.38
C ASP A 12 -5.64 12.78 -1.76
N SER A 13 -5.61 13.01 -0.45
CA SER A 13 -4.39 13.01 0.31
C SER A 13 -3.76 11.62 0.34
N ALA A 14 -4.58 10.61 0.61
CA ALA A 14 -4.11 9.23 0.69
C ALA A 14 -3.44 8.80 -0.60
N LEU A 15 -4.02 9.18 -1.73
CA LEU A 15 -3.44 8.87 -3.01
C LEU A 15 -2.07 9.52 -3.16
N SER A 16 -1.95 10.77 -2.73
CA SER A 16 -0.69 11.47 -2.76
C SER A 16 0.32 10.77 -1.85
N VAL A 17 -0.16 10.26 -0.71
CA VAL A 17 0.68 9.49 0.20
C VAL A 17 1.26 8.28 -0.52
N VAL A 18 0.40 7.52 -1.20
CA VAL A 18 0.85 6.36 -1.99
C VAL A 18 1.90 6.77 -3.00
N GLN A 19 1.67 7.91 -3.65
CA GLN A 19 2.59 8.43 -4.65
C GLN A 19 3.96 8.76 -4.03
N ASN A 20 3.97 9.09 -2.75
CA ASN A 20 5.24 9.33 -2.06
C ASN A 20 6.05 8.04 -1.95
N LEU A 21 5.40 6.97 -1.51
CA LEU A 21 6.06 5.67 -1.36
C LEU A 21 6.56 5.13 -2.69
N GLU A 22 5.74 5.22 -3.74
CA GLU A 22 6.11 4.65 -5.04
C GLU A 22 7.38 5.29 -5.58
N LYS A 23 7.51 6.60 -5.41
CA LYS A 23 8.67 7.34 -5.90
C LYS A 23 9.89 7.03 -5.04
N ASP A 24 9.65 6.80 -3.75
CA ASP A 24 10.71 6.41 -2.83
C ASP A 24 11.29 5.08 -3.26
N LEU A 25 10.41 4.11 -3.48
CA LEU A 25 10.83 2.76 -3.84
C LEU A 25 11.56 2.74 -5.18
N GLN A 26 11.23 3.70 -6.03
CA GLN A 26 11.92 3.82 -7.32
C GLN A 26 13.41 4.10 -7.12
N GLU A 27 13.75 4.79 -6.05
CA GLU A 27 15.15 5.03 -5.71
C GLU A 27 15.82 3.74 -5.25
N ILE A 28 15.15 3.02 -4.37
CA ILE A 28 15.68 1.74 -3.87
C ILE A 28 15.75 0.72 -5.00
N LYS A 29 14.76 0.78 -5.88
CA LYS A 29 14.71 -0.09 -7.06
C LYS A 29 15.96 0.12 -7.92
N ALA A 30 16.26 1.39 -8.18
CA ALA A 30 17.44 1.75 -8.96
C ALA A 30 18.71 1.35 -8.23
N ALA A 31 18.73 1.55 -6.92
CA ALA A 31 19.87 1.20 -6.09
C ALA A 31 20.13 -0.30 -6.14
N ALA A 32 19.07 -1.10 -6.06
CA ALA A 32 19.21 -2.55 -6.13
C ALA A 32 19.62 -2.98 -7.53
N ARG A 33 19.12 -2.27 -8.53
CA ARG A 33 19.41 -2.57 -9.92
C ARG A 33 20.90 -2.33 -10.22
N ASP A 34 21.41 -1.19 -9.78
CA ASP A 34 22.81 -0.85 -10.02
C ASP A 34 23.73 -1.59 -9.06
N GLY A 35 23.26 -1.79 -7.84
CA GLY A 35 24.07 -2.43 -6.82
C GLY A 35 24.62 -1.43 -5.83
N LYS A 36 23.76 -0.52 -5.39
CA LYS A 36 24.14 0.55 -4.47
C LYS A 36 23.31 0.51 -3.20
N LEU A 37 22.64 -0.62 -2.95
CA LEU A 37 21.87 -0.77 -1.72
C LEU A 37 22.78 -0.77 -0.50
N LYS A 38 22.21 -0.45 0.65
CA LYS A 38 22.97 -0.31 1.89
C LYS A 38 22.65 -1.48 2.81
N PRO A 39 23.54 -2.49 2.88
CA PRO A 39 23.29 -3.71 3.65
C PRO A 39 23.60 -3.58 5.14
N LEU A 40 24.40 -2.58 5.51
CA LEU A 40 24.66 -2.32 6.92
C LEU A 40 23.47 -1.61 7.55
N PRO A 41 22.96 -0.53 6.91
CA PRO A 41 21.65 0.03 7.26
C PRO A 41 20.51 -0.89 6.81
N GLY A 42 19.34 -0.34 6.58
CA GLY A 42 18.21 -1.14 6.15
C GLY A 42 17.54 -1.83 7.32
N GLU A 43 18.05 -1.56 8.52
CA GLU A 43 17.53 -2.14 9.76
C GLU A 43 17.71 -3.66 9.76
N THR A 44 16.89 -4.35 10.56
CA THR A 44 16.98 -5.79 10.66
C THR A 44 15.99 -6.48 9.72
N MET A 45 16.37 -7.65 9.21
CA MET A 45 15.50 -8.45 8.36
C MET A 45 14.34 -8.99 9.21
N GLU A 46 14.66 -9.31 10.45
CA GLU A 46 13.68 -9.79 11.42
C GLU A 46 12.53 -8.78 11.58
N LYS A 47 12.87 -7.50 11.60
CA LYS A 47 11.84 -6.47 11.65
C LYS A 47 11.10 -6.39 10.32
N CYS A 48 11.85 -6.18 9.25
CA CYS A 48 11.27 -5.92 7.93
C CYS A 48 10.25 -6.97 7.51
N THR A 49 10.58 -8.24 7.67
CA THR A 49 9.69 -9.33 7.28
C THR A 49 8.44 -9.36 8.14
N GLN A 50 8.62 -9.25 9.44
CA GLN A 50 7.51 -9.33 10.39
C GLN A 50 6.63 -8.09 10.29
N ASP A 51 7.26 -6.94 10.17
CA ASP A 51 6.56 -5.66 10.08
C ASP A 51 5.80 -5.58 8.76
N LEU A 52 6.37 -6.17 7.72
CA LEU A 52 5.72 -6.21 6.41
C LEU A 52 4.38 -6.94 6.53
N GLY A 53 4.41 -8.06 7.25
CA GLY A 53 3.19 -8.82 7.48
C GLY A 53 2.19 -8.05 8.33
N ASN A 54 2.70 -7.28 9.29
CA ASN A 54 1.84 -6.47 10.14
C ASN A 54 1.26 -5.30 9.35
N SER A 55 2.06 -4.74 8.47
CA SER A 55 1.60 -3.68 7.58
C SER A 55 0.53 -4.23 6.63
N THR A 56 0.75 -5.47 6.19
CA THR A 56 -0.20 -6.17 5.33
C THR A 56 -1.57 -6.27 5.99
N LYS A 57 -1.62 -6.84 7.19
CA LYS A 57 -2.88 -7.00 7.91
C LYS A 57 -3.47 -5.65 8.30
N ALA A 58 -2.58 -4.72 8.64
CA ALA A 58 -2.98 -3.37 9.00
C ALA A 58 -3.81 -2.72 7.90
N VAL A 59 -3.26 -2.68 6.69
CA VAL A 59 -3.97 -2.07 5.57
C VAL A 59 -5.07 -3.01 5.06
N SER A 60 -4.95 -4.30 5.33
CA SER A 60 -6.01 -5.25 5.04
C SER A 60 -7.27 -4.87 5.80
N SER A 61 -7.11 -4.52 7.06
CA SER A 61 -8.22 -4.05 7.87
C SER A 61 -8.63 -2.64 7.46
N ALA A 62 -7.69 -1.92 6.86
CA ALA A 62 -7.94 -0.56 6.40
C ALA A 62 -8.81 -0.55 5.15
N ILE A 63 -8.46 -1.36 4.16
CA ILE A 63 -9.22 -1.43 2.91
C ILE A 63 -10.62 -1.98 3.17
N ALA A 64 -10.75 -2.73 4.26
CA ALA A 64 -12.04 -3.24 4.69
C ALA A 64 -13.01 -2.11 4.99
N LYS A 65 -12.46 -0.98 5.44
CA LYS A 65 -13.27 0.18 5.77
C LYS A 65 -13.74 0.89 4.50
N LEU A 66 -12.96 0.78 3.43
CA LEU A 66 -13.34 1.32 2.14
C LEU A 66 -14.44 0.47 1.54
N LEU A 67 -14.35 -0.84 1.75
CA LEU A 67 -15.36 -1.78 1.30
C LEU A 67 -16.60 -1.71 2.18
N GLY A 68 -17.50 -0.79 1.86
CA GLY A 68 -18.70 -0.64 2.65
C GLY A 68 -19.95 -0.66 1.81
N GLU A 69 -21.09 -0.62 2.47
CA GLU A 69 -22.37 -0.60 1.80
C GLU A 69 -22.81 0.84 1.53
N ILE A 70 -24.10 1.08 1.44
CA ILE A 70 -24.59 2.43 1.25
C ILE A 70 -24.51 3.21 2.56
N ALA A 71 -23.31 3.64 2.89
CA ALA A 71 -23.08 4.45 4.08
C ALA A 71 -22.58 5.83 3.68
N GLN A 72 -22.64 6.11 2.39
CA GLN A 72 -22.17 7.39 1.88
C GLN A 72 -23.23 8.46 2.11
N GLY A 73 -22.78 9.70 2.16
CA GLY A 73 -23.64 10.81 2.52
C GLY A 73 -22.95 11.64 3.57
N ASN A 74 -22.13 10.96 4.35
CA ASN A 74 -21.27 11.61 5.33
C ASN A 74 -19.83 11.17 5.06
N GLU A 75 -18.94 12.14 4.95
CA GLU A 75 -17.57 11.89 4.48
C GLU A 75 -16.68 11.28 5.56
N ASN A 76 -17.24 10.95 6.71
CA ASN A 76 -16.44 10.46 7.83
C ASN A 76 -15.80 9.11 7.51
N TYR A 77 -16.60 8.13 7.15
CA TYR A 77 -16.09 6.80 6.82
C TYR A 77 -15.05 6.86 5.70
N ALA A 78 -15.36 7.64 4.67
CA ALA A 78 -14.48 7.79 3.53
C ALA A 78 -13.11 8.33 3.94
N GLY A 79 -13.13 9.34 4.80
CA GLY A 79 -11.90 9.92 5.30
C GLY A 79 -11.12 8.96 6.18
N ILE A 80 -11.81 8.36 7.15
CA ILE A 80 -11.18 7.42 8.07
C ILE A 80 -10.54 6.25 7.32
N ALA A 81 -11.28 5.70 6.37
CA ALA A 81 -10.80 4.55 5.61
C ALA A 81 -9.56 4.88 4.79
N ALA A 82 -9.63 6.00 4.06
CA ALA A 82 -8.51 6.42 3.22
C ALA A 82 -7.30 6.83 4.08
N ARG A 83 -7.60 7.33 5.27
CA ARG A 83 -6.55 7.72 6.21
C ARG A 83 -5.87 6.49 6.76
N ASP A 84 -6.65 5.43 6.95
CA ASP A 84 -6.17 4.21 7.59
C ASP A 84 -5.31 3.39 6.62
N VAL A 85 -5.68 3.37 5.34
CA VAL A 85 -4.91 2.64 4.33
C VAL A 85 -3.54 3.28 4.15
N ALA A 86 -3.50 4.61 4.17
CA ALA A 86 -2.26 5.34 3.97
C ALA A 86 -1.21 4.94 5.01
N GLY A 87 -1.66 4.74 6.23
CA GLY A 87 -0.76 4.31 7.31
C GLY A 87 -0.15 2.94 7.04
N GLY A 88 -0.94 2.05 6.48
CA GLY A 88 -0.45 0.71 6.19
C GLY A 88 0.46 0.68 4.98
N LEU A 89 0.11 1.46 3.97
CA LEU A 89 0.83 1.46 2.71
C LEU A 89 2.23 2.06 2.87
N ARG A 90 2.33 3.13 3.67
CA ARG A 90 3.61 3.78 3.92
C ARG A 90 4.54 2.85 4.71
N SER A 91 3.94 2.03 5.55
CA SER A 91 4.70 1.08 6.36
C SER A 91 5.17 -0.08 5.49
N LEU A 92 4.29 -0.51 4.59
CA LEU A 92 4.57 -1.61 3.69
C LEU A 92 5.82 -1.31 2.86
N ALA A 93 5.81 -0.15 2.20
CA ALA A 93 6.89 0.22 1.29
C ALA A 93 8.24 0.29 1.99
N GLN A 94 8.26 0.80 3.22
CA GLN A 94 9.51 0.98 3.96
C GLN A 94 10.18 -0.36 4.25
N ALA A 95 9.40 -1.32 4.73
CA ALA A 95 9.93 -2.62 5.14
C ALA A 95 10.53 -3.38 3.95
N ALA A 96 9.95 -3.18 2.78
CA ALA A 96 10.42 -3.85 1.57
C ALA A 96 11.83 -3.39 1.20
N ARG A 97 12.13 -2.13 1.49
CA ARG A 97 13.43 -1.56 1.18
C ARG A 97 14.52 -2.24 2.00
N GLY A 98 14.20 -2.51 3.27
CA GLY A 98 15.15 -3.17 4.14
C GLY A 98 15.48 -4.56 3.66
N VAL A 99 14.43 -5.34 3.39
CA VAL A 99 14.59 -6.71 2.92
C VAL A 99 15.54 -6.79 1.73
N ALA A 100 15.31 -5.92 0.75
CA ALA A 100 16.10 -5.91 -0.47
C ALA A 100 17.59 -5.69 -0.19
N ALA A 101 17.89 -4.71 0.65
CA ALA A 101 19.28 -4.36 0.94
C ALA A 101 19.98 -5.47 1.73
N LEU A 102 19.24 -6.14 2.58
CA LEU A 102 19.81 -7.14 3.47
C LEU A 102 19.99 -8.48 2.77
N THR A 103 19.07 -8.83 1.88
CA THR A 103 19.10 -10.12 1.20
C THR A 103 20.27 -10.19 0.20
N SER A 104 20.65 -9.03 -0.36
CA SER A 104 21.82 -8.91 -1.24
C SER A 104 21.59 -9.52 -2.63
N ASP A 105 20.92 -10.67 -2.69
CA ASP A 105 20.70 -11.39 -3.94
C ASP A 105 20.02 -10.54 -5.00
N PRO A 106 20.70 -10.31 -6.13
CA PRO A 106 20.18 -9.52 -7.24
C PRO A 106 19.13 -10.29 -8.03
N ALA A 107 18.01 -10.55 -7.38
CA ALA A 107 16.85 -11.18 -7.97
C ALA A 107 15.67 -11.04 -7.04
N VAL A 108 15.84 -11.49 -5.80
CA VAL A 108 14.83 -11.30 -4.77
C VAL A 108 14.72 -9.82 -4.40
N GLN A 109 15.82 -9.08 -4.59
CA GLN A 109 15.80 -7.63 -4.42
C GLN A 109 14.78 -7.01 -5.35
N ALA A 110 14.79 -7.44 -6.60
CA ALA A 110 13.84 -6.94 -7.58
C ALA A 110 12.43 -7.42 -7.25
N ILE A 111 12.35 -8.64 -6.73
CA ILE A 111 11.07 -9.27 -6.46
C ILE A 111 10.36 -8.63 -5.25
N VAL A 112 11.11 -8.31 -4.20
CA VAL A 112 10.53 -7.71 -3.00
C VAL A 112 9.99 -6.31 -3.29
N LEU A 113 10.70 -5.58 -4.11
CA LEU A 113 10.31 -4.22 -4.46
C LEU A 113 9.15 -4.24 -5.44
N ASP A 114 9.25 -5.14 -6.41
CA ASP A 114 8.22 -5.30 -7.43
C ASP A 114 6.89 -5.68 -6.81
N THR A 115 6.91 -6.62 -5.87
CA THR A 115 5.70 -7.04 -5.18
C THR A 115 5.14 -5.91 -4.32
N ALA A 116 6.04 -5.19 -3.64
CA ALA A 116 5.63 -4.04 -2.83
C ALA A 116 5.04 -2.95 -3.72
N SER A 117 5.60 -2.81 -4.92
CA SER A 117 5.08 -1.86 -5.89
C SER A 117 3.70 -2.31 -6.35
N ASP A 118 3.55 -3.60 -6.61
CA ASP A 118 2.26 -4.15 -7.04
C ASP A 118 1.18 -3.81 -6.01
N VAL A 119 1.59 -3.75 -4.74
CA VAL A 119 0.69 -3.33 -3.67
C VAL A 119 0.24 -1.89 -3.91
N LEU A 120 1.19 -0.98 -4.04
CA LEU A 120 0.88 0.45 -4.17
C LEU A 120 0.27 0.76 -5.53
N ASP A 121 0.65 0.00 -6.56
CA ASP A 121 0.06 0.16 -7.89
C ASP A 121 -1.44 -0.04 -7.82
N LYS A 122 -1.86 -1.12 -7.17
CA LYS A 122 -3.28 -1.41 -7.02
C LYS A 122 -3.89 -0.51 -5.95
N ALA A 123 -3.12 -0.19 -4.93
CA ALA A 123 -3.57 0.71 -3.87
C ALA A 123 -3.91 2.08 -4.45
N SER A 124 -3.13 2.51 -5.44
CA SER A 124 -3.39 3.75 -6.14
C SER A 124 -4.76 3.69 -6.79
N SER A 125 -4.98 2.65 -7.60
CA SER A 125 -6.24 2.47 -8.30
C SER A 125 -7.39 2.26 -7.31
N LEU A 126 -7.07 1.68 -6.16
CA LEU A 126 -8.05 1.47 -5.11
C LEU A 126 -8.58 2.82 -4.63
N ILE A 127 -7.67 3.72 -4.32
CA ILE A 127 -8.02 5.05 -3.83
C ILE A 127 -8.60 5.90 -4.96
N GLU A 128 -8.04 5.79 -6.16
CA GLU A 128 -8.53 6.53 -7.31
C GLU A 128 -9.96 6.09 -7.66
N GLU A 129 -10.21 4.79 -7.60
CA GLU A 129 -11.55 4.26 -7.79
C GLU A 129 -12.48 4.75 -6.68
N ALA A 130 -11.99 4.69 -5.44
CA ALA A 130 -12.77 5.13 -4.29
C ALA A 130 -13.14 6.62 -4.40
N LYS A 131 -12.24 7.40 -4.96
CA LYS A 131 -12.49 8.82 -5.19
C LYS A 131 -13.75 9.02 -6.03
N LYS A 132 -13.94 8.15 -7.01
CA LYS A 132 -15.11 8.21 -7.87
C LYS A 132 -16.31 7.57 -7.17
N ALA A 133 -16.06 6.44 -6.53
CA ALA A 133 -17.11 5.65 -5.88
C ALA A 133 -17.81 6.46 -4.78
N SER A 134 -17.06 7.32 -4.11
CA SER A 134 -17.62 8.17 -3.06
C SER A 134 -18.66 9.14 -3.62
N GLY A 135 -18.47 9.54 -4.88
CA GLY A 135 -19.43 10.43 -5.52
C GLY A 135 -20.64 9.67 -6.03
N HIS A 136 -20.71 8.39 -5.70
CA HIS A 136 -21.82 7.54 -6.09
C HIS A 136 -22.47 6.95 -4.84
N PRO A 137 -23.65 7.42 -4.46
CA PRO A 137 -24.35 6.95 -3.26
C PRO A 137 -24.89 5.53 -3.42
N GLY A 138 -24.08 4.56 -3.05
CA GLY A 138 -24.48 3.17 -3.14
C GLY A 138 -24.52 2.69 -4.57
N ASP A 139 -23.38 2.75 -5.23
CA ASP A 139 -23.31 2.42 -6.65
C ASP A 139 -22.83 0.99 -6.85
N PRO A 140 -23.66 0.14 -7.48
CA PRO A 140 -23.34 -1.27 -7.72
C PRO A 140 -22.10 -1.44 -8.60
N GLU A 141 -21.92 -0.53 -9.54
CA GLU A 141 -20.81 -0.62 -10.48
C GLU A 141 -19.50 -0.23 -9.80
N SER A 142 -19.54 0.84 -9.04
CA SER A 142 -18.36 1.36 -8.35
C SER A 142 -17.89 0.38 -7.28
N GLN A 143 -18.83 -0.18 -6.52
CA GLN A 143 -18.50 -1.07 -5.42
C GLN A 143 -17.82 -2.34 -5.90
N GLN A 144 -18.22 -2.83 -7.06
CA GLN A 144 -17.63 -4.05 -7.60
C GLN A 144 -16.18 -3.81 -8.04
N ARG A 145 -15.92 -2.64 -8.60
CA ARG A 145 -14.56 -2.27 -8.98
C ARG A 145 -13.69 -2.17 -7.74
N LEU A 146 -14.27 -1.56 -6.71
CA LEU A 146 -13.60 -1.39 -5.43
C LEU A 146 -13.24 -2.75 -4.84
N ALA A 147 -14.19 -3.69 -4.90
CA ALA A 147 -13.97 -5.03 -4.40
C ALA A 147 -12.82 -5.72 -5.12
N GLN A 148 -12.81 -5.61 -6.45
CA GLN A 148 -11.78 -6.23 -7.28
C GLN A 148 -10.40 -5.67 -6.94
N VAL A 149 -10.30 -4.36 -6.85
CA VAL A 149 -9.01 -3.72 -6.66
C VAL A 149 -8.51 -3.90 -5.22
N ALA A 150 -9.43 -3.92 -4.26
CA ALA A 150 -9.08 -4.17 -2.87
C ALA A 150 -8.56 -5.60 -2.73
N LYS A 151 -9.20 -6.51 -3.46
CA LYS A 151 -8.79 -7.91 -3.49
C LYS A 151 -7.39 -8.02 -4.09
N ALA A 152 -7.13 -7.24 -5.13
CA ALA A 152 -5.83 -7.21 -5.79
C ALA A 152 -4.73 -6.79 -4.83
N VAL A 153 -4.99 -5.73 -4.07
CA VAL A 153 -4.04 -5.25 -3.06
C VAL A 153 -3.79 -6.35 -2.02
N THR A 154 -4.85 -7.06 -1.66
CA THR A 154 -4.75 -8.16 -0.71
C THR A 154 -3.80 -9.24 -1.22
N GLN A 155 -3.91 -9.56 -2.52
CA GLN A 155 -3.06 -10.57 -3.13
C GLN A 155 -1.63 -10.06 -3.25
N ALA A 156 -1.48 -8.79 -3.57
CA ALA A 156 -0.17 -8.16 -3.69
C ALA A 156 0.59 -8.24 -2.37
N LEU A 157 -0.09 -7.82 -1.29
CA LEU A 157 0.47 -7.91 0.06
C LEU A 157 0.91 -9.34 0.37
N ASN A 158 0.00 -10.27 0.12
CA ASN A 158 0.23 -11.69 0.35
C ASN A 158 1.47 -12.18 -0.41
N ARG A 159 1.53 -11.89 -1.70
CA ARG A 159 2.62 -12.39 -2.53
C ARG A 159 3.94 -11.72 -2.15
N CYS A 160 3.86 -10.54 -1.55
CA CYS A 160 5.06 -9.81 -1.15
C CYS A 160 5.66 -10.48 0.07
N VAL A 161 4.81 -10.76 1.05
CA VAL A 161 5.27 -11.41 2.27
C VAL A 161 5.65 -12.87 2.00
N SER A 162 5.11 -13.44 0.93
CA SER A 162 5.39 -14.82 0.57
C SER A 162 6.76 -14.96 -0.08
N CYS A 163 7.21 -13.93 -0.79
CA CYS A 163 8.48 -13.99 -1.51
C CYS A 163 9.64 -13.59 -0.61
N LEU A 164 9.32 -13.23 0.64
CA LEU A 164 10.34 -12.79 1.59
C LEU A 164 11.24 -13.94 2.03
N PRO A 165 12.55 -13.72 2.06
CA PRO A 165 13.50 -14.62 2.73
C PRO A 165 13.38 -14.48 4.24
N GLY A 166 12.97 -15.54 4.90
CA GLY A 166 12.67 -15.46 6.33
C GLY A 166 13.90 -15.53 7.21
N GLN A 167 14.90 -14.72 6.87
CA GLN A 167 16.16 -14.68 7.60
C GLN A 167 16.84 -16.04 7.61
N ARG A 168 17.75 -16.24 6.67
CA ARG A 168 18.47 -17.49 6.57
C ARG A 168 19.92 -17.29 6.96
N GLY A 1 -25.20 18.11 17.28
CA GLY A 1 -23.81 18.14 16.81
C GLY A 1 -23.65 18.94 15.53
N ILE A 2 -22.47 18.92 14.97
CA ILE A 2 -22.20 19.64 13.72
C ILE A 2 -21.93 18.65 12.58
N ASP A 3 -21.98 19.15 11.36
CA ASP A 3 -21.73 18.33 10.18
C ASP A 3 -20.25 17.92 10.15
N PRO A 4 -19.97 16.60 10.25
CA PRO A 4 -18.61 16.09 10.37
C PRO A 4 -17.93 15.90 9.02
N PHE A 5 -17.56 17.00 8.38
CA PHE A 5 -16.80 16.95 7.15
C PHE A 5 -15.47 17.67 7.32
N THR A 6 -15.32 18.77 6.60
CA THR A 6 -14.09 19.61 6.57
C THR A 6 -12.86 18.87 6.05
N GLY A 7 -12.78 17.58 6.30
CA GLY A 7 -11.69 16.79 5.78
C GLY A 7 -12.11 15.37 5.44
N PRO A 8 -13.15 15.17 4.59
CA PRO A 8 -13.58 13.85 4.19
C PRO A 8 -12.82 13.36 2.96
N LEU A 9 -12.07 14.28 2.36
CA LEU A 9 -11.32 13.99 1.14
C LEU A 9 -9.92 13.49 1.50
N GLU A 10 -9.83 12.83 2.66
CA GLU A 10 -8.58 12.27 3.15
C GLU A 10 -8.05 11.24 2.17
N MET A 11 -8.96 10.62 1.41
CA MET A 11 -8.59 9.64 0.40
C MET A 11 -7.57 10.22 -0.58
N ASP A 12 -7.93 11.32 -1.21
CA ASP A 12 -7.06 11.94 -2.21
C ASP A 12 -5.80 12.48 -1.56
N SER A 13 -5.93 12.90 -0.31
CA SER A 13 -4.78 13.36 0.47
C SER A 13 -3.77 12.23 0.63
N ALA A 14 -4.25 11.07 1.10
CA ALA A 14 -3.41 9.90 1.25
C ALA A 14 -2.89 9.43 -0.10
N LEU A 15 -3.78 9.49 -1.09
CA LEU A 15 -3.45 9.10 -2.46
C LEU A 15 -2.24 9.86 -2.97
N SER A 16 -2.18 11.15 -2.69
CA SER A 16 -1.04 11.98 -3.08
C SER A 16 0.25 11.41 -2.51
N VAL A 17 0.20 10.99 -1.25
CA VAL A 17 1.36 10.39 -0.60
C VAL A 17 1.70 9.04 -1.25
N VAL A 18 0.66 8.22 -1.44
CA VAL A 18 0.82 6.89 -2.03
C VAL A 18 1.49 6.98 -3.41
N GLN A 19 1.08 7.95 -4.20
CA GLN A 19 1.65 8.16 -5.54
C GLN A 19 3.15 8.42 -5.45
N ASN A 20 3.59 9.14 -4.43
CA ASN A 20 5.00 9.42 -4.25
C ASN A 20 5.72 8.19 -3.73
N LEU A 21 5.03 7.41 -2.90
CA LEU A 21 5.61 6.22 -2.30
C LEU A 21 5.96 5.17 -3.37
N GLU A 22 5.05 4.96 -4.31
CA GLU A 22 5.26 3.95 -5.36
C GLU A 22 6.42 4.34 -6.27
N LYS A 23 6.51 5.62 -6.59
CA LYS A 23 7.60 6.12 -7.43
C LYS A 23 8.92 6.02 -6.69
N ASP A 24 8.86 6.23 -5.38
CA ASP A 24 10.02 6.12 -4.50
C ASP A 24 10.63 4.72 -4.58
N LEU A 25 9.78 3.72 -4.52
CA LEU A 25 10.24 2.33 -4.48
C LEU A 25 10.87 1.94 -5.81
N GLN A 26 10.37 2.50 -6.90
CA GLN A 26 10.92 2.25 -8.22
C GLN A 26 12.37 2.72 -8.29
N GLU A 27 12.64 3.86 -7.66
CA GLU A 27 14.00 4.37 -7.53
C GLU A 27 14.85 3.41 -6.71
N ILE A 28 14.26 2.90 -5.63
CA ILE A 28 14.95 2.02 -4.71
C ILE A 28 15.27 0.67 -5.37
N LYS A 29 14.42 0.24 -6.31
CA LYS A 29 14.68 -0.99 -7.05
C LYS A 29 15.99 -0.88 -7.83
N ALA A 30 16.27 0.31 -8.32
CA ALA A 30 17.53 0.57 -9.04
C ALA A 30 18.69 0.62 -8.06
N ALA A 31 18.46 1.24 -6.90
CA ALA A 31 19.47 1.35 -5.86
C ALA A 31 19.90 -0.03 -5.35
N ALA A 32 18.93 -0.93 -5.24
CA ALA A 32 19.21 -2.30 -4.82
C ALA A 32 20.06 -3.02 -5.85
N ARG A 33 19.81 -2.73 -7.12
CA ARG A 33 20.55 -3.33 -8.21
C ARG A 33 22.02 -2.90 -8.17
N ASP A 34 22.24 -1.61 -7.95
CA ASP A 34 23.59 -1.06 -7.91
C ASP A 34 24.29 -1.38 -6.59
N GLY A 35 23.53 -1.93 -5.64
CA GLY A 35 24.09 -2.26 -4.34
C GLY A 35 24.31 -1.03 -3.49
N LYS A 36 23.40 -0.07 -3.63
CA LYS A 36 23.49 1.18 -2.89
C LYS A 36 22.54 1.14 -1.70
N LEU A 37 21.57 0.25 -1.78
CA LEU A 37 20.50 0.19 -0.79
C LEU A 37 20.92 -0.53 0.48
N LYS A 38 21.07 0.24 1.55
CA LYS A 38 21.26 -0.31 2.88
C LYS A 38 20.13 0.18 3.77
N PRO A 39 19.72 -0.59 4.80
CA PRO A 39 18.60 -0.23 5.63
C PRO A 39 19.04 0.53 6.89
N LEU A 40 19.74 -0.19 7.77
CA LEU A 40 20.17 0.34 9.06
C LEU A 40 21.08 -0.66 9.75
N PRO A 41 21.93 -0.21 10.67
CA PRO A 41 22.75 -1.09 11.48
C PRO A 41 22.07 -1.44 12.81
N GLY A 42 21.47 -2.62 12.86
CA GLY A 42 20.80 -3.05 14.08
C GLY A 42 19.70 -4.05 13.81
N GLU A 43 18.63 -3.58 13.18
CA GLU A 43 17.49 -4.45 12.89
C GLU A 43 17.78 -5.31 11.66
N THR A 44 17.42 -6.58 11.75
CA THR A 44 17.67 -7.52 10.67
C THR A 44 16.38 -7.93 9.97
N MET A 45 16.47 -8.90 9.07
CA MET A 45 15.37 -9.24 8.18
C MET A 45 14.13 -9.75 8.92
N GLU A 46 14.31 -10.45 10.04
CA GLU A 46 13.17 -11.01 10.76
C GLU A 46 12.34 -9.87 11.37
N LYS A 47 12.98 -8.75 11.65
CA LYS A 47 12.27 -7.56 12.08
C LYS A 47 11.45 -6.98 10.92
N CYS A 48 12.13 -6.70 9.82
CA CYS A 48 11.51 -6.06 8.67
C CYS A 48 10.39 -6.92 8.07
N THR A 49 10.54 -8.24 8.17
CA THR A 49 9.51 -9.14 7.67
C THR A 49 8.24 -9.06 8.52
N GLN A 50 8.42 -8.82 9.82
CA GLN A 50 7.28 -8.65 10.71
C GLN A 50 6.63 -7.29 10.46
N ASP A 51 7.48 -6.28 10.25
CA ASP A 51 7.00 -4.95 9.87
C ASP A 51 6.17 -5.02 8.60
N LEU A 52 6.64 -5.84 7.67
CA LEU A 52 5.95 -6.04 6.40
C LEU A 52 4.57 -6.67 6.66
N GLY A 53 4.57 -7.79 7.38
CA GLY A 53 3.32 -8.44 7.75
C GLY A 53 2.39 -7.53 8.53
N ASN A 54 2.95 -6.72 9.43
CA ASN A 54 2.18 -5.76 10.20
C ASN A 54 1.52 -4.74 9.29
N SER A 55 2.27 -4.24 8.33
CA SER A 55 1.74 -3.31 7.35
C SER A 55 0.68 -4.00 6.51
N THR A 56 0.94 -5.27 6.17
CA THR A 56 0.01 -6.08 5.40
C THR A 56 -1.34 -6.20 6.09
N LYS A 57 -1.33 -6.69 7.33
CA LYS A 57 -2.57 -6.90 8.08
C LYS A 57 -3.30 -5.59 8.30
N ALA A 58 -2.54 -4.52 8.52
CA ALA A 58 -3.10 -3.20 8.74
C ALA A 58 -3.89 -2.70 7.52
N VAL A 59 -3.23 -2.61 6.38
CA VAL A 59 -3.87 -2.06 5.18
C VAL A 59 -4.94 -3.02 4.63
N SER A 60 -4.76 -4.31 4.83
CA SER A 60 -5.75 -5.30 4.41
C SER A 60 -7.06 -5.05 5.15
N SER A 61 -6.96 -4.75 6.44
CA SER A 61 -8.13 -4.44 7.25
C SER A 61 -8.70 -3.08 6.85
N ALA A 62 -7.83 -2.17 6.44
CA ALA A 62 -8.22 -0.82 6.08
C ALA A 62 -9.02 -0.80 4.78
N ILE A 63 -8.56 -1.52 3.76
CA ILE A 63 -9.25 -1.53 2.47
C ILE A 63 -10.64 -2.14 2.61
N ALA A 64 -10.83 -3.01 3.59
CA ALA A 64 -12.12 -3.62 3.84
C ALA A 64 -13.16 -2.56 4.20
N LYS A 65 -12.75 -1.61 5.03
CA LYS A 65 -13.66 -0.56 5.50
C LYS A 65 -13.90 0.46 4.39
N LEU A 66 -12.96 0.56 3.47
CA LEU A 66 -13.10 1.43 2.30
C LEU A 66 -14.20 0.91 1.38
N LEU A 67 -14.26 -0.41 1.23
CA LEU A 67 -15.25 -1.05 0.38
C LEU A 67 -16.64 -0.85 0.93
N GLY A 68 -16.77 -1.09 2.23
CA GLY A 68 -18.04 -0.99 2.90
C GLY A 68 -18.18 -2.02 4.00
N GLU A 69 -19.15 -1.84 4.87
CA GLU A 69 -19.35 -2.74 5.98
C GLU A 69 -20.71 -3.40 5.90
N ILE A 70 -20.86 -4.52 6.59
CA ILE A 70 -22.14 -5.19 6.65
C ILE A 70 -22.91 -4.71 7.88
N ALA A 71 -22.20 -4.04 8.78
CA ALA A 71 -22.79 -3.47 9.98
C ALA A 71 -23.25 -2.04 9.71
N GLN A 72 -22.31 -1.16 9.38
CA GLN A 72 -22.63 0.23 9.12
C GLN A 72 -22.20 0.65 7.72
N GLY A 73 -20.90 0.86 7.52
CA GLY A 73 -20.44 1.38 6.24
C GLY A 73 -21.02 2.75 5.97
N ASN A 74 -20.93 3.60 6.97
CA ASN A 74 -21.57 4.91 6.93
C ASN A 74 -20.61 5.98 6.42
N GLU A 75 -21.16 7.04 5.86
CA GLU A 75 -20.40 8.19 5.40
C GLU A 75 -19.65 8.82 6.57
N ASN A 76 -18.42 8.38 6.77
CA ASN A 76 -17.61 8.75 7.94
C ASN A 76 -16.32 7.94 7.94
N TYR A 77 -16.45 6.66 7.58
CA TYR A 77 -15.33 5.74 7.59
C TYR A 77 -14.38 5.96 6.42
N ALA A 78 -14.90 6.53 5.34
CA ALA A 78 -14.14 6.76 4.12
C ALA A 78 -12.80 7.45 4.40
N GLY A 79 -12.86 8.58 5.09
CA GLY A 79 -11.64 9.31 5.41
C GLY A 79 -10.78 8.57 6.42
N ILE A 80 -11.44 7.92 7.38
CA ILE A 80 -10.74 7.20 8.43
C ILE A 80 -9.88 6.07 7.86
N ALA A 81 -10.50 5.23 7.05
CA ALA A 81 -9.81 4.06 6.50
C ALA A 81 -8.80 4.47 5.43
N ALA A 82 -9.03 5.62 4.80
CA ALA A 82 -8.10 6.13 3.80
C ALA A 82 -6.80 6.59 4.47
N ARG A 83 -6.90 7.00 5.71
CA ARG A 83 -5.72 7.36 6.49
C ARG A 83 -5.01 6.08 6.94
N ASP A 84 -5.80 5.03 7.16
CA ASP A 84 -5.26 3.74 7.57
C ASP A 84 -4.43 3.09 6.47
N VAL A 85 -4.96 3.06 5.25
CA VAL A 85 -4.23 2.49 4.13
C VAL A 85 -2.91 3.23 3.93
N ALA A 86 -2.94 4.56 4.07
CA ALA A 86 -1.74 5.37 3.92
C ALA A 86 -0.66 4.93 4.90
N GLY A 87 -1.06 4.73 6.15
CA GLY A 87 -0.13 4.27 7.16
C GLY A 87 0.41 2.88 6.86
N GLY A 88 -0.47 1.99 6.43
CA GLY A 88 -0.07 0.65 6.09
C GLY A 88 0.89 0.62 4.90
N LEU A 89 0.55 1.36 3.86
CA LEU A 89 1.33 1.35 2.62
C LEU A 89 2.71 1.97 2.82
N ARG A 90 2.77 3.08 3.56
CA ARG A 90 4.04 3.75 3.79
C ARG A 90 4.96 2.88 4.64
N SER A 91 4.38 2.06 5.50
CA SER A 91 5.16 1.14 6.33
C SER A 91 5.56 -0.08 5.49
N LEU A 92 4.64 -0.52 4.64
CA LEU A 92 4.90 -1.63 3.72
C LEU A 92 6.11 -1.31 2.85
N ALA A 93 6.10 -0.12 2.28
CA ALA A 93 7.18 0.34 1.42
C ALA A 93 8.53 0.32 2.13
N GLN A 94 8.56 0.87 3.35
CA GLN A 94 9.80 0.98 4.11
C GLN A 94 10.26 -0.39 4.60
N ALA A 95 9.32 -1.25 4.96
CA ALA A 95 9.64 -2.60 5.43
C ALA A 95 10.28 -3.42 4.31
N ALA A 96 9.75 -3.26 3.10
CA ALA A 96 10.28 -3.94 1.94
C ALA A 96 11.71 -3.50 1.65
N ARG A 97 11.97 -2.20 1.83
CA ARG A 97 13.30 -1.65 1.64
C ARG A 97 14.31 -2.38 2.50
N GLY A 98 13.99 -2.52 3.78
CA GLY A 98 14.86 -3.20 4.71
C GLY A 98 15.19 -4.61 4.25
N VAL A 99 14.17 -5.36 3.90
CA VAL A 99 14.34 -6.74 3.45
C VAL A 99 15.29 -6.82 2.26
N ALA A 100 15.07 -5.96 1.27
CA ALA A 100 15.90 -5.94 0.07
C ALA A 100 17.32 -5.49 0.39
N ALA A 101 17.44 -4.51 1.28
CA ALA A 101 18.72 -3.95 1.64
C ALA A 101 19.55 -4.93 2.47
N LEU A 102 18.88 -5.83 3.17
CA LEU A 102 19.54 -6.80 4.04
C LEU A 102 20.02 -8.02 3.26
N THR A 103 19.31 -8.38 2.20
CA THR A 103 19.72 -9.51 1.38
C THR A 103 20.79 -9.09 0.38
N SER A 104 21.58 -10.05 -0.07
CA SER A 104 22.64 -9.78 -1.02
C SER A 104 22.36 -10.43 -2.37
N ASP A 105 21.19 -11.06 -2.48
CA ASP A 105 20.82 -11.74 -3.71
C ASP A 105 20.19 -10.74 -4.69
N PRO A 106 20.87 -10.48 -5.82
CA PRO A 106 20.39 -9.52 -6.82
C PRO A 106 19.24 -10.09 -7.65
N ALA A 107 18.12 -10.31 -6.99
CA ALA A 107 16.91 -10.80 -7.63
C ALA A 107 15.74 -10.60 -6.68
N VAL A 108 15.85 -11.18 -5.48
CA VAL A 108 14.86 -10.99 -4.44
C VAL A 108 14.81 -9.52 -4.01
N GLN A 109 15.96 -8.84 -4.08
CA GLN A 109 16.03 -7.41 -3.78
C GLN A 109 15.00 -6.63 -4.59
N ALA A 110 15.02 -6.83 -5.90
CA ALA A 110 14.09 -6.15 -6.78
C ALA A 110 12.69 -6.72 -6.61
N ILE A 111 12.61 -8.02 -6.37
CA ILE A 111 11.33 -8.72 -6.29
C ILE A 111 10.50 -8.26 -5.08
N VAL A 112 11.15 -8.05 -3.94
CA VAL A 112 10.43 -7.60 -2.74
C VAL A 112 9.95 -6.16 -2.91
N LEU A 113 10.75 -5.35 -3.56
CA LEU A 113 10.41 -3.95 -3.77
C LEU A 113 9.34 -3.82 -4.85
N ASP A 114 9.52 -4.58 -5.91
CA ASP A 114 8.58 -4.56 -7.04
C ASP A 114 7.20 -5.02 -6.60
N THR A 115 7.14 -6.05 -5.78
CA THR A 115 5.86 -6.53 -5.26
C THR A 115 5.25 -5.51 -4.31
N ALA A 116 6.08 -4.96 -3.42
CA ALA A 116 5.64 -3.92 -2.50
C ALA A 116 5.11 -2.71 -3.26
N SER A 117 5.81 -2.35 -4.32
CA SER A 117 5.43 -1.22 -5.14
C SER A 117 4.14 -1.52 -5.89
N ASP A 118 3.89 -2.80 -6.14
CA ASP A 118 2.67 -3.24 -6.80
C ASP A 118 1.50 -3.17 -5.83
N VAL A 119 1.80 -3.41 -4.55
CA VAL A 119 0.79 -3.37 -3.49
C VAL A 119 0.08 -2.02 -3.47
N LEU A 120 0.84 -0.95 -3.30
CA LEU A 120 0.26 0.36 -3.18
C LEU A 120 -0.16 0.88 -4.54
N ASP A 121 0.54 0.44 -5.59
CA ASP A 121 0.15 0.77 -6.96
C ASP A 121 -1.33 0.47 -7.19
N LYS A 122 -1.77 -0.69 -6.71
CA LYS A 122 -3.17 -1.08 -6.83
C LYS A 122 -4.02 -0.33 -5.82
N ALA A 123 -3.41 0.03 -4.69
CA ALA A 123 -4.10 0.82 -3.69
C ALA A 123 -4.34 2.24 -4.19
N SER A 124 -3.43 2.73 -5.01
CA SER A 124 -3.58 4.03 -5.64
C SER A 124 -4.85 4.05 -6.49
N SER A 125 -5.01 3.06 -7.35
CA SER A 125 -6.18 2.97 -8.20
C SER A 125 -7.41 2.56 -7.40
N LEU A 126 -7.17 1.92 -6.26
CA LEU A 126 -8.23 1.64 -5.30
C LEU A 126 -8.80 2.95 -4.78
N ILE A 127 -7.91 3.83 -4.33
CA ILE A 127 -8.31 5.14 -3.83
C ILE A 127 -8.85 6.01 -4.97
N GLU A 128 -8.20 5.94 -6.14
CA GLU A 128 -8.67 6.68 -7.31
C GLU A 128 -10.06 6.21 -7.73
N GLU A 129 -10.32 4.92 -7.61
CA GLU A 129 -11.64 4.39 -7.91
C GLU A 129 -12.65 4.94 -6.92
N ALA A 130 -12.32 4.89 -5.63
CA ALA A 130 -13.19 5.41 -4.59
C ALA A 130 -13.37 6.93 -4.74
N LYS A 131 -12.35 7.59 -5.25
CA LYS A 131 -12.41 9.02 -5.54
C LYS A 131 -13.51 9.30 -6.57
N LYS A 132 -13.59 8.43 -7.58
CA LYS A 132 -14.62 8.56 -8.60
C LYS A 132 -15.95 8.00 -8.11
N ALA A 133 -15.87 7.02 -7.22
CA ALA A 133 -17.06 6.43 -6.60
C ALA A 133 -17.80 7.49 -5.78
N SER A 134 -17.06 8.49 -5.32
CA SER A 134 -17.64 9.61 -4.58
C SER A 134 -18.54 10.43 -5.51
N GLY A 135 -18.34 10.27 -6.81
CA GLY A 135 -19.17 10.94 -7.79
C GLY A 135 -20.40 10.11 -8.15
N HIS A 136 -20.59 9.02 -7.42
CA HIS A 136 -21.78 8.19 -7.57
C HIS A 136 -22.67 8.36 -6.35
N PRO A 137 -23.99 8.52 -6.56
CA PRO A 137 -24.95 8.71 -5.46
C PRO A 137 -25.32 7.40 -4.78
N GLY A 138 -24.44 6.42 -4.89
CA GLY A 138 -24.73 5.08 -4.40
C GLY A 138 -24.91 4.12 -5.53
N ASP A 139 -23.81 3.66 -6.10
CA ASP A 139 -23.84 2.85 -7.30
C ASP A 139 -23.40 1.42 -7.00
N PRO A 140 -24.17 0.43 -7.45
CA PRO A 140 -23.84 -0.99 -7.25
C PRO A 140 -22.54 -1.39 -7.96
N GLU A 141 -22.26 -0.74 -9.09
CA GLU A 141 -21.10 -1.10 -9.90
C GLU A 141 -19.81 -0.62 -9.28
N SER A 142 -19.84 0.54 -8.64
CA SER A 142 -18.65 1.06 -7.97
C SER A 142 -18.32 0.17 -6.76
N GLN A 143 -19.37 -0.40 -6.17
CA GLN A 143 -19.20 -1.37 -5.10
C GLN A 143 -18.46 -2.60 -5.63
N GLN A 144 -18.69 -2.93 -6.89
CA GLN A 144 -18.06 -4.07 -7.53
C GLN A 144 -16.61 -3.73 -7.85
N ARG A 145 -16.43 -2.54 -8.39
CA ARG A 145 -15.11 -2.03 -8.76
C ARG A 145 -14.19 -1.96 -7.55
N LEU A 146 -14.68 -1.38 -6.46
CA LEU A 146 -13.92 -1.29 -5.22
C LEU A 146 -13.46 -2.68 -4.78
N ALA A 147 -14.37 -3.64 -4.84
CA ALA A 147 -14.05 -5.01 -4.44
C ALA A 147 -12.99 -5.63 -5.36
N GLN A 148 -13.10 -5.36 -6.66
CA GLN A 148 -12.17 -5.91 -7.64
C GLN A 148 -10.75 -5.44 -7.37
N VAL A 149 -10.59 -4.14 -7.19
CA VAL A 149 -9.26 -3.57 -7.01
C VAL A 149 -8.73 -3.82 -5.60
N ALA A 150 -9.62 -3.91 -4.61
CA ALA A 150 -9.21 -4.19 -3.25
C ALA A 150 -8.53 -5.55 -3.15
N LYS A 151 -9.12 -6.54 -3.81
CA LYS A 151 -8.58 -7.89 -3.78
C LYS A 151 -7.23 -7.96 -4.48
N ALA A 152 -7.03 -7.08 -5.46
CA ALA A 152 -5.75 -6.98 -6.14
C ALA A 152 -4.66 -6.55 -5.16
N VAL A 153 -5.01 -5.61 -4.29
CA VAL A 153 -4.10 -5.17 -3.23
C VAL A 153 -3.89 -6.30 -2.22
N THR A 154 -4.97 -7.02 -1.93
CA THR A 154 -4.91 -8.16 -1.02
C THR A 154 -3.94 -9.22 -1.55
N GLN A 155 -4.00 -9.48 -2.85
CA GLN A 155 -3.11 -10.44 -3.48
C GLN A 155 -1.69 -9.89 -3.52
N ALA A 156 -1.55 -8.60 -3.75
CA ALA A 156 -0.25 -7.95 -3.79
C ALA A 156 0.47 -8.10 -2.44
N LEU A 157 -0.28 -7.91 -1.36
CA LEU A 157 0.26 -8.06 -0.02
C LEU A 157 0.84 -9.46 0.17
N ASN A 158 0.04 -10.47 -0.13
CA ASN A 158 0.47 -11.86 -0.04
C ASN A 158 1.65 -12.13 -0.98
N ARG A 159 1.58 -11.53 -2.16
CA ARG A 159 2.62 -11.69 -3.16
C ARG A 159 3.97 -11.18 -2.64
N CYS A 160 3.94 -10.10 -1.87
CA CYS A 160 5.14 -9.48 -1.37
C CYS A 160 5.75 -10.33 -0.26
N VAL A 161 4.92 -10.73 0.68
CA VAL A 161 5.38 -11.52 1.82
C VAL A 161 5.79 -12.92 1.38
N SER A 162 5.25 -13.38 0.25
CA SER A 162 5.60 -14.69 -0.29
C SER A 162 6.96 -14.65 -0.99
N CYS A 163 7.27 -13.52 -1.64
CA CYS A 163 8.50 -13.42 -2.42
C CYS A 163 9.70 -13.09 -1.53
N LEU A 164 9.43 -12.93 -0.23
CA LEU A 164 10.49 -12.67 0.74
C LEU A 164 11.52 -13.80 0.73
N PRO A 165 12.81 -13.45 0.83
CA PRO A 165 13.90 -14.43 0.82
C PRO A 165 13.76 -15.43 1.95
N GLY A 166 13.63 -16.70 1.59
CA GLY A 166 13.51 -17.76 2.56
C GLY A 166 14.86 -18.12 3.16
N GLN A 167 15.30 -17.30 4.10
CA GLN A 167 16.58 -17.53 4.77
C GLN A 167 16.55 -18.81 5.59
N ARG A 168 17.36 -19.77 5.20
CA ARG A 168 17.45 -21.04 5.89
C ARG A 168 18.91 -21.40 6.12
N GLY A 1 -8.01 28.04 -10.95
CA GLY A 1 -7.09 28.28 -9.81
C GLY A 1 -6.78 27.01 -9.05
N ILE A 2 -7.82 26.33 -8.59
CA ILE A 2 -7.66 25.08 -7.85
C ILE A 2 -7.62 23.90 -8.82
N ASP A 3 -6.56 23.09 -8.71
CA ASP A 3 -6.38 21.95 -9.61
C ASP A 3 -7.22 20.75 -9.18
N PRO A 4 -7.12 20.28 -7.91
CA PRO A 4 -7.95 19.18 -7.42
C PRO A 4 -9.36 19.64 -7.04
N PHE A 5 -10.06 20.21 -8.02
CA PHE A 5 -11.39 20.77 -7.79
C PHE A 5 -12.46 19.69 -7.82
N THR A 6 -12.03 18.44 -7.77
CA THR A 6 -12.93 17.30 -7.83
C THR A 6 -13.46 16.95 -6.44
N GLY A 7 -13.03 17.73 -5.46
CA GLY A 7 -13.42 17.48 -4.08
C GLY A 7 -12.32 16.78 -3.31
N PRO A 8 -11.35 17.55 -2.77
CA PRO A 8 -10.24 17.00 -2.02
C PRO A 8 -10.67 16.51 -0.65
N LEU A 9 -11.03 15.24 -0.57
CA LEU A 9 -11.45 14.64 0.68
C LEU A 9 -10.24 14.04 1.37
N GLU A 10 -10.50 13.24 2.38
CA GLU A 10 -9.43 12.61 3.15
C GLU A 10 -8.73 11.54 2.33
N MET A 11 -9.41 11.07 1.28
CA MET A 11 -8.83 10.08 0.38
C MET A 11 -7.74 10.70 -0.48
N ASP A 12 -7.97 11.92 -0.93
CA ASP A 12 -7.00 12.63 -1.77
C ASP A 12 -5.69 12.81 -1.01
N SER A 13 -5.78 13.08 0.28
CA SER A 13 -4.62 13.25 1.13
C SER A 13 -3.83 11.94 1.22
N ALA A 14 -4.54 10.83 1.15
CA ALA A 14 -3.90 9.52 1.18
C ALA A 14 -3.31 9.18 -0.18
N LEU A 15 -4.01 9.59 -1.22
CA LEU A 15 -3.57 9.35 -2.59
C LEU A 15 -2.24 10.02 -2.87
N SER A 16 -2.10 11.26 -2.40
CA SER A 16 -0.86 12.00 -2.58
C SER A 16 0.29 11.28 -1.88
N VAL A 17 0.01 10.66 -0.75
CA VAL A 17 1.00 9.86 -0.05
C VAL A 17 1.47 8.70 -0.91
N VAL A 18 0.51 7.93 -1.43
CA VAL A 18 0.80 6.77 -2.27
C VAL A 18 1.62 7.19 -3.49
N GLN A 19 1.27 8.31 -4.09
CA GLN A 19 2.00 8.84 -5.24
C GLN A 19 3.47 9.07 -4.90
N ASN A 20 3.73 9.65 -3.73
CA ASN A 20 5.10 9.92 -3.32
C ASN A 20 5.83 8.64 -2.91
N LEU A 21 5.07 7.66 -2.45
CA LEU A 21 5.63 6.37 -2.06
C LEU A 21 6.14 5.61 -3.28
N GLU A 22 5.33 5.54 -4.32
CA GLU A 22 5.69 4.81 -5.52
C GLU A 22 6.91 5.42 -6.21
N LYS A 23 6.96 6.76 -6.25
CA LYS A 23 8.08 7.47 -6.87
C LYS A 23 9.38 7.16 -6.14
N ASP A 24 9.28 7.02 -4.83
CA ASP A 24 10.42 6.65 -4.00
C ASP A 24 10.90 5.26 -4.36
N LEU A 25 9.96 4.32 -4.38
CA LEU A 25 10.29 2.92 -4.62
C LEU A 25 10.81 2.71 -6.03
N GLN A 26 10.37 3.55 -6.97
CA GLN A 26 10.87 3.49 -8.34
C GLN A 26 12.36 3.83 -8.38
N GLU A 27 12.76 4.79 -7.56
CA GLU A 27 14.15 5.16 -7.44
C GLU A 27 14.94 4.08 -6.72
N ILE A 28 14.27 3.41 -5.78
CA ILE A 28 14.89 2.34 -5.02
C ILE A 28 15.05 1.08 -5.89
N LYS A 29 14.12 0.88 -6.82
CA LYS A 29 14.24 -0.21 -7.79
C LYS A 29 15.51 -0.01 -8.62
N ALA A 30 15.77 1.25 -8.98
CA ALA A 30 16.99 1.59 -9.69
C ALA A 30 18.19 1.52 -8.76
N ALA A 31 17.98 1.91 -7.51
CA ALA A 31 19.02 1.87 -6.50
C ALA A 31 19.51 0.44 -6.27
N ALA A 32 18.60 -0.51 -6.31
CA ALA A 32 18.95 -1.92 -6.16
C ALA A 32 19.76 -2.39 -7.36
N ARG A 33 19.41 -1.88 -8.53
CA ARG A 33 20.14 -2.18 -9.76
C ARG A 33 21.56 -1.60 -9.67
N ASP A 34 21.68 -0.42 -9.08
CA ASP A 34 22.99 0.17 -8.79
C ASP A 34 23.73 -0.71 -7.79
N GLY A 35 23.05 -0.97 -6.68
CA GLY A 35 23.67 -1.64 -5.56
C GLY A 35 23.60 -0.77 -4.31
N LYS A 36 22.82 0.30 -4.40
CA LYS A 36 22.70 1.26 -3.30
C LYS A 36 21.71 0.78 -2.25
N LEU A 37 20.43 0.74 -2.63
CA LEU A 37 19.34 0.35 -1.73
C LEU A 37 19.33 1.15 -0.42
N LYS A 38 18.52 0.67 0.53
CA LYS A 38 18.43 1.29 1.84
C LYS A 38 18.68 0.27 2.94
N PRO A 39 19.95 0.01 3.27
CA PRO A 39 20.32 -0.97 4.28
C PRO A 39 19.99 -0.50 5.69
N LEU A 40 20.65 0.58 6.11
CA LEU A 40 20.48 1.14 7.46
C LEU A 40 20.82 0.11 8.53
N PRO A 41 22.11 0.01 8.89
CA PRO A 41 22.59 -0.93 9.91
C PRO A 41 21.78 -0.81 11.20
N GLY A 42 21.24 -1.94 11.63
CA GLY A 42 20.38 -1.95 12.79
C GLY A 42 19.03 -2.54 12.45
N GLU A 43 18.62 -2.37 11.21
CA GLU A 43 17.39 -2.97 10.71
C GLU A 43 17.61 -4.45 10.43
N THR A 44 16.89 -5.29 11.15
CA THR A 44 17.01 -6.72 10.97
C THR A 44 15.94 -7.24 10.03
N MET A 45 16.19 -8.38 9.40
CA MET A 45 15.24 -8.97 8.47
C MET A 45 13.99 -9.40 9.22
N GLU A 46 14.18 -9.93 10.43
CA GLU A 46 13.07 -10.33 11.28
C GLU A 46 12.20 -9.13 11.66
N LYS A 47 12.83 -7.97 11.77
CA LYS A 47 12.09 -6.73 12.02
C LYS A 47 11.27 -6.37 10.78
N CYS A 48 11.92 -6.44 9.63
CA CYS A 48 11.30 -6.07 8.37
C CYS A 48 10.15 -7.01 8.02
N THR A 49 10.35 -8.31 8.18
CA THR A 49 9.32 -9.29 7.88
C THR A 49 8.13 -9.11 8.83
N GLN A 50 8.43 -8.80 10.08
CA GLN A 50 7.41 -8.57 11.09
C GLN A 50 6.64 -7.28 10.78
N ASP A 51 7.39 -6.22 10.48
CA ASP A 51 6.78 -4.93 10.14
C ASP A 51 5.92 -5.08 8.90
N LEU A 52 6.46 -5.79 7.91
CA LEU A 52 5.75 -6.07 6.67
C LEU A 52 4.41 -6.72 6.99
N GLY A 53 4.45 -7.80 7.75
CA GLY A 53 3.24 -8.53 8.09
C GLY A 53 2.22 -7.70 8.84
N ASN A 54 2.68 -6.97 9.86
CA ASN A 54 1.80 -6.15 10.67
C ASN A 54 1.16 -5.03 9.86
N SER A 55 1.92 -4.48 8.93
CA SER A 55 1.39 -3.45 8.04
C SER A 55 0.48 -4.07 6.99
N THR A 56 0.83 -5.28 6.56
CA THR A 56 0.05 -6.04 5.59
C THR A 56 -1.38 -6.25 6.08
N LYS A 57 -1.53 -6.84 7.25
CA LYS A 57 -2.85 -7.11 7.80
C LYS A 57 -3.60 -5.81 8.07
N ALA A 58 -2.85 -4.80 8.48
CA ALA A 58 -3.41 -3.47 8.75
C ALA A 58 -4.09 -2.90 7.50
N VAL A 59 -3.32 -2.74 6.43
CA VAL A 59 -3.87 -2.16 5.20
C VAL A 59 -4.88 -3.10 4.55
N SER A 60 -4.73 -4.40 4.78
CA SER A 60 -5.68 -5.38 4.26
C SER A 60 -7.05 -5.20 4.91
N SER A 61 -7.07 -4.96 6.21
CA SER A 61 -8.32 -4.69 6.91
C SER A 61 -8.80 -3.27 6.61
N ALA A 62 -7.87 -2.39 6.29
CA ALA A 62 -8.19 -1.01 5.98
C ALA A 62 -8.93 -0.89 4.65
N ILE A 63 -8.45 -1.61 3.63
CA ILE A 63 -9.11 -1.61 2.33
C ILE A 63 -10.51 -2.22 2.42
N ALA A 64 -10.71 -3.07 3.41
CA ALA A 64 -12.02 -3.65 3.67
C ALA A 64 -12.96 -2.57 4.20
N LYS A 65 -12.40 -1.60 4.91
CA LYS A 65 -13.18 -0.47 5.40
C LYS A 65 -13.49 0.50 4.25
N LEU A 66 -12.60 0.54 3.26
CA LEU A 66 -12.83 1.30 2.04
C LEU A 66 -14.02 0.72 1.28
N LEU A 67 -14.08 -0.60 1.23
CA LEU A 67 -15.23 -1.30 0.65
C LEU A 67 -16.46 -1.04 1.51
N GLY A 68 -16.25 -1.02 2.80
CA GLY A 68 -17.33 -0.77 3.73
C GLY A 68 -17.90 -2.06 4.26
N GLU A 69 -18.39 -2.03 5.49
CA GLU A 69 -18.97 -3.21 6.10
C GLU A 69 -20.43 -3.32 5.67
N ILE A 70 -20.97 -4.53 5.69
CA ILE A 70 -22.37 -4.73 5.32
C ILE A 70 -23.29 -4.15 6.39
N ALA A 71 -23.42 -2.83 6.34
CA ALA A 71 -24.19 -2.05 7.31
C ALA A 71 -24.02 -0.58 6.97
N GLN A 72 -22.81 -0.23 6.57
CA GLN A 72 -22.46 1.13 6.16
C GLN A 72 -21.02 1.15 5.65
N GLY A 73 -20.75 1.93 4.64
CA GLY A 73 -19.43 1.95 4.04
C GLY A 73 -18.98 3.33 3.62
N ASN A 74 -19.90 4.13 3.10
CA ASN A 74 -19.55 5.46 2.63
C ASN A 74 -19.56 6.45 3.80
N GLU A 75 -18.71 7.47 3.70
CA GLU A 75 -18.56 8.50 4.74
C GLU A 75 -17.93 7.92 6.01
N ASN A 76 -17.12 8.76 6.66
CA ASN A 76 -16.37 8.37 7.86
C ASN A 76 -15.27 7.36 7.51
N TYR A 77 -15.66 6.19 7.03
CA TYR A 77 -14.73 5.15 6.64
C TYR A 77 -13.83 5.64 5.51
N ALA A 78 -14.38 6.53 4.69
CA ALA A 78 -13.67 7.08 3.55
C ALA A 78 -12.32 7.66 3.97
N GLY A 79 -12.33 8.51 4.98
CA GLY A 79 -11.11 9.12 5.45
C GLY A 79 -10.29 8.21 6.31
N ILE A 80 -10.95 7.50 7.22
CA ILE A 80 -10.27 6.63 8.17
C ILE A 80 -9.50 5.52 7.45
N ALA A 81 -10.15 4.83 6.54
CA ALA A 81 -9.55 3.71 5.85
C ALA A 81 -8.45 4.18 4.89
N ALA A 82 -8.69 5.32 4.24
CA ALA A 82 -7.72 5.88 3.33
C ALA A 82 -6.45 6.29 4.08
N ARG A 83 -6.64 6.81 5.29
CA ARG A 83 -5.52 7.17 6.15
C ARG A 83 -4.74 5.92 6.54
N ASP A 84 -5.47 4.86 6.86
CA ASP A 84 -4.88 3.64 7.39
C ASP A 84 -4.10 2.90 6.31
N VAL A 85 -4.64 2.85 5.10
CA VAL A 85 -3.95 2.22 3.98
C VAL A 85 -2.67 2.97 3.66
N ALA A 86 -2.74 4.30 3.62
CA ALA A 86 -1.58 5.12 3.32
C ALA A 86 -0.47 4.89 4.32
N GLY A 87 -0.85 4.88 5.60
CA GLY A 87 0.11 4.63 6.66
C GLY A 87 0.71 3.24 6.56
N GLY A 88 -0.14 2.25 6.27
CA GLY A 88 0.32 0.88 6.15
C GLY A 88 1.31 0.71 5.01
N LEU A 89 1.05 1.38 3.89
CA LEU A 89 1.88 1.25 2.71
C LEU A 89 3.25 1.90 2.90
N ARG A 90 3.31 2.93 3.75
CA ARG A 90 4.59 3.58 4.06
C ARG A 90 5.52 2.59 4.73
N SER A 91 5.04 2.00 5.82
CA SER A 91 5.80 1.01 6.55
C SER A 91 6.02 -0.25 5.70
N LEU A 92 5.02 -0.57 4.88
CA LEU A 92 5.11 -1.68 3.93
C LEU A 92 6.33 -1.49 3.03
N ALA A 93 6.46 -0.28 2.48
CA ALA A 93 7.57 0.06 1.61
C ALA A 93 8.90 -0.06 2.36
N GLN A 94 8.98 0.59 3.51
CA GLN A 94 10.19 0.60 4.33
C GLN A 94 10.70 -0.80 4.61
N ALA A 95 9.83 -1.65 5.17
CA ALA A 95 10.20 -3.00 5.52
C ALA A 95 10.70 -3.78 4.30
N ALA A 96 10.04 -3.56 3.17
CA ALA A 96 10.41 -4.20 1.92
C ALA A 96 11.81 -3.77 1.47
N ARG A 97 12.14 -2.50 1.69
CA ARG A 97 13.44 -1.96 1.28
C ARG A 97 14.54 -2.61 2.11
N GLY A 98 14.30 -2.70 3.42
CA GLY A 98 15.25 -3.31 4.31
C GLY A 98 15.54 -4.75 3.96
N VAL A 99 14.49 -5.52 3.71
CA VAL A 99 14.64 -6.92 3.33
C VAL A 99 15.59 -7.08 2.14
N ALA A 100 15.34 -6.33 1.09
CA ALA A 100 16.14 -6.42 -0.13
C ALA A 100 17.59 -5.98 0.11
N ALA A 101 17.77 -5.03 1.00
CA ALA A 101 19.09 -4.50 1.29
C ALA A 101 19.89 -5.46 2.17
N LEU A 102 19.19 -6.27 2.95
CA LEU A 102 19.83 -7.20 3.86
C LEU A 102 20.22 -8.49 3.16
N THR A 103 19.37 -8.96 2.27
CA THR A 103 19.65 -10.18 1.52
C THR A 103 20.61 -9.90 0.37
N SER A 104 21.40 -10.89 0.01
CA SER A 104 22.32 -10.75 -1.11
C SER A 104 21.87 -11.61 -2.29
N ASP A 105 20.67 -12.16 -2.18
CA ASP A 105 20.14 -13.06 -3.21
C ASP A 105 19.56 -12.27 -4.38
N PRO A 106 20.21 -12.35 -5.55
CA PRO A 106 19.79 -11.62 -6.75
C PRO A 106 18.55 -12.23 -7.39
N ALA A 107 17.44 -12.14 -6.67
CA ALA A 107 16.15 -12.62 -7.13
C ALA A 107 15.06 -12.10 -6.21
N VAL A 108 15.18 -12.43 -4.93
CA VAL A 108 14.21 -11.97 -3.94
C VAL A 108 14.30 -10.46 -3.72
N GLN A 109 15.49 -9.91 -3.95
CA GLN A 109 15.72 -8.48 -3.73
C GLN A 109 14.81 -7.63 -4.60
N ALA A 110 14.81 -7.90 -5.89
CA ALA A 110 13.94 -7.17 -6.82
C ALA A 110 12.48 -7.53 -6.58
N ILE A 111 12.27 -8.77 -6.15
CA ILE A 111 10.94 -9.32 -5.97
C ILE A 111 10.21 -8.66 -4.80
N VAL A 112 10.91 -8.49 -3.68
CA VAL A 112 10.33 -7.86 -2.49
C VAL A 112 10.00 -6.39 -2.76
N LEU A 113 10.80 -5.76 -3.60
CA LEU A 113 10.59 -4.36 -3.95
C LEU A 113 9.42 -4.23 -4.89
N ASP A 114 9.37 -5.11 -5.87
CA ASP A 114 8.31 -5.12 -6.88
C ASP A 114 6.96 -5.40 -6.24
N THR A 115 6.89 -6.40 -5.38
CA THR A 115 5.64 -6.78 -4.73
C THR A 115 5.06 -5.60 -3.93
N ALA A 116 5.89 -4.98 -3.09
CA ALA A 116 5.45 -3.81 -2.32
C ALA A 116 4.96 -2.70 -3.24
N SER A 117 5.58 -2.59 -4.40
CA SER A 117 5.20 -1.58 -5.37
C SER A 117 3.84 -1.90 -5.95
N ASP A 118 3.59 -3.18 -6.20
CA ASP A 118 2.32 -3.62 -6.75
C ASP A 118 1.19 -3.40 -5.75
N VAL A 119 1.52 -3.54 -4.46
CA VAL A 119 0.54 -3.31 -3.40
C VAL A 119 -0.01 -1.89 -3.49
N LEU A 120 0.88 -0.90 -3.45
CA LEU A 120 0.48 0.49 -3.52
C LEU A 120 -0.05 0.85 -4.91
N ASP A 121 0.47 0.15 -5.93
CA ASP A 121 0.02 0.35 -7.31
C ASP A 121 -1.49 0.15 -7.41
N LYS A 122 -1.97 -0.96 -6.84
CA LYS A 122 -3.40 -1.25 -6.84
C LYS A 122 -4.11 -0.36 -5.83
N ALA A 123 -3.41 -0.01 -4.76
CA ALA A 123 -3.97 0.87 -3.74
C ALA A 123 -4.25 2.26 -4.30
N SER A 124 -3.40 2.72 -5.21
CA SER A 124 -3.60 3.98 -5.91
C SER A 124 -4.93 3.94 -6.66
N SER A 125 -5.10 2.90 -7.47
CA SER A 125 -6.33 2.71 -8.22
C SER A 125 -7.50 2.52 -7.28
N LEU A 126 -7.26 1.89 -6.15
CA LEU A 126 -8.28 1.70 -5.14
C LEU A 126 -8.74 3.05 -4.60
N ILE A 127 -7.78 3.89 -4.20
CA ILE A 127 -8.08 5.19 -3.66
C ILE A 127 -8.75 6.08 -4.71
N GLU A 128 -8.26 6.05 -5.95
CA GLU A 128 -8.86 6.83 -7.02
C GLU A 128 -10.23 6.28 -7.39
N GLU A 129 -10.35 4.95 -7.37
CA GLU A 129 -11.65 4.31 -7.56
C GLU A 129 -12.62 4.74 -6.45
N ALA A 130 -12.15 4.69 -5.22
CA ALA A 130 -12.96 5.07 -4.06
C ALA A 130 -13.26 6.57 -4.06
N LYS A 131 -12.32 7.35 -4.61
CA LYS A 131 -12.53 8.78 -4.79
C LYS A 131 -13.76 9.03 -5.66
N LYS A 132 -13.93 8.20 -6.69
CA LYS A 132 -15.10 8.28 -7.56
C LYS A 132 -16.29 7.58 -6.91
N ALA A 133 -16.00 6.64 -6.01
CA ALA A 133 -17.03 5.85 -5.35
C ALA A 133 -17.73 6.65 -4.26
N SER A 134 -16.99 7.53 -3.61
CA SER A 134 -17.53 8.35 -2.54
C SER A 134 -18.70 9.19 -3.03
N GLY A 135 -19.90 8.81 -2.63
CA GLY A 135 -21.09 9.50 -3.08
C GLY A 135 -22.07 8.57 -3.75
N HIS A 136 -21.65 7.34 -3.98
CA HIS A 136 -22.53 6.32 -4.56
C HIS A 136 -23.22 5.53 -3.44
N PRO A 137 -24.54 5.66 -3.31
CA PRO A 137 -25.33 5.00 -2.28
C PRO A 137 -25.90 3.65 -2.74
N GLY A 138 -25.18 2.99 -3.64
CA GLY A 138 -25.64 1.74 -4.17
C GLY A 138 -25.52 1.69 -5.68
N ASP A 139 -24.31 1.91 -6.18
CA ASP A 139 -24.07 1.92 -7.61
C ASP A 139 -23.48 0.59 -8.06
N PRO A 140 -24.09 -0.04 -9.08
CA PRO A 140 -23.68 -1.36 -9.58
C PRO A 140 -22.20 -1.42 -9.96
N GLU A 141 -21.76 -0.48 -10.79
CA GLU A 141 -20.39 -0.45 -11.24
C GLU A 141 -19.42 -0.19 -10.09
N SER A 142 -19.76 0.77 -9.25
CA SER A 142 -18.90 1.17 -8.14
C SER A 142 -18.55 -0.03 -7.26
N GLN A 143 -19.56 -0.79 -6.88
CA GLN A 143 -19.37 -1.93 -5.99
C GLN A 143 -18.42 -2.96 -6.59
N GLN A 144 -18.51 -3.13 -7.90
CA GLN A 144 -17.69 -4.14 -8.58
C GLN A 144 -16.26 -3.63 -8.77
N ARG A 145 -16.14 -2.36 -9.13
CA ARG A 145 -14.84 -1.74 -9.35
C ARG A 145 -14.00 -1.78 -8.07
N LEU A 146 -14.61 -1.34 -6.98
CA LEU A 146 -13.95 -1.32 -5.69
C LEU A 146 -13.58 -2.72 -5.24
N ALA A 147 -14.52 -3.65 -5.34
CA ALA A 147 -14.31 -5.02 -4.89
C ALA A 147 -13.11 -5.66 -5.57
N GLN A 148 -13.01 -5.47 -6.89
CA GLN A 148 -11.93 -6.05 -7.66
C GLN A 148 -10.58 -5.47 -7.27
N VAL A 149 -10.49 -4.14 -7.30
CA VAL A 149 -9.21 -3.47 -7.06
C VAL A 149 -8.75 -3.62 -5.61
N ALA A 150 -9.70 -3.68 -4.68
CA ALA A 150 -9.37 -3.81 -3.26
C ALA A 150 -8.68 -5.13 -2.97
N LYS A 151 -9.28 -6.22 -3.42
CA LYS A 151 -8.73 -7.54 -3.16
C LYS A 151 -7.48 -7.78 -3.99
N ALA A 152 -7.37 -7.03 -5.09
CA ALA A 152 -6.15 -7.05 -5.90
C ALA A 152 -4.98 -6.54 -5.07
N VAL A 153 -5.23 -5.51 -4.27
CA VAL A 153 -4.25 -5.01 -3.31
C VAL A 153 -3.86 -6.11 -2.37
N THR A 154 -4.85 -6.84 -1.87
CA THR A 154 -4.62 -7.90 -0.92
C THR A 154 -3.75 -9.00 -1.51
N GLN A 155 -4.03 -9.39 -2.75
CA GLN A 155 -3.26 -10.44 -3.40
C GLN A 155 -1.80 -10.00 -3.56
N ALA A 156 -1.59 -8.70 -3.67
CA ALA A 156 -0.25 -8.15 -3.76
C ALA A 156 0.43 -8.15 -2.39
N LEU A 157 -0.27 -7.66 -1.37
CA LEU A 157 0.28 -7.59 -0.03
C LEU A 157 0.52 -8.98 0.54
N ASN A 158 -0.44 -9.84 0.29
CA ASN A 158 -0.38 -11.24 0.72
C ASN A 158 0.78 -11.95 0.02
N ARG A 159 1.05 -11.56 -1.21
CA ARG A 159 2.17 -12.14 -1.94
C ARG A 159 3.48 -11.57 -1.42
N CYS A 160 3.44 -10.33 -0.93
CA CYS A 160 4.66 -9.65 -0.54
C CYS A 160 5.29 -10.36 0.65
N VAL A 161 4.44 -10.73 1.60
CA VAL A 161 4.89 -11.43 2.79
C VAL A 161 5.39 -12.83 2.45
N SER A 162 4.81 -13.44 1.43
CA SER A 162 5.20 -14.76 1.00
C SER A 162 6.51 -14.74 0.20
N CYS A 163 6.85 -13.58 -0.36
CA CYS A 163 8.09 -13.43 -1.10
C CYS A 163 9.26 -13.15 -0.16
N LEU A 164 8.94 -12.72 1.06
CA LEU A 164 9.95 -12.47 2.08
C LEU A 164 10.61 -13.78 2.47
N PRO A 165 11.94 -13.78 2.70
CA PRO A 165 12.66 -14.95 3.19
C PRO A 165 12.09 -15.44 4.53
N GLY A 166 11.32 -16.52 4.46
CA GLY A 166 10.66 -17.02 5.65
C GLY A 166 11.54 -17.95 6.46
N GLN A 167 12.72 -18.23 5.94
CA GLN A 167 13.64 -19.15 6.59
C GLN A 167 14.72 -18.42 7.36
N ARG A 168 14.43 -17.17 7.72
CA ARG A 168 15.39 -16.34 8.44
C ARG A 168 14.68 -15.51 9.50
N GLY A 1 4.58 13.61 8.43
CA GLY A 1 4.91 13.19 7.04
C GLY A 1 3.80 13.53 6.08
N ILE A 2 3.84 14.77 5.57
CA ILE A 2 2.82 15.30 4.67
C ILE A 2 1.53 15.62 5.42
N ASP A 3 1.01 14.62 6.14
CA ASP A 3 -0.26 14.75 6.87
C ASP A 3 -1.40 15.06 5.92
N PRO A 4 -2.14 14.01 5.51
CA PRO A 4 -3.28 14.15 4.61
C PRO A 4 -4.24 15.25 5.06
N PHE A 5 -4.34 16.30 4.25
CA PHE A 5 -5.14 17.45 4.59
C PHE A 5 -5.52 18.23 3.33
N THR A 6 -6.74 18.03 2.87
CA THR A 6 -7.29 18.79 1.75
C THR A 6 -8.56 19.49 2.17
N GLY A 7 -9.30 18.84 3.03
CA GLY A 7 -10.57 19.36 3.49
C GLY A 7 -11.51 18.24 3.90
N PRO A 8 -12.45 17.86 3.03
CA PRO A 8 -13.40 16.80 3.30
C PRO A 8 -12.93 15.43 2.78
N LEU A 9 -11.77 15.40 2.15
CA LEU A 9 -11.30 14.18 1.50
C LEU A 9 -9.98 13.70 2.11
N GLU A 10 -10.04 12.60 2.83
CA GLU A 10 -8.82 11.95 3.31
C GLU A 10 -8.17 11.20 2.16
N MET A 11 -9.01 10.57 1.33
CA MET A 11 -8.55 9.76 0.21
C MET A 11 -7.63 10.53 -0.71
N ASP A 12 -8.11 11.67 -1.20
CA ASP A 12 -7.40 12.45 -2.20
C ASP A 12 -6.00 12.87 -1.72
N SER A 13 -5.91 13.22 -0.44
CA SER A 13 -4.64 13.64 0.13
C SER A 13 -3.75 12.44 0.41
N ALA A 14 -4.35 11.35 0.90
CA ALA A 14 -3.60 10.12 1.17
C ALA A 14 -3.03 9.56 -0.12
N LEU A 15 -3.80 9.68 -1.20
CA LEU A 15 -3.37 9.24 -2.52
C LEU A 15 -2.03 9.89 -2.88
N SER A 16 -1.93 11.19 -2.63
CA SER A 16 -0.71 11.93 -2.91
C SER A 16 0.48 11.33 -2.16
N VAL A 17 0.24 10.91 -0.93
CA VAL A 17 1.28 10.29 -0.10
C VAL A 17 1.73 8.97 -0.72
N VAL A 18 0.75 8.15 -1.11
CA VAL A 18 1.04 6.84 -1.69
C VAL A 18 1.78 6.97 -3.03
N GLN A 19 1.39 7.96 -3.83
CA GLN A 19 2.03 8.20 -5.11
C GLN A 19 3.51 8.55 -4.95
N ASN A 20 3.86 9.15 -3.83
CA ASN A 20 5.25 9.46 -3.54
C ASN A 20 6.01 8.21 -3.13
N LEU A 21 5.28 7.25 -2.58
CA LEU A 21 5.87 6.00 -2.12
C LEU A 21 6.32 5.14 -3.31
N GLU A 22 5.43 4.98 -4.28
CA GLU A 22 5.74 4.17 -5.46
C GLU A 22 6.96 4.70 -6.20
N LYS A 23 7.07 6.02 -6.31
CA LYS A 23 8.15 6.63 -7.04
C LYS A 23 9.47 6.53 -6.26
N ASP A 24 9.35 6.44 -4.94
CA ASP A 24 10.52 6.20 -4.10
C ASP A 24 11.03 4.79 -4.32
N LEU A 25 10.11 3.83 -4.31
CA LEU A 25 10.46 2.44 -4.50
C LEU A 25 11.14 2.22 -5.84
N GLN A 26 10.74 3.01 -6.83
CA GLN A 26 11.39 2.97 -8.15
C GLN A 26 12.86 3.34 -8.04
N GLU A 27 13.16 4.30 -7.18
CA GLU A 27 14.54 4.73 -6.97
C GLU A 27 15.34 3.65 -6.27
N ILE A 28 14.76 3.11 -5.21
CA ILE A 28 15.40 2.04 -4.44
C ILE A 28 15.55 0.78 -5.31
N LYS A 29 14.58 0.56 -6.19
CA LYS A 29 14.64 -0.56 -7.13
C LYS A 29 15.81 -0.39 -8.09
N ALA A 30 16.03 0.84 -8.53
CA ALA A 30 17.15 1.15 -9.42
C ALA A 30 18.47 0.96 -8.68
N ALA A 31 18.49 1.34 -7.41
CA ALA A 31 19.66 1.15 -6.57
C ALA A 31 19.96 -0.34 -6.41
N ALA A 32 18.92 -1.14 -6.27
CA ALA A 32 19.06 -2.59 -6.16
C ALA A 32 19.65 -3.17 -7.44
N ARG A 33 19.20 -2.63 -8.57
CA ARG A 33 19.72 -3.03 -9.87
C ARG A 33 21.23 -2.79 -9.95
N ASP A 34 21.64 -1.55 -9.69
CA ASP A 34 23.03 -1.18 -9.85
C ASP A 34 23.90 -1.81 -8.76
N GLY A 35 23.30 -2.01 -7.59
CA GLY A 35 24.03 -2.57 -6.47
C GLY A 35 24.46 -1.49 -5.50
N LYS A 36 23.57 -0.54 -5.27
CA LYS A 36 23.87 0.60 -4.42
C LYS A 36 22.91 0.69 -3.23
N LEU A 37 22.23 -0.41 -2.91
CA LEU A 37 21.38 -0.44 -1.73
C LEU A 37 22.19 -0.21 -0.47
N LYS A 38 21.54 0.28 0.57
CA LYS A 38 22.25 0.68 1.78
C LYS A 38 22.02 -0.31 2.92
N PRO A 39 23.01 -1.15 3.22
CA PRO A 39 23.01 -1.95 4.44
C PRO A 39 23.50 -1.12 5.64
N LEU A 40 23.97 0.08 5.32
CA LEU A 40 24.53 1.01 6.30
C LEU A 40 23.60 1.25 7.50
N PRO A 41 22.29 1.51 7.29
CA PRO A 41 21.32 1.69 8.39
C PRO A 41 21.40 0.60 9.47
N GLY A 42 21.88 -0.58 9.08
CA GLY A 42 22.04 -1.65 10.03
C GLY A 42 20.70 -2.19 10.50
N GLU A 43 19.84 -2.51 9.56
CA GLU A 43 18.54 -3.08 9.87
C GLU A 43 18.66 -4.58 10.04
N THR A 44 17.61 -5.21 10.54
CA THR A 44 17.59 -6.66 10.68
C THR A 44 16.41 -7.23 9.90
N MET A 45 16.68 -8.24 9.08
CA MET A 45 15.66 -8.82 8.21
C MET A 45 14.51 -9.38 9.02
N GLU A 46 14.82 -9.93 10.19
CA GLU A 46 13.81 -10.49 11.07
C GLU A 46 12.82 -9.41 11.52
N LYS A 47 13.30 -8.18 11.63
CA LYS A 47 12.44 -7.06 11.96
C LYS A 47 11.66 -6.59 10.74
N CYS A 48 12.37 -6.45 9.63
CA CYS A 48 11.77 -5.97 8.38
C CYS A 48 10.64 -6.89 7.91
N THR A 49 10.84 -8.19 8.02
CA THR A 49 9.83 -9.15 7.56
C THR A 49 8.62 -9.14 8.49
N GLN A 50 8.87 -9.06 9.79
CA GLN A 50 7.79 -9.06 10.77
C GLN A 50 6.98 -7.77 10.67
N ASP A 51 7.67 -6.65 10.56
CA ASP A 51 7.00 -5.36 10.39
C ASP A 51 6.24 -5.32 9.07
N LEU A 52 6.76 -6.01 8.07
CA LEU A 52 6.11 -6.10 6.77
C LEU A 52 4.76 -6.79 6.93
N GLY A 53 4.76 -7.95 7.58
CA GLY A 53 3.52 -8.68 7.82
C GLY A 53 2.54 -7.90 8.67
N ASN A 54 3.05 -7.20 9.67
CA ASN A 54 2.21 -6.38 10.54
C ASN A 54 1.60 -5.22 9.77
N SER A 55 2.38 -4.60 8.90
CA SER A 55 1.90 -3.52 8.05
C SER A 55 0.88 -4.06 7.05
N THR A 56 1.08 -5.31 6.65
CA THR A 56 0.14 -6.02 5.78
C THR A 56 -1.24 -6.09 6.42
N LYS A 57 -1.29 -6.54 7.67
CA LYS A 57 -2.55 -6.64 8.40
C LYS A 57 -3.22 -5.28 8.52
N ALA A 58 -2.40 -4.26 8.76
CA ALA A 58 -2.89 -2.90 8.96
C ALA A 58 -3.69 -2.40 7.76
N VAL A 59 -3.07 -2.45 6.58
CA VAL A 59 -3.73 -1.94 5.38
C VAL A 59 -4.81 -2.92 4.89
N SER A 60 -4.68 -4.19 5.27
CA SER A 60 -5.66 -5.21 4.87
C SER A 60 -7.01 -4.93 5.54
N SER A 61 -6.98 -4.50 6.80
CA SER A 61 -8.20 -4.15 7.50
C SER A 61 -8.72 -2.81 7.01
N ALA A 62 -7.81 -1.96 6.55
CA ALA A 62 -8.15 -0.64 6.07
C ALA A 62 -8.89 -0.70 4.74
N ILE A 63 -8.39 -1.53 3.81
CA ILE A 63 -9.02 -1.68 2.51
C ILE A 63 -10.42 -2.29 2.66
N ALA A 64 -10.64 -2.99 3.76
CA ALA A 64 -11.94 -3.58 4.04
C ALA A 64 -12.97 -2.49 4.39
N LYS A 65 -12.50 -1.40 4.96
CA LYS A 65 -13.36 -0.27 5.30
C LYS A 65 -13.70 0.53 4.06
N LEU A 66 -12.83 0.46 3.06
CA LEU A 66 -12.96 1.24 1.83
C LEU A 66 -14.21 0.86 1.03
N LEU A 67 -14.69 -0.37 1.23
CA LEU A 67 -15.92 -0.82 0.58
C LEU A 67 -17.05 0.15 0.89
N GLY A 68 -17.77 0.55 -0.16
CA GLY A 68 -18.78 1.59 -0.03
C GLY A 68 -20.06 1.10 0.62
N GLU A 69 -19.97 0.78 1.90
CA GLU A 69 -21.15 0.43 2.68
C GLU A 69 -21.23 1.29 3.93
N ILE A 70 -22.29 2.07 4.03
CA ILE A 70 -22.49 2.95 5.17
C ILE A 70 -23.41 2.28 6.19
N ALA A 71 -22.97 2.27 7.44
CA ALA A 71 -23.76 1.65 8.50
C ALA A 71 -24.16 2.67 9.55
N GLN A 72 -25.46 2.76 9.82
CA GLN A 72 -26.00 3.67 10.84
C GLN A 72 -25.69 5.13 10.51
N GLY A 73 -25.44 5.42 9.24
CA GLY A 73 -25.12 6.77 8.84
C GLY A 73 -23.65 7.12 9.10
N ASN A 74 -22.87 6.10 9.44
CA ASN A 74 -21.44 6.30 9.68
C ASN A 74 -20.68 6.29 8.37
N GLU A 75 -20.29 7.48 7.93
CA GLU A 75 -19.60 7.67 6.66
C GLU A 75 -18.10 7.78 6.88
N ASN A 76 -17.70 7.83 8.15
CA ASN A 76 -16.31 8.07 8.52
C ASN A 76 -15.38 6.97 8.01
N TYR A 77 -15.96 5.80 7.70
CA TYR A 77 -15.18 4.67 7.19
C TYR A 77 -14.32 5.07 6.00
N ALA A 78 -14.88 5.90 5.11
CA ALA A 78 -14.16 6.33 3.92
C ALA A 78 -12.86 7.05 4.28
N GLY A 79 -12.96 7.99 5.19
CA GLY A 79 -11.79 8.74 5.61
C GLY A 79 -10.84 7.91 6.46
N ILE A 80 -11.40 7.15 7.39
CA ILE A 80 -10.61 6.32 8.30
C ILE A 80 -9.80 5.28 7.53
N ALA A 81 -10.43 4.64 6.55
CA ALA A 81 -9.78 3.63 5.74
C ALA A 81 -8.64 4.23 4.92
N ALA A 82 -8.94 5.32 4.22
CA ALA A 82 -7.95 5.99 3.39
C ALA A 82 -6.80 6.53 4.23
N ARG A 83 -7.11 6.90 5.45
CA ARG A 83 -6.11 7.39 6.39
C ARG A 83 -5.20 6.25 6.83
N ASP A 84 -5.81 5.09 7.06
CA ASP A 84 -5.08 3.96 7.61
C ASP A 84 -4.25 3.24 6.54
N VAL A 85 -4.78 3.17 5.31
CA VAL A 85 -4.02 2.56 4.21
C VAL A 85 -2.70 3.30 3.99
N ALA A 86 -2.74 4.62 4.07
CA ALA A 86 -1.55 5.44 3.90
C ALA A 86 -0.50 5.06 4.93
N GLY A 87 -0.93 4.85 6.16
CA GLY A 87 -0.03 4.47 7.22
C GLY A 87 0.51 3.07 7.02
N GLY A 88 -0.35 2.15 6.60
CA GLY A 88 0.07 0.78 6.36
C GLY A 88 1.03 0.67 5.19
N LEU A 89 0.71 1.36 4.10
CA LEU A 89 1.51 1.29 2.88
C LEU A 89 2.90 1.90 3.07
N ARG A 90 2.98 3.02 3.78
CA ARG A 90 4.25 3.70 3.98
C ARG A 90 5.16 2.87 4.89
N SER A 91 4.56 2.08 5.75
CA SER A 91 5.30 1.18 6.61
C SER A 91 5.71 -0.07 5.82
N LEU A 92 4.80 -0.50 4.94
CA LEU A 92 5.04 -1.65 4.07
C LEU A 92 6.24 -1.39 3.16
N ALA A 93 6.19 -0.25 2.47
CA ALA A 93 7.24 0.12 1.52
C ALA A 93 8.62 0.17 2.18
N GLN A 94 8.71 0.85 3.31
CA GLN A 94 9.99 1.02 3.99
C GLN A 94 10.55 -0.30 4.49
N ALA A 95 9.67 -1.18 4.98
CA ALA A 95 10.08 -2.49 5.45
C ALA A 95 10.62 -3.33 4.30
N ALA A 96 9.98 -3.21 3.14
CA ALA A 96 10.40 -3.92 1.95
C ALA A 96 11.79 -3.50 1.51
N ARG A 97 12.05 -2.18 1.54
CA ARG A 97 13.35 -1.66 1.17
C ARG A 97 14.45 -2.20 2.06
N GLY A 98 14.12 -2.36 3.35
CA GLY A 98 15.07 -2.92 4.29
C GLY A 98 15.43 -4.35 3.93
N VAL A 99 14.41 -5.17 3.68
CA VAL A 99 14.62 -6.56 3.28
C VAL A 99 15.55 -6.66 2.07
N ALA A 100 15.30 -5.81 1.08
CA ALA A 100 16.06 -5.81 -0.15
C ALA A 100 17.53 -5.48 0.10
N ALA A 101 17.77 -4.49 0.94
CA ALA A 101 19.13 -4.02 1.22
C ALA A 101 19.91 -5.05 2.04
N LEU A 102 19.20 -5.86 2.80
CA LEU A 102 19.83 -6.82 3.71
C LEU A 102 20.11 -8.15 3.02
N THR A 103 19.29 -8.50 2.04
CA THR A 103 19.41 -9.77 1.37
C THR A 103 20.62 -9.77 0.42
N SER A 104 21.18 -10.95 0.17
CA SER A 104 22.38 -11.05 -0.63
C SER A 104 22.05 -11.04 -2.12
N ASP A 105 21.05 -11.83 -2.51
CA ASP A 105 20.71 -12.03 -3.91
C ASP A 105 20.22 -10.76 -4.58
N PRO A 106 20.95 -10.26 -5.59
CA PRO A 106 20.55 -9.09 -6.35
C PRO A 106 19.51 -9.44 -7.42
N ALA A 107 18.35 -9.86 -6.96
CA ALA A 107 17.22 -10.17 -7.81
C ALA A 107 15.96 -10.18 -6.98
N VAL A 108 16.01 -10.89 -5.85
CA VAL A 108 14.92 -10.85 -4.88
C VAL A 108 14.79 -9.44 -4.31
N GLN A 109 15.88 -8.68 -4.40
CA GLN A 109 15.87 -7.27 -4.02
C GLN A 109 14.80 -6.52 -4.79
N ALA A 110 14.75 -6.74 -6.09
CA ALA A 110 13.74 -6.12 -6.93
C ALA A 110 12.37 -6.74 -6.69
N ILE A 111 12.36 -8.04 -6.38
CA ILE A 111 11.12 -8.78 -6.22
C ILE A 111 10.35 -8.33 -4.96
N VAL A 112 11.07 -8.05 -3.88
CA VAL A 112 10.44 -7.60 -2.64
C VAL A 112 9.88 -6.19 -2.82
N LEU A 113 10.57 -5.37 -3.59
CA LEU A 113 10.14 -4.00 -3.83
C LEU A 113 8.98 -3.99 -4.82
N ASP A 114 9.12 -4.82 -5.84
CA ASP A 114 8.09 -4.93 -6.89
C ASP A 114 6.73 -5.26 -6.30
N THR A 115 6.70 -6.26 -5.43
CA THR A 115 5.46 -6.69 -4.82
C THR A 115 4.91 -5.61 -3.90
N ALA A 116 5.79 -4.96 -3.16
CA ALA A 116 5.39 -3.86 -2.29
C ALA A 116 4.80 -2.71 -3.12
N SER A 117 5.37 -2.51 -4.30
CA SER A 117 4.90 -1.48 -5.21
C SER A 117 3.51 -1.84 -5.73
N ASP A 118 3.31 -3.11 -6.07
CA ASP A 118 2.03 -3.59 -6.58
C ASP A 118 0.95 -3.40 -5.53
N VAL A 119 1.29 -3.64 -4.27
CA VAL A 119 0.36 -3.45 -3.16
C VAL A 119 -0.17 -2.02 -3.14
N LEU A 120 0.74 -1.07 -3.02
CA LEU A 120 0.35 0.33 -2.93
C LEU A 120 -0.24 0.82 -4.25
N ASP A 121 0.20 0.24 -5.35
CA ASP A 121 -0.28 0.61 -6.67
C ASP A 121 -1.79 0.36 -6.79
N LYS A 122 -2.21 -0.83 -6.38
CA LYS A 122 -3.62 -1.18 -6.41
C LYS A 122 -4.38 -0.42 -5.34
N ALA A 123 -3.70 -0.13 -4.24
CA ALA A 123 -4.29 0.68 -3.18
C ALA A 123 -4.51 2.10 -3.67
N SER A 124 -3.61 2.58 -4.52
CA SER A 124 -3.73 3.89 -5.12
C SER A 124 -4.98 3.97 -5.98
N SER A 125 -5.11 3.02 -6.90
CA SER A 125 -6.30 2.94 -7.76
C SER A 125 -7.55 2.75 -6.92
N LEU A 126 -7.44 1.95 -5.86
CA LEU A 126 -8.52 1.76 -4.92
C LEU A 126 -8.97 3.13 -4.41
N ILE A 127 -8.02 3.91 -3.92
CA ILE A 127 -8.29 5.26 -3.42
C ILE A 127 -8.84 6.14 -4.55
N GLU A 128 -8.21 6.08 -5.72
CA GLU A 128 -8.62 6.90 -6.86
C GLU A 128 -10.09 6.65 -7.21
N GLU A 129 -10.42 5.40 -7.53
CA GLU A 129 -11.77 5.11 -7.95
C GLU A 129 -12.78 5.16 -6.81
N ALA A 130 -12.30 4.97 -5.58
CA ALA A 130 -13.16 5.13 -4.41
C ALA A 130 -13.60 6.59 -4.29
N LYS A 131 -12.67 7.50 -4.51
CA LYS A 131 -12.96 8.93 -4.50
C LYS A 131 -13.96 9.26 -5.60
N LYS A 132 -13.81 8.60 -6.74
CA LYS A 132 -14.74 8.78 -7.86
C LYS A 132 -16.10 8.17 -7.51
N ALA A 133 -16.08 7.04 -6.83
CA ALA A 133 -17.30 6.37 -6.41
C ALA A 133 -18.00 7.13 -5.30
N SER A 134 -17.27 8.03 -4.64
CA SER A 134 -17.86 8.91 -3.65
C SER A 134 -18.81 9.90 -4.32
N GLY A 135 -18.53 10.18 -5.59
CA GLY A 135 -19.41 11.03 -6.36
C GLY A 135 -20.56 10.23 -6.97
N HIS A 136 -20.23 9.04 -7.48
CA HIS A 136 -21.23 8.17 -8.06
C HIS A 136 -21.26 6.79 -7.38
N PRO A 137 -21.91 6.69 -6.21
CA PRO A 137 -22.03 5.43 -5.48
C PRO A 137 -22.99 4.47 -6.18
N GLY A 138 -23.96 5.04 -6.86
CA GLY A 138 -24.97 4.24 -7.53
C GLY A 138 -24.55 3.89 -8.94
N ASP A 139 -23.42 3.24 -9.06
CA ASP A 139 -22.89 2.83 -10.36
C ASP A 139 -22.48 1.37 -10.31
N PRO A 140 -23.08 0.53 -11.16
CA PRO A 140 -22.85 -0.92 -11.17
C PRO A 140 -21.37 -1.28 -11.37
N GLU A 141 -20.70 -0.55 -12.25
CA GLU A 141 -19.32 -0.84 -12.57
C GLU A 141 -18.40 -0.44 -11.43
N SER A 142 -18.71 0.68 -10.81
CA SER A 142 -17.91 1.19 -9.70
C SER A 142 -17.93 0.23 -8.52
N GLN A 143 -19.13 -0.22 -8.12
CA GLN A 143 -19.25 -1.12 -6.98
C GLN A 143 -18.58 -2.46 -7.29
N GLN A 144 -18.67 -2.89 -8.55
CA GLN A 144 -17.99 -4.07 -9.01
C GLN A 144 -16.49 -3.95 -8.82
N ARG A 145 -15.95 -2.83 -9.28
CA ARG A 145 -14.52 -2.59 -9.21
C ARG A 145 -14.04 -2.42 -7.78
N LEU A 146 -14.78 -1.66 -6.98
CA LEU A 146 -14.41 -1.42 -5.58
C LEU A 146 -14.16 -2.73 -4.85
N ALA A 147 -15.03 -3.70 -5.09
CA ALA A 147 -14.89 -5.01 -4.46
C ALA A 147 -13.65 -5.73 -4.98
N GLN A 148 -13.41 -5.60 -6.27
CA GLN A 148 -12.34 -6.33 -6.93
C GLN A 148 -10.97 -5.70 -6.65
N VAL A 149 -10.92 -4.38 -6.63
CA VAL A 149 -9.66 -3.67 -6.41
C VAL A 149 -9.20 -3.81 -4.96
N ALA A 150 -10.17 -3.91 -4.04
CA ALA A 150 -9.86 -4.15 -2.63
C ALA A 150 -9.20 -5.52 -2.48
N LYS A 151 -9.71 -6.48 -3.24
CA LYS A 151 -9.17 -7.84 -3.24
C LYS A 151 -7.82 -7.89 -3.95
N ALA A 152 -7.60 -6.95 -4.87
CA ALA A 152 -6.32 -6.84 -5.57
C ALA A 152 -5.20 -6.52 -4.58
N VAL A 153 -5.46 -5.56 -3.70
CA VAL A 153 -4.51 -5.21 -2.64
C VAL A 153 -4.37 -6.38 -1.68
N THR A 154 -5.49 -7.04 -1.41
CA THR A 154 -5.54 -8.21 -0.55
C THR A 154 -4.54 -9.29 -1.00
N GLN A 155 -4.54 -9.59 -2.29
CA GLN A 155 -3.68 -10.61 -2.85
C GLN A 155 -2.24 -10.10 -2.99
N ALA A 156 -2.09 -8.82 -3.33
CA ALA A 156 -0.78 -8.20 -3.47
C ALA A 156 0.00 -8.30 -2.16
N LEU A 157 -0.69 -8.05 -1.06
CA LEU A 157 -0.09 -8.14 0.27
C LEU A 157 0.48 -9.54 0.53
N ASN A 158 -0.36 -10.54 0.32
CA ASN A 158 0.05 -11.93 0.54
C ASN A 158 1.19 -12.31 -0.40
N ARG A 159 1.12 -11.82 -1.62
CA ARG A 159 2.11 -12.10 -2.64
C ARG A 159 3.46 -11.49 -2.27
N CYS A 160 3.42 -10.36 -1.57
CA CYS A 160 4.63 -9.65 -1.20
C CYS A 160 5.36 -10.42 -0.11
N VAL A 161 4.64 -10.79 0.92
CA VAL A 161 5.21 -11.53 2.03
C VAL A 161 5.63 -12.94 1.58
N SER A 162 5.03 -13.41 0.49
CA SER A 162 5.37 -14.71 -0.08
C SER A 162 6.70 -14.63 -0.83
N CYS A 163 7.02 -13.44 -1.34
CA CYS A 163 8.25 -13.24 -2.09
C CYS A 163 9.43 -12.97 -1.17
N LEU A 164 9.17 -12.92 0.13
CA LEU A 164 10.23 -12.79 1.11
C LEU A 164 11.08 -14.06 1.13
N PRO A 165 12.40 -13.91 1.05
CA PRO A 165 13.32 -15.05 1.08
C PRO A 165 13.16 -15.90 2.34
N GLY A 166 12.61 -17.09 2.18
CA GLY A 166 12.45 -17.99 3.30
C GLY A 166 13.71 -18.80 3.53
N GLN A 167 14.47 -18.98 2.47
CA GLN A 167 15.74 -19.67 2.55
C GLN A 167 16.85 -18.66 2.83
N ARG A 168 17.45 -18.80 4.00
CA ARG A 168 18.52 -17.90 4.40
C ARG A 168 19.88 -18.56 4.18
N GLY A 1 -16.34 17.56 10.91
CA GLY A 1 -16.24 18.53 12.03
C GLY A 1 -16.92 19.85 11.71
N ILE A 2 -17.28 20.59 12.74
CA ILE A 2 -17.96 21.87 12.56
C ILE A 2 -17.26 22.97 13.37
N ASP A 3 -16.68 22.60 14.51
CA ASP A 3 -15.97 23.58 15.33
C ASP A 3 -14.67 24.01 14.65
N PRO A 4 -13.78 23.06 14.29
CA PRO A 4 -12.63 23.34 13.45
C PRO A 4 -12.93 23.03 11.99
N PHE A 5 -13.11 24.07 11.18
CA PHE A 5 -13.47 23.87 9.79
C PHE A 5 -12.21 23.67 8.96
N THR A 6 -11.65 22.50 9.13
CA THR A 6 -10.47 22.10 8.40
C THR A 6 -10.46 20.59 8.26
N GLY A 7 -11.08 20.13 7.18
CA GLY A 7 -11.15 18.71 6.92
C GLY A 7 -10.66 18.38 5.52
N PRO A 8 -9.38 18.03 5.38
CA PRO A 8 -8.79 17.68 4.08
C PRO A 8 -9.49 16.51 3.43
N LEU A 9 -9.40 16.43 2.11
CA LEU A 9 -9.98 15.33 1.36
C LEU A 9 -9.15 14.08 1.59
N GLU A 10 -9.58 13.26 2.53
CA GLU A 10 -8.82 12.09 2.97
C GLU A 10 -8.40 11.21 1.81
N MET A 11 -9.32 10.90 0.90
CA MET A 11 -9.02 10.00 -0.20
C MET A 11 -8.13 10.69 -1.22
N ASP A 12 -8.40 11.96 -1.49
CA ASP A 12 -7.62 12.72 -2.44
C ASP A 12 -6.18 12.87 -1.96
N SER A 13 -6.03 13.20 -0.67
CA SER A 13 -4.72 13.38 -0.08
C SER A 13 -4.00 12.05 0.09
N ALA A 14 -4.76 10.98 0.34
CA ALA A 14 -4.19 9.64 0.44
C ALA A 14 -3.57 9.25 -0.88
N LEU A 15 -4.22 9.62 -1.97
CA LEU A 15 -3.71 9.37 -3.31
C LEU A 15 -2.41 10.13 -3.53
N SER A 16 -2.37 11.38 -3.05
CA SER A 16 -1.15 12.17 -3.12
C SER A 16 -0.02 11.47 -2.36
N VAL A 17 -0.34 10.92 -1.19
CA VAL A 17 0.63 10.17 -0.41
C VAL A 17 1.15 8.97 -1.18
N VAL A 18 0.23 8.13 -1.65
CA VAL A 18 0.59 6.89 -2.32
C VAL A 18 1.35 7.16 -3.64
N GLN A 19 0.97 8.23 -4.32
CA GLN A 19 1.63 8.59 -5.58
C GLN A 19 3.04 9.09 -5.35
N ASN A 20 3.29 9.66 -4.18
CA ASN A 20 4.65 10.05 -3.80
C ASN A 20 5.43 8.82 -3.38
N LEU A 21 4.75 7.89 -2.72
CA LEU A 21 5.37 6.64 -2.27
C LEU A 21 5.86 5.81 -3.45
N GLU A 22 5.03 5.69 -4.48
CA GLU A 22 5.39 4.91 -5.65
C GLU A 22 6.61 5.51 -6.37
N LYS A 23 6.75 6.84 -6.30
CA LYS A 23 7.93 7.49 -6.86
C LYS A 23 9.17 7.01 -6.13
N ASP A 24 9.14 7.10 -4.81
CA ASP A 24 10.25 6.68 -3.96
C ASP A 24 10.59 5.22 -4.18
N LEU A 25 9.58 4.37 -4.19
CA LEU A 25 9.82 2.94 -4.32
C LEU A 25 10.48 2.60 -5.65
N GLN A 26 10.06 3.28 -6.71
CA GLN A 26 10.68 3.08 -8.03
C GLN A 26 12.14 3.48 -8.00
N GLU A 27 12.44 4.58 -7.33
CA GLU A 27 13.81 5.05 -7.18
C GLU A 27 14.64 4.03 -6.41
N ILE A 28 14.04 3.46 -5.36
CA ILE A 28 14.70 2.45 -4.54
C ILE A 28 14.91 1.16 -5.34
N LYS A 29 13.94 0.82 -6.18
CA LYS A 29 14.06 -0.36 -7.03
C LYS A 29 15.27 -0.21 -7.95
N ALA A 30 15.38 0.96 -8.57
CA ALA A 30 16.51 1.28 -9.42
C ALA A 30 17.79 1.31 -8.60
N ALA A 31 17.69 1.79 -7.37
CA ALA A 31 18.83 1.86 -6.47
C ALA A 31 19.36 0.46 -6.17
N ALA A 32 18.47 -0.45 -5.79
CA ALA A 32 18.86 -1.82 -5.51
C ALA A 32 19.49 -2.49 -6.73
N ARG A 33 18.84 -2.30 -7.87
CA ARG A 33 19.33 -2.85 -9.14
C ARG A 33 20.71 -2.29 -9.48
N ASP A 34 20.87 -0.98 -9.31
CA ASP A 34 22.12 -0.31 -9.64
C ASP A 34 23.20 -0.59 -8.59
N GLY A 35 22.75 -0.96 -7.40
CA GLY A 35 23.68 -1.26 -6.31
C GLY A 35 23.91 -0.06 -5.42
N LYS A 36 22.90 0.78 -5.31
CA LYS A 36 23.00 2.00 -4.51
C LYS A 36 22.02 1.94 -3.33
N LEU A 37 21.52 0.75 -3.05
CA LEU A 37 20.61 0.55 -1.94
C LEU A 37 21.36 0.70 -0.63
N LYS A 38 20.69 1.23 0.40
CA LYS A 38 21.31 1.42 1.70
C LYS A 38 21.45 0.09 2.42
N PRO A 39 22.68 -0.44 2.54
CA PRO A 39 22.93 -1.74 3.14
C PRO A 39 23.13 -1.68 4.64
N LEU A 40 22.81 -0.52 5.23
CA LEU A 40 22.97 -0.33 6.66
C LEU A 40 21.93 -1.14 7.42
N PRO A 41 22.38 -2.13 8.20
CA PRO A 41 21.50 -3.01 8.95
C PRO A 41 21.07 -2.37 10.27
N GLY A 42 19.80 -2.11 10.41
CA GLY A 42 19.26 -1.67 11.68
C GLY A 42 18.58 -2.81 12.38
N GLU A 43 17.30 -3.00 12.10
CA GLU A 43 16.56 -4.16 12.58
C GLU A 43 16.91 -5.37 11.71
N THR A 44 16.76 -6.56 12.26
CA THR A 44 17.04 -7.79 11.53
C THR A 44 15.94 -8.07 10.51
N MET A 45 16.17 -9.01 9.62
CA MET A 45 15.18 -9.38 8.61
C MET A 45 13.94 -9.96 9.30
N GLU A 46 14.17 -10.61 10.44
CA GLU A 46 13.09 -11.17 11.24
C GLU A 46 12.13 -10.07 11.67
N LYS A 47 12.67 -8.89 11.95
CA LYS A 47 11.86 -7.74 12.29
C LYS A 47 11.08 -7.26 11.07
N CYS A 48 11.78 -7.19 9.94
CA CYS A 48 11.18 -6.69 8.70
C CYS A 48 10.10 -7.64 8.18
N THR A 49 10.31 -8.93 8.30
CA THR A 49 9.31 -9.91 7.86
C THR A 49 8.08 -9.84 8.75
N GLN A 50 8.30 -9.66 10.05
CA GLN A 50 7.21 -9.53 11.00
C GLN A 50 6.45 -8.24 10.75
N ASP A 51 7.21 -7.15 10.62
CA ASP A 51 6.63 -5.84 10.36
C ASP A 51 5.88 -5.83 9.05
N LEU A 52 6.40 -6.56 8.07
CA LEU A 52 5.76 -6.68 6.77
C LEU A 52 4.39 -7.31 6.92
N GLY A 53 4.34 -8.48 7.57
CA GLY A 53 3.08 -9.18 7.78
C GLY A 53 2.07 -8.34 8.55
N ASN A 54 2.55 -7.65 9.59
CA ASN A 54 1.68 -6.79 10.39
C ASN A 54 1.17 -5.61 9.57
N SER A 55 2.06 -4.97 8.82
CA SER A 55 1.66 -3.87 7.96
C SER A 55 0.71 -4.34 6.86
N THR A 56 0.89 -5.59 6.44
CA THR A 56 0.01 -6.20 5.45
C THR A 56 -1.43 -6.22 5.93
N LYS A 57 -1.65 -6.83 7.10
CA LYS A 57 -3.00 -6.93 7.65
C LYS A 57 -3.53 -5.56 8.05
N ALA A 58 -2.63 -4.70 8.49
CA ALA A 58 -2.98 -3.33 8.87
C ALA A 58 -3.71 -2.60 7.75
N VAL A 59 -3.05 -2.44 6.60
CA VAL A 59 -3.65 -1.74 5.48
C VAL A 59 -4.75 -2.59 4.82
N SER A 60 -4.67 -3.90 4.99
CA SER A 60 -5.71 -4.79 4.50
C SER A 60 -7.01 -4.55 5.28
N SER A 61 -6.87 -4.23 6.56
CA SER A 61 -8.01 -3.89 7.39
C SER A 61 -8.51 -2.49 7.04
N ALA A 62 -7.61 -1.67 6.51
CA ALA A 62 -7.96 -0.33 6.08
C ALA A 62 -8.81 -0.37 4.81
N ILE A 63 -8.35 -1.12 3.81
CA ILE A 63 -9.08 -1.25 2.55
C ILE A 63 -10.43 -1.93 2.79
N ALA A 64 -10.51 -2.72 3.87
CA ALA A 64 -11.75 -3.37 4.24
C ALA A 64 -12.82 -2.33 4.62
N LYS A 65 -12.39 -1.30 5.35
CA LYS A 65 -13.29 -0.22 5.75
C LYS A 65 -13.57 0.69 4.57
N LEU A 66 -12.54 0.91 3.77
CA LEU A 66 -12.62 1.79 2.60
C LEU A 66 -13.57 1.20 1.55
N LEU A 67 -13.65 -0.12 1.56
CA LEU A 67 -14.46 -0.86 0.59
C LEU A 67 -15.95 -0.59 0.79
N GLY A 68 -16.51 0.24 -0.09
CA GLY A 68 -17.95 0.38 -0.16
C GLY A 68 -18.46 1.76 0.19
N GLU A 69 -17.96 2.34 1.28
CA GLU A 69 -18.55 3.54 1.87
C GLU A 69 -20.02 3.29 2.18
N ILE A 70 -20.28 2.57 3.26
CA ILE A 70 -21.63 2.14 3.60
C ILE A 70 -21.98 2.53 5.02
N ALA A 71 -23.20 2.16 5.44
CA ALA A 71 -23.72 2.47 6.77
C ALA A 71 -23.89 3.97 6.99
N GLN A 72 -24.46 4.34 8.12
CA GLN A 72 -24.58 5.75 8.48
C GLN A 72 -23.30 6.21 9.15
N GLY A 73 -22.65 7.18 8.53
CA GLY A 73 -21.34 7.59 8.98
C GLY A 73 -20.26 7.13 8.01
N ASN A 74 -20.66 6.90 6.76
CA ASN A 74 -19.73 6.47 5.73
C ASN A 74 -18.71 7.55 5.45
N GLU A 75 -19.10 8.81 5.63
CA GLU A 75 -18.19 9.94 5.47
C GLU A 75 -17.03 9.82 6.47
N ASN A 76 -17.30 9.22 7.62
CA ASN A 76 -16.31 9.05 8.66
C ASN A 76 -15.36 7.92 8.29
N TYR A 77 -15.93 6.76 7.99
CA TYR A 77 -15.15 5.58 7.64
C TYR A 77 -14.31 5.82 6.39
N ALA A 78 -14.89 6.51 5.42
CA ALA A 78 -14.19 6.84 4.19
C ALA A 78 -12.91 7.60 4.47
N GLY A 79 -13.01 8.55 5.38
CA GLY A 79 -11.85 9.35 5.75
C GLY A 79 -10.85 8.57 6.55
N ILE A 80 -11.32 7.91 7.60
CA ILE A 80 -10.46 7.14 8.49
C ILE A 80 -9.70 6.07 7.72
N ALA A 81 -10.40 5.34 6.85
CA ALA A 81 -9.78 4.26 6.09
C ALA A 81 -8.77 4.78 5.08
N ALA A 82 -9.11 5.87 4.40
CA ALA A 82 -8.21 6.45 3.41
C ALA A 82 -6.96 7.03 4.07
N ARG A 83 -7.13 7.53 5.28
CA ARG A 83 -6.01 8.05 6.05
C ARG A 83 -5.12 6.90 6.53
N ASP A 84 -5.76 5.76 6.81
CA ASP A 84 -5.06 4.61 7.36
C ASP A 84 -4.29 3.85 6.28
N VAL A 85 -4.86 3.73 5.08
CA VAL A 85 -4.17 3.08 3.98
C VAL A 85 -2.86 3.79 3.67
N ALA A 86 -2.88 5.11 3.75
CA ALA A 86 -1.70 5.91 3.47
C ALA A 86 -0.57 5.56 4.44
N GLY A 87 -0.93 5.32 5.69
CA GLY A 87 0.05 4.96 6.69
C GLY A 87 0.54 3.53 6.53
N GLY A 88 -0.40 2.62 6.27
CA GLY A 88 -0.07 1.22 6.10
C GLY A 88 0.86 0.98 4.93
N LEU A 89 0.64 1.69 3.84
CA LEU A 89 1.43 1.51 2.63
C LEU A 89 2.86 2.01 2.84
N ARG A 90 3.01 3.00 3.72
CA ARG A 90 4.34 3.50 4.07
C ARG A 90 5.14 2.40 4.77
N SER A 91 4.58 1.91 5.86
CA SER A 91 5.21 0.87 6.65
C SER A 91 5.52 -0.38 5.82
N LEU A 92 4.58 -0.74 4.95
CA LEU A 92 4.73 -1.88 4.06
C LEU A 92 5.97 -1.69 3.18
N ALA A 93 6.08 -0.51 2.58
CA ALA A 93 7.20 -0.18 1.72
C ALA A 93 8.52 -0.19 2.48
N GLN A 94 8.51 0.37 3.68
CA GLN A 94 9.70 0.47 4.51
C GLN A 94 10.24 -0.91 4.87
N ALA A 95 9.33 -1.81 5.26
CA ALA A 95 9.71 -3.16 5.64
C ALA A 95 10.34 -3.92 4.47
N ALA A 96 9.69 -3.85 3.32
CA ALA A 96 10.15 -4.54 2.13
C ALA A 96 11.51 -4.00 1.68
N ARG A 97 11.70 -2.70 1.80
CA ARG A 97 12.95 -2.07 1.40
C ARG A 97 14.10 -2.52 2.30
N GLY A 98 13.79 -2.70 3.58
CA GLY A 98 14.78 -3.19 4.52
C GLY A 98 15.21 -4.61 4.19
N VAL A 99 14.23 -5.44 3.82
CA VAL A 99 14.49 -6.84 3.47
C VAL A 99 15.51 -6.94 2.34
N ALA A 100 15.33 -6.12 1.31
CA ALA A 100 16.20 -6.14 0.13
C ALA A 100 17.66 -5.88 0.49
N ALA A 101 17.88 -4.92 1.37
CA ALA A 101 19.23 -4.57 1.80
C ALA A 101 19.83 -5.66 2.66
N LEU A 102 19.02 -6.18 3.58
CA LEU A 102 19.48 -7.18 4.54
C LEU A 102 19.81 -8.51 3.86
N THR A 103 19.03 -8.88 2.87
CA THR A 103 19.27 -10.13 2.15
C THR A 103 20.56 -10.04 1.34
N SER A 104 20.80 -8.86 0.74
CA SER A 104 22.03 -8.59 -0.02
C SER A 104 22.20 -9.53 -1.21
N ASP A 105 21.14 -10.25 -1.59
CA ASP A 105 21.18 -11.14 -2.74
C ASP A 105 20.66 -10.42 -3.97
N PRO A 106 21.51 -10.23 -4.99
CA PRO A 106 21.16 -9.51 -6.22
C PRO A 106 20.21 -10.32 -7.11
N ALA A 107 19.00 -10.48 -6.63
CA ALA A 107 17.93 -11.17 -7.35
C ALA A 107 16.61 -10.98 -6.63
N VAL A 108 16.61 -11.33 -5.35
CA VAL A 108 15.44 -11.16 -4.51
C VAL A 108 15.23 -9.68 -4.17
N GLN A 109 16.30 -8.89 -4.25
CA GLN A 109 16.21 -7.46 -3.99
C GLN A 109 15.16 -6.83 -4.90
N ALA A 110 15.28 -7.07 -6.20
CA ALA A 110 14.33 -6.55 -7.16
C ALA A 110 12.95 -7.13 -6.94
N ILE A 111 12.90 -8.37 -6.43
CA ILE A 111 11.65 -9.09 -6.26
C ILE A 111 10.85 -8.57 -5.05
N VAL A 112 11.53 -8.35 -3.93
CA VAL A 112 10.87 -7.87 -2.72
C VAL A 112 10.40 -6.42 -2.89
N LEU A 113 11.14 -5.66 -3.69
CA LEU A 113 10.77 -4.28 -3.94
C LEU A 113 9.64 -4.22 -4.95
N ASP A 114 9.74 -5.06 -5.95
CA ASP A 114 8.70 -5.20 -6.98
C ASP A 114 7.34 -5.47 -6.37
N THR A 115 7.26 -6.46 -5.48
CA THR A 115 6.00 -6.85 -4.88
C THR A 115 5.37 -5.70 -4.09
N ALA A 116 6.17 -5.06 -3.25
CA ALA A 116 5.69 -3.92 -2.46
C ALA A 116 5.22 -2.77 -3.35
N SER A 117 5.84 -2.65 -4.51
CA SER A 117 5.49 -1.59 -5.45
C SER A 117 4.25 -1.99 -6.23
N ASP A 118 4.02 -3.29 -6.37
CA ASP A 118 2.82 -3.79 -7.02
C ASP A 118 1.62 -3.55 -6.12
N VAL A 119 1.87 -3.62 -4.82
CA VAL A 119 0.83 -3.33 -3.82
C VAL A 119 0.26 -1.94 -4.02
N LEU A 120 1.11 -0.93 -3.92
CA LEU A 120 0.67 0.45 -4.04
C LEU A 120 0.15 0.75 -5.45
N ASP A 121 0.69 0.07 -6.45
CA ASP A 121 0.22 0.24 -7.83
C ASP A 121 -1.30 0.12 -7.91
N LYS A 122 -1.82 -0.98 -7.38
CA LYS A 122 -3.27 -1.18 -7.35
C LYS A 122 -3.90 -0.36 -6.24
N ALA A 123 -3.14 -0.10 -5.17
CA ALA A 123 -3.63 0.69 -4.05
C ALA A 123 -3.94 2.12 -4.49
N SER A 124 -3.08 2.69 -5.32
CA SER A 124 -3.31 3.99 -5.90
C SER A 124 -4.63 4.00 -6.67
N SER A 125 -4.83 2.97 -7.49
CA SER A 125 -6.06 2.85 -8.27
C SER A 125 -7.25 2.53 -7.35
N LEU A 126 -6.98 1.86 -6.24
CA LEU A 126 -7.99 1.59 -5.23
C LEU A 126 -8.49 2.92 -4.67
N ILE A 127 -7.55 3.79 -4.35
CA ILE A 127 -7.88 5.11 -3.83
C ILE A 127 -8.53 5.96 -4.92
N GLU A 128 -8.03 5.89 -6.15
CA GLU A 128 -8.63 6.61 -7.27
C GLU A 128 -10.05 6.15 -7.49
N GLU A 129 -10.23 4.83 -7.56
CA GLU A 129 -11.56 4.24 -7.74
C GLU A 129 -12.51 4.66 -6.62
N ALA A 130 -12.01 4.61 -5.38
CA ALA A 130 -12.81 5.00 -4.21
C ALA A 130 -13.15 6.48 -4.26
N LYS A 131 -12.14 7.31 -4.53
CA LYS A 131 -12.33 8.76 -4.62
C LYS A 131 -13.35 9.10 -5.70
N LYS A 132 -13.35 8.31 -6.77
CA LYS A 132 -14.29 8.47 -7.84
C LYS A 132 -15.67 7.97 -7.42
N ALA A 133 -15.68 6.89 -6.65
CA ALA A 133 -16.93 6.29 -6.16
C ALA A 133 -17.70 7.28 -5.29
N SER A 134 -16.96 8.09 -4.54
CA SER A 134 -17.56 9.13 -3.72
C SER A 134 -18.34 10.14 -4.58
N GLY A 135 -18.00 10.21 -5.86
CA GLY A 135 -18.65 11.13 -6.76
C GLY A 135 -19.69 10.45 -7.62
N HIS A 136 -20.08 9.24 -7.24
CA HIS A 136 -21.13 8.53 -7.95
C HIS A 136 -22.47 8.73 -7.27
N PRO A 137 -23.56 8.76 -8.05
CA PRO A 137 -24.91 8.91 -7.49
C PRO A 137 -25.48 7.61 -6.93
N GLY A 138 -24.70 6.56 -7.05
CA GLY A 138 -25.14 5.25 -6.59
C GLY A 138 -24.93 4.19 -7.63
N ASP A 139 -23.67 3.93 -7.96
CA ASP A 139 -23.34 2.94 -8.98
C ASP A 139 -22.98 1.60 -8.35
N PRO A 140 -23.68 0.53 -8.73
CA PRO A 140 -23.38 -0.82 -8.25
C PRO A 140 -22.01 -1.28 -8.70
N GLU A 141 -21.58 -0.75 -9.85
CA GLU A 141 -20.29 -1.11 -10.42
C GLU A 141 -19.15 -0.59 -9.55
N SER A 142 -19.39 0.51 -8.85
CA SER A 142 -18.37 1.13 -8.02
C SER A 142 -17.97 0.21 -6.86
N GLN A 143 -18.95 -0.41 -6.21
CA GLN A 143 -18.66 -1.30 -5.10
C GLN A 143 -18.07 -2.61 -5.61
N GLN A 144 -18.37 -2.95 -6.86
CA GLN A 144 -17.77 -4.12 -7.49
C GLN A 144 -16.30 -3.84 -7.76
N ARG A 145 -16.04 -2.73 -8.46
CA ARG A 145 -14.68 -2.29 -8.77
C ARG A 145 -13.85 -2.15 -7.50
N LEU A 146 -14.43 -1.53 -6.48
CA LEU A 146 -13.78 -1.38 -5.18
C LEU A 146 -13.32 -2.73 -4.65
N ALA A 147 -14.19 -3.73 -4.74
CA ALA A 147 -13.89 -5.06 -4.23
C ALA A 147 -12.78 -5.72 -5.05
N GLN A 148 -12.87 -5.57 -6.37
CA GLN A 148 -11.90 -6.17 -7.27
C GLN A 148 -10.50 -5.63 -7.01
N VAL A 149 -10.39 -4.31 -6.93
CA VAL A 149 -9.10 -3.68 -6.74
C VAL A 149 -8.57 -3.89 -5.31
N ALA A 150 -9.49 -3.93 -4.34
CA ALA A 150 -9.12 -4.21 -2.96
C ALA A 150 -8.52 -5.61 -2.85
N LYS A 151 -9.17 -6.56 -3.51
CA LYS A 151 -8.71 -7.95 -3.54
C LYS A 151 -7.35 -8.04 -4.25
N ALA A 152 -7.19 -7.25 -5.30
CA ALA A 152 -5.93 -7.21 -6.04
C ALA A 152 -4.79 -6.76 -5.14
N VAL A 153 -5.02 -5.69 -4.38
CA VAL A 153 -4.03 -5.20 -3.42
C VAL A 153 -3.74 -6.27 -2.37
N THR A 154 -4.78 -6.98 -1.95
CA THR A 154 -4.65 -8.04 -0.97
C THR A 154 -3.71 -9.14 -1.49
N GLN A 155 -3.84 -9.49 -2.76
CA GLN A 155 -3.00 -10.51 -3.36
C GLN A 155 -1.58 -10.00 -3.58
N ALA A 156 -1.46 -8.71 -3.86
CA ALA A 156 -0.15 -8.09 -3.99
C ALA A 156 0.61 -8.18 -2.66
N LEU A 157 -0.08 -7.86 -1.58
CA LEU A 157 0.47 -8.00 -0.22
C LEU A 157 0.85 -9.44 0.06
N ASN A 158 -0.02 -10.37 -0.31
CA ASN A 158 0.25 -11.79 -0.13
C ASN A 158 1.52 -12.20 -0.88
N ARG A 159 1.73 -11.62 -2.05
CA ARG A 159 2.91 -11.94 -2.85
C ARG A 159 4.17 -11.37 -2.19
N CYS A 160 4.00 -10.32 -1.39
CA CYS A 160 5.11 -9.68 -0.72
C CYS A 160 5.63 -10.59 0.38
N VAL A 161 4.71 -11.07 1.20
CA VAL A 161 5.07 -11.94 2.32
C VAL A 161 5.49 -13.32 1.82
N SER A 162 5.04 -13.68 0.62
CA SER A 162 5.36 -14.97 0.03
C SER A 162 6.77 -14.97 -0.55
N CYS A 163 7.21 -13.82 -1.07
CA CYS A 163 8.50 -13.74 -1.73
C CYS A 163 9.63 -13.54 -0.72
N LEU A 164 9.27 -13.43 0.55
CA LEU A 164 10.26 -13.22 1.61
C LEU A 164 11.30 -14.33 1.63
N PRO A 165 12.59 -13.95 1.56
CA PRO A 165 13.70 -14.91 1.60
C PRO A 165 13.94 -15.45 3.00
N GLY A 166 14.69 -16.53 3.07
CA GLY A 166 14.97 -17.16 4.36
C GLY A 166 15.76 -18.44 4.19
N GLN A 167 16.77 -18.37 3.31
CA GLN A 167 17.59 -19.52 2.96
C GLN A 167 16.72 -20.64 2.41
N ARG A 168 16.41 -20.54 1.12
CA ARG A 168 15.60 -21.54 0.43
C ARG A 168 16.23 -21.87 -0.91
N GLY A 1 -19.85 21.30 4.15
CA GLY A 1 -19.01 22.52 4.18
C GLY A 1 -17.68 22.26 4.86
N ILE A 2 -16.97 23.34 5.17
CA ILE A 2 -15.68 23.22 5.84
C ILE A 2 -15.84 23.47 7.34
N ASP A 3 -16.07 22.39 8.07
CA ASP A 3 -16.16 22.44 9.52
C ASP A 3 -15.66 21.12 10.10
N PRO A 4 -16.25 19.97 9.71
CA PRO A 4 -15.71 18.66 10.05
C PRO A 4 -14.82 18.14 8.92
N PHE A 5 -14.16 17.02 9.13
CA PHE A 5 -13.28 16.45 8.12
C PHE A 5 -14.05 15.53 7.18
N THR A 6 -15.36 15.66 7.19
CA THR A 6 -16.24 14.84 6.37
C THR A 6 -16.53 15.51 5.03
N GLY A 7 -16.00 16.72 4.86
CA GLY A 7 -16.24 17.47 3.64
C GLY A 7 -15.18 17.22 2.58
N PRO A 8 -13.94 17.69 2.81
CA PRO A 8 -12.83 17.51 1.86
C PRO A 8 -12.46 16.03 1.69
N LEU A 9 -12.02 15.68 0.49
CA LEU A 9 -11.64 14.30 0.19
C LEU A 9 -10.28 13.96 0.78
N GLU A 10 -10.29 13.42 1.99
CA GLU A 10 -9.07 13.00 2.66
C GLU A 10 -8.39 11.88 1.87
N MET A 11 -9.17 11.20 1.05
CA MET A 11 -8.66 10.17 0.15
C MET A 11 -7.57 10.73 -0.74
N ASP A 12 -7.79 11.94 -1.23
CA ASP A 12 -6.86 12.56 -2.19
C ASP A 12 -5.54 12.89 -1.52
N SER A 13 -5.61 13.42 -0.31
CA SER A 13 -4.42 13.77 0.44
C SER A 13 -3.66 12.52 0.89
N ALA A 14 -4.40 11.48 1.25
CA ALA A 14 -3.79 10.19 1.58
C ALA A 14 -3.14 9.58 0.36
N LEU A 15 -3.81 9.70 -0.78
CA LEU A 15 -3.27 9.25 -2.06
C LEU A 15 -1.97 9.97 -2.38
N SER A 16 -1.90 11.22 -1.97
CA SER A 16 -0.74 12.06 -2.25
C SER A 16 0.53 11.50 -1.61
N VAL A 17 0.43 11.01 -0.38
CA VAL A 17 1.58 10.46 0.30
C VAL A 17 1.96 9.10 -0.30
N VAL A 18 0.98 8.45 -0.91
CA VAL A 18 1.21 7.19 -1.61
C VAL A 18 1.99 7.43 -2.90
N GLN A 19 1.63 8.49 -3.60
CA GLN A 19 2.30 8.85 -4.85
C GLN A 19 3.78 9.16 -4.62
N ASN A 20 4.10 9.63 -3.43
CA ASN A 20 5.50 9.89 -3.08
C ASN A 20 6.22 8.57 -2.79
N LEU A 21 5.50 7.62 -2.19
CA LEU A 21 6.06 6.33 -1.85
C LEU A 21 6.40 5.53 -3.09
N GLU A 22 5.49 5.51 -4.06
CA GLU A 22 5.68 4.76 -5.29
C GLU A 22 6.92 5.25 -6.03
N LYS A 23 7.08 6.56 -6.11
CA LYS A 23 8.20 7.15 -6.83
C LYS A 23 9.52 6.83 -6.16
N ASP A 24 9.52 6.86 -4.83
CA ASP A 24 10.71 6.48 -4.07
C ASP A 24 11.07 5.04 -4.34
N LEU A 25 10.08 4.15 -4.28
CA LEU A 25 10.32 2.73 -4.50
C LEU A 25 10.79 2.45 -5.92
N GLN A 26 10.27 3.21 -6.89
CA GLN A 26 10.69 3.07 -8.29
C GLN A 26 12.18 3.38 -8.45
N GLU A 27 12.64 4.38 -7.71
CA GLU A 27 14.06 4.74 -7.72
C GLU A 27 14.89 3.68 -7.01
N ILE A 28 14.38 3.22 -5.86
CA ILE A 28 15.05 2.18 -5.08
C ILE A 28 15.08 0.86 -5.87
N LYS A 29 14.04 0.63 -6.66
CA LYS A 29 13.96 -0.54 -7.52
C LYS A 29 15.16 -0.60 -8.47
N ALA A 30 15.44 0.52 -9.12
CA ALA A 30 16.55 0.61 -10.06
C ALA A 30 17.88 0.41 -9.32
N ALA A 31 17.97 0.98 -8.12
CA ALA A 31 19.16 0.86 -7.30
C ALA A 31 19.40 -0.60 -6.91
N ALA A 32 18.31 -1.31 -6.62
CA ALA A 32 18.38 -2.72 -6.27
C ALA A 32 18.67 -3.58 -7.49
N ARG A 33 18.24 -3.09 -8.65
CA ARG A 33 18.48 -3.77 -9.91
C ARG A 33 19.97 -3.79 -10.22
N ASP A 34 20.64 -2.65 -10.00
CA ASP A 34 22.08 -2.58 -10.18
C ASP A 34 22.82 -3.30 -9.06
N GLY A 35 22.26 -3.22 -7.87
CA GLY A 35 22.88 -3.86 -6.72
C GLY A 35 23.45 -2.84 -5.75
N LYS A 36 23.11 -1.58 -5.96
CA LYS A 36 23.57 -0.50 -5.10
C LYS A 36 22.76 -0.45 -3.82
N LEU A 37 21.47 -0.17 -3.98
CA LEU A 37 20.52 -0.09 -2.86
C LEU A 37 20.92 0.92 -1.80
N LYS A 38 20.15 0.95 -0.72
CA LYS A 38 20.40 1.83 0.40
C LYS A 38 20.43 1.01 1.68
N PRO A 39 21.58 0.97 2.37
CA PRO A 39 21.77 0.12 3.56
C PRO A 39 21.05 0.62 4.81
N LEU A 40 19.90 1.25 4.62
CA LEU A 40 19.08 1.70 5.74
C LEU A 40 17.84 0.81 5.87
N PRO A 41 17.94 -0.26 6.65
CA PRO A 41 16.90 -1.27 6.78
C PRO A 41 16.01 -1.06 8.01
N GLY A 42 15.15 -2.03 8.25
CA GLY A 42 14.29 -1.99 9.41
C GLY A 42 14.69 -3.01 10.44
N GLU A 43 15.84 -2.78 11.07
CA GLU A 43 16.38 -3.69 12.08
C GLU A 43 16.74 -5.04 11.44
N THR A 44 16.67 -6.11 12.22
CA THR A 44 16.99 -7.44 11.71
C THR A 44 15.93 -7.94 10.73
N MET A 45 16.36 -8.77 9.78
CA MET A 45 15.48 -9.25 8.71
C MET A 45 14.23 -9.94 9.27
N GLU A 46 14.38 -10.68 10.35
CA GLU A 46 13.25 -11.39 10.94
C GLU A 46 12.19 -10.40 11.42
N LYS A 47 12.64 -9.26 11.92
CA LYS A 47 11.72 -8.22 12.37
C LYS A 47 11.19 -7.42 11.19
N CYS A 48 12.06 -7.15 10.23
CA CYS A 48 11.70 -6.38 9.05
C CYS A 48 10.62 -7.10 8.23
N THR A 49 10.77 -8.43 8.12
CA THR A 49 9.78 -9.24 7.43
C THR A 49 8.50 -9.36 8.25
N GLN A 50 8.65 -9.27 9.57
CA GLN A 50 7.53 -9.37 10.48
C GLN A 50 6.65 -8.12 10.38
N ASP A 51 7.29 -6.95 10.40
CA ASP A 51 6.56 -5.70 10.30
C ASP A 51 5.94 -5.55 8.93
N LEU A 52 6.55 -6.19 7.93
CA LEU A 52 5.96 -6.26 6.59
C LEU A 52 4.59 -6.90 6.67
N GLY A 53 4.53 -8.08 7.30
CA GLY A 53 3.28 -8.80 7.44
C GLY A 53 2.26 -8.02 8.27
N ASN A 54 2.73 -7.41 9.34
CA ASN A 54 1.87 -6.59 10.19
C ASN A 54 1.26 -5.43 9.39
N SER A 55 2.10 -4.75 8.62
CA SER A 55 1.63 -3.66 7.77
C SER A 55 0.67 -4.19 6.71
N THR A 56 0.98 -5.39 6.21
CA THR A 56 0.12 -6.08 5.26
C THR A 56 -1.28 -6.25 5.83
N LYS A 57 -1.36 -6.81 7.03
CA LYS A 57 -2.64 -7.06 7.68
C LYS A 57 -3.34 -5.75 8.03
N ALA A 58 -2.55 -4.75 8.39
CA ALA A 58 -3.08 -3.44 8.75
C ALA A 58 -3.86 -2.82 7.60
N VAL A 59 -3.22 -2.70 6.45
CA VAL A 59 -3.85 -2.10 5.28
C VAL A 59 -4.92 -3.04 4.70
N SER A 60 -4.76 -4.34 4.94
CA SER A 60 -5.76 -5.31 4.52
C SER A 60 -7.08 -5.07 5.26
N SER A 61 -7.00 -4.74 6.54
CA SER A 61 -8.19 -4.43 7.31
C SER A 61 -8.71 -3.04 6.92
N ALA A 62 -7.81 -2.21 6.44
CA ALA A 62 -8.14 -0.84 6.06
C ALA A 62 -8.91 -0.79 4.75
N ILE A 63 -8.43 -1.52 3.75
CA ILE A 63 -9.09 -1.55 2.44
C ILE A 63 -10.47 -2.18 2.55
N ALA A 64 -10.63 -3.06 3.54
CA ALA A 64 -11.92 -3.71 3.80
C ALA A 64 -12.95 -2.68 4.28
N LYS A 65 -12.47 -1.62 4.92
CA LYS A 65 -13.34 -0.57 5.42
C LYS A 65 -13.90 0.25 4.26
N LEU A 66 -13.11 0.38 3.20
CA LEU A 66 -13.51 1.11 2.02
C LEU A 66 -14.62 0.35 1.28
N LEU A 67 -14.65 -0.96 1.46
CA LEU A 67 -15.62 -1.80 0.80
C LEU A 67 -16.98 -1.72 1.49
N GLY A 68 -17.91 -1.02 0.88
CA GLY A 68 -19.26 -0.97 1.41
C GLY A 68 -19.90 0.39 1.24
N GLU A 69 -21.12 0.40 0.71
CA GLU A 69 -21.91 1.62 0.61
C GLU A 69 -22.60 1.89 1.95
N ILE A 70 -22.75 0.83 2.74
CA ILE A 70 -23.37 0.90 4.06
C ILE A 70 -24.83 1.35 3.95
N ALA A 71 -25.06 2.65 4.13
CA ALA A 71 -26.40 3.22 4.14
C ALA A 71 -26.34 4.70 4.47
N GLN A 72 -25.56 5.05 5.49
CA GLN A 72 -25.47 6.42 5.95
C GLN A 72 -24.01 6.85 6.08
N GLY A 73 -23.69 7.94 5.39
CA GLY A 73 -22.38 8.58 5.53
C GLY A 73 -21.21 7.65 5.29
N ASN A 74 -21.29 6.82 4.25
CA ASN A 74 -20.19 5.91 3.92
C ASN A 74 -18.97 6.71 3.48
N GLU A 75 -19.23 7.89 2.92
CA GLU A 75 -18.18 8.81 2.50
C GLU A 75 -17.32 9.24 3.67
N ASN A 76 -17.88 9.17 4.88
CA ASN A 76 -17.17 9.61 6.08
C ASN A 76 -16.22 8.51 6.52
N TYR A 77 -16.74 7.30 6.59
CA TYR A 77 -15.95 6.15 6.97
C TYR A 77 -14.86 5.89 5.95
N ALA A 78 -15.23 5.97 4.68
CA ALA A 78 -14.30 5.78 3.59
C ALA A 78 -13.15 6.79 3.65
N GLY A 79 -13.46 8.01 4.09
CA GLY A 79 -12.43 9.02 4.26
C GLY A 79 -11.44 8.63 5.33
N ILE A 80 -11.95 8.13 6.45
CA ILE A 80 -11.11 7.71 7.56
C ILE A 80 -10.29 6.48 7.18
N ALA A 81 -10.90 5.58 6.42
CA ALA A 81 -10.24 4.36 5.97
C ALA A 81 -9.10 4.67 4.99
N ALA A 82 -9.27 5.73 4.22
CA ALA A 82 -8.24 6.15 3.27
C ALA A 82 -6.98 6.59 3.99
N ARG A 83 -7.15 7.11 5.19
CA ARG A 83 -6.02 7.49 6.03
C ARG A 83 -5.36 6.24 6.62
N ASP A 84 -6.18 5.22 6.83
CA ASP A 84 -5.71 3.98 7.45
C ASP A 84 -4.91 3.15 6.45
N VAL A 85 -5.39 3.09 5.20
CA VAL A 85 -4.66 2.39 4.14
C VAL A 85 -3.30 3.03 3.91
N ALA A 86 -3.27 4.36 3.88
CA ALA A 86 -2.06 5.09 3.60
C ALA A 86 -0.99 4.78 4.64
N GLY A 87 -1.40 4.65 5.89
CA GLY A 87 -0.47 4.32 6.96
C GLY A 87 0.17 2.96 6.75
N GLY A 88 -0.64 1.99 6.37
CA GLY A 88 -0.14 0.65 6.13
C GLY A 88 0.81 0.61 4.95
N LEU A 89 0.52 1.42 3.93
CA LEU A 89 1.34 1.47 2.73
C LEU A 89 2.68 2.13 3.02
N ARG A 90 2.66 3.14 3.87
CA ARG A 90 3.88 3.82 4.30
C ARG A 90 4.80 2.84 5.01
N SER A 91 4.26 2.16 6.01
CA SER A 91 5.00 1.17 6.76
C SER A 91 5.47 0.03 5.85
N LEU A 92 4.64 -0.33 4.87
CA LEU A 92 4.96 -1.39 3.92
C LEU A 92 6.22 -1.04 3.13
N ALA A 93 6.22 0.14 2.53
CA ALA A 93 7.33 0.59 1.69
C ALA A 93 8.64 0.62 2.46
N GLN A 94 8.57 1.03 3.73
CA GLN A 94 9.76 1.11 4.58
C GLN A 94 10.36 -0.27 4.84
N ALA A 95 9.50 -1.22 5.18
CA ALA A 95 9.95 -2.56 5.53
C ALA A 95 10.45 -3.32 4.31
N ALA A 96 9.87 -3.01 3.15
CA ALA A 96 10.26 -3.66 1.91
C ALA A 96 11.71 -3.38 1.55
N ARG A 97 12.07 -2.10 1.48
CA ARG A 97 13.43 -1.71 1.14
C ARG A 97 14.40 -2.10 2.25
N GLY A 98 13.88 -2.23 3.47
CA GLY A 98 14.68 -2.71 4.57
C GLY A 98 15.14 -4.14 4.36
N VAL A 99 14.20 -4.99 3.99
CA VAL A 99 14.49 -6.39 3.67
C VAL A 99 15.53 -6.48 2.55
N ALA A 100 15.35 -5.65 1.53
CA ALA A 100 16.25 -5.62 0.39
C ALA A 100 17.68 -5.26 0.81
N ALA A 101 17.80 -4.25 1.66
CA ALA A 101 19.12 -3.80 2.11
C ALA A 101 19.78 -4.83 3.01
N LEU A 102 18.97 -5.64 3.68
CA LEU A 102 19.48 -6.67 4.58
C LEU A 102 20.00 -7.89 3.82
N THR A 103 19.28 -8.27 2.76
CA THR A 103 19.65 -9.45 2.01
C THR A 103 20.89 -9.22 1.15
N SER A 104 20.94 -8.05 0.49
CA SER A 104 22.06 -7.70 -0.39
C SER A 104 22.25 -8.77 -1.48
N ASP A 105 21.16 -9.41 -1.87
CA ASP A 105 21.19 -10.44 -2.89
C ASP A 105 20.51 -9.94 -4.16
N PRO A 106 21.30 -9.80 -5.25
CA PRO A 106 20.81 -9.26 -6.53
C PRO A 106 19.85 -10.22 -7.25
N ALA A 107 18.69 -10.40 -6.66
CA ALA A 107 17.61 -11.21 -7.21
C ALA A 107 16.37 -11.00 -6.38
N VAL A 108 16.51 -11.19 -5.08
CA VAL A 108 15.39 -10.98 -4.15
C VAL A 108 15.23 -9.49 -3.84
N GLN A 109 16.31 -8.72 -4.03
CA GLN A 109 16.26 -7.28 -3.84
C GLN A 109 15.14 -6.66 -4.66
N ALA A 110 15.18 -6.90 -5.96
CA ALA A 110 14.14 -6.40 -6.86
C ALA A 110 12.80 -7.05 -6.56
N ILE A 111 12.83 -8.28 -6.09
CA ILE A 111 11.63 -9.06 -5.86
C ILE A 111 10.80 -8.50 -4.70
N VAL A 112 11.46 -8.12 -3.61
CA VAL A 112 10.77 -7.58 -2.45
C VAL A 112 10.19 -6.20 -2.73
N LEU A 113 10.90 -5.43 -3.54
CA LEU A 113 10.46 -4.08 -3.88
C LEU A 113 9.35 -4.12 -4.90
N ASP A 114 9.51 -5.01 -5.87
CA ASP A 114 8.54 -5.16 -6.96
C ASP A 114 7.15 -5.45 -6.42
N THR A 115 7.08 -6.36 -5.46
CA THR A 115 5.80 -6.72 -4.87
C THR A 115 5.23 -5.58 -4.03
N ALA A 116 6.10 -4.94 -3.26
CA ALA A 116 5.68 -3.81 -2.42
C ALA A 116 5.17 -2.66 -3.28
N SER A 117 5.85 -2.40 -4.38
CA SER A 117 5.45 -1.34 -5.29
C SER A 117 4.14 -1.70 -5.99
N ASP A 118 3.88 -3.00 -6.14
CA ASP A 118 2.65 -3.46 -6.75
C ASP A 118 1.49 -3.24 -5.80
N VAL A 119 1.76 -3.40 -4.50
CA VAL A 119 0.76 -3.17 -3.46
C VAL A 119 0.17 -1.77 -3.58
N LEU A 120 1.03 -0.77 -3.44
CA LEU A 120 0.59 0.62 -3.49
C LEU A 120 0.10 0.99 -4.89
N ASP A 121 0.65 0.34 -5.92
CA ASP A 121 0.22 0.56 -7.30
C ASP A 121 -1.29 0.32 -7.44
N LYS A 122 -1.74 -0.83 -6.95
CA LYS A 122 -3.16 -1.16 -6.98
C LYS A 122 -3.93 -0.32 -5.96
N ALA A 123 -3.27 -0.02 -4.85
CA ALA A 123 -3.87 0.82 -3.81
C ALA A 123 -4.12 2.24 -4.34
N SER A 124 -3.28 2.68 -5.27
CA SER A 124 -3.44 3.99 -5.89
C SER A 124 -4.77 4.06 -6.63
N SER A 125 -5.01 3.07 -7.50
CA SER A 125 -6.25 3.00 -8.25
C SER A 125 -7.42 2.75 -7.30
N LEU A 126 -7.16 2.04 -6.21
CA LEU A 126 -8.17 1.81 -5.18
C LEU A 126 -8.66 3.15 -4.64
N ILE A 127 -7.72 3.99 -4.22
CA ILE A 127 -8.05 5.29 -3.66
C ILE A 127 -8.65 6.21 -4.71
N GLU A 128 -8.09 6.22 -5.91
CA GLU A 128 -8.61 7.05 -6.99
C GLU A 128 -10.03 6.62 -7.36
N GLU A 129 -10.24 5.32 -7.48
CA GLU A 129 -11.57 4.79 -7.74
C GLU A 129 -12.52 5.14 -6.58
N ALA A 130 -11.98 5.10 -5.36
CA ALA A 130 -12.77 5.42 -4.18
C ALA A 130 -13.21 6.89 -4.18
N LYS A 131 -12.36 7.77 -4.70
CA LYS A 131 -12.71 9.18 -4.84
C LYS A 131 -13.90 9.32 -5.79
N LYS A 132 -13.94 8.47 -6.79
CA LYS A 132 -15.03 8.46 -7.75
C LYS A 132 -16.25 7.78 -7.13
N ALA A 133 -16.00 6.69 -6.40
CA ALA A 133 -17.05 5.94 -5.72
C ALA A 133 -17.78 6.81 -4.71
N SER A 134 -17.06 7.73 -4.09
CA SER A 134 -17.66 8.67 -3.16
C SER A 134 -18.61 9.63 -3.89
N GLY A 135 -18.49 9.68 -5.21
CA GLY A 135 -19.38 10.49 -6.01
C GLY A 135 -20.53 9.68 -6.58
N HIS A 136 -20.59 8.41 -6.22
CA HIS A 136 -21.69 7.53 -6.62
C HIS A 136 -22.67 7.39 -5.45
N PRO A 137 -23.93 7.77 -5.66
CA PRO A 137 -24.96 7.73 -4.62
C PRO A 137 -25.56 6.33 -4.44
N GLY A 138 -24.77 5.31 -4.76
CA GLY A 138 -25.23 3.95 -4.70
C GLY A 138 -25.13 3.28 -6.04
N ASP A 139 -23.91 2.93 -6.44
CA ASP A 139 -23.67 2.34 -7.75
C ASP A 139 -23.22 0.88 -7.60
N PRO A 140 -23.91 -0.04 -8.28
CA PRO A 140 -23.61 -1.47 -8.21
C PRO A 140 -22.24 -1.83 -8.80
N GLU A 141 -21.93 -1.29 -9.98
CA GLU A 141 -20.69 -1.64 -10.66
C GLU A 141 -19.49 -1.02 -9.95
N SER A 142 -19.64 0.21 -9.49
CA SER A 142 -18.55 0.93 -8.82
C SER A 142 -18.07 0.17 -7.59
N GLN A 143 -19.02 -0.31 -6.77
CA GLN A 143 -18.67 -1.02 -5.55
C GLN A 143 -18.08 -2.40 -5.86
N GLN A 144 -18.40 -2.93 -7.03
CA GLN A 144 -17.84 -4.21 -7.46
C GLN A 144 -16.41 -4.00 -7.93
N ARG A 145 -16.16 -2.84 -8.53
CA ARG A 145 -14.83 -2.46 -8.95
C ARG A 145 -13.93 -2.29 -7.73
N LEU A 146 -14.47 -1.61 -6.72
CA LEU A 146 -13.76 -1.40 -5.45
C LEU A 146 -13.30 -2.73 -4.86
N ALA A 147 -14.21 -3.70 -4.84
CA ALA A 147 -13.91 -5.01 -4.27
C ALA A 147 -12.75 -5.67 -5.01
N GLN A 148 -12.78 -5.60 -6.33
CA GLN A 148 -11.77 -6.24 -7.16
C GLN A 148 -10.41 -5.58 -7.00
N VAL A 149 -10.37 -4.25 -7.04
CA VAL A 149 -9.11 -3.52 -6.93
C VAL A 149 -8.55 -3.61 -5.51
N ALA A 150 -9.43 -3.67 -4.51
CA ALA A 150 -8.99 -3.80 -3.12
C ALA A 150 -8.33 -5.14 -2.89
N LYS A 151 -8.97 -6.20 -3.36
CA LYS A 151 -8.46 -7.56 -3.18
C LYS A 151 -7.22 -7.77 -4.05
N ALA A 152 -7.08 -6.95 -5.09
CA ALA A 152 -5.87 -6.96 -5.91
C ALA A 152 -4.69 -6.48 -5.08
N VAL A 153 -4.95 -5.56 -4.17
CA VAL A 153 -3.95 -5.09 -3.23
C VAL A 153 -3.63 -6.20 -2.24
N THR A 154 -4.68 -6.88 -1.77
CA THR A 154 -4.53 -8.03 -0.87
C THR A 154 -3.62 -9.08 -1.49
N GLN A 155 -3.82 -9.35 -2.78
CA GLN A 155 -3.00 -10.31 -3.50
C GLN A 155 -1.54 -9.88 -3.53
N ALA A 156 -1.33 -8.59 -3.81
CA ALA A 156 0.02 -8.03 -3.84
C ALA A 156 0.66 -8.12 -2.46
N LEU A 157 -0.13 -7.86 -1.43
CA LEU A 157 0.33 -7.94 -0.04
C LEU A 157 0.83 -9.36 0.28
N ASN A 158 -0.01 -10.35 0.00
CA ASN A 158 0.35 -11.73 0.28
C ASN A 158 1.50 -12.17 -0.62
N ARG A 159 1.52 -11.65 -1.83
CA ARG A 159 2.58 -11.94 -2.78
C ARG A 159 3.92 -11.41 -2.28
N CYS A 160 3.86 -10.32 -1.51
CA CYS A 160 5.07 -9.69 -1.00
C CYS A 160 5.66 -10.54 0.11
N VAL A 161 4.82 -10.91 1.07
CA VAL A 161 5.25 -11.73 2.18
C VAL A 161 5.59 -13.15 1.71
N SER A 162 5.05 -13.53 0.57
CA SER A 162 5.36 -14.83 -0.03
C SER A 162 6.80 -14.84 -0.55
N CYS A 163 7.19 -13.77 -1.24
CA CYS A 163 8.54 -13.69 -1.82
C CYS A 163 9.57 -13.36 -0.75
N LEU A 164 9.10 -12.85 0.38
CA LEU A 164 9.98 -12.53 1.51
C LEU A 164 10.69 -13.78 2.01
N PRO A 165 12.02 -13.76 2.04
CA PRO A 165 12.81 -14.87 2.54
C PRO A 165 12.83 -14.91 4.07
N GLY A 166 12.07 -15.83 4.64
CA GLY A 166 12.04 -15.97 6.09
C GLY A 166 13.16 -16.87 6.58
N GLN A 167 14.30 -16.78 5.91
CA GLN A 167 15.43 -17.63 6.19
C GLN A 167 16.71 -16.83 5.98
N ARG A 168 17.42 -16.56 7.06
CA ARG A 168 18.62 -15.75 7.01
C ARG A 168 19.85 -16.63 6.84
N GLY A 1 -15.90 19.26 0.43
CA GLY A 1 -15.21 20.54 0.73
C GLY A 1 -14.67 20.57 2.14
N ILE A 2 -14.49 21.77 2.68
CA ILE A 2 -14.02 21.91 4.05
C ILE A 2 -15.20 21.81 5.03
N ASP A 3 -15.59 20.58 5.32
CA ASP A 3 -16.66 20.30 6.26
C ASP A 3 -16.22 19.24 7.27
N PRO A 4 -15.68 18.09 6.82
CA PRO A 4 -15.06 17.13 7.73
C PRO A 4 -13.72 17.65 8.26
N PHE A 5 -13.70 18.03 9.53
CA PHE A 5 -12.51 18.63 10.11
C PHE A 5 -11.60 17.56 10.69
N THR A 6 -11.97 16.33 10.42
CA THR A 6 -11.19 15.18 10.83
C THR A 6 -10.20 14.81 9.73
N GLY A 7 -10.40 15.39 8.57
CA GLY A 7 -9.55 15.12 7.42
C GLY A 7 -10.18 15.59 6.13
N PRO A 8 -9.99 16.88 5.79
CA PRO A 8 -10.56 17.46 4.57
C PRO A 8 -10.03 16.76 3.32
N LEU A 9 -10.90 16.00 2.65
CA LEU A 9 -10.53 15.25 1.45
C LEU A 9 -9.39 14.29 1.77
N GLU A 10 -9.55 13.53 2.85
CA GLU A 10 -8.52 12.62 3.32
C GLU A 10 -8.19 11.55 2.28
N MET A 11 -9.18 11.17 1.47
CA MET A 11 -8.95 10.20 0.40
C MET A 11 -8.01 10.78 -0.65
N ASP A 12 -8.18 12.06 -0.94
CA ASP A 12 -7.37 12.73 -1.93
C ASP A 12 -5.94 12.92 -1.43
N SER A 13 -5.80 13.24 -0.16
CA SER A 13 -4.49 13.40 0.45
C SER A 13 -3.80 12.05 0.61
N ALA A 14 -4.57 11.02 0.96
CA ALA A 14 -4.05 9.67 1.07
C ALA A 14 -3.48 9.20 -0.26
N LEU A 15 -4.19 9.52 -1.33
CA LEU A 15 -3.74 9.18 -2.67
C LEU A 15 -2.41 9.88 -2.97
N SER A 16 -2.26 11.10 -2.52
CA SER A 16 -1.02 11.85 -2.70
C SER A 16 0.12 11.14 -1.97
N VAL A 17 -0.17 10.60 -0.80
CA VAL A 17 0.81 9.85 -0.02
C VAL A 17 1.26 8.61 -0.79
N VAL A 18 0.30 7.87 -1.33
CA VAL A 18 0.61 6.66 -2.10
C VAL A 18 1.39 7.00 -3.37
N GLN A 19 1.04 8.13 -4.00
CA GLN A 19 1.74 8.60 -5.19
C GLN A 19 3.19 8.94 -4.86
N ASN A 20 3.44 9.33 -3.62
CA ASN A 20 4.81 9.57 -3.16
C ASN A 20 5.52 8.24 -2.92
N LEU A 21 4.78 7.28 -2.38
CA LEU A 21 5.32 5.96 -2.08
C LEU A 21 5.77 5.24 -3.34
N GLU A 22 4.90 5.24 -4.35
CA GLU A 22 5.21 4.59 -5.63
C GLU A 22 6.45 5.23 -6.26
N LYS A 23 6.60 6.54 -6.09
CA LYS A 23 7.75 7.24 -6.62
C LYS A 23 9.02 6.87 -5.86
N ASP A 24 8.92 6.86 -4.55
CA ASP A 24 10.07 6.58 -3.69
C ASP A 24 10.68 5.23 -4.02
N LEU A 25 9.82 4.21 -4.10
CA LEU A 25 10.28 2.86 -4.34
C LEU A 25 10.98 2.75 -5.70
N GLN A 26 10.48 3.50 -6.67
CA GLN A 26 11.09 3.54 -8.00
C GLN A 26 12.50 4.15 -7.92
N GLU A 27 12.66 5.15 -7.06
CA GLU A 27 13.94 5.82 -6.90
C GLU A 27 14.91 4.93 -6.12
N ILE A 28 14.37 4.10 -5.23
CA ILE A 28 15.18 3.13 -4.50
C ILE A 28 15.58 1.99 -5.45
N LYS A 29 14.80 1.78 -6.50
CA LYS A 29 15.13 0.78 -7.51
C LYS A 29 16.37 1.21 -8.27
N ALA A 30 16.45 2.51 -8.58
CA ALA A 30 17.62 3.07 -9.22
C ALA A 30 18.85 2.87 -8.34
N ALA A 31 18.64 3.06 -7.04
CA ALA A 31 19.69 2.83 -6.06
C ALA A 31 20.11 1.36 -6.05
N ALA A 32 19.13 0.46 -6.00
CA ALA A 32 19.38 -0.97 -6.00
C ALA A 32 20.21 -1.38 -7.22
N ARG A 33 19.85 -0.82 -8.37
CA ARG A 33 20.57 -1.07 -9.60
C ARG A 33 22.00 -0.53 -9.52
N ASP A 34 22.13 0.73 -9.16
CA ASP A 34 23.44 1.39 -9.18
C ASP A 34 24.36 0.81 -8.11
N GLY A 35 23.79 0.34 -7.02
CA GLY A 35 24.57 -0.18 -5.92
C GLY A 35 24.46 0.70 -4.69
N LYS A 36 23.49 1.59 -4.71
CA LYS A 36 23.29 2.55 -3.64
C LYS A 36 22.11 2.15 -2.76
N LEU A 37 21.72 0.88 -2.82
CA LEU A 37 20.63 0.38 -1.98
C LEU A 37 21.03 0.52 -0.52
N LYS A 38 20.23 1.25 0.23
CA LYS A 38 20.52 1.53 1.64
C LYS A 38 20.41 0.24 2.46
N PRO A 39 21.54 -0.29 2.94
CA PRO A 39 21.58 -1.57 3.65
C PRO A 39 21.03 -1.45 5.05
N LEU A 40 21.47 -0.40 5.75
CA LEU A 40 20.92 -0.01 7.05
C LEU A 40 21.20 -1.05 8.13
N PRO A 41 22.29 -0.85 8.89
CA PRO A 41 22.63 -1.72 10.02
C PRO A 41 21.82 -1.38 11.27
N GLY A 42 20.98 -0.37 11.15
CA GLY A 42 20.15 0.05 12.26
C GLY A 42 19.03 -0.93 12.55
N GLU A 43 18.65 -1.71 11.55
CA GLU A 43 17.57 -2.68 11.71
C GLU A 43 17.92 -3.98 10.99
N THR A 44 17.42 -5.09 11.50
CA THR A 44 17.71 -6.40 10.93
C THR A 44 16.50 -6.95 10.18
N MET A 45 16.65 -8.15 9.63
CA MET A 45 15.67 -8.72 8.70
C MET A 45 14.35 -9.06 9.39
N GLU A 46 14.40 -9.64 10.59
CA GLU A 46 13.19 -10.08 11.26
C GLU A 46 12.31 -8.88 11.62
N LYS A 47 12.93 -7.71 11.71
CA LYS A 47 12.21 -6.48 11.91
C LYS A 47 11.37 -6.17 10.67
N CYS A 48 12.04 -6.12 9.52
CA CYS A 48 11.40 -5.73 8.27
C CYS A 48 10.36 -6.75 7.82
N THR A 49 10.68 -8.04 7.95
CA THR A 49 9.76 -9.10 7.52
C THR A 49 8.50 -9.10 8.37
N GLN A 50 8.68 -8.88 9.66
CA GLN A 50 7.56 -8.83 10.60
C GLN A 50 6.75 -7.56 10.40
N ASP A 51 7.44 -6.45 10.17
CA ASP A 51 6.78 -5.19 9.92
C ASP A 51 6.02 -5.23 8.61
N LEU A 52 6.57 -5.97 7.65
CA LEU A 52 5.91 -6.19 6.36
C LEU A 52 4.56 -6.88 6.58
N GLY A 53 4.57 -7.89 7.45
CA GLY A 53 3.34 -8.59 7.79
C GLY A 53 2.36 -7.69 8.51
N ASN A 54 2.86 -6.91 9.47
CA ASN A 54 2.02 -5.96 10.21
C ASN A 54 1.40 -4.94 9.27
N SER A 55 2.21 -4.42 8.36
CA SER A 55 1.73 -3.48 7.36
C SER A 55 0.66 -4.12 6.48
N THR A 56 0.92 -5.35 6.05
CA THR A 56 -0.06 -6.15 5.34
C THR A 56 -1.38 -6.20 6.10
N LYS A 57 -1.30 -6.65 7.36
CA LYS A 57 -2.47 -6.76 8.22
C LYS A 57 -3.21 -5.43 8.35
N ALA A 58 -2.44 -4.36 8.50
CA ALA A 58 -3.00 -3.02 8.62
C ALA A 58 -3.81 -2.66 7.38
N VAL A 59 -3.24 -2.90 6.21
CA VAL A 59 -3.91 -2.58 4.96
C VAL A 59 -5.11 -3.49 4.74
N SER A 60 -4.98 -4.76 5.13
CA SER A 60 -6.08 -5.72 5.04
C SER A 60 -7.28 -5.24 5.87
N SER A 61 -7.00 -4.71 7.05
CA SER A 61 -8.05 -4.16 7.90
C SER A 61 -8.58 -2.86 7.31
N ALA A 62 -7.68 -2.06 6.75
CA ALA A 62 -8.02 -0.77 6.20
C ALA A 62 -8.92 -0.89 4.98
N ILE A 63 -8.55 -1.75 4.04
CA ILE A 63 -9.33 -1.93 2.81
C ILE A 63 -10.73 -2.46 3.11
N ALA A 64 -10.86 -3.18 4.23
CA ALA A 64 -12.15 -3.70 4.65
C ALA A 64 -13.12 -2.56 5.00
N LYS A 65 -12.67 -1.70 5.91
CA LYS A 65 -13.46 -0.54 6.31
C LYS A 65 -13.53 0.49 5.19
N LEU A 66 -12.54 0.45 4.30
CA LEU A 66 -12.50 1.34 3.13
C LEU A 66 -13.58 0.93 2.13
N LEU A 67 -13.72 -0.37 1.94
CA LEU A 67 -14.75 -0.91 1.06
C LEU A 67 -16.14 -0.66 1.66
N GLY A 68 -16.22 -0.77 2.98
CA GLY A 68 -17.47 -0.53 3.67
C GLY A 68 -18.39 -1.73 3.65
N GLU A 69 -18.94 -2.02 2.47
CA GLU A 69 -19.88 -3.13 2.31
C GLU A 69 -20.18 -3.30 0.82
N ILE A 70 -20.91 -2.35 0.26
CA ILE A 70 -21.15 -2.28 -1.17
C ILE A 70 -21.41 -0.83 -1.56
N ALA A 71 -22.00 -0.07 -0.64
CA ALA A 71 -22.19 1.35 -0.82
C ALA A 71 -20.88 2.09 -0.53
N GLN A 72 -20.76 3.29 -1.06
CA GLN A 72 -19.54 4.06 -0.93
C GLN A 72 -19.52 4.79 0.41
N GLY A 73 -18.54 4.46 1.24
CA GLY A 73 -18.44 5.05 2.57
C GLY A 73 -18.15 6.54 2.55
N ASN A 74 -18.59 7.23 3.59
CA ASN A 74 -18.39 8.67 3.71
C ASN A 74 -18.37 9.07 5.19
N GLU A 75 -19.25 8.46 5.97
CA GLU A 75 -19.37 8.74 7.40
C GLU A 75 -18.13 8.27 8.17
N ASN A 76 -17.17 9.19 8.33
CA ASN A 76 -15.95 8.95 9.11
C ASN A 76 -15.01 7.93 8.46
N TYR A 77 -15.48 6.70 8.31
CA TYR A 77 -14.66 5.59 7.83
C TYR A 77 -14.02 5.88 6.48
N ALA A 78 -14.67 6.71 5.68
CA ALA A 78 -14.12 7.11 4.39
C ALA A 78 -12.73 7.72 4.55
N GLY A 79 -12.61 8.63 5.51
CA GLY A 79 -11.33 9.26 5.77
C GLY A 79 -10.43 8.38 6.60
N ILE A 80 -11.00 7.75 7.62
CA ILE A 80 -10.26 6.88 8.52
C ILE A 80 -9.53 5.78 7.77
N ALA A 81 -10.26 5.08 6.91
CA ALA A 81 -9.70 3.96 6.18
C ALA A 81 -8.67 4.41 5.15
N ALA A 82 -8.96 5.52 4.48
CA ALA A 82 -8.05 6.07 3.49
C ALA A 82 -6.74 6.49 4.13
N ARG A 83 -6.82 7.02 5.33
CA ARG A 83 -5.63 7.43 6.05
C ARG A 83 -4.90 6.21 6.62
N ASP A 84 -5.64 5.15 6.87
CA ASP A 84 -5.08 3.93 7.43
C ASP A 84 -4.25 3.19 6.40
N VAL A 85 -4.77 3.07 5.17
CA VAL A 85 -4.00 2.47 4.08
C VAL A 85 -2.77 3.32 3.78
N ALA A 86 -2.95 4.63 3.69
CA ALA A 86 -1.85 5.55 3.39
C ALA A 86 -0.69 5.37 4.35
N GLY A 87 -1.00 5.25 5.63
CA GLY A 87 0.03 5.07 6.64
C GLY A 87 0.65 3.69 6.59
N GLY A 88 -0.20 2.67 6.51
CA GLY A 88 0.27 1.30 6.50
C GLY A 88 1.12 0.98 5.29
N LEU A 89 0.77 1.56 4.15
CA LEU A 89 1.51 1.31 2.92
C LEU A 89 2.91 1.93 2.98
N ARG A 90 3.07 2.97 3.79
CA ARG A 90 4.38 3.57 3.99
C ARG A 90 5.31 2.56 4.66
N SER A 91 4.80 1.96 5.72
CA SER A 91 5.52 0.93 6.43
C SER A 91 5.76 -0.28 5.53
N LEU A 92 4.72 -0.64 4.75
CA LEU A 92 4.80 -1.74 3.80
C LEU A 92 5.96 -1.51 2.83
N ALA A 93 5.98 -0.33 2.23
CA ALA A 93 6.99 0.03 1.25
C ALA A 93 8.39 -0.03 1.83
N GLN A 94 8.58 0.62 2.98
CA GLN A 94 9.90 0.70 3.61
C GLN A 94 10.39 -0.68 4.04
N ALA A 95 9.49 -1.47 4.62
CA ALA A 95 9.84 -2.81 5.07
C ALA A 95 10.35 -3.66 3.92
N ALA A 96 9.66 -3.58 2.77
CA ALA A 96 10.04 -4.34 1.60
C ALA A 96 11.41 -3.91 1.07
N ARG A 97 11.69 -2.61 1.11
CA ARG A 97 12.95 -2.09 0.63
C ARG A 97 14.09 -2.55 1.54
N GLY A 98 13.81 -2.58 2.84
CA GLY A 98 14.79 -3.03 3.80
C GLY A 98 15.18 -4.49 3.60
N VAL A 99 14.17 -5.33 3.37
CA VAL A 99 14.41 -6.75 3.12
C VAL A 99 15.39 -6.97 1.98
N ALA A 100 15.19 -6.23 0.89
CA ALA A 100 16.04 -6.36 -0.29
C ALA A 100 17.45 -5.84 -0.02
N ALA A 101 17.56 -4.90 0.91
CA ALA A 101 18.84 -4.34 1.28
C ALA A 101 19.61 -5.29 2.19
N LEU A 102 18.90 -5.84 3.16
CA LEU A 102 19.48 -6.72 4.16
C LEU A 102 20.03 -8.01 3.53
N THR A 103 19.39 -8.47 2.48
CA THR A 103 19.82 -9.67 1.80
C THR A 103 20.92 -9.37 0.78
N SER A 104 21.76 -10.35 0.52
CA SER A 104 22.82 -10.21 -0.47
C SER A 104 22.61 -11.19 -1.61
N ASP A 105 21.43 -11.78 -1.65
CA ASP A 105 21.09 -12.73 -2.71
C ASP A 105 20.45 -11.99 -3.88
N PRO A 106 21.19 -11.85 -5.00
CA PRO A 106 20.75 -11.08 -6.16
C PRO A 106 19.68 -11.82 -6.98
N ALA A 107 18.50 -11.94 -6.39
CA ALA A 107 17.35 -12.52 -7.05
C ALA A 107 16.10 -12.24 -6.24
N VAL A 108 16.17 -12.53 -4.95
CA VAL A 108 15.07 -12.27 -4.03
C VAL A 108 14.91 -10.76 -3.80
N GLN A 109 15.99 -10.02 -4.05
CA GLN A 109 15.98 -8.57 -3.90
C GLN A 109 14.91 -7.94 -4.78
N ALA A 110 14.89 -8.35 -6.05
CA ALA A 110 13.93 -7.80 -7.00
C ALA A 110 12.52 -8.30 -6.69
N ILE A 111 12.44 -9.52 -6.17
CA ILE A 111 11.17 -10.16 -5.93
C ILE A 111 10.38 -9.47 -4.80
N VAL A 112 11.07 -9.07 -3.74
CA VAL A 112 10.42 -8.40 -2.62
C VAL A 112 9.97 -7.00 -3.01
N LEU A 113 10.71 -6.38 -3.92
CA LEU A 113 10.36 -5.05 -4.39
C LEU A 113 9.23 -5.13 -5.40
N ASP A 114 9.32 -6.15 -6.26
CA ASP A 114 8.31 -6.39 -7.28
C ASP A 114 6.92 -6.57 -6.67
N THR A 115 6.84 -7.35 -5.60
CA THR A 115 5.57 -7.59 -4.93
C THR A 115 5.05 -6.33 -4.25
N ALA A 116 5.96 -5.56 -3.65
CA ALA A 116 5.59 -4.29 -3.03
C ALA A 116 5.06 -3.32 -4.09
N SER A 117 5.70 -3.34 -5.25
CA SER A 117 5.26 -2.53 -6.39
C SER A 117 3.87 -2.99 -6.84
N ASP A 118 3.60 -4.27 -6.71
CA ASP A 118 2.30 -4.83 -7.06
C ASP A 118 1.25 -4.42 -6.03
N VAL A 119 1.67 -4.36 -4.76
CA VAL A 119 0.82 -3.89 -3.68
C VAL A 119 0.35 -2.45 -3.94
N LEU A 120 1.31 -1.55 -4.12
CA LEU A 120 1.00 -0.13 -4.32
C LEU A 120 0.18 0.07 -5.58
N ASP A 121 0.42 -0.78 -6.58
CA ASP A 121 -0.30 -0.72 -7.84
C ASP A 121 -1.81 -0.75 -7.61
N LYS A 122 -2.26 -1.75 -6.87
CA LYS A 122 -3.68 -1.92 -6.61
C LYS A 122 -4.16 -0.95 -5.54
N ALA A 123 -3.30 -0.66 -4.57
CA ALA A 123 -3.63 0.27 -3.51
C ALA A 123 -3.99 1.64 -4.09
N SER A 124 -3.27 2.02 -5.14
CA SER A 124 -3.54 3.27 -5.84
C SER A 124 -4.92 3.21 -6.50
N SER A 125 -5.16 2.13 -7.23
CA SER A 125 -6.43 1.95 -7.94
C SER A 125 -7.61 1.97 -6.96
N LEU A 126 -7.39 1.44 -5.77
CA LEU A 126 -8.41 1.44 -4.72
C LEU A 126 -8.81 2.88 -4.36
N ILE A 127 -7.82 3.70 -4.07
CA ILE A 127 -8.06 5.07 -3.66
C ILE A 127 -8.54 5.92 -4.84
N GLU A 128 -7.95 5.69 -6.01
CA GLU A 128 -8.38 6.40 -7.22
C GLU A 128 -9.82 6.05 -7.54
N GLU A 129 -10.15 4.77 -7.45
CA GLU A 129 -11.51 4.31 -7.66
C GLU A 129 -12.44 4.97 -6.65
N ALA A 130 -12.03 5.01 -5.39
CA ALA A 130 -12.80 5.64 -4.34
C ALA A 130 -13.13 7.10 -4.68
N LYS A 131 -12.14 7.80 -5.23
CA LYS A 131 -12.32 9.19 -5.66
C LYS A 131 -13.38 9.28 -6.75
N LYS A 132 -13.32 8.39 -7.73
CA LYS A 132 -14.28 8.38 -8.83
C LYS A 132 -15.65 7.93 -8.34
N ALA A 133 -15.66 6.94 -7.46
CA ALA A 133 -16.91 6.41 -6.90
C ALA A 133 -17.63 7.48 -6.08
N SER A 134 -16.85 8.33 -5.42
CA SER A 134 -17.42 9.40 -4.62
C SER A 134 -17.91 10.55 -5.51
N GLY A 135 -17.55 10.48 -6.78
CA GLY A 135 -18.02 11.48 -7.73
C GLY A 135 -19.15 10.95 -8.58
N HIS A 136 -19.46 9.68 -8.40
CA HIS A 136 -20.55 9.03 -9.14
C HIS A 136 -21.79 8.93 -8.26
N PRO A 137 -22.92 9.48 -8.72
CA PRO A 137 -24.17 9.51 -7.97
C PRO A 137 -24.91 8.17 -8.01
N GLY A 138 -24.15 7.09 -7.97
CA GLY A 138 -24.73 5.76 -8.04
C GLY A 138 -24.38 5.07 -9.34
N ASP A 139 -23.32 4.28 -9.33
CA ASP A 139 -22.83 3.64 -10.55
C ASP A 139 -22.42 2.20 -10.27
N PRO A 140 -22.84 1.27 -11.14
CA PRO A 140 -22.54 -0.16 -10.99
C PRO A 140 -21.05 -0.47 -10.95
N GLU A 141 -20.27 0.25 -11.75
CA GLU A 141 -18.84 0.02 -11.81
C GLU A 141 -18.15 0.48 -10.53
N SER A 142 -18.52 1.65 -10.06
CA SER A 142 -17.90 2.24 -8.87
C SER A 142 -17.87 1.26 -7.70
N GLN A 143 -19.01 0.66 -7.42
CA GLN A 143 -19.14 -0.26 -6.28
C GLN A 143 -18.40 -1.57 -6.53
N GLN A 144 -18.37 -2.04 -7.76
CA GLN A 144 -17.78 -3.33 -8.08
C GLN A 144 -16.25 -3.22 -8.16
N ARG A 145 -15.78 -2.12 -8.72
CA ARG A 145 -14.34 -1.89 -8.85
C ARG A 145 -13.68 -1.84 -7.48
N LEU A 146 -14.33 -1.15 -6.54
CA LEU A 146 -13.85 -1.07 -5.17
C LEU A 146 -13.64 -2.46 -4.58
N ALA A 147 -14.63 -3.33 -4.77
CA ALA A 147 -14.59 -4.69 -4.25
C ALA A 147 -13.48 -5.49 -4.92
N GLN A 148 -13.41 -5.39 -6.25
CA GLN A 148 -12.42 -6.13 -7.03
C GLN A 148 -11.00 -5.76 -6.60
N VAL A 149 -10.73 -4.46 -6.59
CA VAL A 149 -9.39 -3.98 -6.30
C VAL A 149 -9.04 -4.19 -4.81
N ALA A 150 -10.05 -4.23 -3.96
CA ALA A 150 -9.84 -4.51 -2.54
C ALA A 150 -9.26 -5.91 -2.38
N LYS A 151 -9.80 -6.86 -3.14
CA LYS A 151 -9.32 -8.22 -3.13
C LYS A 151 -7.96 -8.31 -3.81
N ALA A 152 -7.74 -7.42 -4.77
CA ALA A 152 -6.45 -7.34 -5.45
C ALA A 152 -5.35 -6.95 -4.47
N VAL A 153 -5.61 -5.93 -3.64
CA VAL A 153 -4.67 -5.55 -2.59
C VAL A 153 -4.50 -6.71 -1.62
N THR A 154 -5.62 -7.32 -1.27
CA THR A 154 -5.64 -8.49 -0.37
C THR A 154 -4.61 -9.54 -0.78
N GLN A 155 -4.59 -9.83 -2.07
CA GLN A 155 -3.70 -10.85 -2.61
C GLN A 155 -2.27 -10.33 -2.78
N ALA A 156 -2.12 -9.03 -2.95
CA ALA A 156 -0.80 -8.46 -3.21
C ALA A 156 -0.02 -8.43 -1.92
N LEU A 157 -0.71 -8.09 -0.86
CA LEU A 157 -0.20 -8.14 0.49
C LEU A 157 0.37 -9.52 0.79
N ASN A 158 -0.44 -10.55 0.55
CA ASN A 158 -0.05 -11.93 0.81
C ASN A 158 1.09 -12.33 -0.13
N ARG A 159 1.04 -11.82 -1.33
CA ARG A 159 2.07 -12.10 -2.34
C ARG A 159 3.42 -11.56 -1.91
N CYS A 160 3.42 -10.44 -1.20
CA CYS A 160 4.65 -9.80 -0.78
C CYS A 160 5.30 -10.58 0.35
N VAL A 161 4.49 -10.94 1.34
CA VAL A 161 5.00 -11.71 2.47
C VAL A 161 5.41 -13.12 2.03
N SER A 162 4.78 -13.62 0.97
CA SER A 162 5.08 -14.96 0.48
C SER A 162 6.38 -14.99 -0.32
N CYS A 163 6.78 -13.83 -0.86
CA CYS A 163 7.98 -13.78 -1.69
C CYS A 163 9.22 -13.58 -0.82
N LEU A 164 9.00 -13.40 0.48
CA LEU A 164 10.10 -13.30 1.42
C LEU A 164 10.89 -14.59 1.45
N PRO A 165 12.23 -14.51 1.48
CA PRO A 165 13.11 -15.68 1.48
C PRO A 165 12.77 -16.64 2.62
N GLY A 166 12.24 -17.81 2.25
CA GLY A 166 11.85 -18.79 3.24
C GLY A 166 12.91 -19.88 3.39
N GLN A 167 14.14 -19.46 3.53
CA GLN A 167 15.27 -20.39 3.62
C GLN A 167 15.52 -20.79 5.06
N ARG A 168 15.44 -22.09 5.32
CA ARG A 168 15.68 -22.63 6.66
C ARG A 168 16.93 -23.49 6.65
N GLY A 1 -24.96 16.19 4.14
CA GLY A 1 -25.79 15.32 5.02
C GLY A 1 -24.94 14.56 6.01
N ILE A 2 -25.22 13.28 6.15
CA ILE A 2 -24.45 12.44 7.06
C ILE A 2 -23.48 11.55 6.29
N ASP A 3 -23.88 11.14 5.08
CA ASP A 3 -23.05 10.26 4.27
C ASP A 3 -23.19 10.60 2.79
N PRO A 4 -22.20 11.29 2.23
CA PRO A 4 -22.13 11.58 0.81
C PRO A 4 -21.39 10.49 0.04
N PHE A 5 -21.92 10.10 -1.11
CA PHE A 5 -21.32 9.05 -1.89
C PHE A 5 -20.40 9.62 -2.97
N THR A 6 -20.01 10.87 -2.78
CA THR A 6 -19.18 11.57 -3.74
C THR A 6 -17.69 11.44 -3.42
N GLY A 7 -17.38 10.77 -2.30
CA GLY A 7 -16.00 10.56 -1.93
C GLY A 7 -15.43 11.73 -1.12
N PRO A 8 -15.24 11.54 0.19
CA PRO A 8 -14.61 12.54 1.07
C PRO A 8 -13.24 12.99 0.57
N LEU A 9 -13.00 14.29 0.65
CA LEU A 9 -11.79 14.88 0.10
C LEU A 9 -10.53 14.53 0.90
N GLU A 10 -10.71 14.00 2.11
CA GLU A 10 -9.57 13.53 2.89
C GLU A 10 -8.94 12.33 2.20
N MET A 11 -9.76 11.55 1.49
CA MET A 11 -9.27 10.44 0.70
C MET A 11 -8.37 10.95 -0.42
N ASP A 12 -8.74 12.09 -0.97
CA ASP A 12 -7.98 12.73 -2.04
C ASP A 12 -6.58 13.08 -1.55
N SER A 13 -6.51 13.62 -0.33
CA SER A 13 -5.24 13.99 0.27
C SER A 13 -4.43 12.74 0.63
N ALA A 14 -5.10 11.74 1.19
CA ALA A 14 -4.45 10.49 1.55
C ALA A 14 -3.84 9.80 0.34
N LEU A 15 -4.54 9.92 -0.79
CA LEU A 15 -4.05 9.37 -2.05
C LEU A 15 -2.71 9.99 -2.41
N SER A 16 -2.61 11.31 -2.28
CA SER A 16 -1.38 12.02 -2.56
C SER A 16 -0.24 11.52 -1.67
N VAL A 17 -0.56 11.17 -0.43
CA VAL A 17 0.43 10.60 0.48
C VAL A 17 0.93 9.27 -0.05
N VAL A 18 0.00 8.43 -0.51
CA VAL A 18 0.33 7.14 -1.10
C VAL A 18 1.18 7.35 -2.36
N GLN A 19 0.82 8.37 -3.14
CA GLN A 19 1.58 8.74 -4.33
C GLN A 19 3.03 9.07 -3.98
N ASN A 20 3.24 9.79 -2.90
CA ASN A 20 4.57 10.15 -2.45
C ASN A 20 5.34 8.91 -2.01
N LEU A 21 4.61 7.96 -1.43
CA LEU A 21 5.21 6.72 -0.97
C LEU A 21 5.62 5.83 -2.13
N GLU A 22 4.73 5.68 -3.11
CA GLU A 22 5.01 4.79 -4.24
C GLU A 22 6.19 5.28 -5.05
N LYS A 23 6.32 6.60 -5.20
CA LYS A 23 7.43 7.19 -5.95
C LYS A 23 8.77 6.81 -5.33
N ASP A 24 8.79 6.73 -4.00
CA ASP A 24 10.02 6.35 -3.29
C ASP A 24 10.50 4.99 -3.75
N LEU A 25 9.59 4.02 -3.71
CA LEU A 25 9.95 2.64 -4.02
C LEU A 25 10.27 2.46 -5.49
N GLN A 26 9.76 3.35 -6.34
CA GLN A 26 10.10 3.32 -7.75
C GLN A 26 11.57 3.66 -7.93
N GLU A 27 12.03 4.64 -7.15
CA GLU A 27 13.44 5.02 -7.14
C GLU A 27 14.30 3.87 -6.64
N ILE A 28 13.94 3.34 -5.47
CA ILE A 28 14.66 2.22 -4.86
C ILE A 28 14.65 1.00 -5.79
N LYS A 29 13.54 0.79 -6.51
CA LYS A 29 13.42 -0.33 -7.44
C LYS A 29 14.54 -0.27 -8.49
N ALA A 30 14.75 0.91 -9.06
CA ALA A 30 15.78 1.12 -10.06
C ALA A 30 17.17 0.99 -9.46
N ALA A 31 17.32 1.47 -8.23
CA ALA A 31 18.59 1.39 -7.52
C ALA A 31 18.96 -0.06 -7.23
N ALA A 32 17.97 -0.84 -6.82
CA ALA A 32 18.17 -2.25 -6.54
C ALA A 32 18.36 -3.04 -7.82
N ARG A 33 17.77 -2.54 -8.89
CA ARG A 33 17.91 -3.15 -10.22
C ARG A 33 19.37 -3.22 -10.62
N ASP A 34 20.10 -2.12 -10.41
CA ASP A 34 21.53 -2.09 -10.67
C ASP A 34 22.31 -2.69 -9.51
N GLY A 35 21.67 -2.78 -8.36
CA GLY A 35 22.30 -3.39 -7.20
C GLY A 35 23.02 -2.39 -6.32
N LYS A 36 22.45 -1.19 -6.18
CA LYS A 36 23.03 -0.17 -5.32
C LYS A 36 22.51 -0.33 -3.90
N LEU A 37 21.26 0.09 -3.68
CA LEU A 37 20.58 0.01 -2.38
C LEU A 37 21.39 0.58 -1.21
N LYS A 38 20.74 0.60 -0.05
CA LYS A 38 21.37 1.04 1.19
C LYS A 38 20.93 0.14 2.33
N PRO A 39 21.86 -0.62 2.95
CA PRO A 39 21.53 -1.55 4.02
C PRO A 39 21.41 -0.84 5.37
N LEU A 40 21.42 0.48 5.34
CA LEU A 40 21.39 1.29 6.54
C LEU A 40 19.99 1.36 7.17
N PRO A 41 18.93 1.69 6.38
CA PRO A 41 17.55 1.76 6.90
C PRO A 41 16.95 0.37 7.19
N GLY A 42 17.80 -0.63 7.25
CA GLY A 42 17.34 -1.97 7.56
C GLY A 42 18.07 -2.54 8.75
N GLU A 43 17.37 -2.66 9.87
CA GLU A 43 17.94 -3.24 11.09
C GLU A 43 18.37 -4.67 10.84
N THR A 44 17.40 -5.54 10.89
CA THR A 44 17.58 -6.95 10.61
C THR A 44 16.44 -7.42 9.73
N MET A 45 16.66 -8.50 9.01
CA MET A 45 15.63 -9.05 8.13
C MET A 45 14.42 -9.49 8.92
N GLU A 46 14.66 -9.94 10.15
CA GLU A 46 13.59 -10.32 11.06
C GLU A 46 12.66 -9.14 11.31
N LYS A 47 13.25 -7.98 11.60
CA LYS A 47 12.50 -6.77 11.87
C LYS A 47 11.72 -6.32 10.64
N CYS A 48 12.39 -6.31 9.49
CA CYS A 48 11.77 -5.88 8.25
C CYS A 48 10.58 -6.78 7.88
N THR A 49 10.81 -8.09 7.89
CA THR A 49 9.74 -9.04 7.55
C THR A 49 8.59 -8.96 8.55
N GLN A 50 8.93 -8.67 9.80
CA GLN A 50 7.95 -8.54 10.87
C GLN A 50 7.08 -7.31 10.66
N ASP A 51 7.73 -6.16 10.44
CA ASP A 51 7.01 -4.90 10.25
C ASP A 51 6.17 -4.95 8.99
N LEU A 52 6.70 -5.62 7.98
CA LEU A 52 5.99 -5.80 6.72
C LEU A 52 4.68 -6.54 6.97
N GLY A 53 4.77 -7.68 7.63
CA GLY A 53 3.59 -8.49 7.90
C GLY A 53 2.58 -7.79 8.79
N ASN A 54 3.06 -7.14 9.85
CA ASN A 54 2.18 -6.46 10.80
C ASN A 54 1.48 -5.27 10.16
N SER A 55 2.19 -4.55 9.31
CA SER A 55 1.60 -3.42 8.59
C SER A 55 0.64 -3.92 7.52
N THR A 56 0.93 -5.10 6.98
CA THR A 56 0.04 -5.75 6.03
C THR A 56 -1.34 -5.97 6.66
N LYS A 57 -1.33 -6.38 7.93
CA LYS A 57 -2.57 -6.61 8.68
C LYS A 57 -3.35 -5.31 8.84
N ALA A 58 -2.64 -4.19 8.87
CA ALA A 58 -3.27 -2.89 9.04
C ALA A 58 -3.94 -2.42 7.75
N VAL A 59 -3.20 -2.50 6.64
CA VAL A 59 -3.71 -2.00 5.37
C VAL A 59 -4.76 -2.94 4.77
N SER A 60 -4.65 -4.23 5.04
CA SER A 60 -5.61 -5.20 4.51
C SER A 60 -6.98 -5.02 5.16
N SER A 61 -7.01 -4.71 6.44
CA SER A 61 -8.26 -4.45 7.13
C SER A 61 -8.79 -3.08 6.73
N ALA A 62 -7.89 -2.19 6.37
CA ALA A 62 -8.24 -0.84 5.98
C ALA A 62 -8.93 -0.80 4.62
N ILE A 63 -8.40 -1.55 3.65
CA ILE A 63 -9.00 -1.61 2.33
C ILE A 63 -10.40 -2.21 2.38
N ALA A 64 -10.62 -3.11 3.35
CA ALA A 64 -11.93 -3.69 3.55
C ALA A 64 -12.93 -2.63 4.02
N LYS A 65 -12.43 -1.69 4.81
CA LYS A 65 -13.24 -0.58 5.30
C LYS A 65 -13.47 0.45 4.19
N LEU A 66 -12.51 0.54 3.27
CA LEU A 66 -12.63 1.42 2.11
C LEU A 66 -13.65 0.88 1.12
N LEU A 67 -13.67 -0.44 0.99
CA LEU A 67 -14.57 -1.09 0.04
C LEU A 67 -16.00 -1.10 0.56
N GLY A 68 -16.76 -0.08 0.20
CA GLY A 68 -18.14 0.00 0.60
C GLY A 68 -18.95 0.86 -0.36
N GLU A 69 -19.96 0.26 -0.96
CA GLU A 69 -20.85 0.98 -1.85
C GLU A 69 -22.14 1.30 -1.12
N ILE A 70 -22.20 2.49 -0.54
CA ILE A 70 -23.32 2.90 0.30
C ILE A 70 -23.36 2.09 1.59
N ALA A 71 -22.76 2.64 2.64
CA ALA A 71 -22.76 2.01 3.95
C ALA A 71 -22.52 3.03 5.03
N GLN A 72 -21.26 3.44 5.17
CA GLN A 72 -20.88 4.46 6.14
C GLN A 72 -19.53 5.04 5.77
N GLY A 73 -19.54 6.05 4.90
CA GLY A 73 -18.35 6.77 4.59
C GLY A 73 -18.26 8.03 5.41
N ASN A 74 -19.40 8.74 5.46
CA ASN A 74 -19.57 9.92 6.31
C ASN A 74 -18.67 11.07 5.90
N GLU A 75 -17.40 10.94 6.26
CA GLU A 75 -16.39 11.98 6.09
C GLU A 75 -15.19 11.58 6.91
N ASN A 76 -15.47 11.27 8.17
CA ASN A 76 -14.44 10.86 9.12
C ASN A 76 -14.06 9.40 8.90
N TYR A 77 -15.06 8.53 8.79
CA TYR A 77 -14.83 7.10 8.63
C TYR A 77 -14.00 6.81 7.38
N ALA A 78 -14.38 7.44 6.27
CA ALA A 78 -13.65 7.30 5.03
C ALA A 78 -12.18 7.72 5.20
N GLY A 79 -11.98 8.78 5.96
CA GLY A 79 -10.63 9.25 6.24
C GLY A 79 -9.87 8.29 7.14
N ILE A 80 -10.58 7.67 8.08
CA ILE A 80 -9.98 6.69 8.97
C ILE A 80 -9.31 5.57 8.19
N ALA A 81 -10.08 4.94 7.30
CA ALA A 81 -9.59 3.82 6.52
C ALA A 81 -8.52 4.26 5.53
N ALA A 82 -8.67 5.47 4.99
CA ALA A 82 -7.68 6.01 4.06
C ALA A 82 -6.39 6.39 4.78
N ARG A 83 -6.49 6.59 6.09
CA ARG A 83 -5.32 6.86 6.91
C ARG A 83 -4.58 5.57 7.21
N ASP A 84 -5.35 4.53 7.58
CA ASP A 84 -4.79 3.24 7.94
C ASP A 84 -3.96 2.65 6.81
N VAL A 85 -4.48 2.73 5.58
CA VAL A 85 -3.75 2.25 4.41
C VAL A 85 -2.45 3.04 4.24
N ALA A 86 -2.54 4.36 4.34
CA ALA A 86 -1.38 5.22 4.18
C ALA A 86 -0.30 4.87 5.20
N GLY A 87 -0.69 4.78 6.47
CA GLY A 87 0.25 4.43 7.52
C GLY A 87 0.85 3.06 7.33
N GLY A 88 0.02 2.10 6.93
CA GLY A 88 0.49 0.75 6.69
C GLY A 88 1.47 0.69 5.54
N LEU A 89 1.21 1.47 4.50
CA LEU A 89 2.05 1.45 3.30
C LEU A 89 3.41 2.10 3.55
N ARG A 90 3.47 3.01 4.53
CA ARG A 90 4.75 3.61 4.90
C ARG A 90 5.70 2.53 5.39
N SER A 91 5.25 1.80 6.39
CA SER A 91 6.03 0.73 6.98
C SER A 91 6.22 -0.40 5.98
N LEU A 92 5.22 -0.61 5.15
CA LEU A 92 5.30 -1.57 4.05
C LEU A 92 6.52 -1.23 3.20
N ALA A 93 6.64 0.04 2.85
CA ALA A 93 7.76 0.54 2.07
C ALA A 93 9.07 0.37 2.82
N GLN A 94 9.10 0.83 4.07
CA GLN A 94 10.31 0.78 4.89
C GLN A 94 10.83 -0.65 5.03
N ALA A 95 9.91 -1.58 5.19
CA ALA A 95 10.27 -2.98 5.36
C ALA A 95 10.74 -3.59 4.03
N ALA A 96 10.02 -3.30 2.96
CA ALA A 96 10.35 -3.83 1.64
C ALA A 96 11.75 -3.41 1.20
N ARG A 97 12.03 -2.11 1.31
CA ARG A 97 13.35 -1.59 0.95
C ARG A 97 14.42 -2.21 1.84
N GLY A 98 14.06 -2.45 3.10
CA GLY A 98 14.98 -3.05 4.04
C GLY A 98 15.35 -4.47 3.64
N VAL A 99 14.34 -5.30 3.39
CA VAL A 99 14.56 -6.69 3.00
C VAL A 99 15.49 -6.78 1.80
N ALA A 100 15.24 -5.94 0.80
CA ALA A 100 16.03 -5.93 -0.43
C ALA A 100 17.47 -5.50 -0.16
N ALA A 101 17.63 -4.48 0.67
CA ALA A 101 18.95 -3.92 0.96
C ALA A 101 19.76 -4.88 1.84
N LEU A 102 19.07 -5.68 2.63
CA LEU A 102 19.73 -6.60 3.55
C LEU A 102 20.22 -7.86 2.85
N THR A 103 19.45 -8.33 1.88
CA THR A 103 19.85 -9.52 1.13
C THR A 103 20.91 -9.16 0.08
N SER A 104 21.81 -10.09 -0.18
CA SER A 104 22.89 -9.85 -1.12
C SER A 104 22.63 -10.59 -2.43
N ASP A 105 21.46 -11.20 -2.54
CA ASP A 105 21.09 -11.95 -3.73
C ASP A 105 20.42 -11.03 -4.75
N PRO A 106 21.08 -10.80 -5.89
CA PRO A 106 20.54 -9.98 -6.98
C PRO A 106 19.43 -10.72 -7.74
N ALA A 107 18.33 -10.94 -7.06
CA ALA A 107 17.15 -11.57 -7.65
C ALA A 107 15.95 -11.34 -6.74
N VAL A 108 16.09 -11.74 -5.49
CA VAL A 108 15.03 -11.53 -4.51
C VAL A 108 14.88 -10.04 -4.18
N GLN A 109 15.93 -9.27 -4.40
CA GLN A 109 15.89 -7.82 -4.20
C GLN A 109 14.78 -7.21 -5.05
N ALA A 110 14.68 -7.67 -6.29
CA ALA A 110 13.65 -7.20 -7.19
C ALA A 110 12.28 -7.74 -6.79
N ILE A 111 12.25 -8.98 -6.33
CA ILE A 111 11.01 -9.67 -6.02
C ILE A 111 10.28 -9.01 -4.84
N VAL A 112 11.04 -8.58 -3.83
CA VAL A 112 10.44 -7.97 -2.66
C VAL A 112 9.93 -6.56 -2.98
N LEU A 113 10.65 -5.85 -3.82
CA LEU A 113 10.26 -4.50 -4.20
C LEU A 113 9.10 -4.54 -5.16
N ASP A 114 9.20 -5.43 -6.14
CA ASP A 114 8.15 -5.59 -7.15
C ASP A 114 6.79 -5.88 -6.52
N THR A 115 6.77 -6.81 -5.58
CA THR A 115 5.52 -7.18 -4.92
C THR A 115 4.97 -6.00 -4.11
N ALA A 116 5.84 -5.34 -3.37
CA ALA A 116 5.44 -4.15 -2.60
C ALA A 116 4.99 -3.03 -3.54
N SER A 117 5.66 -2.92 -4.68
CA SER A 117 5.33 -1.92 -5.68
C SER A 117 3.97 -2.22 -6.27
N ASP A 118 3.64 -3.49 -6.43
CA ASP A 118 2.33 -3.88 -6.93
C ASP A 118 1.26 -3.57 -5.89
N VAL A 119 1.61 -3.75 -4.62
CA VAL A 119 0.72 -3.41 -3.52
C VAL A 119 0.33 -1.94 -3.57
N LEU A 120 1.33 -1.06 -3.51
CA LEU A 120 1.08 0.38 -3.50
C LEU A 120 0.46 0.83 -4.82
N ASP A 121 0.80 0.14 -5.90
CA ASP A 121 0.24 0.43 -7.22
C ASP A 121 -1.28 0.30 -7.17
N LYS A 122 -1.75 -0.82 -6.62
CA LYS A 122 -3.19 -1.05 -6.52
C LYS A 122 -3.79 -0.26 -5.36
N ALA A 123 -2.98 0.04 -4.36
CA ALA A 123 -3.46 0.82 -3.22
C ALA A 123 -3.84 2.22 -3.66
N SER A 124 -2.99 2.87 -4.43
CA SER A 124 -3.30 4.18 -4.95
C SER A 124 -4.47 4.09 -5.93
N SER A 125 -4.40 3.12 -6.83
CA SER A 125 -5.48 2.89 -7.78
C SER A 125 -6.81 2.62 -7.06
N LEU A 126 -6.73 1.99 -5.91
CA LEU A 126 -7.92 1.71 -5.10
C LEU A 126 -8.58 3.02 -4.70
N ILE A 127 -7.79 3.91 -4.12
CA ILE A 127 -8.29 5.20 -3.68
C ILE A 127 -8.71 6.07 -4.87
N GLU A 128 -7.92 6.03 -5.94
CA GLU A 128 -8.21 6.79 -7.15
C GLU A 128 -9.47 6.28 -7.84
N GLU A 129 -9.57 4.96 -7.97
CA GLU A 129 -10.76 4.34 -8.56
C GLU A 129 -11.98 4.68 -7.73
N ALA A 130 -11.84 4.62 -6.41
CA ALA A 130 -12.92 4.98 -5.50
C ALA A 130 -13.33 6.42 -5.70
N LYS A 131 -12.35 7.29 -5.94
CA LYS A 131 -12.61 8.70 -6.18
C LYS A 131 -13.39 8.88 -7.49
N LYS A 132 -13.07 8.06 -8.47
CA LYS A 132 -13.72 8.10 -9.77
C LYS A 132 -15.13 7.50 -9.71
N ALA A 133 -15.24 6.37 -9.01
CA ALA A 133 -16.49 5.64 -8.92
C ALA A 133 -17.49 6.37 -8.02
N SER A 134 -16.99 7.09 -7.02
CA SER A 134 -17.85 7.85 -6.14
C SER A 134 -18.45 9.03 -6.89
N GLY A 135 -19.73 9.25 -6.69
CA GLY A 135 -20.44 10.29 -7.39
C GLY A 135 -21.33 9.70 -8.47
N HIS A 136 -21.45 8.39 -8.45
CA HIS A 136 -22.28 7.67 -9.42
C HIS A 136 -23.40 6.95 -8.69
N PRO A 137 -24.61 7.53 -8.71
CA PRO A 137 -25.76 6.98 -7.98
C PRO A 137 -26.29 5.70 -8.60
N GLY A 138 -25.96 4.58 -7.96
CA GLY A 138 -26.40 3.29 -8.43
C GLY A 138 -25.59 2.79 -9.61
N ASP A 139 -24.30 2.68 -9.42
CA ASP A 139 -23.42 2.25 -10.50
C ASP A 139 -22.92 0.83 -10.25
N PRO A 140 -23.28 -0.10 -11.14
CA PRO A 140 -22.87 -1.51 -11.03
C PRO A 140 -21.35 -1.67 -11.16
N GLU A 141 -20.74 -0.88 -12.04
CA GLU A 141 -19.32 -0.96 -12.28
C GLU A 141 -18.55 -0.50 -11.06
N SER A 142 -19.03 0.55 -10.42
CA SER A 142 -18.44 1.08 -9.19
C SER A 142 -18.25 -0.05 -8.18
N GLN A 143 -19.25 -0.91 -8.07
CA GLN A 143 -19.21 -2.04 -7.15
C GLN A 143 -18.09 -3.00 -7.54
N GLN A 144 -18.08 -3.39 -8.81
CA GLN A 144 -17.16 -4.40 -9.31
C GLN A 144 -15.73 -3.91 -9.28
N ARG A 145 -15.50 -2.71 -9.80
CA ARG A 145 -14.17 -2.16 -9.95
C ARG A 145 -13.50 -1.98 -8.59
N LEU A 146 -14.27 -1.47 -7.62
CA LEU A 146 -13.75 -1.30 -6.27
C LEU A 146 -13.43 -2.66 -5.64
N ALA A 147 -14.30 -3.63 -5.85
CA ALA A 147 -14.10 -4.97 -5.30
C ALA A 147 -12.85 -5.62 -5.88
N GLN A 148 -12.64 -5.43 -7.17
CA GLN A 148 -11.48 -6.00 -7.85
C GLN A 148 -10.17 -5.42 -7.33
N VAL A 149 -10.10 -4.10 -7.25
CA VAL A 149 -8.88 -3.42 -6.86
C VAL A 149 -8.57 -3.66 -5.37
N ALA A 150 -9.60 -3.71 -4.54
CA ALA A 150 -9.42 -3.99 -3.12
C ALA A 150 -8.94 -5.42 -2.93
N LYS A 151 -9.49 -6.33 -3.71
CA LYS A 151 -9.10 -7.74 -3.67
C LYS A 151 -7.67 -7.91 -4.19
N ALA A 152 -7.31 -7.06 -5.15
CA ALA A 152 -5.96 -7.08 -5.72
C ALA A 152 -4.93 -6.70 -4.67
N VAL A 153 -5.22 -5.66 -3.90
CA VAL A 153 -4.34 -5.26 -2.80
C VAL A 153 -4.24 -6.38 -1.77
N THR A 154 -5.39 -6.99 -1.49
CA THR A 154 -5.46 -8.12 -0.58
C THR A 154 -4.44 -9.21 -0.95
N GLN A 155 -4.48 -9.62 -2.21
CA GLN A 155 -3.60 -10.69 -2.69
C GLN A 155 -2.16 -10.21 -2.83
N ALA A 156 -1.99 -8.97 -3.28
CA ALA A 156 -0.66 -8.39 -3.45
C ALA A 156 0.10 -8.38 -2.12
N LEU A 157 -0.61 -8.03 -1.05
CA LEU A 157 -0.03 -8.02 0.28
C LEU A 157 0.47 -9.41 0.68
N ASN A 158 -0.40 -10.39 0.55
CA ASN A 158 -0.06 -11.77 0.93
C ASN A 158 1.01 -12.34 0.00
N ARG A 159 0.98 -11.91 -1.26
CA ARG A 159 1.98 -12.33 -2.23
C ARG A 159 3.34 -11.75 -1.87
N CYS A 160 3.35 -10.54 -1.33
CA CYS A 160 4.59 -9.85 -1.01
C CYS A 160 5.29 -10.56 0.14
N VAL A 161 4.50 -10.85 1.18
CA VAL A 161 5.02 -11.55 2.34
C VAL A 161 5.34 -13.01 2.01
N SER A 162 4.72 -13.51 0.95
CA SER A 162 4.95 -14.88 0.49
C SER A 162 6.27 -14.97 -0.27
N CYS A 163 6.66 -13.87 -0.92
CA CYS A 163 7.90 -13.84 -1.70
C CYS A 163 9.09 -13.48 -0.82
N LEU A 164 8.84 -13.24 0.46
CA LEU A 164 9.90 -12.89 1.39
C LEU A 164 10.88 -14.04 1.58
N PRO A 165 12.16 -13.80 1.30
CA PRO A 165 13.21 -14.78 1.50
C PRO A 165 13.75 -14.76 2.94
N GLY A 166 13.41 -15.78 3.70
CA GLY A 166 13.89 -15.87 5.07
C GLY A 166 15.31 -16.38 5.13
N GLN A 167 16.24 -15.53 4.74
CA GLN A 167 17.65 -15.91 4.66
C GLN A 167 18.31 -15.90 6.03
N ARG A 168 18.65 -17.08 6.53
CA ARG A 168 19.39 -17.19 7.78
C ARG A 168 20.81 -17.69 7.50
N GLY A 1 -6.15 23.96 1.93
CA GLY A 1 -7.43 24.12 1.19
C GLY A 1 -8.56 24.52 2.10
N ILE A 2 -9.55 23.66 2.23
CA ILE A 2 -10.66 23.92 3.14
C ILE A 2 -10.21 23.67 4.58
N ASP A 3 -9.80 24.73 5.24
CA ASP A 3 -9.25 24.64 6.58
C ASP A 3 -10.29 24.23 7.63
N PRO A 4 -11.48 24.87 7.67
CA PRO A 4 -12.52 24.52 8.65
C PRO A 4 -13.22 23.20 8.33
N PHE A 5 -12.44 22.24 7.88
CA PHE A 5 -12.93 20.92 7.54
C PHE A 5 -12.01 19.86 8.11
N THR A 6 -10.93 20.33 8.72
CA THR A 6 -9.92 19.48 9.36
C THR A 6 -9.47 18.32 8.49
N GLY A 7 -9.30 18.59 7.20
CA GLY A 7 -8.82 17.56 6.29
C GLY A 7 -9.65 17.48 5.03
N PRO A 8 -9.52 18.47 4.12
CA PRO A 8 -10.25 18.46 2.85
C PRO A 8 -9.65 17.46 1.86
N LEU A 9 -10.50 16.86 1.03
CA LEU A 9 -10.08 15.85 0.08
C LEU A 9 -9.43 14.68 0.81
N GLU A 10 -10.24 14.04 1.67
CA GLU A 10 -9.79 12.98 2.55
C GLU A 10 -9.02 11.90 1.80
N MET A 11 -9.67 11.31 0.81
CA MET A 11 -9.07 10.22 0.05
C MET A 11 -7.98 10.72 -0.88
N ASP A 12 -8.13 11.93 -1.38
CA ASP A 12 -7.18 12.46 -2.35
C ASP A 12 -5.86 12.84 -1.67
N SER A 13 -5.95 13.37 -0.46
CA SER A 13 -4.77 13.71 0.32
C SER A 13 -4.06 12.45 0.78
N ALA A 14 -4.84 11.40 1.00
CA ALA A 14 -4.28 10.11 1.36
C ALA A 14 -3.58 9.49 0.15
N LEU A 15 -4.17 9.70 -1.02
CA LEU A 15 -3.62 9.17 -2.27
C LEU A 15 -2.27 9.80 -2.57
N SER A 16 -2.15 11.12 -2.38
CA SER A 16 -0.91 11.81 -2.67
C SER A 16 0.23 11.27 -1.81
N VAL A 17 -0.09 10.84 -0.60
CA VAL A 17 0.89 10.18 0.26
C VAL A 17 1.37 8.90 -0.40
N VAL A 18 0.44 8.10 -0.91
CA VAL A 18 0.75 6.85 -1.60
C VAL A 18 1.53 7.13 -2.89
N GLN A 19 1.17 8.22 -3.58
CA GLN A 19 1.85 8.62 -4.79
C GLN A 19 3.32 8.96 -4.50
N ASN A 20 3.58 9.48 -3.32
CA ASN A 20 4.95 9.76 -2.91
C ASN A 20 5.67 8.47 -2.51
N LEU A 21 4.89 7.49 -2.06
CA LEU A 21 5.45 6.20 -1.66
C LEU A 21 6.01 5.44 -2.86
N GLU A 22 5.24 5.41 -3.95
CA GLU A 22 5.70 4.73 -5.16
C GLU A 22 6.93 5.42 -5.73
N LYS A 23 6.92 6.74 -5.73
CA LYS A 23 8.04 7.51 -6.26
C LYS A 23 9.26 7.34 -5.36
N ASP A 24 9.01 7.09 -4.08
CA ASP A 24 10.09 6.76 -3.15
C ASP A 24 10.70 5.43 -3.56
N LEU A 25 9.86 4.42 -3.72
CA LEU A 25 10.32 3.08 -4.05
C LEU A 25 10.92 3.02 -5.45
N GLN A 26 10.46 3.87 -6.36
CA GLN A 26 11.02 3.93 -7.71
C GLN A 26 12.50 4.32 -7.66
N GLU A 27 12.85 5.09 -6.65
CA GLU A 27 14.25 5.46 -6.43
C GLU A 27 15.03 4.27 -5.89
N ILE A 28 14.37 3.50 -5.03
CA ILE A 28 14.94 2.27 -4.50
C ILE A 28 15.07 1.23 -5.62
N LYS A 29 14.07 1.18 -6.50
CA LYS A 29 14.10 0.29 -7.66
C LYS A 29 15.31 0.59 -8.52
N ALA A 30 15.51 1.86 -8.84
CA ALA A 30 16.66 2.29 -9.62
C ALA A 30 17.95 1.90 -8.92
N ALA A 31 17.99 2.15 -7.62
CA ALA A 31 19.15 1.81 -6.80
C ALA A 31 19.43 0.31 -6.81
N ALA A 32 18.37 -0.49 -6.65
CA ALA A 32 18.51 -1.94 -6.62
C ALA A 32 18.93 -2.49 -7.97
N ARG A 33 18.43 -1.87 -9.03
CA ARG A 33 18.77 -2.27 -10.38
C ARG A 33 20.26 -2.05 -10.65
N ASP A 34 20.79 -0.94 -10.15
CA ASP A 34 22.19 -0.61 -10.33
C ASP A 34 23.07 -1.45 -9.41
N GLY A 35 22.59 -1.67 -8.20
CA GLY A 35 23.38 -2.34 -7.19
C GLY A 35 23.84 -1.37 -6.13
N LYS A 36 22.97 -0.42 -5.81
CA LYS A 36 23.25 0.60 -4.82
C LYS A 36 22.51 0.32 -3.52
N LEU A 37 21.18 0.46 -3.58
CA LEU A 37 20.29 0.29 -2.43
C LEU A 37 20.69 1.13 -1.22
N LYS A 38 19.93 0.98 -0.14
CA LYS A 38 20.18 1.72 1.09
C LYS A 38 20.03 0.81 2.30
N PRO A 39 21.15 0.31 2.84
CA PRO A 39 21.13 -0.55 4.02
C PRO A 39 20.74 0.21 5.28
N LEU A 40 21.65 1.06 5.77
CA LEU A 40 21.44 1.85 6.99
C LEU A 40 20.97 0.96 8.14
N PRO A 41 21.93 0.34 8.86
CA PRO A 41 21.64 -0.61 9.93
C PRO A 41 20.64 -0.08 10.95
N GLY A 42 19.73 -0.95 11.36
CA GLY A 42 18.71 -0.57 12.31
C GLY A 42 17.56 -1.56 12.32
N GLU A 43 17.07 -1.87 11.13
CA GLU A 43 16.03 -2.86 10.97
C GLU A 43 16.65 -4.18 10.54
N THR A 44 16.30 -5.26 11.24
CA THR A 44 16.80 -6.57 10.89
C THR A 44 15.85 -7.25 9.90
N MET A 45 16.29 -8.37 9.33
CA MET A 45 15.44 -9.13 8.43
C MET A 45 14.16 -9.55 9.15
N GLU A 46 14.32 -10.02 10.38
CA GLU A 46 13.18 -10.41 11.19
C GLU A 46 12.24 -9.23 11.42
N LYS A 47 12.85 -8.08 11.73
CA LYS A 47 12.10 -6.85 11.94
C LYS A 47 11.29 -6.49 10.70
N CYS A 48 11.96 -6.42 9.56
CA CYS A 48 11.32 -6.03 8.31
C CYS A 48 10.27 -7.05 7.85
N THR A 49 10.61 -8.34 7.92
CA THR A 49 9.68 -9.39 7.50
C THR A 49 8.44 -9.40 8.39
N GLN A 50 8.64 -9.14 9.67
CA GLN A 50 7.53 -9.05 10.61
C GLN A 50 6.66 -7.84 10.31
N ASP A 51 7.30 -6.68 10.16
CA ASP A 51 6.58 -5.44 9.86
C ASP A 51 5.86 -5.55 8.53
N LEU A 52 6.45 -6.27 7.59
CA LEU A 52 5.80 -6.53 6.31
C LEU A 52 4.45 -7.20 6.54
N GLY A 53 4.48 -8.30 7.29
CA GLY A 53 3.25 -9.02 7.59
C GLY A 53 2.30 -8.23 8.44
N ASN A 54 2.84 -7.31 9.25
CA ASN A 54 2.01 -6.47 10.11
C ASN A 54 1.37 -5.34 9.31
N SER A 55 2.14 -4.74 8.41
CA SER A 55 1.62 -3.71 7.52
C SER A 55 0.55 -4.31 6.63
N THR A 56 0.74 -5.57 6.25
CA THR A 56 -0.26 -6.34 5.53
C THR A 56 -1.58 -6.33 6.30
N LYS A 57 -1.51 -6.66 7.59
CA LYS A 57 -2.70 -6.65 8.44
C LYS A 57 -3.30 -5.26 8.52
N ALA A 58 -2.44 -4.26 8.69
CA ALA A 58 -2.86 -2.87 8.84
C ALA A 58 -3.74 -2.43 7.67
N VAL A 59 -3.17 -2.45 6.46
CA VAL A 59 -3.89 -1.99 5.28
C VAL A 59 -5.06 -2.93 4.95
N SER A 60 -4.95 -4.19 5.34
CA SER A 60 -6.04 -5.15 5.15
C SER A 60 -7.23 -4.77 6.03
N SER A 61 -6.94 -4.31 7.24
CA SER A 61 -7.97 -3.83 8.15
C SER A 61 -8.54 -2.51 7.61
N ALA A 62 -7.67 -1.71 7.01
CA ALA A 62 -8.07 -0.42 6.47
C ALA A 62 -9.03 -0.58 5.30
N ILE A 63 -8.69 -1.43 4.34
CA ILE A 63 -9.54 -1.65 3.17
C ILE A 63 -10.89 -2.23 3.59
N ALA A 64 -10.94 -2.89 4.74
CA ALA A 64 -12.19 -3.41 5.26
C ALA A 64 -13.13 -2.26 5.60
N LYS A 65 -12.58 -1.25 6.27
CA LYS A 65 -13.32 -0.07 6.66
C LYS A 65 -13.54 0.84 5.45
N LEU A 66 -12.64 0.70 4.47
CA LEU A 66 -12.65 1.52 3.27
C LEU A 66 -13.71 1.05 2.28
N LEU A 67 -13.69 -0.24 1.98
CA LEU A 67 -14.60 -0.82 0.98
C LEU A 67 -15.98 -1.11 1.54
N GLY A 68 -16.16 -0.93 2.84
CA GLY A 68 -17.43 -1.23 3.46
C GLY A 68 -17.86 -0.20 4.46
N GLU A 69 -19.07 -0.37 5.00
CA GLU A 69 -19.60 0.48 6.08
C GLU A 69 -19.81 1.93 5.62
N ILE A 70 -19.91 2.10 4.31
CA ILE A 70 -20.18 3.41 3.69
C ILE A 70 -19.03 4.40 3.91
N ALA A 71 -18.24 4.59 2.87
CA ALA A 71 -17.15 5.54 2.88
C ALA A 71 -17.28 6.52 1.72
N GLN A 72 -18.49 6.63 1.19
CA GLN A 72 -18.74 7.52 0.07
C GLN A 72 -19.00 8.94 0.56
N GLY A 73 -17.98 9.77 0.50
CA GLY A 73 -18.13 11.16 0.89
C GLY A 73 -17.61 11.43 2.29
N ASN A 74 -17.95 12.59 2.83
CA ASN A 74 -17.45 13.01 4.14
C ASN A 74 -18.20 12.30 5.28
N GLU A 75 -18.35 10.99 5.14
CA GLU A 75 -19.00 10.17 6.15
C GLU A 75 -18.14 10.08 7.39
N ASN A 76 -17.06 9.31 7.29
CA ASN A 76 -16.13 9.09 8.39
C ASN A 76 -14.99 8.17 7.94
N TYR A 77 -15.36 6.99 7.45
CA TYR A 77 -14.38 5.99 7.03
C TYR A 77 -13.59 6.45 5.81
N ALA A 78 -14.20 7.31 5.01
CA ALA A 78 -13.55 7.82 3.80
C ALA A 78 -12.16 8.37 4.12
N GLY A 79 -12.08 9.21 5.14
CA GLY A 79 -10.81 9.78 5.52
C GLY A 79 -9.96 8.81 6.32
N ILE A 80 -10.57 8.23 7.35
CA ILE A 80 -9.86 7.33 8.26
C ILE A 80 -9.21 6.17 7.52
N ALA A 81 -10.01 5.43 6.76
CA ALA A 81 -9.53 4.22 6.12
C ALA A 81 -8.54 4.53 4.99
N ALA A 82 -8.79 5.62 4.26
CA ALA A 82 -7.88 6.02 3.19
C ALA A 82 -6.55 6.49 3.78
N ARG A 83 -6.62 7.08 4.96
CA ARG A 83 -5.42 7.48 5.68
C ARG A 83 -4.70 6.25 6.22
N ASP A 84 -5.46 5.26 6.64
CA ASP A 84 -4.91 4.05 7.24
C ASP A 84 -4.24 3.17 6.19
N VAL A 85 -4.86 3.03 5.01
CA VAL A 85 -4.26 2.24 3.94
C VAL A 85 -2.89 2.80 3.57
N ALA A 86 -2.79 4.13 3.57
CA ALA A 86 -1.53 4.79 3.26
C ALA A 86 -0.49 4.45 4.32
N GLY A 87 -0.90 4.46 5.59
CA GLY A 87 0.01 4.14 6.67
C GLY A 87 0.57 2.73 6.56
N GLY A 88 -0.31 1.79 6.27
CA GLY A 88 0.12 0.42 6.05
C GLY A 88 1.10 0.31 4.90
N LEU A 89 0.78 0.99 3.80
CA LEU A 89 1.63 1.00 2.61
C LEU A 89 3.00 1.61 2.90
N ARG A 90 3.05 2.65 3.73
CA ARG A 90 4.31 3.28 4.09
C ARG A 90 5.21 2.27 4.79
N SER A 91 4.67 1.68 5.85
CA SER A 91 5.38 0.69 6.62
C SER A 91 5.74 -0.51 5.75
N LEU A 92 4.84 -0.87 4.85
CA LEU A 92 5.05 -1.95 3.89
C LEU A 92 6.27 -1.65 3.03
N ALA A 93 6.24 -0.49 2.38
CA ALA A 93 7.30 -0.07 1.47
C ALA A 93 8.64 0.02 2.17
N GLN A 94 8.66 0.63 3.34
CA GLN A 94 9.89 0.84 4.09
C GLN A 94 10.49 -0.49 4.53
N ALA A 95 9.63 -1.42 4.95
CA ALA A 95 10.10 -2.73 5.38
C ALA A 95 10.64 -3.53 4.20
N ALA A 96 9.96 -3.43 3.07
CA ALA A 96 10.34 -4.17 1.87
C ALA A 96 11.74 -3.76 1.39
N ARG A 97 11.97 -2.45 1.28
CA ARG A 97 13.25 -1.95 0.81
C ARG A 97 14.35 -2.20 1.83
N GLY A 98 13.95 -2.35 3.09
CA GLY A 98 14.88 -2.77 4.12
C GLY A 98 15.31 -4.20 3.90
N VAL A 99 14.33 -5.08 3.66
CA VAL A 99 14.59 -6.48 3.34
C VAL A 99 15.61 -6.61 2.21
N ALA A 100 15.36 -5.89 1.12
CA ALA A 100 16.20 -5.95 -0.06
C ALA A 100 17.63 -5.47 0.22
N ALA A 101 17.76 -4.52 1.13
CA ALA A 101 19.06 -3.97 1.48
C ALA A 101 19.83 -4.92 2.38
N LEU A 102 19.10 -5.74 3.11
CA LEU A 102 19.70 -6.68 4.05
C LEU A 102 20.07 -7.99 3.37
N THR A 103 19.22 -8.44 2.47
CA THR A 103 19.47 -9.68 1.76
C THR A 103 20.55 -9.50 0.70
N SER A 104 21.29 -10.56 0.44
CA SER A 104 22.33 -10.54 -0.57
C SER A 104 22.00 -11.53 -1.67
N ASP A 105 20.78 -12.04 -1.65
CA ASP A 105 20.33 -13.01 -2.64
C ASP A 105 19.76 -12.31 -3.86
N PRO A 106 20.47 -12.38 -5.00
CA PRO A 106 20.09 -11.68 -6.23
C PRO A 106 18.87 -12.29 -6.91
N ALA A 107 17.73 -12.14 -6.27
CA ALA A 107 16.46 -12.60 -6.79
C ALA A 107 15.33 -12.00 -5.96
N VAL A 108 15.43 -12.19 -4.65
CA VAL A 108 14.43 -11.66 -3.74
C VAL A 108 14.54 -10.15 -3.62
N GLN A 109 15.73 -9.61 -3.88
CA GLN A 109 15.97 -8.17 -3.78
C GLN A 109 15.01 -7.40 -4.69
N ALA A 110 15.02 -7.74 -5.98
CA ALA A 110 14.13 -7.10 -6.94
C ALA A 110 12.68 -7.52 -6.71
N ILE A 111 12.49 -8.73 -6.20
CA ILE A 111 11.17 -9.29 -6.03
C ILE A 111 10.43 -8.66 -4.84
N VAL A 112 11.14 -8.41 -3.74
CA VAL A 112 10.53 -7.82 -2.56
C VAL A 112 10.05 -6.40 -2.84
N LEU A 113 10.83 -5.68 -3.65
CA LEU A 113 10.48 -4.31 -3.97
C LEU A 113 9.31 -4.27 -4.93
N ASP A 114 9.36 -5.14 -5.93
CA ASP A 114 8.32 -5.20 -6.96
C ASP A 114 6.97 -5.56 -6.34
N THR A 115 6.98 -6.56 -5.46
CA THR A 115 5.76 -7.00 -4.82
C THR A 115 5.16 -5.90 -3.95
N ALA A 116 6.01 -5.21 -3.19
CA ALA A 116 5.58 -4.10 -2.36
C ALA A 116 4.98 -2.98 -3.21
N SER A 117 5.55 -2.79 -4.38
CA SER A 117 5.09 -1.76 -5.30
C SER A 117 3.73 -2.13 -5.89
N ASP A 118 3.54 -3.42 -6.16
CA ASP A 118 2.27 -3.88 -6.71
C ASP A 118 1.14 -3.63 -5.71
N VAL A 119 1.48 -3.73 -4.43
CA VAL A 119 0.54 -3.44 -3.36
C VAL A 119 0.02 -2.01 -3.48
N LEU A 120 0.94 -1.05 -3.49
CA LEU A 120 0.58 0.36 -3.54
C LEU A 120 -0.05 0.71 -4.89
N ASP A 121 0.37 0.04 -5.96
CA ASP A 121 -0.21 0.26 -7.29
C ASP A 121 -1.70 0.00 -7.26
N LYS A 122 -2.07 -1.18 -6.77
CA LYS A 122 -3.47 -1.57 -6.68
C LYS A 122 -4.21 -0.67 -5.68
N ALA A 123 -3.55 -0.36 -4.57
CA ALA A 123 -4.14 0.48 -3.54
C ALA A 123 -4.42 1.89 -4.05
N SER A 124 -3.54 2.39 -4.91
CA SER A 124 -3.74 3.70 -5.52
C SER A 124 -4.99 3.70 -6.38
N SER A 125 -5.14 2.65 -7.19
CA SER A 125 -6.33 2.51 -8.03
C SER A 125 -7.57 2.31 -7.17
N LEU A 126 -7.39 1.67 -6.02
CA LEU A 126 -8.46 1.53 -5.05
C LEU A 126 -8.94 2.90 -4.60
N ILE A 127 -8.00 3.76 -4.23
CA ILE A 127 -8.33 5.12 -3.80
C ILE A 127 -8.90 5.94 -4.95
N GLU A 128 -8.32 5.79 -6.14
CA GLU A 128 -8.84 6.48 -7.32
C GLU A 128 -10.27 6.04 -7.61
N GLU A 129 -10.47 4.73 -7.65
CA GLU A 129 -11.79 4.15 -7.87
C GLU A 129 -12.77 4.65 -6.81
N ALA A 130 -12.35 4.63 -5.55
CA ALA A 130 -13.20 5.06 -4.45
C ALA A 130 -13.49 6.56 -4.55
N LYS A 131 -12.50 7.33 -4.97
CA LYS A 131 -12.65 8.78 -5.12
C LYS A 131 -13.73 9.08 -6.15
N LYS A 132 -13.74 8.30 -7.22
CA LYS A 132 -14.71 8.45 -8.28
C LYS A 132 -16.05 7.84 -7.87
N ALA A 133 -16.00 6.70 -7.20
CA ALA A 133 -17.20 6.01 -6.75
C ALA A 133 -18.02 6.89 -5.82
N SER A 134 -17.34 7.57 -4.90
CA SER A 134 -17.99 8.43 -3.94
C SER A 134 -18.72 9.59 -4.64
N GLY A 135 -18.25 9.96 -5.82
CA GLY A 135 -18.88 11.05 -6.56
C GLY A 135 -19.91 10.56 -7.54
N HIS A 136 -20.17 9.25 -7.53
CA HIS A 136 -21.13 8.64 -8.45
C HIS A 136 -22.48 8.43 -7.78
N PRO A 137 -23.55 8.99 -8.36
CA PRO A 137 -24.92 8.68 -7.96
C PRO A 137 -25.32 7.29 -8.46
N GLY A 138 -24.54 6.80 -9.40
CA GLY A 138 -24.70 5.48 -9.95
C GLY A 138 -23.36 4.78 -10.00
N ASP A 139 -23.13 3.91 -9.05
CA ASP A 139 -21.82 3.28 -8.87
C ASP A 139 -21.85 1.73 -8.93
N PRO A 140 -22.74 1.07 -9.71
CA PRO A 140 -22.77 -0.39 -9.74
C PRO A 140 -21.48 -0.98 -10.30
N GLU A 141 -21.03 -0.45 -11.44
CA GLU A 141 -19.80 -0.91 -12.07
C GLU A 141 -18.60 -0.38 -11.32
N SER A 142 -18.75 0.81 -10.74
CA SER A 142 -17.69 1.45 -9.98
C SER A 142 -17.35 0.62 -8.74
N GLN A 143 -18.37 0.19 -8.01
CA GLN A 143 -18.18 -0.63 -6.82
C GLN A 143 -17.69 -2.03 -7.18
N GLN A 144 -17.95 -2.46 -8.40
CA GLN A 144 -17.45 -3.76 -8.87
C GLN A 144 -15.94 -3.73 -8.90
N ARG A 145 -15.42 -2.60 -9.38
CA ARG A 145 -13.98 -2.37 -9.44
C ARG A 145 -13.40 -2.29 -8.04
N LEU A 146 -14.13 -1.62 -7.14
CA LEU A 146 -13.74 -1.51 -5.74
C LEU A 146 -13.52 -2.88 -5.13
N ALA A 147 -14.49 -3.76 -5.31
CA ALA A 147 -14.42 -5.12 -4.77
C ALA A 147 -13.26 -5.90 -5.35
N GLN A 148 -13.05 -5.76 -6.66
CA GLN A 148 -11.97 -6.46 -7.35
C GLN A 148 -10.61 -6.00 -6.85
N VAL A 149 -10.40 -4.69 -6.86
CA VAL A 149 -9.09 -4.14 -6.55
C VAL A 149 -8.75 -4.31 -5.07
N ALA A 150 -9.77 -4.34 -4.22
CA ALA A 150 -9.56 -4.59 -2.80
C ALA A 150 -8.92 -5.96 -2.59
N LYS A 151 -9.42 -6.96 -3.31
CA LYS A 151 -8.88 -8.30 -3.24
C LYS A 151 -7.52 -8.36 -3.93
N ALA A 152 -7.34 -7.52 -4.93
CA ALA A 152 -6.07 -7.42 -5.64
C ALA A 152 -4.98 -6.92 -4.70
N VAL A 153 -5.30 -5.91 -3.89
CA VAL A 153 -4.38 -5.41 -2.89
C VAL A 153 -4.07 -6.50 -1.87
N THR A 154 -5.11 -7.22 -1.47
CA THR A 154 -4.96 -8.30 -0.50
C THR A 154 -4.04 -9.40 -1.02
N GLN A 155 -4.15 -9.69 -2.32
CA GLN A 155 -3.27 -10.67 -2.95
C GLN A 155 -1.85 -10.13 -3.11
N ALA A 156 -1.74 -8.87 -3.47
CA ALA A 156 -0.43 -8.23 -3.61
C ALA A 156 0.34 -8.32 -2.29
N LEU A 157 -0.36 -8.07 -1.20
CA LEU A 157 0.20 -8.22 0.14
C LEU A 157 0.69 -9.66 0.35
N ASN A 158 -0.17 -10.61 0.02
CA ASN A 158 0.13 -12.03 0.18
C ASN A 158 1.32 -12.43 -0.69
N ARG A 159 1.38 -11.87 -1.90
CA ARG A 159 2.49 -12.12 -2.81
C ARG A 159 3.80 -11.64 -2.19
N CYS A 160 3.75 -10.51 -1.50
CA CYS A 160 4.95 -9.89 -0.95
C CYS A 160 5.45 -10.70 0.23
N VAL A 161 4.53 -11.05 1.12
CA VAL A 161 4.88 -11.81 2.31
C VAL A 161 5.31 -13.24 1.95
N SER A 162 4.88 -13.70 0.78
CA SER A 162 5.28 -15.01 0.29
C SER A 162 6.71 -14.96 -0.24
N CYS A 163 7.09 -13.80 -0.76
CA CYS A 163 8.42 -13.62 -1.33
C CYS A 163 9.43 -13.22 -0.26
N LEU A 164 8.93 -12.85 0.91
CA LEU A 164 9.78 -12.50 2.04
C LEU A 164 10.70 -13.65 2.39
N PRO A 165 12.02 -13.40 2.43
CA PRO A 165 12.99 -14.41 2.80
C PRO A 165 12.91 -14.78 4.29
N GLY A 166 12.07 -15.75 4.58
CA GLY A 166 11.94 -16.24 5.93
C GLY A 166 12.73 -17.52 6.11
N GLN A 167 13.42 -17.90 5.04
CA GLN A 167 14.26 -19.07 5.05
C GLN A 167 15.55 -18.79 5.81
N ARG A 168 15.61 -19.25 7.05
CA ARG A 168 16.81 -19.17 7.86
C ARG A 168 16.81 -20.26 8.92
N GLY A 1 -7.08 24.46 3.26
CA GLY A 1 -8.31 25.06 3.82
C GLY A 1 -8.42 24.86 5.32
N ILE A 2 -8.05 25.88 6.08
CA ILE A 2 -8.03 25.78 7.54
C ILE A 2 -9.41 26.08 8.15
N ASP A 3 -10.19 26.90 7.48
CA ASP A 3 -11.50 27.28 7.98
C ASP A 3 -12.63 26.64 7.17
N PRO A 4 -12.68 26.86 5.84
CA PRO A 4 -13.71 26.24 4.99
C PRO A 4 -13.53 24.73 4.91
N PHE A 5 -14.59 23.99 5.16
CA PHE A 5 -14.54 22.54 5.14
C PHE A 5 -15.54 22.01 4.13
N THR A 6 -15.11 21.97 2.88
CA THR A 6 -15.95 21.52 1.80
C THR A 6 -15.55 20.11 1.37
N GLY A 7 -14.68 19.51 2.16
CA GLY A 7 -14.17 18.19 1.83
C GLY A 7 -12.84 18.28 1.10
N PRO A 8 -11.72 18.19 1.84
CA PRO A 8 -10.39 18.23 1.25
C PRO A 8 -9.98 16.89 0.65
N LEU A 9 -10.88 15.91 0.77
CA LEU A 9 -10.64 14.55 0.26
C LEU A 9 -9.47 13.89 0.97
N GLU A 10 -9.77 13.22 2.08
CA GLU A 10 -8.76 12.46 2.81
C GLU A 10 -8.15 11.40 1.90
N MET A 11 -9.00 10.81 1.05
CA MET A 11 -8.55 9.81 0.09
C MET A 11 -7.49 10.36 -0.84
N ASP A 12 -7.74 11.53 -1.41
CA ASP A 12 -6.80 12.12 -2.35
C ASP A 12 -5.55 12.60 -1.62
N SER A 13 -5.73 13.07 -0.40
CA SER A 13 -4.61 13.46 0.44
C SER A 13 -3.73 12.25 0.75
N ALA A 14 -4.37 11.12 1.03
CA ALA A 14 -3.67 9.86 1.23
C ALA A 14 -2.98 9.43 -0.06
N LEU A 15 -3.70 9.54 -1.17
CA LEU A 15 -3.16 9.22 -2.48
C LEU A 15 -1.87 10.00 -2.75
N SER A 16 -1.83 11.22 -2.23
CA SER A 16 -0.66 12.08 -2.39
C SER A 16 0.57 11.43 -1.78
N VAL A 17 0.46 10.98 -0.53
CA VAL A 17 1.60 10.37 0.15
C VAL A 17 1.94 9.01 -0.46
N VAL A 18 0.93 8.32 -0.97
CA VAL A 18 1.14 7.05 -1.65
C VAL A 18 1.96 7.24 -2.92
N GLN A 19 1.65 8.31 -3.66
CA GLN A 19 2.42 8.66 -4.84
C GLN A 19 3.85 9.04 -4.46
N ASN A 20 3.99 9.70 -3.32
CA ASN A 20 5.32 10.03 -2.80
C ASN A 20 6.07 8.76 -2.42
N LEU A 21 5.32 7.73 -2.02
CA LEU A 21 5.90 6.45 -1.64
C LEU A 21 6.39 5.69 -2.87
N GLU A 22 5.53 5.57 -3.87
CA GLU A 22 5.86 4.81 -5.07
C GLU A 22 7.05 5.43 -5.79
N LYS A 23 7.10 6.77 -5.83
CA LYS A 23 8.22 7.46 -6.44
C LYS A 23 9.48 7.28 -5.63
N ASP A 24 9.32 7.20 -4.31
CA ASP A 24 10.45 6.92 -3.42
C ASP A 24 11.02 5.55 -3.77
N LEU A 25 10.14 4.58 -3.89
CA LEU A 25 10.56 3.21 -4.15
C LEU A 25 11.14 3.08 -5.55
N GLN A 26 10.74 3.95 -6.45
CA GLN A 26 11.32 4.00 -7.79
C GLN A 26 12.79 4.38 -7.71
N GLU A 27 13.10 5.34 -6.85
CA GLU A 27 14.48 5.76 -6.64
C GLU A 27 15.30 4.65 -5.99
N ILE A 28 14.70 4.02 -4.99
CA ILE A 28 15.33 2.89 -4.31
C ILE A 28 15.50 1.72 -5.27
N LYS A 29 14.55 1.59 -6.19
CA LYS A 29 14.60 0.57 -7.24
C LYS A 29 15.81 0.79 -8.13
N ALA A 30 16.05 2.07 -8.47
CA ALA A 30 17.23 2.43 -9.24
C ALA A 30 18.50 2.12 -8.46
N ALA A 31 18.46 2.40 -7.16
CA ALA A 31 19.58 2.11 -6.28
C ALA A 31 19.87 0.61 -6.24
N ALA A 32 18.81 -0.20 -6.16
CA ALA A 32 18.95 -1.65 -6.15
C ALA A 32 19.47 -2.15 -7.49
N ARG A 33 18.97 -1.57 -8.56
CA ARG A 33 19.38 -1.92 -9.92
C ARG A 33 20.87 -1.66 -10.10
N ASP A 34 21.34 -0.53 -9.57
CA ASP A 34 22.74 -0.14 -9.70
C ASP A 34 23.61 -0.90 -8.71
N GLY A 35 23.15 -0.97 -7.47
CA GLY A 35 23.91 -1.62 -6.43
C GLY A 35 24.30 -0.65 -5.33
N LYS A 36 23.39 0.24 -4.97
CA LYS A 36 23.66 1.29 -4.01
C LYS A 36 22.77 1.17 -2.77
N LEU A 37 22.14 0.01 -2.60
CA LEU A 37 21.31 -0.21 -1.41
C LEU A 37 22.18 -0.17 -0.17
N LYS A 38 21.60 0.28 0.93
CA LYS A 38 22.32 0.40 2.18
C LYS A 38 22.06 -0.81 3.07
N PRO A 39 23.00 -1.78 3.11
CA PRO A 39 22.84 -2.99 3.89
C PRO A 39 23.23 -2.82 5.35
N LEU A 40 23.99 -1.76 5.65
CA LEU A 40 24.42 -1.50 7.02
C LEU A 40 23.22 -1.16 7.92
N PRO A 41 22.36 -0.20 7.54
CA PRO A 41 21.12 0.06 8.25
C PRO A 41 19.95 -0.73 7.68
N GLY A 42 18.73 -0.37 8.06
CA GLY A 42 17.56 -1.02 7.50
C GLY A 42 16.94 -2.02 8.46
N GLU A 43 17.35 -1.96 9.73
CA GLU A 43 16.85 -2.86 10.77
C GLU A 43 17.19 -4.31 10.45
N THR A 44 16.62 -5.23 11.22
CA THR A 44 16.86 -6.63 11.02
C THR A 44 15.87 -7.23 10.02
N MET A 45 16.27 -8.33 9.39
CA MET A 45 15.46 -8.97 8.36
C MET A 45 14.15 -9.50 8.91
N GLU A 46 14.21 -10.14 10.08
CA GLU A 46 13.01 -10.70 10.69
C GLU A 46 12.05 -9.59 11.10
N LYS A 47 12.59 -8.48 11.59
CA LYS A 47 11.79 -7.31 11.92
C LYS A 47 11.03 -6.81 10.71
N CYS A 48 11.74 -6.57 9.62
CA CYS A 48 11.14 -6.05 8.40
C CYS A 48 10.08 -6.99 7.86
N THR A 49 10.41 -8.27 7.79
CA THR A 49 9.49 -9.26 7.21
C THR A 49 8.24 -9.47 8.06
N GLN A 50 8.41 -9.53 9.38
CA GLN A 50 7.27 -9.75 10.27
C GLN A 50 6.38 -8.51 10.35
N ASP A 51 6.99 -7.35 10.56
CA ASP A 51 6.23 -6.12 10.69
C ASP A 51 5.59 -5.72 9.36
N LEU A 52 6.16 -6.18 8.26
CA LEU A 52 5.55 -5.98 6.95
C LEU A 52 4.17 -6.62 6.94
N GLY A 53 4.08 -7.81 7.53
CA GLY A 53 2.81 -8.50 7.64
C GLY A 53 1.85 -7.76 8.56
N ASN A 54 2.40 -7.09 9.57
CA ASN A 54 1.61 -6.29 10.49
C ASN A 54 1.02 -5.08 9.78
N SER A 55 1.82 -4.47 8.91
CA SER A 55 1.35 -3.39 8.07
C SER A 55 0.31 -3.91 7.07
N THR A 56 0.55 -5.11 6.58
CA THR A 56 -0.38 -5.81 5.70
C THR A 56 -1.76 -5.93 6.36
N LYS A 57 -1.76 -6.30 7.64
CA LYS A 57 -2.98 -6.42 8.42
C LYS A 57 -3.75 -5.09 8.45
N ALA A 58 -3.00 -4.00 8.60
CA ALA A 58 -3.60 -2.67 8.63
C ALA A 58 -4.23 -2.32 7.29
N VAL A 59 -3.49 -2.57 6.21
CA VAL A 59 -3.99 -2.28 4.87
C VAL A 59 -5.20 -3.16 4.55
N SER A 60 -5.09 -4.45 4.87
CA SER A 60 -6.17 -5.41 4.62
C SER A 60 -7.44 -5.01 5.36
N SER A 61 -7.29 -4.43 6.54
CA SER A 61 -8.43 -3.97 7.32
C SER A 61 -8.99 -2.69 6.72
N ALA A 62 -8.10 -1.78 6.34
CA ALA A 62 -8.50 -0.49 5.78
C ALA A 62 -9.29 -0.67 4.50
N ILE A 63 -8.81 -1.52 3.60
CA ILE A 63 -9.47 -1.75 2.32
C ILE A 63 -10.85 -2.38 2.53
N ALA A 64 -11.03 -3.04 3.67
CA ALA A 64 -12.31 -3.62 4.01
C ALA A 64 -13.29 -2.54 4.45
N LYS A 65 -12.79 -1.53 5.15
CA LYS A 65 -13.60 -0.40 5.57
C LYS A 65 -13.91 0.51 4.38
N LEU A 66 -13.02 0.51 3.38
CA LEU A 66 -13.25 1.25 2.15
C LEU A 66 -14.47 0.67 1.41
N LEU A 67 -14.74 -0.60 1.65
CA LEU A 67 -15.90 -1.27 1.07
C LEU A 67 -17.17 -0.95 1.85
N GLY A 68 -17.04 -0.07 2.84
CA GLY A 68 -18.18 0.31 3.65
C GLY A 68 -18.86 1.55 3.11
N GLU A 69 -20.08 1.36 2.61
CA GLU A 69 -20.85 2.46 2.05
C GLU A 69 -21.37 3.33 3.18
N ILE A 70 -21.55 4.61 2.90
CA ILE A 70 -21.90 5.61 3.91
C ILE A 70 -23.13 5.19 4.72
N ALA A 71 -24.18 4.77 4.04
CA ALA A 71 -25.44 4.43 4.70
C ALA A 71 -25.36 3.09 5.44
N GLN A 72 -24.21 2.45 5.39
CA GLN A 72 -24.01 1.19 6.11
C GLN A 72 -23.46 1.46 7.50
N GLY A 73 -22.92 2.65 7.70
CA GLY A 73 -22.33 2.98 8.98
C GLY A 73 -22.03 4.46 9.11
N ASN A 74 -20.81 4.85 8.76
CA ASN A 74 -20.38 6.23 8.90
C ASN A 74 -19.66 6.70 7.64
N GLU A 75 -20.00 7.91 7.19
CA GLU A 75 -19.35 8.52 6.03
C GLU A 75 -17.84 8.65 6.25
N ASN A 76 -17.45 8.78 7.50
CA ASN A 76 -16.05 8.98 7.87
C ASN A 76 -15.18 7.79 7.49
N TYR A 77 -15.78 6.62 7.27
CA TYR A 77 -15.00 5.41 6.95
C TYR A 77 -14.17 5.65 5.69
N ALA A 78 -14.69 6.47 4.78
CA ALA A 78 -13.99 6.80 3.55
C ALA A 78 -12.65 7.46 3.85
N GLY A 79 -12.66 8.43 4.76
CA GLY A 79 -11.44 9.12 5.13
C GLY A 79 -10.59 8.34 6.11
N ILE A 80 -11.25 7.66 7.05
CA ILE A 80 -10.56 6.89 8.07
C ILE A 80 -9.71 5.77 7.45
N ALA A 81 -10.34 4.95 6.61
CA ALA A 81 -9.67 3.82 6.01
C ALA A 81 -8.62 4.27 5.00
N ALA A 82 -8.87 5.39 4.35
CA ALA A 82 -7.91 5.96 3.40
C ALA A 82 -6.65 6.41 4.13
N ARG A 83 -6.81 6.82 5.38
CA ARG A 83 -5.67 7.16 6.22
C ARG A 83 -4.88 5.91 6.58
N ASP A 84 -5.60 4.83 6.86
CA ASP A 84 -4.96 3.59 7.31
C ASP A 84 -4.11 2.98 6.21
N VAL A 85 -4.59 3.01 4.97
CA VAL A 85 -3.78 2.54 3.86
C VAL A 85 -2.59 3.47 3.62
N ALA A 86 -2.82 4.78 3.75
CA ALA A 86 -1.77 5.77 3.56
C ALA A 86 -0.59 5.47 4.49
N GLY A 87 -0.90 5.25 5.76
CA GLY A 87 0.14 4.91 6.72
C GLY A 87 0.65 3.50 6.50
N GLY A 88 -0.25 2.61 6.10
CA GLY A 88 0.10 1.22 5.87
C GLY A 88 1.16 1.05 4.79
N LEU A 89 0.94 1.65 3.63
CA LEU A 89 1.89 1.56 2.53
C LEU A 89 3.22 2.22 2.87
N ARG A 90 3.20 3.19 3.77
CA ARG A 90 4.44 3.82 4.22
C ARG A 90 5.28 2.80 4.98
N SER A 91 4.65 2.18 5.96
CA SER A 91 5.27 1.11 6.72
C SER A 91 5.67 -0.06 5.82
N LEU A 92 4.78 -0.38 4.88
CA LEU A 92 5.01 -1.42 3.89
C LEU A 92 6.29 -1.13 3.11
N ALA A 93 6.36 0.09 2.57
CA ALA A 93 7.48 0.50 1.75
C ALA A 93 8.82 0.41 2.48
N GLN A 94 8.91 1.05 3.65
CA GLN A 94 10.17 1.15 4.36
C GLN A 94 10.74 -0.22 4.73
N ALA A 95 9.87 -1.08 5.22
CA ALA A 95 10.29 -2.42 5.66
C ALA A 95 10.76 -3.27 4.48
N ALA A 96 10.03 -3.17 3.36
CA ALA A 96 10.33 -3.98 2.19
C ALA A 96 11.70 -3.64 1.59
N ARG A 97 12.08 -2.36 1.64
CA ARG A 97 13.33 -1.94 1.04
C ARG A 97 14.51 -2.45 1.84
N GLY A 98 14.35 -2.50 3.16
CA GLY A 98 15.40 -3.00 4.02
C GLY A 98 15.71 -4.45 3.77
N VAL A 99 14.67 -5.23 3.52
CA VAL A 99 14.81 -6.64 3.20
C VAL A 99 15.74 -6.84 2.01
N ALA A 100 15.50 -6.08 0.95
CA ALA A 100 16.27 -6.20 -0.28
C ALA A 100 17.70 -5.72 -0.09
N ALA A 101 17.90 -4.81 0.86
CA ALA A 101 19.22 -4.29 1.16
C ALA A 101 20.05 -5.30 1.93
N LEU A 102 19.40 -5.98 2.87
CA LEU A 102 20.08 -6.92 3.76
C LEU A 102 20.50 -8.19 3.01
N THR A 103 19.64 -8.68 2.12
CA THR A 103 19.95 -9.88 1.37
C THR A 103 20.90 -9.55 0.21
N SER A 104 21.78 -10.48 -0.11
CA SER A 104 22.78 -10.26 -1.15
C SER A 104 22.55 -11.21 -2.32
N ASP A 105 21.32 -11.67 -2.46
CA ASP A 105 20.96 -12.55 -3.57
C ASP A 105 20.16 -11.78 -4.62
N PRO A 106 20.76 -11.59 -5.80
CA PRO A 106 20.14 -10.82 -6.89
C PRO A 106 18.97 -11.55 -7.53
N ALA A 107 17.90 -11.71 -6.77
CA ALA A 107 16.66 -12.30 -7.25
C ALA A 107 15.54 -11.97 -6.28
N VAL A 108 15.74 -12.35 -5.03
CA VAL A 108 14.78 -12.03 -3.98
C VAL A 108 14.74 -10.53 -3.72
N GLN A 109 15.88 -9.86 -3.98
CA GLN A 109 15.96 -8.41 -3.87
C GLN A 109 14.92 -7.75 -4.76
N ALA A 110 14.81 -8.25 -5.99
CA ALA A 110 13.88 -7.69 -6.95
C ALA A 110 12.45 -8.10 -6.61
N ILE A 111 12.29 -9.33 -6.13
CA ILE A 111 10.98 -9.88 -5.85
C ILE A 111 10.28 -9.14 -4.71
N VAL A 112 11.04 -8.77 -3.67
CA VAL A 112 10.47 -8.06 -2.52
C VAL A 112 10.08 -6.63 -2.90
N LEU A 113 10.86 -6.02 -3.77
CA LEU A 113 10.60 -4.65 -4.18
C LEU A 113 9.46 -4.62 -5.20
N ASP A 114 9.53 -5.57 -6.12
CA ASP A 114 8.51 -5.71 -7.17
C ASP A 114 7.13 -5.88 -6.57
N THR A 115 7.04 -6.74 -5.55
CA THR A 115 5.77 -6.99 -4.89
C THR A 115 5.31 -5.78 -4.09
N ALA A 116 6.25 -5.11 -3.42
CA ALA A 116 5.93 -3.88 -2.70
C ALA A 116 5.36 -2.83 -3.66
N SER A 117 5.98 -2.75 -4.83
CA SER A 117 5.53 -1.82 -5.86
C SER A 117 4.19 -2.28 -6.44
N ASP A 118 3.98 -3.59 -6.48
CA ASP A 118 2.73 -4.16 -6.95
C ASP A 118 1.58 -3.82 -6.01
N VAL A 119 1.87 -3.88 -4.71
CA VAL A 119 0.89 -3.50 -3.69
C VAL A 119 0.41 -2.07 -3.88
N LEU A 120 1.36 -1.13 -3.90
CA LEU A 120 1.02 0.28 -4.04
C LEU A 120 0.41 0.57 -5.41
N ASP A 121 0.81 -0.20 -6.42
CA ASP A 121 0.28 -0.05 -7.77
C ASP A 121 -1.23 -0.20 -7.77
N LYS A 122 -1.72 -1.26 -7.15
CA LYS A 122 -3.14 -1.51 -7.06
C LYS A 122 -3.78 -0.62 -6.00
N ALA A 123 -3.03 -0.31 -4.95
CA ALA A 123 -3.53 0.53 -3.87
C ALA A 123 -3.81 1.95 -4.35
N SER A 124 -2.98 2.45 -5.24
CA SER A 124 -3.17 3.77 -5.81
C SER A 124 -4.46 3.80 -6.64
N SER A 125 -4.66 2.77 -7.46
CA SER A 125 -5.86 2.66 -8.26
C SER A 125 -7.06 2.30 -7.39
N LEU A 126 -6.80 1.77 -6.21
CA LEU A 126 -7.84 1.54 -5.22
C LEU A 126 -8.38 2.88 -4.72
N ILE A 127 -7.47 3.79 -4.41
CA ILE A 127 -7.84 5.12 -3.97
C ILE A 127 -8.53 5.89 -5.09
N GLU A 128 -7.91 5.88 -6.27
CA GLU A 128 -8.51 6.52 -7.44
C GLU A 128 -9.82 5.84 -7.85
N GLU A 129 -9.93 4.55 -7.56
CA GLU A 129 -11.21 3.86 -7.73
C GLU A 129 -12.26 4.52 -6.85
N ALA A 130 -11.92 4.67 -5.57
CA ALA A 130 -12.80 5.29 -4.61
C ALA A 130 -13.05 6.76 -4.94
N LYS A 131 -12.04 7.41 -5.53
CA LYS A 131 -12.17 8.78 -6.01
C LYS A 131 -13.40 8.92 -6.91
N LYS A 132 -13.55 7.99 -7.83
CA LYS A 132 -14.70 7.97 -8.72
C LYS A 132 -15.93 7.44 -8.00
N ALA A 133 -15.76 6.28 -7.35
CA ALA A 133 -16.88 5.58 -6.72
C ALA A 133 -17.58 6.39 -5.64
N SER A 134 -16.85 7.31 -5.00
CA SER A 134 -17.42 8.15 -3.96
C SER A 134 -18.43 9.14 -4.53
N GLY A 135 -18.47 9.22 -5.85
CA GLY A 135 -19.48 10.03 -6.51
C GLY A 135 -20.56 9.18 -7.12
N HIS A 136 -20.58 7.91 -6.75
CA HIS A 136 -21.57 6.97 -7.26
C HIS A 136 -22.33 6.31 -6.12
N PRO A 137 -23.30 7.01 -5.52
CA PRO A 137 -24.09 6.47 -4.41
C PRO A 137 -25.24 5.59 -4.89
N GLY A 138 -25.55 5.67 -6.17
CA GLY A 138 -26.67 4.94 -6.71
C GLY A 138 -26.26 3.89 -7.73
N ASP A 139 -24.97 3.58 -7.76
CA ASP A 139 -24.45 2.59 -8.69
C ASP A 139 -24.09 1.30 -7.97
N PRO A 140 -24.80 0.21 -8.28
CA PRO A 140 -24.51 -1.10 -7.70
C PRO A 140 -23.16 -1.63 -8.17
N GLU A 141 -22.74 -1.20 -9.35
CA GLU A 141 -21.47 -1.59 -9.92
C GLU A 141 -20.30 -0.94 -9.17
N SER A 142 -20.61 0.12 -8.43
CA SER A 142 -19.59 0.88 -7.71
C SER A 142 -18.88 -0.01 -6.70
N GLN A 143 -19.65 -0.85 -6.02
CA GLN A 143 -19.10 -1.74 -5.00
C GLN A 143 -18.17 -2.79 -5.63
N GLN A 144 -18.49 -3.20 -6.85
CA GLN A 144 -17.70 -4.20 -7.55
C GLN A 144 -16.36 -3.63 -7.95
N ARG A 145 -16.37 -2.36 -8.37
CA ARG A 145 -15.14 -1.67 -8.72
C ARG A 145 -14.18 -1.68 -7.55
N LEU A 146 -14.68 -1.25 -6.39
CA LEU A 146 -13.88 -1.21 -5.17
C LEU A 146 -13.48 -2.61 -4.71
N ALA A 147 -14.44 -3.52 -4.68
CA ALA A 147 -14.21 -4.87 -4.17
C ALA A 147 -13.15 -5.61 -4.96
N GLN A 148 -13.16 -5.44 -6.28
CA GLN A 148 -12.26 -6.18 -7.15
C GLN A 148 -10.84 -5.63 -7.04
N VAL A 149 -10.71 -4.31 -6.93
CA VAL A 149 -9.39 -3.70 -6.83
C VAL A 149 -8.81 -3.89 -5.43
N ALA A 150 -9.70 -3.91 -4.43
CA ALA A 150 -9.29 -4.19 -3.06
C ALA A 150 -8.80 -5.63 -2.95
N LYS A 151 -9.42 -6.51 -3.73
CA LYS A 151 -9.00 -7.90 -3.79
C LYS A 151 -7.61 -7.99 -4.42
N ALA A 152 -7.37 -7.19 -5.45
CA ALA A 152 -6.07 -7.11 -6.08
C ALA A 152 -5.00 -6.65 -5.08
N VAL A 153 -5.36 -5.67 -4.25
CA VAL A 153 -4.48 -5.20 -3.19
C VAL A 153 -4.22 -6.32 -2.19
N THR A 154 -5.28 -7.02 -1.81
CA THR A 154 -5.18 -8.15 -0.89
C THR A 154 -4.22 -9.21 -1.43
N GLN A 155 -4.40 -9.55 -2.70
CA GLN A 155 -3.56 -10.54 -3.36
C GLN A 155 -2.12 -10.05 -3.48
N ALA A 156 -1.96 -8.76 -3.70
CA ALA A 156 -0.64 -8.15 -3.77
C ALA A 156 0.07 -8.24 -2.42
N LEU A 157 -0.68 -7.94 -1.36
CA LEU A 157 -0.16 -8.04 0.00
C LEU A 157 0.33 -9.45 0.29
N ASN A 158 -0.53 -10.43 0.04
CA ASN A 158 -0.19 -11.83 0.28
C ASN A 158 0.96 -12.26 -0.63
N ARG A 159 0.94 -11.77 -1.86
CA ARG A 159 2.01 -12.03 -2.82
C ARG A 159 3.36 -11.55 -2.29
N CYS A 160 3.35 -10.40 -1.62
CA CYS A 160 4.57 -9.80 -1.13
C CYS A 160 5.08 -10.56 0.07
N VAL A 161 4.20 -10.77 1.04
CA VAL A 161 4.57 -11.42 2.29
C VAL A 161 4.94 -12.88 2.08
N SER A 162 4.48 -13.47 0.99
CA SER A 162 4.76 -14.87 0.70
C SER A 162 6.18 -15.05 0.16
N CYS A 163 6.60 -14.14 -0.71
CA CYS A 163 7.91 -14.26 -1.36
C CYS A 163 9.02 -13.62 -0.52
N LEU A 164 8.65 -13.06 0.62
CA LEU A 164 9.60 -12.39 1.50
C LEU A 164 10.74 -13.30 1.92
N PRO A 165 11.97 -12.91 1.61
CA PRO A 165 13.15 -13.56 2.12
C PRO A 165 13.41 -13.14 3.57
N GLY A 166 12.99 -13.99 4.49
CA GLY A 166 13.14 -13.70 5.90
C GLY A 166 13.85 -14.82 6.61
N GLN A 167 14.87 -15.35 5.97
CA GLN A 167 15.61 -16.48 6.50
C GLN A 167 17.05 -16.09 6.79
N ARG A 168 17.61 -16.69 7.83
CA ARG A 168 19.00 -16.48 8.17
C ARG A 168 19.60 -17.78 8.68
N GLY A 1 -7.60 34.55 -3.07
CA GLY A 1 -8.10 33.64 -4.12
C GLY A 1 -7.46 32.27 -4.03
N ILE A 2 -7.96 31.45 -3.10
CA ILE A 2 -7.39 30.12 -2.88
C ILE A 2 -8.40 29.06 -3.27
N ASP A 3 -8.07 28.30 -4.31
CA ASP A 3 -8.91 27.20 -4.75
C ASP A 3 -8.68 25.99 -3.83
N PRO A 4 -9.69 25.12 -3.69
CA PRO A 4 -9.59 23.94 -2.83
C PRO A 4 -8.52 22.96 -3.30
N PHE A 5 -7.33 23.11 -2.76
CA PHE A 5 -6.21 22.24 -3.08
C PHE A 5 -5.32 22.07 -1.85
N THR A 6 -5.88 22.42 -0.71
CA THR A 6 -5.16 22.35 0.56
C THR A 6 -5.59 21.11 1.34
N GLY A 7 -6.01 20.09 0.61
CA GLY A 7 -6.53 18.89 1.22
C GLY A 7 -8.04 18.84 1.18
N PRO A 8 -8.64 18.67 -0.02
CA PRO A 8 -10.09 18.65 -0.18
C PRO A 8 -10.72 17.46 0.52
N LEU A 9 -10.13 16.29 0.31
CA LEU A 9 -10.62 15.06 0.90
C LEU A 9 -9.46 14.27 1.47
N GLU A 10 -9.71 13.60 2.59
CA GLU A 10 -8.70 12.78 3.25
C GLU A 10 -8.21 11.69 2.30
N MET A 11 -9.14 11.11 1.54
CA MET A 11 -8.78 10.11 0.54
C MET A 11 -7.80 10.66 -0.49
N ASP A 12 -7.97 11.93 -0.84
CA ASP A 12 -7.10 12.56 -1.82
C ASP A 12 -5.72 12.80 -1.21
N SER A 13 -5.73 13.21 0.05
CA SER A 13 -4.50 13.43 0.79
C SER A 13 -3.72 12.13 0.93
N ALA A 14 -4.43 11.07 1.32
CA ALA A 14 -3.85 9.75 1.45
C ALA A 14 -3.34 9.24 0.12
N LEU A 15 -4.12 9.45 -0.94
CA LEU A 15 -3.73 9.06 -2.29
C LEU A 15 -2.44 9.77 -2.68
N SER A 16 -2.33 11.04 -2.31
CA SER A 16 -1.13 11.82 -2.57
C SER A 16 0.08 11.19 -1.89
N VAL A 17 -0.14 10.63 -0.70
CA VAL A 17 0.91 9.94 0.02
C VAL A 17 1.35 8.71 -0.74
N VAL A 18 0.40 7.97 -1.30
CA VAL A 18 0.71 6.81 -2.10
C VAL A 18 1.51 7.21 -3.33
N GLN A 19 1.21 8.39 -3.88
CA GLN A 19 1.89 8.89 -5.06
C GLN A 19 3.37 9.17 -4.78
N ASN A 20 3.69 9.69 -3.60
CA ASN A 20 5.09 9.95 -3.28
C ASN A 20 5.79 8.65 -2.94
N LEU A 21 5.04 7.68 -2.46
CA LEU A 21 5.61 6.42 -2.06
C LEU A 21 6.13 5.67 -3.27
N GLU A 22 5.34 5.62 -4.33
CA GLU A 22 5.73 4.93 -5.56
C GLU A 22 6.93 5.60 -6.19
N LYS A 23 7.00 6.94 -6.11
CA LYS A 23 8.14 7.69 -6.65
C LYS A 23 9.43 7.24 -5.97
N ASP A 24 9.41 7.17 -4.65
CA ASP A 24 10.58 6.73 -3.89
C ASP A 24 10.93 5.29 -4.22
N LEU A 25 9.92 4.45 -4.38
CA LEU A 25 10.15 3.05 -4.69
C LEU A 25 10.74 2.90 -6.09
N GLN A 26 10.35 3.79 -7.00
CA GLN A 26 10.93 3.80 -8.34
C GLN A 26 12.42 4.07 -8.28
N GLU A 27 12.81 5.02 -7.43
CA GLU A 27 14.21 5.37 -7.25
C GLU A 27 14.98 4.24 -6.58
N ILE A 28 14.37 3.65 -5.55
CA ILE A 28 14.99 2.54 -4.84
C ILE A 28 15.11 1.32 -5.76
N LYS A 29 14.16 1.17 -6.67
CA LYS A 29 14.19 0.13 -7.68
C LYS A 29 15.44 0.27 -8.55
N ALA A 30 15.71 1.51 -8.98
CA ALA A 30 16.90 1.80 -9.76
C ALA A 30 18.15 1.66 -8.92
N ALA A 31 18.07 2.13 -7.69
CA ALA A 31 19.20 2.05 -6.75
C ALA A 31 19.60 0.59 -6.51
N ALA A 32 18.60 -0.28 -6.41
CA ALA A 32 18.85 -1.71 -6.22
C ALA A 32 19.55 -2.30 -7.44
N ARG A 33 19.11 -1.89 -8.61
CA ARG A 33 19.72 -2.35 -9.87
C ARG A 33 21.15 -1.85 -9.99
N ASP A 34 21.37 -0.61 -9.57
CA ASP A 34 22.70 0.00 -9.65
C ASP A 34 23.62 -0.58 -8.59
N GLY A 35 23.06 -0.88 -7.42
CA GLY A 35 23.83 -1.46 -6.34
C GLY A 35 23.97 -0.51 -5.17
N LYS A 36 23.24 0.59 -5.21
CA LYS A 36 23.31 1.60 -4.15
C LYS A 36 22.26 1.35 -3.08
N LEU A 37 21.64 0.18 -3.13
CA LEU A 37 20.66 -0.20 -2.12
C LEU A 37 21.31 -0.25 -0.75
N LYS A 38 20.80 0.55 0.17
CA LYS A 38 21.34 0.66 1.52
C LYS A 38 21.34 -0.70 2.21
N PRO A 39 22.52 -1.31 2.39
CA PRO A 39 22.62 -2.67 2.91
C PRO A 39 22.46 -2.74 4.42
N LEU A 40 22.52 -1.58 5.06
CA LEU A 40 22.34 -1.49 6.51
C LEU A 40 21.09 -0.68 6.83
N PRO A 41 19.93 -1.35 6.94
CA PRO A 41 18.68 -0.68 7.31
C PRO A 41 18.69 -0.22 8.75
N GLY A 42 19.61 -0.76 9.54
CA GLY A 42 19.72 -0.40 10.93
C GLY A 42 18.95 -1.35 11.82
N GLU A 43 18.42 -2.39 11.21
CA GLU A 43 17.64 -3.39 11.93
C GLU A 43 17.82 -4.77 11.30
N THR A 44 17.38 -5.79 12.00
CA THR A 44 17.49 -7.15 11.53
C THR A 44 16.34 -7.51 10.59
N MET A 45 16.50 -8.61 9.86
CA MET A 45 15.49 -9.05 8.91
C MET A 45 14.18 -9.39 9.61
N GLU A 46 14.28 -9.92 10.83
CA GLU A 46 13.10 -10.29 11.60
C GLU A 46 12.17 -9.09 11.78
N LYS A 47 12.75 -7.90 11.94
CA LYS A 47 11.97 -6.69 12.05
C LYS A 47 11.24 -6.39 10.77
N CYS A 48 11.97 -6.40 9.67
CA CYS A 48 11.42 -6.07 8.36
C CYS A 48 10.33 -7.07 7.96
N THR A 49 10.57 -8.35 8.20
CA THR A 49 9.60 -9.38 7.85
C THR A 49 8.35 -9.29 8.73
N GLN A 50 8.54 -8.91 9.98
CA GLN A 50 7.42 -8.74 10.90
C GLN A 50 6.67 -7.46 10.58
N ASP A 51 7.40 -6.39 10.34
CA ASP A 51 6.82 -5.09 10.01
C ASP A 51 6.04 -5.18 8.71
N LEU A 52 6.55 -5.99 7.78
CA LEU A 52 5.87 -6.23 6.51
C LEU A 52 4.51 -6.87 6.76
N GLY A 53 4.48 -7.81 7.70
CA GLY A 53 3.23 -8.44 8.08
C GLY A 53 2.31 -7.48 8.82
N ASN A 54 2.89 -6.71 9.74
CA ASN A 54 2.11 -5.74 10.51
C ASN A 54 1.46 -4.70 9.61
N SER A 55 2.23 -4.19 8.65
CA SER A 55 1.71 -3.23 7.69
C SER A 55 0.63 -3.86 6.83
N THR A 56 0.87 -5.09 6.38
CA THR A 56 -0.11 -5.86 5.64
C THR A 56 -1.42 -5.95 6.42
N LYS A 57 -1.32 -6.36 7.68
CA LYS A 57 -2.49 -6.50 8.55
C LYS A 57 -3.21 -5.16 8.72
N ALA A 58 -2.43 -4.10 8.88
CA ALA A 58 -2.99 -2.76 9.06
C ALA A 58 -3.79 -2.32 7.84
N VAL A 59 -3.14 -2.29 6.68
CA VAL A 59 -3.79 -1.81 5.47
C VAL A 59 -4.89 -2.76 5.01
N SER A 60 -4.74 -4.06 5.30
CA SER A 60 -5.76 -5.04 4.96
C SER A 60 -7.06 -4.73 5.71
N SER A 61 -6.93 -4.21 6.92
CA SER A 61 -8.09 -3.84 7.72
C SER A 61 -8.71 -2.55 7.19
N ALA A 62 -7.87 -1.69 6.65
CA ALA A 62 -8.30 -0.40 6.13
C ALA A 62 -9.01 -0.54 4.79
N ILE A 63 -8.45 -1.36 3.90
CA ILE A 63 -9.06 -1.57 2.58
C ILE A 63 -10.44 -2.22 2.72
N ALA A 64 -10.64 -2.93 3.83
CA ALA A 64 -11.93 -3.55 4.10
C ALA A 64 -12.99 -2.50 4.36
N LYS A 65 -12.59 -1.40 4.99
CA LYS A 65 -13.49 -0.29 5.26
C LYS A 65 -13.72 0.53 4.00
N LEU A 66 -12.66 0.67 3.19
CA LEU A 66 -12.76 1.37 1.91
C LEU A 66 -13.70 0.63 0.97
N LEU A 67 -13.65 -0.70 1.05
CA LEU A 67 -14.48 -1.58 0.24
C LEU A 67 -15.96 -1.35 0.50
N GLY A 68 -16.65 -0.91 -0.53
CA GLY A 68 -18.09 -0.73 -0.43
C GLY A 68 -18.49 0.71 -0.28
N GLU A 69 -19.50 1.12 -1.05
CA GLU A 69 -20.00 2.48 -0.96
C GLU A 69 -20.80 2.65 0.32
N ILE A 70 -20.40 3.61 1.13
CA ILE A 70 -21.05 3.86 2.40
C ILE A 70 -21.71 5.24 2.40
N ALA A 71 -22.97 5.27 2.85
CA ALA A 71 -23.77 6.50 2.88
C ALA A 71 -24.08 6.98 1.47
N GLN A 72 -23.18 7.75 0.88
CA GLN A 72 -23.34 8.21 -0.50
C GLN A 72 -22.00 8.17 -1.21
N GLY A 73 -20.96 8.55 -0.48
CA GLY A 73 -19.63 8.63 -1.04
C GLY A 73 -18.80 9.60 -0.24
N ASN A 74 -17.60 9.17 0.15
CA ASN A 74 -16.74 9.95 1.05
C ASN A 74 -17.42 10.06 2.42
N GLU A 75 -17.03 9.17 3.31
CA GLU A 75 -17.63 9.08 4.62
C GLU A 75 -16.52 9.21 5.67
N ASN A 76 -16.89 9.30 6.95
CA ASN A 76 -15.91 9.33 8.02
C ASN A 76 -15.06 8.06 7.99
N TYR A 77 -15.72 6.91 7.85
CA TYR A 77 -15.02 5.63 7.73
C TYR A 77 -14.09 5.64 6.54
N ALA A 78 -14.53 6.26 5.46
CA ALA A 78 -13.75 6.36 4.24
C ALA A 78 -12.45 7.13 4.49
N GLY A 79 -12.56 8.21 5.27
CA GLY A 79 -11.40 9.00 5.61
C GLY A 79 -10.47 8.25 6.55
N ILE A 80 -11.04 7.62 7.56
CA ILE A 80 -10.27 6.83 8.51
C ILE A 80 -9.47 5.74 7.80
N ALA A 81 -10.16 4.99 6.94
CA ALA A 81 -9.54 3.89 6.22
C ALA A 81 -8.48 4.39 5.24
N ALA A 82 -8.76 5.52 4.60
CA ALA A 82 -7.81 6.12 3.66
C ALA A 82 -6.54 6.56 4.38
N ARG A 83 -6.71 7.11 5.57
CA ARG A 83 -5.57 7.52 6.38
C ARG A 83 -4.81 6.29 6.86
N ASP A 84 -5.54 5.22 7.12
CA ASP A 84 -4.96 4.01 7.67
C ASP A 84 -4.16 3.25 6.61
N VAL A 85 -4.66 3.20 5.38
CA VAL A 85 -3.92 2.54 4.29
C VAL A 85 -2.60 3.24 4.05
N ALA A 86 -2.59 4.57 4.10
CA ALA A 86 -1.38 5.34 3.86
C ALA A 86 -0.28 4.95 4.82
N GLY A 87 -0.63 4.82 6.10
CA GLY A 87 0.32 4.40 7.11
C GLY A 87 0.82 2.98 6.87
N GLY A 88 -0.10 2.10 6.48
CA GLY A 88 0.27 0.72 6.21
C GLY A 88 1.13 0.59 4.98
N LEU A 89 0.76 1.30 3.93
CA LEU A 89 1.46 1.20 2.65
C LEU A 89 2.89 1.69 2.74
N ARG A 90 3.12 2.79 3.46
CA ARG A 90 4.48 3.30 3.61
C ARG A 90 5.34 2.31 4.37
N SER A 91 4.76 1.69 5.40
CA SER A 91 5.47 0.71 6.20
C SER A 91 5.78 -0.53 5.35
N LEU A 92 4.81 -0.90 4.52
CA LEU A 92 4.97 -2.01 3.60
C LEU A 92 6.17 -1.75 2.68
N ALA A 93 6.23 -0.56 2.13
CA ALA A 93 7.31 -0.17 1.25
C ALA A 93 8.66 -0.20 1.97
N GLN A 94 8.73 0.46 3.12
CA GLN A 94 9.97 0.57 3.90
C GLN A 94 10.48 -0.80 4.32
N ALA A 95 9.58 -1.66 4.80
CA ALA A 95 9.95 -3.00 5.24
C ALA A 95 10.51 -3.82 4.09
N ALA A 96 9.91 -3.66 2.92
CA ALA A 96 10.36 -4.36 1.73
C ALA A 96 11.77 -3.94 1.34
N ARG A 97 12.10 -2.67 1.58
CA ARG A 97 13.42 -2.14 1.25
C ARG A 97 14.49 -2.82 2.08
N GLY A 98 14.20 -2.95 3.37
CA GLY A 98 15.12 -3.60 4.29
C GLY A 98 15.38 -5.04 3.92
N VAL A 99 14.31 -5.79 3.66
CA VAL A 99 14.41 -7.21 3.31
C VAL A 99 15.35 -7.43 2.13
N ALA A 100 15.21 -6.63 1.09
CA ALA A 100 16.01 -6.77 -0.11
C ALA A 100 17.49 -6.52 0.18
N ALA A 101 17.76 -5.54 1.03
CA ALA A 101 19.12 -5.19 1.38
C ALA A 101 19.73 -6.21 2.33
N LEU A 102 18.88 -6.89 3.08
CA LEU A 102 19.33 -7.87 4.06
C LEU A 102 19.56 -9.23 3.42
N THR A 103 18.71 -9.61 2.47
CA THR A 103 18.87 -10.89 1.80
C THR A 103 20.06 -10.85 0.84
N SER A 104 20.69 -12.00 0.63
CA SER A 104 21.88 -12.07 -0.19
C SER A 104 21.58 -12.68 -1.56
N ASP A 105 20.32 -12.94 -1.84
CA ASP A 105 19.91 -13.49 -3.13
C ASP A 105 19.54 -12.37 -4.10
N PRO A 106 20.38 -12.12 -5.11
CA PRO A 106 20.11 -11.10 -6.11
C PRO A 106 19.06 -11.54 -7.11
N ALA A 107 17.85 -11.71 -6.62
CA ALA A 107 16.70 -12.07 -7.44
C ALA A 107 15.42 -11.79 -6.66
N VAL A 108 15.39 -12.21 -5.40
CA VAL A 108 14.28 -11.88 -4.52
C VAL A 108 14.34 -10.41 -4.11
N GLN A 109 15.54 -9.83 -4.18
CA GLN A 109 15.74 -8.41 -3.84
C GLN A 109 14.86 -7.52 -4.69
N ALA A 110 14.97 -7.66 -6.01
CA ALA A 110 14.13 -6.91 -6.94
C ALA A 110 12.66 -7.28 -6.77
N ILE A 111 12.43 -8.53 -6.38
CA ILE A 111 11.09 -9.07 -6.28
C ILE A 111 10.33 -8.49 -5.09
N VAL A 112 10.98 -8.45 -3.93
CA VAL A 112 10.35 -7.90 -2.72
C VAL A 112 10.05 -6.41 -2.89
N LEU A 113 10.89 -5.73 -3.65
CA LEU A 113 10.70 -4.31 -3.89
C LEU A 113 9.56 -4.07 -4.86
N ASP A 114 9.53 -4.88 -5.91
CA ASP A 114 8.51 -4.76 -6.94
C ASP A 114 7.13 -5.12 -6.43
N THR A 115 7.05 -6.19 -5.64
CA THR A 115 5.76 -6.61 -5.09
C THR A 115 5.14 -5.53 -4.22
N ALA A 116 5.97 -4.85 -3.43
CA ALA A 116 5.51 -3.74 -2.59
C ALA A 116 4.99 -2.60 -3.46
N SER A 117 5.58 -2.45 -4.65
CA SER A 117 5.16 -1.41 -5.57
C SER A 117 3.80 -1.77 -6.16
N ASP A 118 3.58 -3.06 -6.36
CA ASP A 118 2.30 -3.56 -6.85
C ASP A 118 1.21 -3.32 -5.81
N VAL A 119 1.56 -3.53 -4.54
CA VAL A 119 0.64 -3.30 -3.43
C VAL A 119 0.05 -1.90 -3.49
N LEU A 120 0.92 -0.89 -3.49
CA LEU A 120 0.46 0.49 -3.49
C LEU A 120 -0.19 0.85 -4.83
N ASP A 121 0.28 0.21 -5.90
CA ASP A 121 -0.30 0.43 -7.23
C ASP A 121 -1.78 0.11 -7.24
N LYS A 122 -2.13 -1.06 -6.70
CA LYS A 122 -3.52 -1.46 -6.61
C LYS A 122 -4.25 -0.63 -5.57
N ALA A 123 -3.55 -0.29 -4.48
CA ALA A 123 -4.12 0.57 -3.46
C ALA A 123 -4.46 1.94 -4.02
N SER A 124 -3.69 2.37 -5.01
CA SER A 124 -3.97 3.63 -5.71
C SER A 124 -5.30 3.52 -6.43
N SER A 125 -5.47 2.47 -7.22
CA SER A 125 -6.70 2.23 -7.94
C SER A 125 -7.87 2.04 -6.98
N LEU A 126 -7.58 1.54 -5.79
CA LEU A 126 -8.58 1.37 -4.76
C LEU A 126 -9.09 2.73 -4.31
N ILE A 127 -8.18 3.63 -4.00
CA ILE A 127 -8.53 4.98 -3.56
C ILE A 127 -9.10 5.79 -4.73
N GLU A 128 -8.52 5.61 -5.91
CA GLU A 128 -8.99 6.31 -7.10
C GLU A 128 -10.39 5.86 -7.50
N GLU A 129 -10.66 4.56 -7.37
CA GLU A 129 -12.00 4.05 -7.60
C GLU A 129 -12.96 4.59 -6.54
N ALA A 130 -12.46 4.73 -5.32
CA ALA A 130 -13.25 5.30 -4.23
C ALA A 130 -13.54 6.78 -4.52
N LYS A 131 -12.65 7.43 -5.24
CA LYS A 131 -12.89 8.80 -5.71
C LYS A 131 -14.11 8.82 -6.61
N LYS A 132 -14.28 7.77 -7.38
CA LYS A 132 -15.45 7.63 -8.24
C LYS A 132 -16.66 7.30 -7.40
N ALA A 133 -16.49 6.40 -6.44
CA ALA A 133 -17.55 6.02 -5.51
C ALA A 133 -18.10 7.26 -4.81
N SER A 134 -17.22 8.19 -4.50
CA SER A 134 -17.63 9.46 -3.93
C SER A 134 -18.23 10.38 -4.99
N GLY A 135 -17.56 10.44 -6.14
CA GLY A 135 -17.99 11.36 -7.19
C GLY A 135 -18.85 10.70 -8.25
N HIS A 136 -19.98 10.15 -7.82
CA HIS A 136 -20.98 9.62 -8.75
C HIS A 136 -22.27 9.32 -8.01
N PRO A 137 -23.41 9.25 -8.71
CA PRO A 137 -24.70 8.95 -8.08
C PRO A 137 -24.94 7.47 -7.87
N GLY A 138 -24.24 6.66 -8.63
CA GLY A 138 -24.41 5.23 -8.53
C GLY A 138 -23.96 4.52 -9.78
N ASP A 139 -22.72 4.05 -9.77
CA ASP A 139 -22.18 3.31 -10.90
C ASP A 139 -21.82 1.88 -10.49
N PRO A 140 -22.41 0.89 -11.18
CA PRO A 140 -22.17 -0.54 -10.89
C PRO A 140 -20.72 -0.94 -11.10
N GLU A 141 -20.09 -0.46 -12.18
CA GLU A 141 -18.71 -0.80 -12.47
C GLU A 141 -17.77 -0.37 -11.35
N SER A 142 -17.97 0.84 -10.87
CA SER A 142 -17.14 1.40 -9.81
C SER A 142 -17.17 0.52 -8.57
N GLN A 143 -18.36 0.20 -8.08
CA GLN A 143 -18.51 -0.58 -6.86
C GLN A 143 -18.02 -2.02 -7.03
N GLN A 144 -18.06 -2.53 -8.26
CA GLN A 144 -17.59 -3.89 -8.51
C GLN A 144 -16.08 -3.91 -8.62
N ARG A 145 -15.53 -2.92 -9.31
CA ARG A 145 -14.09 -2.79 -9.44
C ARG A 145 -13.46 -2.51 -8.08
N LEU A 146 -14.16 -1.73 -7.27
CA LEU A 146 -13.72 -1.42 -5.93
C LEU A 146 -13.65 -2.70 -5.09
N ALA A 147 -14.56 -3.62 -5.37
CA ALA A 147 -14.57 -4.91 -4.69
C ALA A 147 -13.39 -5.76 -5.13
N GLN A 148 -13.13 -5.76 -6.44
CA GLN A 148 -12.05 -6.53 -7.01
C GLN A 148 -10.69 -5.98 -6.56
N VAL A 149 -10.53 -4.66 -6.62
CA VAL A 149 -9.25 -4.03 -6.31
C VAL A 149 -8.90 -4.16 -4.83
N ALA A 150 -9.92 -4.16 -3.97
CA ALA A 150 -9.71 -4.36 -2.55
C ALA A 150 -9.10 -5.74 -2.30
N LYS A 151 -9.61 -6.73 -3.02
CA LYS A 151 -9.08 -8.08 -2.94
C LYS A 151 -7.72 -8.16 -3.59
N ALA A 152 -7.54 -7.40 -4.67
CA ALA A 152 -6.27 -7.32 -5.36
C ALA A 152 -5.16 -6.87 -4.42
N VAL A 153 -5.44 -5.83 -3.64
CA VAL A 153 -4.49 -5.35 -2.64
C VAL A 153 -4.25 -6.42 -1.58
N THR A 154 -5.31 -7.11 -1.20
CA THR A 154 -5.22 -8.19 -0.22
C THR A 154 -4.23 -9.26 -0.71
N GLN A 155 -4.31 -9.59 -1.99
CA GLN A 155 -3.43 -10.58 -2.59
C GLN A 155 -2.06 -10.00 -2.87
N ALA A 156 -1.99 -8.72 -3.24
CA ALA A 156 -0.73 -8.05 -3.46
C ALA A 156 0.12 -8.07 -2.20
N LEU A 157 -0.54 -7.80 -1.06
CA LEU A 157 0.11 -7.87 0.23
C LEU A 157 0.69 -9.27 0.47
N ASN A 158 -0.15 -10.27 0.29
CA ASN A 158 0.25 -11.65 0.51
C ASN A 158 1.34 -12.06 -0.47
N ARG A 159 1.25 -11.56 -1.70
CA ARG A 159 2.24 -11.83 -2.73
C ARG A 159 3.61 -11.32 -2.31
N CYS A 160 3.63 -10.21 -1.59
CA CYS A 160 4.88 -9.60 -1.17
C CYS A 160 5.48 -10.39 -0.01
N VAL A 161 4.65 -10.66 0.99
CA VAL A 161 5.11 -11.38 2.17
C VAL A 161 5.42 -12.85 1.84
N SER A 162 4.84 -13.36 0.77
CA SER A 162 5.10 -14.73 0.34
C SER A 162 6.44 -14.79 -0.38
N CYS A 163 6.89 -13.66 -0.93
CA CYS A 163 8.17 -13.60 -1.62
C CYS A 163 9.32 -13.51 -0.63
N LEU A 164 8.98 -13.37 0.64
CA LEU A 164 9.97 -13.41 1.71
C LEU A 164 10.65 -14.78 1.73
N PRO A 165 11.99 -14.80 1.74
CA PRO A 165 12.77 -16.04 1.73
C PRO A 165 12.38 -16.99 2.86
N GLY A 166 12.45 -18.29 2.59
CA GLY A 166 12.18 -19.30 3.60
C GLY A 166 13.07 -19.12 4.80
N GLN A 167 14.32 -18.80 4.54
CA GLN A 167 15.26 -18.45 5.58
C GLN A 167 16.10 -17.28 5.12
N ARG A 168 17.05 -17.62 4.28
CA ARG A 168 17.93 -16.67 3.63
C ARG A 168 18.30 -17.19 2.25
N GLY A 1 -3.21 24.92 12.53
CA GLY A 1 -4.42 24.16 12.96
C GLY A 1 -4.05 22.94 13.78
N ILE A 2 -4.90 22.59 14.73
CA ILE A 2 -4.62 21.48 15.62
C ILE A 2 -5.38 20.23 15.19
N ASP A 3 -6.68 20.36 14.96
CA ASP A 3 -7.51 19.20 14.67
C ASP A 3 -8.40 19.39 13.43
N PRO A 4 -9.22 20.46 13.36
CA PRO A 4 -10.14 20.66 12.24
C PRO A 4 -9.43 20.71 10.87
N PHE A 5 -9.39 19.57 10.21
CA PHE A 5 -8.74 19.46 8.92
C PHE A 5 -9.52 18.50 8.03
N THR A 6 -10.83 18.42 8.27
CA THR A 6 -11.70 17.51 7.54
C THR A 6 -12.33 18.21 6.34
N GLY A 7 -11.96 19.47 6.15
CA GLY A 7 -12.44 20.23 5.01
C GLY A 7 -12.01 19.63 3.68
N PRO A 8 -10.70 19.52 3.41
CA PRO A 8 -10.18 18.88 2.20
C PRO A 8 -10.53 17.40 2.14
N LEU A 9 -10.39 16.81 0.96
CA LEU A 9 -10.70 15.40 0.78
C LEU A 9 -9.54 14.54 1.25
N GLU A 10 -9.74 13.91 2.40
CA GLU A 10 -8.73 13.06 2.99
C GLU A 10 -8.25 11.99 2.01
N MET A 11 -9.19 11.42 1.26
CA MET A 11 -8.85 10.39 0.26
C MET A 11 -7.94 10.96 -0.82
N ASP A 12 -8.29 12.14 -1.32
CA ASP A 12 -7.55 12.75 -2.42
C ASP A 12 -6.16 13.17 -1.96
N SER A 13 -6.08 13.68 -0.74
CA SER A 13 -4.81 14.09 -0.16
C SER A 13 -3.94 12.87 0.14
N ALA A 14 -4.57 11.77 0.54
CA ALA A 14 -3.85 10.53 0.80
C ALA A 14 -3.31 9.94 -0.50
N LEU A 15 -4.08 10.13 -1.57
CA LEU A 15 -3.69 9.66 -2.89
C LEU A 15 -2.35 10.26 -3.30
N SER A 16 -2.18 11.55 -3.03
CA SER A 16 -0.93 12.24 -3.32
C SER A 16 0.24 11.57 -2.60
N VAL A 17 0.01 11.19 -1.35
CA VAL A 17 1.03 10.53 -0.55
C VAL A 17 1.38 9.17 -1.14
N VAL A 18 0.36 8.38 -1.48
CA VAL A 18 0.56 7.04 -2.01
C VAL A 18 1.38 7.06 -3.30
N GLN A 19 1.03 7.96 -4.21
CA GLN A 19 1.73 8.07 -5.48
C GLN A 19 3.20 8.44 -5.29
N ASN A 20 3.49 9.19 -4.23
CA ASN A 20 4.86 9.57 -3.92
C ASN A 20 5.63 8.42 -3.30
N LEU A 21 4.92 7.52 -2.63
CA LEU A 21 5.54 6.38 -1.98
C LEU A 21 6.16 5.43 -3.01
N GLU A 22 5.41 5.13 -4.07
CA GLU A 22 5.90 4.24 -5.11
C GLU A 22 7.01 4.89 -5.92
N LYS A 23 6.96 6.23 -6.01
CA LYS A 23 8.03 6.99 -6.65
C LYS A 23 9.35 6.73 -5.94
N ASP A 24 9.30 6.73 -4.61
CA ASP A 24 10.48 6.50 -3.79
C ASP A 24 11.02 5.10 -3.99
N LEU A 25 10.12 4.13 -4.03
CA LEU A 25 10.49 2.72 -4.13
C LEU A 25 11.21 2.43 -5.44
N GLN A 26 10.81 3.12 -6.51
CA GLN A 26 11.42 2.94 -7.81
C GLN A 26 12.88 3.38 -7.78
N GLU A 27 13.14 4.47 -7.08
CA GLU A 27 14.50 4.98 -6.95
C GLU A 27 15.34 4.04 -6.10
N ILE A 28 14.70 3.42 -5.13
CA ILE A 28 15.35 2.45 -4.27
C ILE A 28 15.68 1.17 -5.03
N LYS A 29 14.72 0.70 -5.83
CA LYS A 29 14.91 -0.52 -6.60
C LYS A 29 15.92 -0.28 -7.74
N ALA A 30 15.99 0.96 -8.20
CA ALA A 30 16.99 1.36 -9.18
C ALA A 30 18.39 1.25 -8.58
N ALA A 31 18.49 1.60 -7.30
CA ALA A 31 19.74 1.48 -6.58
C ALA A 31 20.08 0.01 -6.34
N ALA A 32 19.04 -0.79 -6.14
CA ALA A 32 19.20 -2.23 -5.96
C ALA A 32 19.64 -2.88 -7.26
N ARG A 33 19.12 -2.35 -8.37
CA ARG A 33 19.54 -2.78 -9.70
C ARG A 33 21.05 -2.69 -9.85
N ASP A 34 21.60 -1.52 -9.55
CA ASP A 34 23.04 -1.33 -9.67
C ASP A 34 23.79 -2.16 -8.64
N GLY A 35 23.24 -2.21 -7.43
CA GLY A 35 23.87 -2.94 -6.36
C GLY A 35 24.28 -2.05 -5.22
N LYS A 36 23.72 -0.83 -5.18
CA LYS A 36 24.05 0.12 -4.14
C LYS A 36 23.13 -0.07 -2.93
N LEU A 37 21.86 0.30 -3.10
CA LEU A 37 20.87 0.31 -2.03
C LEU A 37 21.35 1.08 -0.79
N LYS A 38 20.54 1.01 0.26
CA LYS A 38 20.91 1.60 1.54
C LYS A 38 21.01 0.49 2.58
N PRO A 39 22.21 -0.07 2.78
CA PRO A 39 22.43 -1.23 3.65
C PRO A 39 22.41 -0.88 5.14
N LEU A 40 21.77 0.23 5.46
CA LEU A 40 21.61 0.64 6.86
C LEU A 40 20.50 -0.18 7.51
N PRO A 41 20.85 -1.08 8.43
CA PRO A 41 19.92 -1.99 9.06
C PRO A 41 19.24 -1.40 10.29
N GLY A 42 17.93 -1.58 10.37
CA GLY A 42 17.20 -1.16 11.54
C GLY A 42 16.94 -2.34 12.46
N GLU A 43 16.80 -3.52 11.84
CA GLU A 43 16.62 -4.76 12.57
C GLU A 43 16.84 -5.95 11.65
N THR A 44 16.82 -7.15 12.21
CA THR A 44 17.11 -8.36 11.44
C THR A 44 16.01 -8.68 10.43
N MET A 45 16.32 -9.54 9.47
CA MET A 45 15.41 -9.86 8.38
C MET A 45 14.14 -10.52 8.88
N GLU A 46 14.27 -11.46 9.80
CA GLU A 46 13.12 -12.19 10.34
C GLU A 46 12.18 -11.25 11.08
N LYS A 47 12.72 -10.16 11.61
CA LYS A 47 11.91 -9.13 12.24
C LYS A 47 11.29 -8.24 11.19
N CYS A 48 12.08 -7.89 10.19
CA CYS A 48 11.64 -6.97 9.14
C CYS A 48 10.54 -7.61 8.29
N THR A 49 10.64 -8.92 8.06
CA THR A 49 9.60 -9.63 7.32
C THR A 49 8.32 -9.71 8.15
N GLN A 50 8.48 -9.73 9.47
CA GLN A 50 7.34 -9.73 10.37
C GLN A 50 6.67 -8.36 10.35
N ASP A 51 7.49 -7.31 10.41
CA ASP A 51 6.99 -5.94 10.36
C ASP A 51 6.29 -5.68 9.04
N LEU A 52 6.78 -6.31 7.99
CA LEU A 52 6.16 -6.24 6.67
C LEU A 52 4.75 -6.81 6.73
N GLY A 53 4.63 -8.03 7.25
CA GLY A 53 3.33 -8.68 7.35
C GLY A 53 2.42 -7.99 8.35
N ASN A 54 3.01 -7.40 9.38
CA ASN A 54 2.25 -6.63 10.36
C ASN A 54 1.63 -5.40 9.72
N SER A 55 2.44 -4.70 8.92
CA SER A 55 1.94 -3.57 8.16
C SER A 55 0.93 -4.05 7.11
N THR A 56 1.16 -5.26 6.60
CA THR A 56 0.26 -5.91 5.66
C THR A 56 -1.14 -6.06 6.28
N LYS A 57 -1.19 -6.62 7.48
CA LYS A 57 -2.46 -6.83 8.18
C LYS A 57 -3.18 -5.50 8.43
N ALA A 58 -2.41 -4.47 8.71
CA ALA A 58 -2.97 -3.15 8.99
C ALA A 58 -3.71 -2.59 7.78
N VAL A 59 -3.02 -2.54 6.64
CA VAL A 59 -3.61 -1.97 5.43
C VAL A 59 -4.66 -2.91 4.82
N SER A 60 -4.55 -4.21 5.13
CA SER A 60 -5.53 -5.19 4.67
C SER A 60 -6.93 -4.86 5.16
N SER A 61 -7.04 -4.52 6.44
CA SER A 61 -8.32 -4.11 7.01
C SER A 61 -8.69 -2.72 6.50
N ALA A 62 -7.69 -1.87 6.33
CA ALA A 62 -7.90 -0.50 5.90
C ALA A 62 -8.53 -0.43 4.50
N ILE A 63 -7.99 -1.21 3.57
CA ILE A 63 -8.51 -1.20 2.19
C ILE A 63 -9.96 -1.65 2.15
N ALA A 64 -10.32 -2.63 2.99
CA ALA A 64 -11.67 -3.15 3.01
C ALA A 64 -12.67 -2.06 3.42
N LYS A 65 -12.33 -1.32 4.47
CA LYS A 65 -13.19 -0.28 4.99
C LYS A 65 -13.16 0.97 4.11
N LEU A 66 -12.09 1.12 3.33
CA LEU A 66 -11.92 2.28 2.43
C LEU A 66 -13.08 2.39 1.45
N LEU A 67 -13.73 1.26 1.17
CA LEU A 67 -14.89 1.22 0.28
C LEU A 67 -16.10 1.90 0.93
N GLY A 68 -15.95 2.31 2.17
CA GLY A 68 -17.10 2.71 2.96
C GLY A 68 -17.76 1.47 3.52
N GLU A 69 -16.92 0.51 3.86
CA GLU A 69 -17.32 -0.84 4.24
C GLU A 69 -17.79 -1.60 2.99
N ILE A 70 -18.94 -1.22 2.47
CA ILE A 70 -19.46 -1.79 1.22
C ILE A 70 -20.24 -0.71 0.44
N ALA A 71 -21.15 -0.04 1.13
CA ALA A 71 -21.99 0.97 0.51
C ALA A 71 -21.22 2.27 0.33
N GLN A 72 -21.52 2.98 -0.75
CA GLN A 72 -20.84 4.23 -1.08
C GLN A 72 -21.13 5.30 -0.03
N GLY A 73 -20.09 5.80 0.60
CA GLY A 73 -20.25 6.82 1.61
C GLY A 73 -18.93 7.38 2.07
N ASN A 74 -18.61 8.59 1.64
CA ASN A 74 -17.36 9.23 2.00
C ASN A 74 -17.50 9.91 3.36
N GLU A 75 -17.57 9.10 4.40
CA GLU A 75 -17.76 9.59 5.75
C GLU A 75 -16.44 9.57 6.51
N ASN A 76 -16.50 9.73 7.83
CA ASN A 76 -15.30 9.73 8.65
C ASN A 76 -14.62 8.38 8.59
N TYR A 77 -15.42 7.33 8.54
CA TYR A 77 -14.92 5.96 8.44
C TYR A 77 -14.05 5.80 7.21
N ALA A 78 -14.59 6.21 6.06
CA ALA A 78 -13.86 6.15 4.81
C ALA A 78 -12.63 7.05 4.85
N GLY A 79 -12.76 8.19 5.53
CA GLY A 79 -11.64 9.10 5.69
C GLY A 79 -10.51 8.47 6.49
N ILE A 80 -10.86 7.87 7.63
CA ILE A 80 -9.90 7.18 8.48
C ILE A 80 -9.22 6.06 7.69
N ALA A 81 -10.00 5.33 6.92
CA ALA A 81 -9.50 4.23 6.11
C ALA A 81 -8.46 4.71 5.11
N ALA A 82 -8.71 5.87 4.50
CA ALA A 82 -7.77 6.45 3.54
C ALA A 82 -6.47 6.86 4.22
N ARG A 83 -6.56 7.17 5.50
CA ARG A 83 -5.38 7.49 6.28
C ARG A 83 -4.64 6.22 6.66
N ASP A 84 -5.40 5.21 7.08
CA ASP A 84 -4.84 3.94 7.52
C ASP A 84 -4.17 3.19 6.38
N VAL A 85 -4.76 3.23 5.17
CA VAL A 85 -4.12 2.62 4.01
C VAL A 85 -2.77 3.26 3.77
N ALA A 86 -2.73 4.59 3.80
CA ALA A 86 -1.48 5.32 3.60
C ALA A 86 -0.46 4.94 4.66
N GLY A 87 -0.93 4.83 5.90
CA GLY A 87 -0.06 4.44 6.99
C GLY A 87 0.48 3.03 6.82
N GLY A 88 -0.38 2.13 6.38
CA GLY A 88 0.03 0.77 6.13
C GLY A 88 0.99 0.66 4.97
N LEU A 89 0.69 1.37 3.89
CA LEU A 89 1.49 1.32 2.66
C LEU A 89 2.88 1.90 2.88
N ARG A 90 2.95 3.02 3.59
CA ARG A 90 4.23 3.68 3.85
C ARG A 90 5.13 2.78 4.72
N SER A 91 4.49 2.06 5.64
CA SER A 91 5.21 1.14 6.51
C SER A 91 5.59 -0.11 5.72
N LEU A 92 4.69 -0.54 4.84
CA LEU A 92 4.94 -1.66 3.94
C LEU A 92 6.17 -1.37 3.09
N ALA A 93 6.18 -0.20 2.49
CA ALA A 93 7.30 0.23 1.64
C ALA A 93 8.62 0.18 2.39
N GLN A 94 8.67 0.79 3.56
CA GLN A 94 9.90 0.86 4.35
C GLN A 94 10.33 -0.51 4.85
N ALA A 95 9.37 -1.37 5.16
CA ALA A 95 9.67 -2.72 5.62
C ALA A 95 10.26 -3.55 4.49
N ALA A 96 9.77 -3.33 3.28
CA ALA A 96 10.30 -4.01 2.11
C ALA A 96 11.74 -3.57 1.83
N ARG A 97 11.99 -2.28 2.03
CA ARG A 97 13.33 -1.73 1.87
C ARG A 97 14.33 -2.44 2.77
N GLY A 98 13.94 -2.63 4.04
CA GLY A 98 14.79 -3.31 4.99
C GLY A 98 15.15 -4.70 4.52
N VAL A 99 14.16 -5.45 4.09
CA VAL A 99 14.37 -6.81 3.57
C VAL A 99 15.34 -6.79 2.39
N ALA A 100 15.12 -5.86 1.48
CA ALA A 100 15.94 -5.74 0.28
C ALA A 100 17.38 -5.38 0.61
N ALA A 101 17.57 -4.53 1.60
CA ALA A 101 18.90 -4.08 1.98
C ALA A 101 19.65 -5.15 2.77
N LEU A 102 18.91 -5.97 3.50
CA LEU A 102 19.50 -7.02 4.32
C LEU A 102 19.94 -8.20 3.46
N THR A 103 19.18 -8.49 2.42
CA THR A 103 19.51 -9.60 1.53
C THR A 103 20.64 -9.19 0.58
N SER A 104 21.52 -10.12 0.28
CA SER A 104 22.71 -9.84 -0.52
C SER A 104 22.54 -10.36 -1.95
N ASP A 105 21.31 -10.64 -2.35
CA ASP A 105 21.07 -11.18 -3.69
C ASP A 105 20.42 -10.15 -4.61
N PRO A 106 21.18 -9.64 -5.59
CA PRO A 106 20.68 -8.66 -6.56
C PRO A 106 19.67 -9.26 -7.54
N ALA A 107 18.52 -9.64 -6.99
CA ALA A 107 17.42 -10.18 -7.76
C ALA A 107 16.16 -10.17 -6.92
N VAL A 108 16.28 -10.64 -5.69
CA VAL A 108 15.17 -10.63 -4.75
C VAL A 108 14.98 -9.23 -4.15
N GLN A 109 16.05 -8.43 -4.17
CA GLN A 109 16.01 -7.08 -3.63
C GLN A 109 15.00 -6.23 -4.39
N ALA A 110 15.05 -6.30 -5.72
CA ALA A 110 14.08 -5.59 -6.54
C ALA A 110 12.72 -6.26 -6.47
N ILE A 111 12.71 -7.56 -6.28
CA ILE A 111 11.47 -8.33 -6.27
C ILE A 111 10.60 -7.99 -5.04
N VAL A 112 11.24 -7.78 -3.89
CA VAL A 112 10.51 -7.42 -2.68
C VAL A 112 9.96 -6.00 -2.79
N LEU A 113 10.70 -5.13 -3.45
CA LEU A 113 10.27 -3.75 -3.63
C LEU A 113 9.19 -3.66 -4.70
N ASP A 114 9.39 -4.43 -5.76
CA ASP A 114 8.42 -4.49 -6.85
C ASP A 114 7.06 -4.98 -6.35
N THR A 115 7.06 -6.06 -5.58
CA THR A 115 5.83 -6.61 -5.04
C THR A 115 5.19 -5.61 -4.06
N ALA A 116 6.01 -4.93 -3.29
CA ALA A 116 5.54 -3.87 -2.40
C ALA A 116 4.91 -2.74 -3.22
N SER A 117 5.52 -2.44 -4.36
CA SER A 117 5.02 -1.42 -5.26
C SER A 117 3.66 -1.80 -5.82
N ASP A 118 3.47 -3.10 -6.05
CA ASP A 118 2.21 -3.61 -6.56
C ASP A 118 1.12 -3.43 -5.52
N VAL A 119 1.51 -3.49 -4.25
CA VAL A 119 0.57 -3.33 -3.15
C VAL A 119 -0.09 -1.95 -3.17
N LEU A 120 0.73 -0.91 -3.16
CA LEU A 120 0.22 0.44 -3.03
C LEU A 120 -0.34 0.94 -4.35
N ASP A 121 0.21 0.48 -5.48
CA ASP A 121 -0.29 0.94 -6.77
C ASP A 121 -1.72 0.45 -6.99
N LYS A 122 -2.04 -0.72 -6.44
CA LYS A 122 -3.41 -1.21 -6.46
C LYS A 122 -4.25 -0.46 -5.44
N ALA A 123 -3.66 -0.16 -4.29
CA ALA A 123 -4.33 0.61 -3.25
C ALA A 123 -4.63 2.03 -3.75
N SER A 124 -3.70 2.57 -4.53
CA SER A 124 -3.89 3.87 -5.15
C SER A 124 -5.07 3.81 -6.12
N SER A 125 -5.15 2.72 -6.88
CA SER A 125 -6.23 2.52 -7.81
C SER A 125 -7.54 2.26 -7.08
N LEU A 126 -7.43 1.84 -5.83
CA LEU A 126 -8.60 1.71 -4.97
C LEU A 126 -9.13 3.09 -4.59
N ILE A 127 -8.22 3.98 -4.20
CA ILE A 127 -8.58 5.36 -3.87
C ILE A 127 -9.09 6.08 -5.12
N GLU A 128 -8.41 5.87 -6.24
CA GLU A 128 -8.82 6.47 -7.51
C GLU A 128 -10.14 5.86 -7.98
N GLU A 129 -10.34 4.57 -7.74
CA GLU A 129 -11.62 3.93 -8.03
C GLU A 129 -12.73 4.58 -7.22
N ALA A 130 -12.43 4.95 -5.97
CA ALA A 130 -13.38 5.62 -5.11
C ALA A 130 -13.72 7.01 -5.65
N LYS A 131 -12.73 7.65 -6.26
CA LYS A 131 -12.94 8.93 -6.93
C LYS A 131 -14.03 8.77 -7.99
N LYS A 132 -13.93 7.71 -8.77
CA LYS A 132 -14.91 7.42 -9.82
C LYS A 132 -16.22 6.93 -9.23
N ALA A 133 -16.13 6.13 -8.17
CA ALA A 133 -17.32 5.59 -7.50
C ALA A 133 -18.24 6.70 -7.05
N SER A 134 -17.67 7.80 -6.59
CA SER A 134 -18.43 8.93 -6.10
C SER A 134 -19.29 9.56 -7.21
N GLY A 135 -18.97 9.22 -8.46
CA GLY A 135 -19.76 9.71 -9.58
C GLY A 135 -20.99 8.87 -9.81
N HIS A 136 -21.14 7.83 -9.00
CA HIS A 136 -22.30 6.94 -9.10
C HIS A 136 -23.18 7.11 -7.87
N PRO A 137 -24.50 7.11 -8.04
CA PRO A 137 -25.46 7.25 -6.94
C PRO A 137 -25.72 5.93 -6.22
N GLY A 138 -24.65 5.17 -5.96
CA GLY A 138 -24.80 3.86 -5.37
C GLY A 138 -24.92 2.79 -6.43
N ASP A 139 -23.86 2.64 -7.20
CA ASP A 139 -23.87 1.73 -8.35
C ASP A 139 -23.30 0.37 -7.98
N PRO A 140 -24.08 -0.69 -8.25
CA PRO A 140 -23.69 -2.07 -7.92
C PRO A 140 -22.32 -2.45 -8.51
N GLU A 141 -22.13 -2.15 -9.79
CA GLU A 141 -20.90 -2.51 -10.46
C GLU A 141 -19.73 -1.68 -9.95
N SER A 142 -20.00 -0.40 -9.68
CA SER A 142 -18.98 0.48 -9.13
C SER A 142 -18.50 -0.07 -7.79
N GLN A 143 -19.44 -0.52 -6.97
CA GLN A 143 -19.11 -1.13 -5.69
C GLN A 143 -18.30 -2.40 -5.90
N GLN A 144 -18.69 -3.21 -6.87
CA GLN A 144 -17.99 -4.44 -7.17
C GLN A 144 -16.58 -4.17 -7.64
N ARG A 145 -16.42 -3.21 -8.56
CA ARG A 145 -15.09 -2.85 -9.05
C ARG A 145 -14.23 -2.28 -7.94
N LEU A 146 -14.87 -1.49 -7.07
CA LEU A 146 -14.19 -0.93 -5.91
C LEU A 146 -13.71 -2.05 -4.99
N ALA A 147 -14.51 -3.10 -4.87
CA ALA A 147 -14.15 -4.25 -4.06
C ALA A 147 -13.05 -5.08 -4.73
N GLN A 148 -13.15 -5.22 -6.05
CA GLN A 148 -12.19 -6.02 -6.80
C GLN A 148 -10.77 -5.47 -6.67
N VAL A 149 -10.64 -4.17 -6.83
CA VAL A 149 -9.33 -3.53 -6.75
C VAL A 149 -8.81 -3.57 -5.30
N ALA A 150 -9.72 -3.54 -4.34
CA ALA A 150 -9.35 -3.68 -2.93
C ALA A 150 -8.79 -5.07 -2.68
N LYS A 151 -9.47 -6.08 -3.22
CA LYS A 151 -9.01 -7.46 -3.08
C LYS A 151 -7.67 -7.66 -3.78
N ALA A 152 -7.44 -6.89 -4.83
CA ALA A 152 -6.18 -6.95 -5.57
C ALA A 152 -5.03 -6.50 -4.68
N VAL A 153 -5.30 -5.56 -3.77
CA VAL A 153 -4.32 -5.11 -2.81
C VAL A 153 -3.98 -6.24 -1.84
N THR A 154 -5.01 -6.94 -1.38
CA THR A 154 -4.83 -8.08 -0.49
C THR A 154 -3.97 -9.16 -1.16
N GLN A 155 -4.22 -9.38 -2.45
CA GLN A 155 -3.45 -10.36 -3.21
C GLN A 155 -2.01 -9.89 -3.37
N ALA A 156 -1.84 -8.59 -3.63
CA ALA A 156 -0.51 -8.00 -3.74
C ALA A 156 0.27 -8.15 -2.45
N LEU A 157 -0.42 -7.90 -1.33
CA LEU A 157 0.17 -8.07 0.00
C LEU A 157 0.71 -9.49 0.17
N ASN A 158 -0.12 -10.48 -0.12
CA ASN A 158 0.27 -11.88 0.02
C ASN A 158 1.36 -12.21 -1.00
N ARG A 159 1.26 -11.63 -2.18
CA ARG A 159 2.27 -11.83 -3.23
C ARG A 159 3.64 -11.35 -2.75
N CYS A 160 3.66 -10.29 -1.96
CA CYS A 160 4.90 -9.71 -1.50
C CYS A 160 5.51 -10.59 -0.41
N VAL A 161 4.70 -10.91 0.58
CA VAL A 161 5.15 -11.73 1.71
C VAL A 161 5.49 -13.15 1.27
N SER A 162 4.94 -13.57 0.14
CA SER A 162 5.22 -14.88 -0.43
C SER A 162 6.58 -14.88 -1.11
N CYS A 163 6.91 -13.78 -1.77
CA CYS A 163 8.17 -13.68 -2.52
C CYS A 163 9.33 -13.33 -1.60
N LEU A 164 9.03 -13.12 -0.32
CA LEU A 164 10.06 -12.86 0.68
C LEU A 164 10.99 -14.07 0.80
N PRO A 165 12.30 -13.84 0.71
CA PRO A 165 13.30 -14.90 0.90
C PRO A 165 13.23 -15.46 2.32
N GLY A 166 12.64 -16.65 2.44
CA GLY A 166 12.44 -17.24 3.74
C GLY A 166 13.55 -18.20 4.11
N GLN A 167 14.70 -17.65 4.49
CA GLN A 167 15.82 -18.47 4.92
C GLN A 167 15.55 -19.06 6.29
N ARG A 168 15.55 -20.38 6.37
CA ARG A 168 15.32 -21.11 7.61
C ARG A 168 13.96 -20.77 8.21
N GLY A 1 -2.58 17.54 9.66
CA GLY A 1 -2.93 18.96 9.43
C GLY A 1 -4.10 19.11 8.48
N ILE A 2 -3.80 19.42 7.23
CA ILE A 2 -4.81 19.61 6.19
C ILE A 2 -5.73 20.79 6.51
N ASP A 3 -5.31 21.98 6.12
CA ASP A 3 -6.07 23.19 6.39
C ASP A 3 -6.98 23.55 5.21
N PRO A 4 -6.42 23.71 3.98
CA PRO A 4 -7.25 23.96 2.79
C PRO A 4 -8.18 22.79 2.51
N PHE A 5 -9.47 22.99 2.76
CA PHE A 5 -10.44 21.93 2.64
C PHE A 5 -11.03 21.90 1.24
N THR A 6 -10.15 22.02 0.26
CA THR A 6 -10.54 22.05 -1.14
C THR A 6 -10.81 20.65 -1.66
N GLY A 7 -11.69 19.95 -0.98
CA GLY A 7 -12.04 18.60 -1.36
C GLY A 7 -12.57 17.81 -0.19
N PRO A 8 -13.81 17.30 -0.29
CA PRO A 8 -14.41 16.49 0.77
C PRO A 8 -13.72 15.15 0.95
N LEU A 9 -12.96 14.74 -0.07
CA LEU A 9 -12.25 13.48 -0.02
C LEU A 9 -10.89 13.65 0.61
N GLU A 10 -10.79 13.27 1.89
CA GLU A 10 -9.51 13.25 2.58
C GLU A 10 -8.64 12.15 1.99
N MET A 11 -9.30 11.23 1.28
CA MET A 11 -8.62 10.22 0.47
C MET A 11 -7.53 10.86 -0.37
N ASP A 12 -7.83 12.06 -0.88
CA ASP A 12 -6.92 12.80 -1.75
C ASP A 12 -5.57 13.03 -1.07
N SER A 13 -5.62 13.46 0.18
CA SER A 13 -4.42 13.72 0.96
C SER A 13 -3.57 12.46 1.09
N ALA A 14 -4.22 11.36 1.43
CA ALA A 14 -3.55 10.08 1.60
C ALA A 14 -3.04 9.56 0.26
N LEU A 15 -3.87 9.71 -0.77
CA LEU A 15 -3.53 9.30 -2.12
C LEU A 15 -2.25 9.97 -2.58
N SER A 16 -2.13 11.26 -2.29
CA SER A 16 -0.93 12.01 -2.62
C SER A 16 0.29 11.38 -1.98
N VAL A 17 0.15 10.99 -0.71
CA VAL A 17 1.23 10.35 0.03
C VAL A 17 1.58 9.00 -0.59
N VAL A 18 0.56 8.18 -0.86
CA VAL A 18 0.77 6.87 -1.46
C VAL A 18 1.51 6.97 -2.79
N GLN A 19 1.10 7.92 -3.62
CA GLN A 19 1.73 8.12 -4.91
C GLN A 19 3.21 8.48 -4.75
N ASN A 20 3.54 9.20 -3.69
CA ASN A 20 4.92 9.57 -3.44
C ASN A 20 5.70 8.36 -2.90
N LEU A 21 4.98 7.41 -2.33
CA LEU A 21 5.59 6.21 -1.79
C LEU A 21 5.96 5.25 -2.91
N GLU A 22 4.99 4.90 -3.75
CA GLU A 22 5.21 3.95 -4.84
C GLU A 22 6.33 4.41 -5.77
N LYS A 23 6.36 5.70 -6.05
CA LYS A 23 7.34 6.25 -6.97
C LYS A 23 8.72 6.33 -6.34
N ASP A 24 8.76 6.39 -5.01
CA ASP A 24 10.03 6.32 -4.30
C ASP A 24 10.57 4.91 -4.38
N LEU A 25 9.67 3.95 -4.25
CA LEU A 25 10.04 2.53 -4.23
C LEU A 25 10.54 2.06 -5.59
N GLN A 26 9.95 2.57 -6.66
CA GLN A 26 10.38 2.19 -8.00
C GLN A 26 11.81 2.66 -8.26
N GLU A 27 12.16 3.80 -7.69
CA GLU A 27 13.53 4.30 -7.75
C GLU A 27 14.47 3.34 -7.02
N ILE A 28 14.03 2.89 -5.86
CA ILE A 28 14.79 1.93 -5.06
C ILE A 28 14.90 0.60 -5.80
N LYS A 29 13.83 0.22 -6.48
CA LYS A 29 13.80 -0.98 -7.30
C LYS A 29 14.91 -0.93 -8.35
N ALA A 30 14.99 0.21 -9.04
CA ALA A 30 16.02 0.41 -10.05
C ALA A 30 17.41 0.40 -9.42
N ALA A 31 17.52 0.97 -8.24
CA ALA A 31 18.79 0.99 -7.51
C ALA A 31 19.24 -0.43 -7.16
N ALA A 32 18.30 -1.23 -6.67
CA ALA A 32 18.60 -2.62 -6.30
C ALA A 32 18.83 -3.49 -7.54
N ARG A 33 18.16 -3.14 -8.63
CA ARG A 33 18.32 -3.84 -9.89
C ARG A 33 19.76 -3.73 -10.37
N ASP A 34 20.28 -2.51 -10.36
CA ASP A 34 21.66 -2.28 -10.79
C ASP A 34 22.63 -2.73 -9.70
N GLY A 35 22.56 -2.09 -8.55
CA GLY A 35 23.48 -2.38 -7.47
C GLY A 35 23.88 -1.12 -6.73
N LYS A 36 22.95 -0.19 -6.62
CA LYS A 36 23.22 1.10 -6.00
C LYS A 36 22.61 1.16 -4.60
N LEU A 37 21.97 0.08 -4.20
CA LEU A 37 21.26 0.03 -2.93
C LEU A 37 22.24 -0.08 -1.77
N LYS A 38 22.06 0.78 -0.77
CA LYS A 38 22.88 0.76 0.44
C LYS A 38 22.45 -0.39 1.32
N PRO A 39 23.33 -1.38 1.55
CA PRO A 39 22.99 -2.54 2.37
C PRO A 39 22.87 -2.17 3.84
N LEU A 40 24.02 -1.92 4.47
CA LEU A 40 24.09 -1.44 5.85
C LEU A 40 23.59 -2.48 6.86
N PRO A 41 24.14 -2.47 8.07
CA PRO A 41 23.73 -3.38 9.15
C PRO A 41 22.49 -2.85 9.89
N GLY A 42 21.52 -2.38 9.12
CA GLY A 42 20.33 -1.79 9.70
C GLY A 42 19.33 -2.83 10.17
N GLU A 43 19.59 -3.41 11.35
CA GLU A 43 18.70 -4.38 11.98
C GLU A 43 18.65 -5.70 11.20
N THR A 44 17.77 -6.59 11.64
CA THR A 44 17.63 -7.90 11.00
C THR A 44 16.52 -7.87 9.96
N MET A 45 16.60 -8.80 9.02
CA MET A 45 15.55 -8.96 8.03
C MET A 45 14.34 -9.57 8.70
N GLU A 46 14.59 -10.37 9.73
CA GLU A 46 13.53 -11.00 10.50
C GLU A 46 12.56 -9.95 11.04
N LYS A 47 13.11 -8.89 11.61
CA LYS A 47 12.29 -7.78 12.10
C LYS A 47 11.56 -7.11 10.95
N CYS A 48 12.27 -6.89 9.85
CA CYS A 48 11.71 -6.20 8.69
C CYS A 48 10.56 -7.00 8.07
N THR A 49 10.75 -8.30 7.92
CA THR A 49 9.72 -9.16 7.33
C THR A 49 8.53 -9.30 8.27
N GLN A 50 8.81 -9.26 9.57
CA GLN A 50 7.77 -9.35 10.59
C GLN A 50 6.93 -8.08 10.60
N ASP A 51 7.62 -6.93 10.58
CA ASP A 51 6.95 -5.63 10.56
C ASP A 51 6.11 -5.53 9.28
N LEU A 52 6.67 -6.04 8.19
CA LEU A 52 5.98 -6.05 6.91
C LEU A 52 4.69 -6.85 6.99
N GLY A 53 4.79 -8.07 7.48
CA GLY A 53 3.64 -8.94 7.61
C GLY A 53 2.54 -8.34 8.45
N ASN A 54 2.91 -7.69 9.55
CA ASN A 54 1.96 -7.03 10.43
C ASN A 54 1.32 -5.84 9.73
N SER A 55 2.14 -5.02 9.08
CA SER A 55 1.66 -3.88 8.33
C SER A 55 0.72 -4.33 7.21
N THR A 56 1.02 -5.49 6.65
CA THR A 56 0.19 -6.11 5.63
C THR A 56 -1.23 -6.31 6.16
N LYS A 57 -1.33 -6.94 7.32
CA LYS A 57 -2.63 -7.21 7.94
C LYS A 57 -3.33 -5.92 8.31
N ALA A 58 -2.55 -4.93 8.76
CA ALA A 58 -3.08 -3.64 9.15
C ALA A 58 -3.82 -2.96 8.00
N VAL A 59 -3.14 -2.82 6.86
CA VAL A 59 -3.76 -2.17 5.71
C VAL A 59 -4.81 -3.07 5.06
N SER A 60 -4.69 -4.38 5.24
CA SER A 60 -5.72 -5.30 4.78
C SER A 60 -7.04 -5.05 5.53
N SER A 61 -6.93 -4.72 6.80
CA SER A 61 -8.09 -4.39 7.60
C SER A 61 -8.65 -3.03 7.17
N ALA A 62 -7.78 -2.20 6.60
CA ALA A 62 -8.15 -0.86 6.19
C ALA A 62 -8.87 -0.88 4.84
N ILE A 63 -8.37 -1.68 3.90
CA ILE A 63 -8.97 -1.75 2.56
C ILE A 63 -10.39 -2.32 2.63
N ALA A 64 -10.67 -3.10 3.66
CA ALA A 64 -12.01 -3.64 3.86
C ALA A 64 -12.99 -2.53 4.19
N LYS A 65 -12.49 -1.48 4.84
CA LYS A 65 -13.29 -0.32 5.19
C LYS A 65 -13.53 0.55 3.95
N LEU A 66 -12.53 0.59 3.07
CA LEU A 66 -12.64 1.33 1.81
C LEU A 66 -13.56 0.59 0.84
N LEU A 67 -13.64 -0.72 1.02
CA LEU A 67 -14.49 -1.56 0.20
C LEU A 67 -15.95 -1.26 0.45
N GLY A 68 -16.28 -0.95 1.69
CA GLY A 68 -17.64 -0.63 2.04
C GLY A 68 -17.87 -0.70 3.53
N GLU A 69 -19.11 -0.53 3.94
CA GLU A 69 -19.45 -0.55 5.35
C GLU A 69 -19.56 -1.99 5.84
N ILE A 70 -18.95 -2.25 6.99
CA ILE A 70 -19.04 -3.57 7.60
C ILE A 70 -20.37 -3.69 8.33
N ALA A 71 -20.58 -2.79 9.27
CA ALA A 71 -21.86 -2.67 9.95
C ALA A 71 -22.26 -1.20 10.03
N GLN A 72 -21.31 -0.33 9.73
CA GLN A 72 -21.52 1.11 9.75
C GLN A 72 -20.55 1.78 8.79
N GLY A 73 -20.99 2.86 8.15
CA GLY A 73 -20.13 3.58 7.24
C GLY A 73 -20.31 5.07 7.39
N ASN A 74 -21.50 5.55 7.06
CA ASN A 74 -21.88 6.96 7.21
C ASN A 74 -20.95 7.84 6.37
N GLU A 75 -20.40 7.26 5.29
CA GLU A 75 -19.45 7.94 4.40
C GLU A 75 -18.10 8.19 5.10
N ASN A 76 -18.16 8.52 6.39
CA ASN A 76 -16.98 8.85 7.18
C ASN A 76 -15.93 7.74 7.11
N TYR A 77 -16.39 6.49 7.07
CA TYR A 77 -15.49 5.33 7.03
C TYR A 77 -14.55 5.39 5.84
N ALA A 78 -15.03 5.96 4.74
CA ALA A 78 -14.24 6.08 3.53
C ALA A 78 -13.00 6.93 3.80
N GLY A 79 -13.17 7.98 4.58
CA GLY A 79 -12.05 8.83 4.93
C GLY A 79 -11.21 8.25 6.03
N ILE A 80 -11.84 7.55 6.96
CA ILE A 80 -11.14 6.90 8.05
C ILE A 80 -10.16 5.87 7.48
N ALA A 81 -10.67 5.04 6.59
CA ALA A 81 -9.87 3.98 5.98
C ALA A 81 -8.80 4.55 5.08
N ALA A 82 -9.09 5.68 4.44
CA ALA A 82 -8.12 6.34 3.57
C ALA A 82 -6.90 6.78 4.36
N ARG A 83 -7.13 7.23 5.58
CA ARG A 83 -6.04 7.63 6.45
C ARG A 83 -5.38 6.40 7.07
N ASP A 84 -6.16 5.33 7.18
CA ASP A 84 -5.70 4.10 7.80
C ASP A 84 -4.77 3.34 6.85
N VAL A 85 -5.16 3.24 5.57
CA VAL A 85 -4.32 2.58 4.57
C VAL A 85 -2.99 3.29 4.42
N ALA A 86 -3.03 4.63 4.43
CA ALA A 86 -1.83 5.44 4.25
C ALA A 86 -0.76 5.07 5.27
N GLY A 87 -1.19 4.88 6.52
CA GLY A 87 -0.26 4.50 7.57
C GLY A 87 0.37 3.15 7.33
N GLY A 88 -0.47 2.17 6.99
CA GLY A 88 0.01 0.82 6.74
C GLY A 88 0.96 0.77 5.56
N LEU A 89 0.67 1.57 4.54
CA LEU A 89 1.46 1.56 3.31
C LEU A 89 2.84 2.17 3.53
N ARG A 90 2.92 3.18 4.40
CA ARG A 90 4.21 3.77 4.75
C ARG A 90 5.08 2.73 5.41
N SER A 91 4.54 2.10 6.44
CA SER A 91 5.22 1.04 7.16
C SER A 91 5.59 -0.11 6.23
N LEU A 92 4.67 -0.42 5.32
CA LEU A 92 4.87 -1.47 4.32
C LEU A 92 6.10 -1.15 3.47
N ALA A 93 6.11 0.05 2.90
CA ALA A 93 7.18 0.48 2.01
C ALA A 93 8.55 0.41 2.67
N GLN A 94 8.69 1.04 3.82
CA GLN A 94 9.97 1.15 4.50
C GLN A 94 10.50 -0.21 4.94
N ALA A 95 9.61 -1.11 5.33
CA ALA A 95 10.00 -2.44 5.77
C ALA A 95 10.58 -3.24 4.61
N ALA A 96 10.00 -3.07 3.43
CA ALA A 96 10.47 -3.77 2.23
C ALA A 96 11.86 -3.28 1.82
N ARG A 97 12.09 -1.98 2.00
CA ARG A 97 13.38 -1.37 1.66
C ARG A 97 14.50 -2.02 2.45
N GLY A 98 14.25 -2.21 3.74
CA GLY A 98 15.23 -2.85 4.60
C GLY A 98 15.55 -4.25 4.15
N VAL A 99 14.51 -5.04 3.86
CA VAL A 99 14.68 -6.42 3.39
C VAL A 99 15.59 -6.49 2.18
N ALA A 100 15.35 -5.60 1.22
CA ALA A 100 16.10 -5.58 -0.03
C ALA A 100 17.58 -5.31 0.20
N ALA A 101 17.88 -4.33 1.02
CA ALA A 101 19.26 -3.92 1.25
C ALA A 101 20.00 -4.96 2.10
N LEU A 102 19.27 -5.67 2.94
CA LEU A 102 19.87 -6.66 3.82
C LEU A 102 20.26 -7.92 3.06
N THR A 103 19.40 -8.37 2.16
CA THR A 103 19.66 -9.60 1.41
C THR A 103 20.79 -9.37 0.41
N SER A 104 21.56 -10.42 0.16
CA SER A 104 22.71 -10.33 -0.73
C SER A 104 22.36 -10.86 -2.12
N ASP A 105 21.12 -11.29 -2.29
CA ASP A 105 20.67 -11.84 -3.56
C ASP A 105 20.25 -10.74 -4.52
N PRO A 106 20.98 -10.57 -5.63
CA PRO A 106 20.67 -9.55 -6.63
C PRO A 106 19.50 -9.97 -7.52
N ALA A 107 18.34 -10.07 -6.89
CA ALA A 107 17.09 -10.40 -7.59
C ALA A 107 15.94 -10.30 -6.60
N VAL A 108 16.13 -10.91 -5.45
CA VAL A 108 15.20 -10.79 -4.35
C VAL A 108 15.07 -9.32 -3.94
N GLN A 109 16.19 -8.60 -4.01
CA GLN A 109 16.22 -7.17 -3.72
C GLN A 109 15.16 -6.44 -4.54
N ALA A 110 15.10 -6.74 -5.83
CA ALA A 110 14.16 -6.09 -6.72
C ALA A 110 12.75 -6.64 -6.49
N ILE A 111 12.67 -7.92 -6.17
CA ILE A 111 11.39 -8.60 -6.01
C ILE A 111 10.60 -8.05 -4.81
N VAL A 112 11.31 -7.78 -3.71
CA VAL A 112 10.65 -7.27 -2.51
C VAL A 112 10.19 -5.82 -2.72
N LEU A 113 10.94 -5.08 -3.49
CA LEU A 113 10.60 -3.69 -3.76
C LEU A 113 9.49 -3.61 -4.80
N ASP A 114 9.60 -4.46 -5.81
CA ASP A 114 8.61 -4.53 -6.88
C ASP A 114 7.26 -4.90 -6.33
N THR A 115 7.23 -5.87 -5.41
CA THR A 115 5.97 -6.29 -4.80
C THR A 115 5.40 -5.20 -3.90
N ALA A 116 6.27 -4.53 -3.15
CA ALA A 116 5.85 -3.41 -2.30
C ALA A 116 5.24 -2.30 -3.16
N SER A 117 5.89 -2.00 -4.27
CA SER A 117 5.40 -1.00 -5.21
C SER A 117 4.14 -1.51 -5.89
N ASP A 118 4.06 -2.83 -6.05
CA ASP A 118 2.89 -3.47 -6.64
C ASP A 118 1.67 -3.28 -5.75
N VAL A 119 1.87 -3.39 -4.45
CA VAL A 119 0.82 -3.12 -3.48
C VAL A 119 0.30 -1.70 -3.63
N LEU A 120 1.23 -0.76 -3.72
CA LEU A 120 0.90 0.65 -3.81
C LEU A 120 0.29 0.98 -5.16
N ASP A 121 0.73 0.25 -6.17
CA ASP A 121 0.13 0.35 -7.50
C ASP A 121 -1.37 0.07 -7.41
N LYS A 122 -1.73 -0.92 -6.59
CA LYS A 122 -3.12 -1.27 -6.39
C LYS A 122 -3.78 -0.31 -5.41
N ALA A 123 -3.04 0.06 -4.37
CA ALA A 123 -3.55 0.96 -3.33
C ALA A 123 -3.94 2.32 -3.91
N SER A 124 -3.06 2.88 -4.74
CA SER A 124 -3.36 4.15 -5.40
C SER A 124 -4.61 4.02 -6.25
N SER A 125 -4.69 2.92 -7.00
CA SER A 125 -5.84 2.68 -7.88
C SER A 125 -7.10 2.37 -7.08
N LEU A 126 -6.93 1.88 -5.86
CA LEU A 126 -8.04 1.66 -4.95
C LEU A 126 -8.66 3.00 -4.55
N ILE A 127 -7.80 3.92 -4.13
CA ILE A 127 -8.25 5.25 -3.73
C ILE A 127 -8.79 6.03 -4.93
N GLU A 128 -8.09 5.94 -6.05
CA GLU A 128 -8.52 6.61 -7.28
C GLU A 128 -9.83 6.03 -7.79
N GLU A 129 -9.98 4.72 -7.68
CA GLU A 129 -11.22 4.06 -8.06
C GLU A 129 -12.39 4.63 -7.27
N ALA A 130 -12.21 4.76 -5.97
CA ALA A 130 -13.26 5.32 -5.11
C ALA A 130 -13.48 6.80 -5.41
N LYS A 131 -12.41 7.49 -5.79
CA LYS A 131 -12.50 8.88 -6.23
C LYS A 131 -13.41 8.99 -7.44
N LYS A 132 -13.27 8.05 -8.37
CA LYS A 132 -14.11 8.00 -9.55
C LYS A 132 -15.55 7.65 -9.17
N ALA A 133 -15.68 6.67 -8.28
CA ALA A 133 -16.99 6.22 -7.81
C ALA A 133 -17.75 7.35 -7.11
N SER A 134 -17.00 8.24 -6.46
CA SER A 134 -17.59 9.37 -5.75
C SER A 134 -18.33 10.30 -6.72
N GLY A 135 -18.00 10.22 -7.99
CA GLY A 135 -18.65 11.05 -8.99
C GLY A 135 -19.95 10.44 -9.50
N HIS A 136 -20.25 9.24 -9.02
CA HIS A 136 -21.48 8.56 -9.42
C HIS A 136 -22.54 8.74 -8.34
N PRO A 137 -23.78 9.04 -8.74
CA PRO A 137 -24.90 9.28 -7.82
C PRO A 137 -25.51 7.97 -7.31
N GLY A 138 -24.66 6.98 -7.11
CA GLY A 138 -25.13 5.67 -6.70
C GLY A 138 -25.10 4.71 -7.86
N ASP A 139 -23.99 3.99 -8.01
CA ASP A 139 -23.79 3.12 -9.14
C ASP A 139 -23.23 1.76 -8.70
N PRO A 140 -23.98 0.69 -8.97
CA PRO A 140 -23.61 -0.67 -8.57
C PRO A 140 -22.34 -1.17 -9.25
N GLU A 141 -22.09 -0.69 -10.46
CA GLU A 141 -20.92 -1.12 -11.22
C GLU A 141 -19.66 -0.49 -10.66
N SER A 142 -19.80 0.75 -10.19
CA SER A 142 -18.68 1.48 -9.60
C SER A 142 -18.21 0.80 -8.31
N GLN A 143 -19.15 0.31 -7.51
CA GLN A 143 -18.79 -0.34 -6.25
C GLN A 143 -18.15 -1.70 -6.52
N GLN A 144 -18.44 -2.27 -7.69
CA GLN A 144 -17.84 -3.54 -8.08
C GLN A 144 -16.35 -3.35 -8.33
N ARG A 145 -16.02 -2.18 -8.85
CA ARG A 145 -14.64 -1.83 -9.15
C ARG A 145 -13.80 -1.78 -7.88
N LEU A 146 -14.38 -1.22 -6.82
CA LEU A 146 -13.72 -1.18 -5.52
C LEU A 146 -13.44 -2.59 -5.02
N ALA A 147 -14.42 -3.47 -5.18
CA ALA A 147 -14.28 -4.86 -4.74
C ALA A 147 -13.12 -5.54 -5.45
N GLN A 148 -12.98 -5.29 -6.74
CA GLN A 148 -11.95 -5.91 -7.54
C GLN A 148 -10.56 -5.46 -7.10
N VAL A 149 -10.37 -4.15 -7.01
CA VAL A 149 -9.06 -3.59 -6.70
C VAL A 149 -8.67 -3.84 -5.24
N ALA A 150 -9.65 -3.84 -4.34
CA ALA A 150 -9.38 -4.10 -2.92
C ALA A 150 -8.81 -5.50 -2.72
N LYS A 151 -9.34 -6.46 -3.48
CA LYS A 151 -8.86 -7.83 -3.42
C LYS A 151 -7.48 -7.93 -4.03
N ALA A 152 -7.23 -7.13 -5.06
CA ALA A 152 -5.93 -7.09 -5.72
C ALA A 152 -4.85 -6.60 -4.77
N VAL A 153 -5.22 -5.66 -3.90
CA VAL A 153 -4.31 -5.18 -2.86
C VAL A 153 -3.92 -6.33 -1.94
N THR A 154 -4.92 -7.11 -1.53
CA THR A 154 -4.68 -8.27 -0.67
C THR A 154 -3.77 -9.28 -1.38
N GLN A 155 -3.96 -9.44 -2.69
CA GLN A 155 -3.13 -10.35 -3.46
C GLN A 155 -1.68 -9.88 -3.47
N ALA A 156 -1.50 -8.59 -3.74
CA ALA A 156 -0.17 -8.00 -3.78
C ALA A 156 0.52 -8.13 -2.44
N LEU A 157 -0.22 -7.90 -1.36
CA LEU A 157 0.31 -8.01 0.00
C LEU A 157 0.79 -9.42 0.31
N ASN A 158 -0.04 -10.42 0.00
CA ASN A 158 0.34 -11.82 0.21
C ASN A 158 1.51 -12.18 -0.69
N ARG A 159 1.54 -11.56 -1.85
CA ARG A 159 2.63 -11.72 -2.80
C ARG A 159 3.94 -11.21 -2.20
N CYS A 160 3.84 -10.18 -1.38
CA CYS A 160 4.98 -9.53 -0.77
C CYS A 160 5.58 -10.41 0.31
N VAL A 161 4.72 -10.85 1.22
CA VAL A 161 5.16 -11.65 2.36
C VAL A 161 5.61 -13.04 1.91
N SER A 162 5.13 -13.47 0.74
CA SER A 162 5.49 -14.77 0.19
C SER A 162 6.93 -14.76 -0.34
N CYS A 163 7.29 -13.68 -1.02
CA CYS A 163 8.60 -13.59 -1.67
C CYS A 163 9.70 -13.22 -0.68
N LEU A 164 9.32 -12.93 0.56
CA LEU A 164 10.28 -12.60 1.60
C LEU A 164 11.18 -13.79 1.90
N PRO A 165 12.51 -13.56 1.99
CA PRO A 165 13.47 -14.61 2.35
C PRO A 165 13.41 -14.94 3.84
N GLY A 166 12.25 -15.35 4.30
CA GLY A 166 12.07 -15.72 5.69
C GLY A 166 12.36 -17.19 5.89
N GLN A 167 13.40 -17.67 5.24
CA GLN A 167 13.76 -19.08 5.29
C GLN A 167 14.72 -19.34 6.44
N ARG A 168 15.11 -20.61 6.59
CA ARG A 168 16.05 -21.04 7.62
C ARG A 168 15.50 -20.72 9.01
N GLY A 1 -11.58 14.98 13.38
CA GLY A 1 -10.30 15.70 13.57
C GLY A 1 -10.49 17.18 13.82
N ILE A 2 -9.89 17.66 14.90
CA ILE A 2 -9.92 19.08 15.21
C ILE A 2 -8.69 19.76 14.62
N ASP A 3 -7.68 18.96 14.34
CA ASP A 3 -6.41 19.44 13.79
C ASP A 3 -6.63 20.18 12.47
N PRO A 4 -5.94 21.30 12.29
CA PRO A 4 -5.92 22.00 11.00
C PRO A 4 -5.25 21.13 9.95
N PHE A 5 -6.04 20.57 9.05
CA PHE A 5 -5.54 19.61 8.09
C PHE A 5 -5.63 20.15 6.69
N THR A 6 -6.50 21.12 6.54
CA THR A 6 -6.77 21.79 5.27
C THR A 6 -6.92 20.79 4.13
N GLY A 7 -7.72 19.77 4.36
CA GLY A 7 -7.94 18.73 3.38
C GLY A 7 -9.33 18.16 3.46
N PRO A 8 -10.28 18.74 2.71
CA PRO A 8 -11.68 18.29 2.67
C PRO A 8 -11.82 16.78 2.49
N LEU A 9 -10.97 16.19 1.65
CA LEU A 9 -11.05 14.76 1.38
C LEU A 9 -9.76 14.05 1.76
N GLU A 10 -9.85 13.17 2.75
CA GLU A 10 -8.71 12.38 3.20
C GLU A 10 -8.12 11.55 2.04
N MET A 11 -8.97 11.19 1.09
CA MET A 11 -8.53 10.39 -0.04
C MET A 11 -7.54 11.14 -0.93
N ASP A 12 -7.73 12.45 -1.05
CA ASP A 12 -6.84 13.26 -1.88
C ASP A 12 -5.49 13.46 -1.19
N SER A 13 -5.52 13.68 0.11
CA SER A 13 -4.29 13.84 0.88
C SER A 13 -3.54 12.52 0.97
N ALA A 14 -4.28 11.43 1.16
CA ALA A 14 -3.70 10.10 1.18
C ALA A 14 -3.10 9.75 -0.19
N LEU A 15 -3.75 10.20 -1.24
CA LEU A 15 -3.25 10.01 -2.60
C LEU A 15 -1.90 10.69 -2.76
N SER A 16 -1.78 11.89 -2.21
CA SER A 16 -0.51 12.62 -2.24
C SER A 16 0.56 11.80 -1.53
N VAL A 17 0.20 11.23 -0.39
CA VAL A 17 1.10 10.39 0.39
C VAL A 17 1.52 9.15 -0.40
N VAL A 18 0.54 8.42 -0.92
CA VAL A 18 0.81 7.16 -1.61
C VAL A 18 1.63 7.38 -2.88
N GLN A 19 1.41 8.51 -3.56
CA GLN A 19 2.17 8.83 -4.77
C GLN A 19 3.63 9.08 -4.45
N ASN A 20 3.89 9.65 -3.28
CA ASN A 20 5.25 9.87 -2.85
C ASN A 20 5.92 8.56 -2.46
N LEU A 21 5.12 7.62 -2.00
CA LEU A 21 5.59 6.30 -1.62
C LEU A 21 5.96 5.49 -2.86
N GLU A 22 5.05 5.46 -3.84
CA GLU A 22 5.28 4.71 -5.07
C GLU A 22 6.50 5.25 -5.81
N LYS A 23 6.57 6.57 -5.96
CA LYS A 23 7.69 7.21 -6.63
C LYS A 23 9.02 6.84 -5.99
N ASP A 24 9.03 6.82 -4.66
CA ASP A 24 10.24 6.51 -3.92
C ASP A 24 10.70 5.09 -4.20
N LEU A 25 9.77 4.15 -4.12
CA LEU A 25 10.09 2.74 -4.33
C LEU A 25 10.49 2.47 -5.78
N GLN A 26 9.94 3.26 -6.70
CA GLN A 26 10.33 3.16 -8.10
C GLN A 26 11.80 3.47 -8.27
N GLU A 27 12.28 4.45 -7.50
CA GLU A 27 13.69 4.81 -7.50
C GLU A 27 14.51 3.78 -6.74
N ILE A 28 14.00 3.40 -5.57
CA ILE A 28 14.66 2.43 -4.71
C ILE A 28 14.85 1.08 -5.41
N LYS A 29 13.86 0.67 -6.20
CA LYS A 29 13.93 -0.58 -6.94
C LYS A 29 15.03 -0.52 -7.99
N ALA A 30 15.12 0.61 -8.68
CA ALA A 30 16.18 0.82 -9.66
C ALA A 30 17.54 0.87 -8.97
N ALA A 31 17.56 1.50 -7.81
CA ALA A 31 18.77 1.58 -7.00
C ALA A 31 19.20 0.18 -6.56
N ALA A 32 18.23 -0.69 -6.29
CA ALA A 32 18.52 -2.06 -5.91
C ALA A 32 19.22 -2.81 -7.04
N ARG A 33 18.77 -2.59 -8.26
CA ARG A 33 19.36 -3.21 -9.42
C ARG A 33 20.80 -2.73 -9.62
N ASP A 34 21.02 -1.45 -9.41
CA ASP A 34 22.34 -0.86 -9.62
C ASP A 34 23.27 -1.10 -8.41
N GLY A 35 22.67 -1.26 -7.24
CA GLY A 35 23.45 -1.52 -6.04
C GLY A 35 23.65 -0.26 -5.22
N LYS A 36 22.66 0.63 -5.25
CA LYS A 36 22.75 1.90 -4.55
C LYS A 36 21.90 1.91 -3.29
N LEU A 37 21.46 0.72 -2.85
CA LEU A 37 20.72 0.60 -1.60
C LEU A 37 21.63 0.84 -0.41
N LYS A 38 21.03 0.96 0.75
CA LYS A 38 21.78 1.14 1.99
C LYS A 38 21.81 -0.19 2.74
N PRO A 39 22.88 -0.97 2.59
CA PRO A 39 22.98 -2.32 3.11
C PRO A 39 23.41 -2.36 4.58
N LEU A 40 23.12 -1.29 5.30
CA LEU A 40 23.42 -1.24 6.73
C LEU A 40 22.37 -2.03 7.50
N PRO A 41 22.77 -3.17 8.09
CA PRO A 41 21.86 -4.07 8.78
C PRO A 41 21.61 -3.66 10.23
N GLY A 42 21.26 -2.39 10.43
CA GLY A 42 20.94 -1.91 11.76
C GLY A 42 19.74 -2.64 12.33
N GLU A 43 18.65 -2.61 11.59
CA GLU A 43 17.48 -3.39 11.93
C GLU A 43 17.52 -4.70 11.16
N THR A 44 17.21 -5.80 11.83
CA THR A 44 17.37 -7.12 11.25
C THR A 44 16.17 -7.47 10.35
N MET A 45 16.41 -8.39 9.41
CA MET A 45 15.40 -8.81 8.47
C MET A 45 14.19 -9.40 9.19
N GLU A 46 14.44 -10.00 10.34
CA GLU A 46 13.37 -10.56 11.17
C GLU A 46 12.32 -9.50 11.46
N LYS A 47 12.77 -8.30 11.79
CA LYS A 47 11.87 -7.20 12.09
C LYS A 47 11.21 -6.69 10.82
N CYS A 48 11.99 -6.60 9.76
CA CYS A 48 11.49 -6.14 8.47
C CYS A 48 10.37 -7.05 7.97
N THR A 49 10.57 -8.36 8.06
CA THR A 49 9.58 -9.32 7.61
C THR A 49 8.38 -9.34 8.56
N GLN A 50 8.65 -9.23 9.86
CA GLN A 50 7.60 -9.26 10.86
C GLN A 50 6.69 -8.05 10.71
N ASP A 51 7.28 -6.87 10.64
CA ASP A 51 6.52 -5.64 10.54
C ASP A 51 5.86 -5.53 9.17
N LEU A 52 6.48 -6.15 8.17
CA LEU A 52 5.90 -6.23 6.83
C LEU A 52 4.57 -6.96 6.89
N GLY A 53 4.59 -8.16 7.49
CA GLY A 53 3.37 -8.93 7.66
C GLY A 53 2.34 -8.19 8.50
N ASN A 54 2.81 -7.49 9.53
CA ASN A 54 1.94 -6.69 10.37
C ASN A 54 1.28 -5.57 9.57
N SER A 55 2.09 -4.86 8.79
CA SER A 55 1.58 -3.80 7.93
C SER A 55 0.64 -4.36 6.87
N THR A 56 0.96 -5.56 6.40
CA THR A 56 0.12 -6.27 5.45
C THR A 56 -1.30 -6.43 6.00
N LYS A 57 -1.40 -7.02 7.19
CA LYS A 57 -2.68 -7.26 7.84
C LYS A 57 -3.38 -5.93 8.14
N ALA A 58 -2.59 -4.93 8.50
CA ALA A 58 -3.11 -3.61 8.83
C ALA A 58 -3.87 -2.99 7.65
N VAL A 59 -3.19 -2.86 6.51
CA VAL A 59 -3.78 -2.25 5.34
C VAL A 59 -4.83 -3.17 4.71
N SER A 60 -4.72 -4.48 4.95
CA SER A 60 -5.74 -5.43 4.50
C SER A 60 -7.07 -5.15 5.19
N SER A 61 -7.01 -4.74 6.45
CA SER A 61 -8.20 -4.35 7.18
C SER A 61 -8.68 -2.98 6.71
N ALA A 62 -7.73 -2.12 6.38
CA ALA A 62 -8.02 -0.76 5.92
C ALA A 62 -8.78 -0.78 4.60
N ILE A 63 -8.30 -1.57 3.64
CA ILE A 63 -8.95 -1.65 2.33
C ILE A 63 -10.35 -2.24 2.45
N ALA A 64 -10.57 -3.04 3.49
CA ALA A 64 -11.88 -3.65 3.72
C ALA A 64 -12.92 -2.58 4.06
N LYS A 65 -12.50 -1.59 4.83
CA LYS A 65 -13.37 -0.47 5.17
C LYS A 65 -13.50 0.48 3.98
N LEU A 66 -12.42 0.57 3.20
CA LEU A 66 -12.37 1.43 2.03
C LEU A 66 -13.31 0.91 0.94
N LEU A 67 -13.57 -0.40 1.00
CA LEU A 67 -14.42 -1.08 0.02
C LEU A 67 -15.80 -0.44 -0.09
N GLY A 68 -16.26 0.16 1.00
CA GLY A 68 -17.59 0.74 1.00
C GLY A 68 -18.66 -0.32 0.89
N GLU A 69 -18.88 -1.04 1.97
CA GLU A 69 -19.87 -2.09 2.01
C GLU A 69 -21.25 -1.46 1.87
N ILE A 70 -22.25 -2.28 1.53
CA ILE A 70 -23.58 -1.78 1.22
C ILE A 70 -24.11 -0.86 2.33
N ALA A 71 -24.12 0.43 2.01
CA ALA A 71 -24.58 1.48 2.91
C ALA A 71 -24.80 2.74 2.11
N GLN A 72 -25.15 3.83 2.76
CA GLN A 72 -25.43 5.07 2.05
C GLN A 72 -24.26 6.05 2.15
N GLY A 73 -23.46 6.09 1.09
CA GLY A 73 -22.40 7.08 1.00
C GLY A 73 -21.05 6.59 1.49
N ASN A 74 -21.05 5.64 2.44
CA ASN A 74 -19.82 5.21 3.10
C ASN A 74 -19.21 6.40 3.83
N GLU A 75 -20.09 7.17 4.46
CA GLU A 75 -19.77 8.47 5.02
C GLU A 75 -18.68 8.37 6.09
N ASN A 76 -17.67 9.23 5.95
CA ASN A 76 -16.55 9.33 6.89
C ASN A 76 -15.61 8.13 6.80
N TYR A 77 -16.16 6.93 6.62
CA TYR A 77 -15.35 5.72 6.47
C TYR A 77 -14.39 5.86 5.29
N ALA A 78 -14.87 6.51 4.24
CA ALA A 78 -14.07 6.80 3.07
C ALA A 78 -12.76 7.50 3.46
N GLY A 79 -12.87 8.50 4.33
CA GLY A 79 -11.71 9.24 4.76
C GLY A 79 -10.88 8.47 5.78
N ILE A 80 -11.56 7.81 6.71
CA ILE A 80 -10.89 7.03 7.73
C ILE A 80 -10.00 5.95 7.12
N ALA A 81 -10.57 5.20 6.19
CA ALA A 81 -9.85 4.09 5.55
C ALA A 81 -8.73 4.61 4.66
N ALA A 82 -8.97 5.72 3.97
CA ALA A 82 -7.96 6.29 3.08
C ALA A 82 -6.72 6.72 3.85
N ARG A 83 -6.92 7.21 5.06
CA ARG A 83 -5.79 7.59 5.90
C ARG A 83 -5.08 6.35 6.44
N ASP A 84 -5.85 5.30 6.67
CA ASP A 84 -5.32 4.09 7.29
C ASP A 84 -4.54 3.25 6.29
N VAL A 85 -4.99 3.21 5.04
CA VAL A 85 -4.25 2.50 3.99
C VAL A 85 -2.89 3.14 3.80
N ALA A 86 -2.85 4.47 3.78
CA ALA A 86 -1.60 5.19 3.59
C ALA A 86 -0.59 4.84 4.68
N GLY A 87 -1.07 4.77 5.92
CA GLY A 87 -0.21 4.40 7.02
C GLY A 87 0.31 2.97 6.89
N GLY A 88 -0.53 2.08 6.39
CA GLY A 88 -0.12 0.71 6.18
C GLY A 88 0.89 0.59 5.06
N LEU A 89 0.70 1.39 4.02
CA LEU A 89 1.55 1.31 2.83
C LEU A 89 2.92 1.91 3.08
N ARG A 90 3.00 2.99 3.86
CA ARG A 90 4.29 3.59 4.19
C ARG A 90 5.10 2.65 5.07
N SER A 91 4.42 1.97 5.99
CA SER A 91 5.07 0.98 6.85
C SER A 91 5.48 -0.24 6.02
N LEU A 92 4.64 -0.58 5.06
CA LEU A 92 4.91 -1.68 4.13
C LEU A 92 6.18 -1.37 3.34
N ALA A 93 6.20 -0.20 2.72
CA ALA A 93 7.33 0.24 1.89
C ALA A 93 8.64 0.22 2.67
N GLN A 94 8.61 0.76 3.89
CA GLN A 94 9.80 0.83 4.73
C GLN A 94 10.36 -0.56 5.03
N ALA A 95 9.49 -1.49 5.34
CA ALA A 95 9.90 -2.85 5.65
C ALA A 95 10.42 -3.57 4.42
N ALA A 96 9.76 -3.33 3.29
CA ALA A 96 10.12 -3.97 2.04
C ALA A 96 11.51 -3.56 1.57
N ARG A 97 11.77 -2.25 1.55
CA ARG A 97 13.06 -1.74 1.08
C ARG A 97 14.17 -2.13 2.05
N GLY A 98 13.80 -2.39 3.30
CA GLY A 98 14.76 -2.88 4.28
C GLY A 98 15.20 -4.29 3.93
N VAL A 99 14.23 -5.15 3.68
CA VAL A 99 14.49 -6.53 3.27
C VAL A 99 15.43 -6.59 2.07
N ALA A 100 15.14 -5.75 1.09
CA ALA A 100 15.91 -5.73 -0.16
C ALA A 100 17.37 -5.34 0.08
N ALA A 101 17.59 -4.39 0.97
CA ALA A 101 18.94 -3.90 1.24
C ALA A 101 19.75 -4.90 2.05
N LEU A 102 19.05 -5.72 2.83
CA LEU A 102 19.71 -6.69 3.70
C LEU A 102 20.14 -7.92 2.92
N THR A 103 19.33 -8.33 1.96
CA THR A 103 19.66 -9.49 1.14
C THR A 103 20.65 -9.10 0.04
N SER A 104 21.48 -10.03 -0.37
CA SER A 104 22.47 -9.75 -1.41
C SER A 104 22.15 -10.51 -2.70
N ASP A 105 21.02 -11.21 -2.70
CA ASP A 105 20.62 -11.99 -3.86
C ASP A 105 19.99 -11.10 -4.93
N PRO A 106 20.59 -11.04 -6.13
CA PRO A 106 20.06 -10.26 -7.24
C PRO A 106 18.82 -10.89 -7.85
N ALA A 107 17.75 -10.91 -7.08
CA ALA A 107 16.45 -11.41 -7.51
C ALA A 107 15.40 -11.04 -6.48
N VAL A 108 15.59 -11.50 -5.25
CA VAL A 108 14.67 -11.18 -4.17
C VAL A 108 14.70 -9.70 -3.84
N GLN A 109 15.85 -9.05 -4.07
CA GLN A 109 15.97 -7.61 -3.88
C GLN A 109 14.90 -6.87 -4.66
N ALA A 110 14.80 -7.18 -5.94
CA ALA A 110 13.81 -6.56 -6.79
C ALA A 110 12.43 -7.16 -6.52
N ILE A 111 12.39 -8.44 -6.20
CA ILE A 111 11.13 -9.15 -6.00
C ILE A 111 10.36 -8.62 -4.78
N VAL A 112 11.07 -8.28 -3.71
CA VAL A 112 10.43 -7.74 -2.52
C VAL A 112 9.89 -6.33 -2.79
N LEU A 113 10.63 -5.57 -3.59
CA LEU A 113 10.23 -4.22 -3.91
C LEU A 113 9.11 -4.23 -4.94
N ASP A 114 9.27 -5.10 -5.92
CA ASP A 114 8.29 -5.25 -7.00
C ASP A 114 6.91 -5.62 -6.44
N THR A 115 6.88 -6.51 -5.46
CA THR A 115 5.63 -6.90 -4.84
C THR A 115 5.06 -5.77 -3.99
N ALA A 116 5.91 -5.14 -3.19
CA ALA A 116 5.50 -4.00 -2.36
C ALA A 116 4.99 -2.86 -3.23
N SER A 117 5.68 -2.62 -4.34
CA SER A 117 5.28 -1.59 -5.28
C SER A 117 3.96 -1.98 -5.95
N ASP A 118 3.79 -3.27 -6.21
CA ASP A 118 2.55 -3.76 -6.80
C ASP A 118 1.37 -3.54 -5.84
N VAL A 119 1.66 -3.66 -4.55
CA VAL A 119 0.66 -3.38 -3.51
C VAL A 119 0.14 -1.96 -3.64
N LEU A 120 1.03 -0.98 -3.49
CA LEU A 120 0.64 0.41 -3.55
C LEU A 120 0.19 0.81 -4.95
N ASP A 121 0.72 0.16 -5.97
CA ASP A 121 0.28 0.37 -7.35
C ASP A 121 -1.22 0.15 -7.46
N LYS A 122 -1.70 -0.94 -6.89
CA LYS A 122 -3.13 -1.24 -6.90
C LYS A 122 -3.85 -0.41 -5.84
N ALA A 123 -3.20 -0.16 -4.71
CA ALA A 123 -3.80 0.61 -3.62
C ALA A 123 -4.00 2.07 -4.02
N SER A 124 -3.07 2.60 -4.79
CA SER A 124 -3.19 3.96 -5.31
C SER A 124 -4.40 4.06 -6.22
N SER A 125 -4.59 3.02 -7.02
CA SER A 125 -5.74 2.92 -7.91
C SER A 125 -7.01 2.66 -7.09
N LEU A 126 -6.86 1.96 -5.96
CA LEU A 126 -7.98 1.73 -5.05
C LEU A 126 -8.50 3.07 -4.54
N ILE A 127 -7.57 3.91 -4.09
CA ILE A 127 -7.89 5.26 -3.63
C ILE A 127 -8.57 6.06 -4.74
N GLU A 128 -7.97 6.02 -5.92
CA GLU A 128 -8.49 6.75 -7.06
C GLU A 128 -9.85 6.22 -7.50
N GLU A 129 -9.93 4.91 -7.72
CA GLU A 129 -11.16 4.26 -8.15
C GLU A 129 -12.30 4.56 -7.18
N ALA A 130 -11.98 4.68 -5.90
CA ALA A 130 -12.98 5.00 -4.88
C ALA A 130 -13.71 6.30 -5.20
N LYS A 131 -12.94 7.36 -5.43
CA LYS A 131 -13.50 8.67 -5.74
C LYS A 131 -14.12 8.69 -7.13
N LYS A 132 -13.65 7.81 -8.00
CA LYS A 132 -14.18 7.70 -9.34
C LYS A 132 -15.51 6.95 -9.34
N ALA A 133 -15.54 5.83 -8.63
CA ALA A 133 -16.73 5.00 -8.54
C ALA A 133 -17.86 5.73 -7.85
N SER A 134 -17.64 6.17 -6.61
CA SER A 134 -18.64 6.91 -5.89
C SER A 134 -18.72 8.34 -6.43
N GLY A 135 -19.77 8.61 -7.20
CA GLY A 135 -19.89 9.91 -7.81
C GLY A 135 -20.55 9.84 -9.18
N HIS A 136 -20.73 8.63 -9.69
CA HIS A 136 -21.46 8.45 -10.94
C HIS A 136 -22.95 8.62 -10.67
N PRO A 137 -23.76 8.86 -11.72
CA PRO A 137 -25.23 8.94 -11.57
C PRO A 137 -25.83 7.59 -11.19
N GLY A 138 -25.86 7.32 -9.90
CA GLY A 138 -26.26 6.02 -9.42
C GLY A 138 -25.17 5.00 -9.63
N ASP A 139 -24.38 4.74 -8.61
CA ASP A 139 -23.23 3.86 -8.75
C ASP A 139 -23.35 2.57 -7.94
N PRO A 140 -24.03 1.55 -8.47
CA PRO A 140 -24.02 0.20 -7.88
C PRO A 140 -22.70 -0.49 -8.19
N GLU A 141 -22.02 0.04 -9.21
CA GLU A 141 -20.72 -0.45 -9.64
C GLU A 141 -19.65 -0.02 -8.66
N SER A 142 -19.99 0.93 -7.79
CA SER A 142 -19.03 1.54 -6.88
C SER A 142 -18.39 0.49 -5.98
N GLN A 143 -19.22 -0.33 -5.34
CA GLN A 143 -18.71 -1.37 -4.45
C GLN A 143 -17.97 -2.45 -5.22
N GLN A 144 -18.36 -2.66 -6.48
CA GLN A 144 -17.78 -3.70 -7.28
C GLN A 144 -16.38 -3.32 -7.70
N ARG A 145 -16.23 -2.09 -8.21
CA ARG A 145 -14.93 -1.57 -8.62
C ARG A 145 -13.90 -1.71 -7.51
N LEU A 146 -14.30 -1.31 -6.31
CA LEU A 146 -13.40 -1.34 -5.16
C LEU A 146 -13.13 -2.77 -4.73
N ALA A 147 -14.16 -3.61 -4.74
CA ALA A 147 -14.04 -4.99 -4.31
C ALA A 147 -13.03 -5.77 -5.16
N GLN A 148 -12.98 -5.44 -6.45
CA GLN A 148 -12.08 -6.10 -7.36
C GLN A 148 -10.64 -5.65 -7.12
N VAL A 149 -10.42 -4.34 -7.08
CA VAL A 149 -9.08 -3.78 -6.94
C VAL A 149 -8.50 -4.06 -5.55
N ALA A 150 -9.35 -4.10 -4.53
CA ALA A 150 -8.91 -4.40 -3.17
C ALA A 150 -8.30 -5.79 -3.09
N LYS A 151 -8.94 -6.74 -3.78
CA LYS A 151 -8.47 -8.12 -3.80
C LYS A 151 -7.12 -8.22 -4.52
N ALA A 152 -6.92 -7.36 -5.50
CA ALA A 152 -5.64 -7.28 -6.19
C ALA A 152 -4.55 -6.82 -5.22
N VAL A 153 -4.88 -5.85 -4.37
CA VAL A 153 -3.98 -5.39 -3.32
C VAL A 153 -3.74 -6.52 -2.32
N THR A 154 -4.81 -7.24 -2.00
CA THR A 154 -4.75 -8.36 -1.06
C THR A 154 -3.74 -9.41 -1.53
N GLN A 155 -3.81 -9.74 -2.81
CA GLN A 155 -2.90 -10.73 -3.38
C GLN A 155 -1.48 -10.20 -3.45
N ALA A 156 -1.32 -8.93 -3.79
CA ALA A 156 0.00 -8.32 -3.86
C ALA A 156 0.68 -8.35 -2.50
N LEU A 157 -0.06 -8.02 -1.45
CA LEU A 157 0.42 -8.10 -0.08
C LEU A 157 0.87 -9.51 0.24
N ASN A 158 0.01 -10.46 -0.06
CA ASN A 158 0.29 -11.88 0.17
C ASN A 158 1.49 -12.34 -0.66
N ARG A 159 1.64 -11.78 -1.85
CA ARG A 159 2.75 -12.10 -2.72
C ARG A 159 4.07 -11.54 -2.17
N CYS A 160 3.98 -10.44 -1.45
CA CYS A 160 5.17 -9.81 -0.91
C CYS A 160 5.72 -10.65 0.24
N VAL A 161 4.82 -11.05 1.13
CA VAL A 161 5.21 -11.84 2.29
C VAL A 161 5.59 -13.26 1.89
N SER A 162 5.10 -13.71 0.73
CA SER A 162 5.40 -15.03 0.22
C SER A 162 6.80 -15.08 -0.39
N CYS A 163 7.20 -13.99 -1.03
CA CYS A 163 8.48 -13.93 -1.73
C CYS A 163 9.61 -13.54 -0.79
N LEU A 164 9.28 -13.29 0.47
CA LEU A 164 10.28 -12.92 1.47
C LEU A 164 11.36 -13.99 1.58
N PRO A 165 12.63 -13.59 1.33
CA PRO A 165 13.77 -14.49 1.43
C PRO A 165 14.15 -14.77 2.88
N GLY A 166 14.50 -16.01 3.16
CA GLY A 166 14.90 -16.38 4.50
C GLY A 166 16.38 -16.13 4.73
N GLN A 167 16.78 -14.87 4.64
CA GLN A 167 18.17 -14.48 4.78
C GLN A 167 19.02 -15.07 3.66
N ARG A 168 19.19 -14.31 2.58
CA ARG A 168 19.98 -14.76 1.46
C ARG A 168 21.11 -13.78 1.19
N GLY A 1 -18.81 17.04 -8.09
CA GLY A 1 -18.87 17.07 -9.58
C GLY A 1 -17.57 16.62 -10.20
N ILE A 2 -17.50 16.65 -11.52
CA ILE A 2 -16.28 16.28 -12.21
C ILE A 2 -15.26 17.41 -12.08
N ASP A 3 -15.74 18.64 -12.05
CA ASP A 3 -14.87 19.79 -11.85
C ASP A 3 -14.79 20.15 -10.36
N PRO A 4 -15.92 20.48 -9.69
CA PRO A 4 -15.92 20.79 -8.26
C PRO A 4 -15.88 19.52 -7.42
N PHE A 5 -14.72 19.22 -6.88
CA PHE A 5 -14.54 18.02 -6.08
C PHE A 5 -13.36 18.19 -5.14
N THR A 6 -13.57 18.96 -4.08
CA THR A 6 -12.55 19.17 -3.06
C THR A 6 -13.04 18.71 -1.69
N GLY A 7 -14.35 18.63 -1.56
CA GLY A 7 -14.96 18.18 -0.32
C GLY A 7 -14.49 16.79 0.09
N PRO A 8 -14.77 15.75 -0.73
CA PRO A 8 -14.40 14.37 -0.41
C PRO A 8 -12.92 14.05 -0.69
N LEU A 9 -12.07 15.07 -0.67
CA LEU A 9 -10.65 14.88 -0.94
C LEU A 9 -9.91 14.46 0.34
N GLU A 10 -10.62 13.83 1.25
CA GLU A 10 -10.03 13.29 2.46
C GLU A 10 -9.09 12.14 2.10
N MET A 11 -9.41 11.48 0.99
CA MET A 11 -8.59 10.41 0.46
C MET A 11 -7.38 10.97 -0.28
N ASP A 12 -7.55 12.15 -0.85
CA ASP A 12 -6.54 12.75 -1.72
C ASP A 12 -5.22 12.99 -1.01
N SER A 13 -5.29 13.46 0.24
CA SER A 13 -4.09 13.73 1.02
C SER A 13 -3.24 12.47 1.18
N ALA A 14 -3.92 11.33 1.38
CA ALA A 14 -3.24 10.06 1.52
C ALA A 14 -2.78 9.56 0.15
N LEU A 15 -3.62 9.81 -0.86
CA LEU A 15 -3.30 9.44 -2.23
C LEU A 15 -2.00 10.10 -2.70
N SER A 16 -1.82 11.36 -2.32
CA SER A 16 -0.59 12.09 -2.63
C SER A 16 0.62 11.35 -2.07
N VAL A 17 0.50 10.89 -0.83
CA VAL A 17 1.56 10.14 -0.18
C VAL A 17 1.85 8.85 -0.94
N VAL A 18 0.79 8.13 -1.28
CA VAL A 18 0.90 6.88 -2.03
C VAL A 18 1.66 7.09 -3.34
N GLN A 19 1.26 8.11 -4.10
CA GLN A 19 1.90 8.42 -5.38
C GLN A 19 3.40 8.62 -5.23
N ASN A 20 3.82 9.18 -4.11
CA ASN A 20 5.24 9.41 -3.86
C ASN A 20 5.92 8.10 -3.48
N LEU A 21 5.29 7.36 -2.58
CA LEU A 21 5.84 6.10 -2.08
C LEU A 21 6.11 5.11 -3.21
N GLU A 22 5.14 4.94 -4.09
CA GLU A 22 5.27 3.99 -5.18
C GLU A 22 6.44 4.37 -6.10
N LYS A 23 6.55 5.65 -6.43
CA LYS A 23 7.64 6.14 -7.26
C LYS A 23 8.97 5.96 -6.56
N ASP A 24 8.96 6.14 -5.24
CA ASP A 24 10.16 5.99 -4.42
C ASP A 24 10.70 4.58 -4.54
N LEU A 25 9.82 3.61 -4.36
CA LEU A 25 10.20 2.21 -4.38
C LEU A 25 10.67 1.79 -5.79
N GLN A 26 10.19 2.50 -6.80
CA GLN A 26 10.63 2.25 -8.18
C GLN A 26 12.10 2.65 -8.33
N GLU A 27 12.49 3.71 -7.64
CA GLU A 27 13.88 4.17 -7.67
C GLU A 27 14.76 3.25 -6.83
N ILE A 28 14.22 2.83 -5.70
CA ILE A 28 14.94 1.91 -4.82
C ILE A 28 15.12 0.55 -5.49
N LYS A 29 14.15 0.17 -6.31
CA LYS A 29 14.24 -1.08 -7.08
C LYS A 29 15.38 -0.99 -8.09
N ALA A 30 15.58 0.20 -8.65
CA ALA A 30 16.69 0.44 -9.55
C ALA A 30 17.99 0.49 -8.76
N ALA A 31 17.93 1.01 -7.54
CA ALA A 31 19.08 1.06 -6.65
C ALA A 31 19.57 -0.37 -6.37
N ALA A 32 18.65 -1.32 -6.40
CA ALA A 32 19.00 -2.73 -6.23
C ALA A 32 19.87 -3.22 -7.38
N ARG A 33 19.50 -2.85 -8.60
CA ARG A 33 20.20 -3.27 -9.78
C ARG A 33 21.60 -2.65 -9.82
N ASP A 34 21.70 -1.41 -9.36
CA ASP A 34 22.97 -0.70 -9.31
C ASP A 34 23.81 -1.16 -8.13
N GLY A 35 23.18 -1.80 -7.17
CA GLY A 35 23.87 -2.21 -5.96
C GLY A 35 24.09 -1.05 -5.03
N LYS A 36 23.10 -0.18 -4.95
CA LYS A 36 23.15 0.99 -4.09
C LYS A 36 22.48 0.71 -2.76
N LEU A 37 21.85 -0.45 -2.65
CA LEU A 37 21.10 -0.80 -1.45
C LEU A 37 22.04 -1.09 -0.29
N LYS A 38 21.93 -0.28 0.74
CA LYS A 38 22.75 -0.42 1.93
C LYS A 38 21.83 -0.53 3.15
N PRO A 39 22.34 -1.00 4.30
CA PRO A 39 21.53 -1.26 5.48
C PRO A 39 21.18 0.03 6.25
N LEU A 40 21.08 1.12 5.50
CA LEU A 40 20.72 2.42 6.04
C LEU A 40 19.44 2.39 6.90
N PRO A 41 18.38 1.64 6.48
CA PRO A 41 17.19 1.43 7.33
C PRO A 41 17.55 1.11 8.79
N GLY A 42 18.56 0.28 8.97
CA GLY A 42 19.06 -0.04 10.30
C GLY A 42 18.22 -1.09 11.01
N GLU A 43 17.15 -1.54 10.38
CA GLU A 43 16.27 -2.52 10.98
C GLU A 43 16.72 -3.94 10.67
N THR A 44 16.42 -4.85 11.57
CA THR A 44 16.75 -6.25 11.38
C THR A 44 15.80 -6.89 10.37
N MET A 45 16.23 -7.98 9.75
CA MET A 45 15.37 -8.69 8.80
C MET A 45 14.16 -9.25 9.52
N GLU A 46 14.32 -9.52 10.82
CA GLU A 46 13.22 -10.00 11.65
C GLU A 46 12.10 -8.98 11.68
N LYS A 47 12.44 -7.77 12.08
CA LYS A 47 11.46 -6.70 12.21
C LYS A 47 10.89 -6.32 10.85
N CYS A 48 11.76 -6.30 9.84
CA CYS A 48 11.33 -5.95 8.49
C CYS A 48 10.26 -6.92 7.98
N THR A 49 10.54 -8.21 8.05
CA THR A 49 9.61 -9.21 7.57
C THR A 49 8.35 -9.26 8.43
N GLN A 50 8.53 -9.12 9.74
CA GLN A 50 7.43 -9.13 10.69
C GLN A 50 6.51 -7.93 10.45
N ASP A 51 7.09 -6.74 10.43
CA ASP A 51 6.31 -5.51 10.29
C ASP A 51 5.68 -5.44 8.91
N LEU A 52 6.32 -6.06 7.92
CA LEU A 52 5.76 -6.13 6.58
C LEU A 52 4.44 -6.89 6.62
N GLY A 53 4.49 -8.06 7.25
CA GLY A 53 3.29 -8.86 7.42
C GLY A 53 2.26 -8.18 8.28
N ASN A 54 2.71 -7.53 9.35
CA ASN A 54 1.82 -6.81 10.25
C ASN A 54 1.14 -5.65 9.53
N SER A 55 1.90 -4.95 8.70
CA SER A 55 1.34 -3.87 7.88
C SER A 55 0.33 -4.45 6.89
N THR A 56 0.63 -5.64 6.40
CA THR A 56 -0.28 -6.38 5.52
C THR A 56 -1.61 -6.62 6.21
N LYS A 57 -1.54 -7.15 7.44
CA LYS A 57 -2.74 -7.39 8.25
C LYS A 57 -3.53 -6.10 8.44
N ALA A 58 -2.81 -5.01 8.71
CA ALA A 58 -3.43 -3.73 8.98
C ALA A 58 -4.14 -3.17 7.76
N VAL A 59 -3.43 -3.07 6.64
CA VAL A 59 -4.01 -2.49 5.43
C VAL A 59 -5.08 -3.41 4.82
N SER A 60 -5.00 -4.70 5.14
CA SER A 60 -6.03 -5.66 4.74
C SER A 60 -7.39 -5.23 5.30
N SER A 61 -7.40 -4.86 6.57
CA SER A 61 -8.61 -4.38 7.22
C SER A 61 -8.93 -2.96 6.75
N ALA A 62 -7.88 -2.22 6.41
CA ALA A 62 -8.01 -0.85 5.96
C ALA A 62 -8.75 -0.77 4.62
N ILE A 63 -8.32 -1.56 3.64
CA ILE A 63 -8.93 -1.55 2.32
C ILE A 63 -10.39 -1.98 2.39
N ALA A 64 -10.73 -2.85 3.34
CA ALA A 64 -12.10 -3.29 3.54
C ALA A 64 -12.99 -2.12 3.92
N LYS A 65 -12.49 -1.28 4.83
CA LYS A 65 -13.22 -0.10 5.28
C LYS A 65 -13.17 1.01 4.22
N LEU A 66 -12.15 0.95 3.38
CA LEU A 66 -11.88 1.97 2.37
C LEU A 66 -12.94 1.94 1.26
N LEU A 67 -13.55 0.78 1.06
CA LEU A 67 -14.62 0.65 0.07
C LEU A 67 -15.82 1.51 0.46
N GLY A 68 -15.90 2.70 -0.13
CA GLY A 68 -16.97 3.61 0.18
C GLY A 68 -17.98 3.71 -0.93
N GLU A 69 -19.17 4.20 -0.60
CA GLU A 69 -20.25 4.32 -1.57
C GLU A 69 -20.48 5.78 -1.93
N ILE A 70 -20.50 6.63 -0.91
CA ILE A 70 -20.79 8.04 -1.07
C ILE A 70 -20.25 8.83 0.11
N ALA A 71 -19.73 10.02 -0.15
CA ALA A 71 -19.29 10.89 0.92
C ALA A 71 -20.39 11.88 1.28
N GLN A 72 -21.27 11.47 2.17
CA GLN A 72 -22.42 12.28 2.55
C GLN A 72 -22.13 13.02 3.84
N GLY A 73 -21.64 12.28 4.83
CA GLY A 73 -21.34 12.89 6.12
C GLY A 73 -21.46 11.91 7.27
N ASN A 74 -22.13 10.78 7.02
CA ASN A 74 -22.30 9.77 8.05
C ASN A 74 -21.18 8.74 7.96
N GLU A 75 -20.39 8.89 6.91
CA GLU A 75 -19.34 7.94 6.59
C GLU A 75 -18.02 8.38 7.21
N ASN A 76 -17.60 7.67 8.23
CA ASN A 76 -16.34 7.95 8.90
C ASN A 76 -15.19 7.25 8.20
N TYR A 77 -15.49 6.08 7.66
CA TYR A 77 -14.46 5.21 7.09
C TYR A 77 -13.82 5.82 5.85
N ALA A 78 -14.56 6.66 5.14
CA ALA A 78 -14.05 7.28 3.92
C ALA A 78 -12.72 7.98 4.16
N GLY A 79 -12.68 8.84 5.18
CA GLY A 79 -11.44 9.52 5.52
C GLY A 79 -10.50 8.66 6.35
N ILE A 80 -11.05 7.98 7.35
CA ILE A 80 -10.25 7.16 8.26
C ILE A 80 -9.48 6.08 7.51
N ALA A 81 -10.18 5.31 6.70
CA ALA A 81 -9.57 4.18 6.00
C ALA A 81 -8.64 4.66 4.91
N ALA A 82 -8.93 5.84 4.35
CA ALA A 82 -8.06 6.43 3.35
C ALA A 82 -6.68 6.71 3.93
N ARG A 83 -6.66 7.18 5.16
CA ARG A 83 -5.40 7.42 5.85
C ARG A 83 -4.85 6.10 6.37
N ASP A 84 -5.77 5.22 6.76
CA ASP A 84 -5.41 3.93 7.35
C ASP A 84 -4.69 3.04 6.33
N VAL A 85 -5.16 3.03 5.08
CA VAL A 85 -4.48 2.29 4.03
C VAL A 85 -3.08 2.86 3.80
N ALA A 86 -2.98 4.18 3.82
CA ALA A 86 -1.71 4.85 3.61
C ALA A 86 -0.74 4.49 4.72
N GLY A 87 -1.26 4.35 5.93
CA GLY A 87 -0.44 3.93 7.06
C GLY A 87 0.18 2.57 6.84
N GLY A 88 -0.62 1.63 6.35
CA GLY A 88 -0.11 0.31 6.05
C GLY A 88 0.88 0.34 4.90
N LEU A 89 0.54 1.09 3.87
CA LEU A 89 1.37 1.22 2.68
C LEU A 89 2.73 1.83 2.98
N ARG A 90 2.76 2.91 3.74
CA ARG A 90 4.03 3.56 4.08
C ARG A 90 4.90 2.65 4.92
N SER A 91 4.28 1.90 5.83
CA SER A 91 5.00 0.97 6.69
C SER A 91 5.50 -0.21 5.85
N LEU A 92 4.68 -0.61 4.88
CA LEU A 92 5.03 -1.66 3.94
C LEU A 92 6.31 -1.29 3.21
N ALA A 93 6.35 -0.07 2.70
CA ALA A 93 7.51 0.45 1.97
C ALA A 93 8.77 0.42 2.83
N GLN A 94 8.64 0.87 4.07
CA GLN A 94 9.78 0.93 5.00
C GLN A 94 10.42 -0.45 5.16
N ALA A 95 9.57 -1.45 5.40
CA ALA A 95 10.04 -2.79 5.67
C ALA A 95 10.65 -3.43 4.43
N ALA A 96 10.06 -3.14 3.27
CA ALA A 96 10.54 -3.66 1.99
C ALA A 96 11.96 -3.17 1.72
N ARG A 97 12.20 -1.89 1.97
CA ARG A 97 13.53 -1.31 1.78
C ARG A 97 14.56 -2.01 2.65
N GLY A 98 14.18 -2.27 3.89
CA GLY A 98 15.07 -2.97 4.81
C GLY A 98 15.43 -4.35 4.32
N VAL A 99 14.41 -5.13 3.96
CA VAL A 99 14.61 -6.49 3.47
C VAL A 99 15.58 -6.52 2.29
N ALA A 100 15.36 -5.64 1.33
CA ALA A 100 16.16 -5.59 0.12
C ALA A 100 17.60 -5.19 0.41
N ALA A 101 17.77 -4.30 1.37
CA ALA A 101 19.10 -3.82 1.74
C ALA A 101 19.88 -4.88 2.52
N LEU A 102 19.15 -5.70 3.25
CA LEU A 102 19.75 -6.68 4.14
C LEU A 102 20.20 -7.92 3.40
N THR A 103 19.44 -8.33 2.39
CA THR A 103 19.82 -9.48 1.58
C THR A 103 20.89 -9.09 0.57
N SER A 104 21.72 -10.04 0.16
CA SER A 104 22.74 -9.80 -0.83
C SER A 104 22.43 -10.54 -2.12
N ASP A 105 21.27 -11.19 -2.15
CA ASP A 105 20.85 -11.94 -3.33
C ASP A 105 20.32 -10.98 -4.39
N PRO A 106 21.00 -10.91 -5.55
CA PRO A 106 20.66 -9.97 -6.61
C PRO A 106 19.44 -10.40 -7.43
N ALA A 107 18.29 -10.41 -6.77
CA ALA A 107 17.01 -10.69 -7.41
C ALA A 107 15.89 -10.39 -6.45
N VAL A 108 15.94 -11.01 -5.27
CA VAL A 108 14.95 -10.75 -4.22
C VAL A 108 14.97 -9.28 -3.82
N GLN A 109 16.12 -8.63 -3.95
CA GLN A 109 16.23 -7.20 -3.68
C GLN A 109 15.22 -6.41 -4.50
N ALA A 110 15.22 -6.65 -5.80
CA ALA A 110 14.29 -5.97 -6.69
C ALA A 110 12.89 -6.55 -6.55
N ILE A 111 12.81 -7.84 -6.24
CA ILE A 111 11.54 -8.54 -6.16
C ILE A 111 10.70 -8.05 -4.96
N VAL A 112 11.35 -7.80 -3.83
CA VAL A 112 10.64 -7.32 -2.64
C VAL A 112 10.13 -5.89 -2.87
N LEU A 113 10.92 -5.10 -3.57
CA LEU A 113 10.56 -3.72 -3.82
C LEU A 113 9.50 -3.62 -4.90
N ASP A 114 9.65 -4.44 -5.92
CA ASP A 114 8.71 -4.50 -7.04
C ASP A 114 7.31 -4.87 -6.53
N THR A 115 7.26 -5.91 -5.72
CA THR A 115 5.99 -6.38 -5.16
C THR A 115 5.39 -5.34 -4.22
N ALA A 116 6.23 -4.76 -3.36
CA ALA A 116 5.81 -3.73 -2.44
C ALA A 116 5.24 -2.53 -3.18
N SER A 117 5.93 -2.12 -4.24
CA SER A 117 5.49 -1.00 -5.05
C SER A 117 4.16 -1.31 -5.73
N ASP A 118 3.94 -2.58 -6.03
CA ASP A 118 2.71 -3.01 -6.68
C ASP A 118 1.55 -2.99 -5.67
N VAL A 119 1.87 -3.28 -4.41
CA VAL A 119 0.88 -3.29 -3.33
C VAL A 119 0.13 -1.96 -3.26
N LEU A 120 0.87 -0.87 -3.07
CA LEU A 120 0.26 0.42 -2.92
C LEU A 120 -0.22 0.94 -4.27
N ASP A 121 0.45 0.54 -5.35
CA ASP A 121 0.02 0.88 -6.70
C ASP A 121 -1.40 0.37 -6.93
N LYS A 122 -1.69 -0.82 -6.42
CA LYS A 122 -3.04 -1.38 -6.44
C LYS A 122 -3.96 -0.56 -5.55
N ALA A 123 -3.49 -0.28 -4.34
CA ALA A 123 -4.28 0.46 -3.35
C ALA A 123 -4.54 1.89 -3.81
N SER A 124 -3.65 2.43 -4.63
CA SER A 124 -3.82 3.76 -5.20
C SER A 124 -5.07 3.79 -6.07
N SER A 125 -5.24 2.74 -6.89
CA SER A 125 -6.41 2.59 -7.73
C SER A 125 -7.68 2.52 -6.87
N LEU A 126 -7.55 1.89 -5.71
CA LEU A 126 -8.67 1.83 -4.76
C LEU A 126 -9.11 3.23 -4.38
N ILE A 127 -8.15 4.06 -3.99
CA ILE A 127 -8.42 5.43 -3.59
C ILE A 127 -8.96 6.25 -4.75
N GLU A 128 -8.28 6.18 -5.90
CA GLU A 128 -8.67 6.96 -7.07
C GLU A 128 -10.04 6.54 -7.57
N GLU A 129 -10.26 5.25 -7.71
CA GLU A 129 -11.52 4.74 -8.23
C GLU A 129 -12.65 4.99 -7.23
N ALA A 130 -12.32 4.98 -5.94
CA ALA A 130 -13.31 5.26 -4.90
C ALA A 130 -13.85 6.67 -5.02
N LYS A 131 -13.00 7.62 -5.34
CA LYS A 131 -13.42 9.01 -5.46
C LYS A 131 -14.28 9.19 -6.71
N LYS A 132 -14.10 8.30 -7.68
CA LYS A 132 -14.93 8.31 -8.89
C LYS A 132 -16.25 7.60 -8.61
N ALA A 133 -16.18 6.49 -7.89
CA ALA A 133 -17.35 5.71 -7.54
C ALA A 133 -18.29 6.51 -6.63
N SER A 134 -17.72 7.14 -5.61
CA SER A 134 -18.52 7.94 -4.69
C SER A 134 -19.00 9.22 -5.36
N GLY A 135 -18.41 9.54 -6.50
CA GLY A 135 -18.87 10.67 -7.29
C GLY A 135 -20.09 10.32 -8.12
N HIS A 136 -20.43 9.03 -8.13
CA HIS A 136 -21.61 8.55 -8.84
C HIS A 136 -22.82 8.63 -7.93
N PRO A 137 -24.04 8.73 -8.50
CA PRO A 137 -25.29 8.85 -7.73
C PRO A 137 -25.71 7.53 -7.08
N GLY A 138 -24.76 6.79 -6.55
CA GLY A 138 -25.05 5.52 -5.91
C GLY A 138 -25.15 4.38 -6.89
N ASP A 139 -24.06 4.15 -7.61
CA ASP A 139 -24.03 3.09 -8.62
C ASP A 139 -23.44 1.81 -8.04
N PRO A 140 -24.22 0.73 -8.03
CA PRO A 140 -23.81 -0.54 -7.40
C PRO A 140 -22.58 -1.15 -8.06
N GLU A 141 -22.48 -1.03 -9.38
CA GLU A 141 -21.41 -1.65 -10.13
C GLU A 141 -20.08 -0.95 -9.89
N SER A 142 -20.15 0.34 -9.59
CA SER A 142 -18.97 1.11 -9.23
C SER A 142 -18.37 0.56 -7.94
N GLN A 143 -19.25 0.17 -7.01
CA GLN A 143 -18.83 -0.40 -5.74
C GLN A 143 -18.16 -1.75 -5.97
N GLN A 144 -18.69 -2.51 -6.92
CA GLN A 144 -18.18 -3.84 -7.25
C GLN A 144 -16.73 -3.75 -7.71
N ARG A 145 -16.42 -2.70 -8.47
CA ARG A 145 -15.07 -2.54 -9.00
C ARG A 145 -14.09 -2.26 -7.88
N LEU A 146 -14.55 -1.56 -6.85
CA LEU A 146 -13.72 -1.28 -5.68
C LEU A 146 -13.32 -2.59 -5.00
N ALA A 147 -14.28 -3.51 -4.93
CA ALA A 147 -14.03 -4.82 -4.36
C ALA A 147 -13.00 -5.59 -5.19
N GLN A 148 -13.03 -5.38 -6.51
CA GLN A 148 -12.08 -6.01 -7.41
C GLN A 148 -10.67 -5.49 -7.14
N VAL A 149 -10.55 -4.20 -6.82
CA VAL A 149 -9.26 -3.61 -6.51
C VAL A 149 -8.76 -4.11 -5.17
N ALA A 150 -9.66 -4.10 -4.18
CA ALA A 150 -9.34 -4.60 -2.85
C ALA A 150 -8.82 -6.03 -2.91
N LYS A 151 -9.49 -6.86 -3.71
CA LYS A 151 -9.09 -8.24 -3.92
C LYS A 151 -7.68 -8.30 -4.52
N ALA A 152 -7.39 -7.38 -5.44
CA ALA A 152 -6.08 -7.31 -6.07
C ALA A 152 -5.01 -6.88 -5.07
N VAL A 153 -5.33 -5.88 -4.25
CA VAL A 153 -4.41 -5.42 -3.21
C VAL A 153 -4.07 -6.57 -2.27
N THR A 154 -5.08 -7.36 -1.93
CA THR A 154 -4.91 -8.50 -1.04
C THR A 154 -3.91 -9.49 -1.64
N GLN A 155 -3.97 -9.67 -2.96
CA GLN A 155 -3.08 -10.59 -3.64
C GLN A 155 -1.68 -10.00 -3.78
N ALA A 156 -1.60 -8.70 -3.98
CA ALA A 156 -0.32 -8.00 -4.06
C ALA A 156 0.44 -8.13 -2.75
N LEU A 157 -0.29 -7.95 -1.64
CA LEU A 157 0.28 -8.12 -0.31
C LEU A 157 0.90 -9.49 -0.15
N ASN A 158 0.11 -10.52 -0.47
CA ASN A 158 0.57 -11.90 -0.34
C ASN A 158 1.77 -12.16 -1.25
N ARG A 159 1.76 -11.57 -2.43
CA ARG A 159 2.83 -11.75 -3.40
C ARG A 159 4.16 -11.27 -2.82
N CYS A 160 4.11 -10.19 -2.06
CA CYS A 160 5.30 -9.57 -1.51
C CYS A 160 5.82 -10.38 -0.33
N VAL A 161 4.92 -10.69 0.59
CA VAL A 161 5.29 -11.42 1.79
C VAL A 161 5.75 -12.84 1.49
N SER A 162 5.28 -13.40 0.38
CA SER A 162 5.62 -14.76 0.00
C SER A 162 7.03 -14.83 -0.59
N CYS A 163 7.43 -13.78 -1.31
CA CYS A 163 8.73 -13.78 -1.98
C CYS A 163 9.86 -13.41 -1.01
N LEU A 164 9.48 -13.12 0.24
CA LEU A 164 10.45 -12.79 1.28
C LEU A 164 11.38 -13.96 1.57
N PRO A 165 12.68 -13.71 1.62
CA PRO A 165 13.66 -14.71 2.02
C PRO A 165 13.65 -14.94 3.54
N GLY A 166 12.86 -15.91 3.98
CA GLY A 166 12.79 -16.23 5.39
C GLY A 166 14.07 -16.86 5.89
N GLN A 167 14.77 -17.52 4.99
CA GLN A 167 16.07 -18.11 5.29
C GLN A 167 17.14 -17.02 5.19
N ARG A 168 17.76 -16.72 6.32
CA ARG A 168 18.82 -15.71 6.35
C ARG A 168 20.16 -16.37 6.06
N GLY A 1 -32.25 14.25 -5.01
CA GLY A 1 -31.18 14.85 -4.19
C GLY A 1 -29.85 14.17 -4.43
N ILE A 2 -29.03 14.08 -3.40
CA ILE A 2 -27.75 13.39 -3.50
C ILE A 2 -27.81 12.02 -2.83
N ASP A 3 -27.91 10.97 -3.64
CA ASP A 3 -27.91 9.62 -3.12
C ASP A 3 -26.53 9.24 -2.59
N PRO A 4 -25.44 9.47 -3.35
CA PRO A 4 -24.08 9.36 -2.82
C PRO A 4 -23.73 10.59 -1.99
N PHE A 5 -24.14 10.56 -0.72
CA PHE A 5 -24.03 11.73 0.15
C PHE A 5 -22.66 11.83 0.78
N THR A 6 -21.70 11.12 0.21
CA THR A 6 -20.38 11.03 0.77
C THR A 6 -19.49 12.18 0.30
N GLY A 7 -18.72 11.92 -0.74
CA GLY A 7 -17.80 12.92 -1.27
C GLY A 7 -16.85 13.46 -0.21
N PRO A 8 -16.04 12.59 0.43
CA PRO A 8 -15.17 13.00 1.54
C PRO A 8 -14.01 13.88 1.08
N LEU A 9 -13.48 13.58 -0.11
CA LEU A 9 -12.35 14.32 -0.70
C LEU A 9 -11.03 14.05 0.03
N GLU A 10 -11.10 13.90 1.36
CA GLU A 10 -9.93 13.70 2.21
C GLU A 10 -9.09 12.52 1.74
N MET A 11 -9.72 11.58 1.04
CA MET A 11 -9.03 10.42 0.50
C MET A 11 -7.87 10.84 -0.40
N ASP A 12 -8.03 11.97 -1.08
CA ASP A 12 -7.02 12.45 -2.01
C ASP A 12 -5.76 12.88 -1.28
N SER A 13 -5.93 13.43 -0.08
CA SER A 13 -4.80 13.87 0.73
C SER A 13 -4.03 12.65 1.24
N ALA A 14 -4.76 11.61 1.60
CA ALA A 14 -4.14 10.35 2.00
C ALA A 14 -3.43 9.72 0.81
N LEU A 15 -4.02 9.90 -0.36
CA LEU A 15 -3.45 9.42 -1.61
C LEU A 15 -2.10 10.10 -1.87
N SER A 16 -2.01 11.37 -1.51
CA SER A 16 -0.76 12.12 -1.64
C SER A 16 0.37 11.39 -0.90
N VAL A 17 0.06 10.81 0.24
CA VAL A 17 1.03 10.03 1.00
C VAL A 17 1.43 8.79 0.21
N VAL A 18 0.43 8.11 -0.36
CA VAL A 18 0.65 6.91 -1.14
C VAL A 18 1.49 7.21 -2.39
N GLN A 19 1.19 8.32 -3.04
CA GLN A 19 1.92 8.75 -4.23
C GLN A 19 3.41 8.92 -3.93
N ASN A 20 3.72 9.45 -2.76
CA ASN A 20 5.12 9.62 -2.36
C ASN A 20 5.77 8.27 -2.11
N LEU A 21 4.97 7.30 -1.67
CA LEU A 21 5.47 5.97 -1.37
C LEU A 21 5.71 5.17 -2.66
N GLU A 22 4.76 5.26 -3.60
CA GLU A 22 4.88 4.50 -4.84
C GLU A 22 6.09 4.95 -5.66
N LYS A 23 6.35 6.24 -5.65
CA LYS A 23 7.47 6.81 -6.39
C LYS A 23 8.79 6.43 -5.72
N ASP A 24 8.75 6.18 -4.42
CA ASP A 24 9.94 5.87 -3.67
C ASP A 24 10.45 4.48 -4.01
N LEU A 25 9.56 3.50 -3.95
CA LEU A 25 9.95 2.10 -4.13
C LEU A 25 10.41 1.84 -5.57
N GLN A 26 9.88 2.61 -6.51
CA GLN A 26 10.28 2.47 -7.90
C GLN A 26 11.73 2.89 -8.10
N GLU A 27 12.15 3.91 -7.36
CA GLU A 27 13.54 4.35 -7.39
C GLU A 27 14.44 3.30 -6.74
N ILE A 28 13.94 2.73 -5.65
CA ILE A 28 14.66 1.70 -4.92
C ILE A 28 14.80 0.44 -5.76
N LYS A 29 13.77 0.16 -6.57
CA LYS A 29 13.79 -0.96 -7.50
C LYS A 29 14.98 -0.84 -8.46
N ALA A 30 15.19 0.36 -8.99
CA ALA A 30 16.29 0.63 -9.91
C ALA A 30 17.64 0.55 -9.18
N ALA A 31 17.66 1.05 -7.95
CA ALA A 31 18.87 1.04 -7.14
C ALA A 31 19.26 -0.37 -6.76
N ALA A 32 18.25 -1.20 -6.48
CA ALA A 32 18.49 -2.60 -6.13
C ALA A 32 19.10 -3.36 -7.29
N ARG A 33 18.61 -3.07 -8.48
CA ARG A 33 19.15 -3.66 -9.70
C ARG A 33 20.63 -3.34 -9.84
N ASP A 34 20.96 -2.06 -9.78
CA ASP A 34 22.33 -1.62 -10.01
C ASP A 34 23.24 -2.04 -8.85
N GLY A 35 22.64 -2.24 -7.69
CA GLY A 35 23.39 -2.68 -6.52
C GLY A 35 23.83 -1.51 -5.67
N LYS A 36 23.00 -0.47 -5.62
CA LYS A 36 23.36 0.77 -4.94
C LYS A 36 22.56 0.96 -3.66
N LEU A 37 21.89 -0.09 -3.21
CA LEU A 37 21.16 -0.03 -1.94
C LEU A 37 22.13 0.03 -0.77
N LYS A 38 21.78 0.79 0.25
CA LYS A 38 22.56 0.82 1.47
C LYS A 38 22.17 -0.34 2.37
N PRO A 39 23.01 -1.39 2.43
CA PRO A 39 22.65 -2.67 3.05
C PRO A 39 22.59 -2.59 4.56
N LEU A 40 22.97 -1.46 5.12
CA LEU A 40 22.88 -1.24 6.55
C LEU A 40 21.94 -0.06 6.84
N PRO A 41 20.63 -0.32 6.86
CA PRO A 41 19.63 0.71 7.08
C PRO A 41 19.24 0.87 8.55
N GLY A 42 20.12 0.43 9.44
CA GLY A 42 19.88 0.56 10.86
C GLY A 42 19.00 -0.55 11.40
N GLU A 43 17.84 -0.73 10.80
CA GLU A 43 16.91 -1.76 11.22
C GLU A 43 17.37 -3.13 10.71
N THR A 44 17.08 -4.18 11.46
CA THR A 44 17.47 -5.52 11.09
C THR A 44 16.41 -6.16 10.20
N MET A 45 16.77 -7.27 9.56
CA MET A 45 15.84 -7.96 8.65
C MET A 45 14.67 -8.52 9.42
N GLU A 46 14.90 -8.87 10.67
CA GLU A 46 13.89 -9.43 11.52
C GLU A 46 12.76 -8.43 11.75
N LYS A 47 13.12 -7.17 11.83
CA LYS A 47 12.15 -6.10 12.08
C LYS A 47 11.29 -5.83 10.85
N CYS A 48 11.96 -5.64 9.71
CA CYS A 48 11.26 -5.23 8.48
C CYS A 48 10.38 -6.34 7.93
N THR A 49 10.88 -7.57 7.88
CA THR A 49 10.10 -8.69 7.36
C THR A 49 8.84 -8.91 8.21
N GLN A 50 8.99 -8.73 9.50
CA GLN A 50 7.89 -8.90 10.44
C GLN A 50 6.88 -7.78 10.27
N ASP A 51 7.38 -6.56 10.15
CA ASP A 51 6.54 -5.39 9.99
C ASP A 51 5.80 -5.42 8.66
N LEU A 52 6.44 -6.00 7.64
CA LEU A 52 5.82 -6.15 6.34
C LEU A 52 4.54 -6.97 6.45
N GLY A 53 4.63 -8.08 7.17
CA GLY A 53 3.47 -8.92 7.39
C GLY A 53 2.39 -8.20 8.18
N ASN A 54 2.81 -7.41 9.16
CA ASN A 54 1.86 -6.65 9.97
C ASN A 54 1.17 -5.58 9.14
N SER A 55 1.94 -4.90 8.31
CA SER A 55 1.39 -3.89 7.41
C SER A 55 0.41 -4.53 6.44
N THR A 56 0.74 -5.73 5.98
CA THR A 56 -0.10 -6.49 5.06
C THR A 56 -1.52 -6.65 5.61
N LYS A 57 -1.64 -7.18 6.83
CA LYS A 57 -2.95 -7.40 7.43
C LYS A 57 -3.59 -6.07 7.82
N ALA A 58 -2.76 -5.14 8.28
CA ALA A 58 -3.23 -3.81 8.68
C ALA A 58 -3.99 -3.11 7.55
N VAL A 59 -3.37 -3.00 6.38
CA VAL A 59 -3.99 -2.30 5.27
C VAL A 59 -5.11 -3.15 4.64
N SER A 60 -5.04 -4.46 4.83
CA SER A 60 -6.11 -5.34 4.34
C SER A 60 -7.39 -5.15 5.15
N SER A 61 -7.25 -4.83 6.43
CA SER A 61 -8.39 -4.47 7.25
C SER A 61 -8.85 -3.05 6.90
N ALA A 62 -7.90 -2.22 6.49
CA ALA A 62 -8.18 -0.85 6.12
C ALA A 62 -9.00 -0.76 4.84
N ILE A 63 -8.59 -1.52 3.82
CA ILE A 63 -9.30 -1.53 2.55
C ILE A 63 -10.70 -2.11 2.72
N ALA A 64 -10.87 -2.97 3.72
CA ALA A 64 -12.18 -3.55 4.02
C ALA A 64 -13.13 -2.47 4.53
N LYS A 65 -12.57 -1.52 5.28
CA LYS A 65 -13.37 -0.41 5.82
C LYS A 65 -13.80 0.53 4.71
N LEU A 66 -12.99 0.61 3.65
CA LEU A 66 -13.35 1.39 2.47
C LEU A 66 -14.53 0.75 1.75
N LEU A 67 -14.58 -0.58 1.81
CA LEU A 67 -15.66 -1.34 1.20
C LEU A 67 -16.90 -1.36 2.10
N GLY A 68 -17.14 -0.25 2.79
CA GLY A 68 -18.30 -0.14 3.66
C GLY A 68 -19.60 -0.19 2.89
N GLU A 69 -20.57 -0.90 3.43
CA GLU A 69 -21.83 -1.14 2.73
C GLU A 69 -23.04 -0.87 3.62
N ILE A 70 -22.94 -1.23 4.91
CA ILE A 70 -24.09 -1.17 5.82
C ILE A 70 -23.90 -0.11 6.90
N ALA A 71 -22.91 0.75 6.72
CA ALA A 71 -22.65 1.81 7.68
C ALA A 71 -22.45 3.14 6.96
N GLN A 72 -21.73 4.06 7.61
CA GLN A 72 -21.36 5.36 7.03
C GLN A 72 -22.50 6.37 7.15
N GLY A 73 -22.13 7.55 7.64
CA GLY A 73 -23.07 8.63 7.83
C GLY A 73 -22.40 9.79 8.53
N ASN A 74 -21.26 10.18 7.98
CA ASN A 74 -20.39 11.16 8.62
C ASN A 74 -19.27 11.55 7.66
N GLU A 75 -18.89 10.58 6.82
CA GLU A 75 -17.91 10.78 5.74
C GLU A 75 -16.48 10.92 6.27
N ASN A 76 -16.35 11.25 7.54
CA ASN A 76 -15.05 11.34 8.19
C ASN A 76 -14.40 9.96 8.22
N TYR A 77 -15.23 8.95 8.43
CA TYR A 77 -14.79 7.56 8.45
C TYR A 77 -14.10 7.20 7.13
N ALA A 78 -14.59 7.77 6.05
CA ALA A 78 -14.03 7.52 4.73
C ALA A 78 -12.62 8.08 4.63
N GLY A 79 -12.40 9.21 5.28
CA GLY A 79 -11.07 9.78 5.33
C GLY A 79 -10.17 9.01 6.25
N ILE A 80 -10.72 8.57 7.38
CA ILE A 80 -9.98 7.76 8.35
C ILE A 80 -9.49 6.47 7.71
N ALA A 81 -10.37 5.80 6.99
CA ALA A 81 -10.04 4.53 6.34
C ALA A 81 -9.00 4.72 5.25
N ALA A 82 -9.12 5.81 4.49
CA ALA A 82 -8.15 6.13 3.44
C ALA A 82 -6.82 6.52 4.05
N ARG A 83 -6.87 7.08 5.24
CA ARG A 83 -5.66 7.44 5.98
C ARG A 83 -5.04 6.19 6.58
N ASP A 84 -5.89 5.18 6.82
CA ASP A 84 -5.47 3.95 7.45
C ASP A 84 -4.72 3.06 6.46
N VAL A 85 -5.24 2.97 5.23
CA VAL A 85 -4.54 2.24 4.17
C VAL A 85 -3.17 2.85 3.96
N ALA A 86 -3.11 4.17 3.90
CA ALA A 86 -1.86 4.88 3.72
C ALA A 86 -0.89 4.54 4.85
N GLY A 87 -1.42 4.40 6.06
CA GLY A 87 -0.59 4.05 7.20
C GLY A 87 0.06 2.70 7.03
N GLY A 88 -0.73 1.71 6.63
CA GLY A 88 -0.19 0.39 6.37
C GLY A 88 0.82 0.39 5.25
N LEU A 89 0.58 1.23 4.25
CA LEU A 89 1.46 1.31 3.09
C LEU A 89 2.80 1.97 3.45
N ARG A 90 2.78 2.85 4.45
CA ARG A 90 4.02 3.48 4.91
C ARG A 90 5.00 2.43 5.39
N SER A 91 4.54 1.64 6.35
CA SER A 91 5.36 0.58 6.91
C SER A 91 5.67 -0.47 5.85
N LEU A 92 4.69 -0.75 4.99
CA LEU A 92 4.86 -1.70 3.90
C LEU A 92 6.05 -1.29 3.04
N ALA A 93 6.05 -0.03 2.60
CA ALA A 93 7.12 0.50 1.77
C ALA A 93 8.46 0.43 2.49
N GLN A 94 8.51 0.97 3.71
CA GLN A 94 9.74 0.99 4.50
C GLN A 94 10.29 -0.42 4.74
N ALA A 95 9.39 -1.37 4.93
CA ALA A 95 9.80 -2.75 5.18
C ALA A 95 10.40 -3.37 3.93
N ALA A 96 9.75 -3.15 2.79
CA ALA A 96 10.21 -3.70 1.52
C ALA A 96 11.61 -3.24 1.19
N ARG A 97 11.84 -1.92 1.24
CA ARG A 97 13.14 -1.36 0.92
C ARG A 97 14.21 -1.80 1.93
N GLY A 98 13.79 -1.95 3.18
CA GLY A 98 14.70 -2.42 4.21
C GLY A 98 15.19 -3.82 3.92
N VAL A 99 14.25 -4.72 3.66
CA VAL A 99 14.56 -6.11 3.32
C VAL A 99 15.53 -6.19 2.15
N ALA A 100 15.22 -5.43 1.10
CA ALA A 100 15.98 -5.49 -0.15
C ALA A 100 17.44 -5.09 0.06
N ALA A 101 17.68 -4.08 0.87
CA ALA A 101 19.04 -3.62 1.11
C ALA A 101 19.77 -4.57 2.05
N LEU A 102 19.06 -5.06 3.06
CA LEU A 102 19.65 -5.94 4.06
C LEU A 102 20.18 -7.22 3.46
N THR A 103 19.46 -7.77 2.50
CA THR A 103 19.89 -8.99 1.83
C THR A 103 20.98 -8.69 0.81
N SER A 104 22.02 -9.52 0.82
CA SER A 104 23.15 -9.34 -0.07
C SER A 104 23.05 -10.24 -1.29
N ASP A 105 21.83 -10.68 -1.60
CA ASP A 105 21.62 -11.60 -2.70
C ASP A 105 20.92 -10.89 -3.86
N PRO A 106 21.64 -10.69 -4.98
CA PRO A 106 21.14 -9.97 -6.16
C PRO A 106 20.05 -10.75 -6.89
N ALA A 107 18.89 -10.83 -6.26
CA ALA A 107 17.72 -11.49 -6.82
C ALA A 107 16.51 -11.18 -5.97
N VAL A 108 16.58 -11.54 -4.69
CA VAL A 108 15.48 -11.29 -3.76
C VAL A 108 15.31 -9.80 -3.50
N GLN A 109 16.39 -9.03 -3.67
CA GLN A 109 16.35 -7.58 -3.49
C GLN A 109 15.29 -6.96 -4.42
N ALA A 110 15.35 -7.33 -5.68
CA ALA A 110 14.41 -6.81 -6.67
C ALA A 110 13.05 -7.44 -6.48
N ILE A 111 13.02 -8.68 -6.01
CA ILE A 111 11.79 -9.44 -5.89
C ILE A 111 10.89 -8.86 -4.78
N VAL A 112 11.50 -8.45 -3.66
CA VAL A 112 10.73 -7.88 -2.55
C VAL A 112 10.16 -6.52 -2.95
N LEU A 113 10.89 -5.79 -3.75
CA LEU A 113 10.45 -4.47 -4.18
C LEU A 113 9.41 -4.57 -5.28
N ASP A 114 9.66 -5.48 -6.20
CA ASP A 114 8.78 -5.67 -7.35
C ASP A 114 7.38 -6.11 -6.92
N THR A 115 7.31 -6.94 -5.89
CA THR A 115 6.02 -7.39 -5.37
C THR A 115 5.31 -6.27 -4.64
N ALA A 116 6.06 -5.46 -3.89
CA ALA A 116 5.51 -4.31 -3.19
C ALA A 116 5.04 -3.25 -4.19
N SER A 117 5.69 -3.23 -5.35
CA SER A 117 5.33 -2.34 -6.43
C SER A 117 3.88 -2.62 -6.89
N ASP A 118 3.48 -3.88 -6.84
CA ASP A 118 2.09 -4.23 -7.16
C ASP A 118 1.15 -3.71 -6.10
N VAL A 119 1.59 -3.80 -4.85
CA VAL A 119 0.80 -3.32 -3.71
C VAL A 119 0.48 -1.84 -3.89
N LEU A 120 1.52 -1.04 -4.07
CA LEU A 120 1.36 0.41 -4.22
C LEU A 120 0.57 0.74 -5.49
N ASP A 121 0.72 -0.10 -6.51
CA ASP A 121 0.01 0.09 -7.77
C ASP A 121 -1.49 0.04 -7.57
N LYS A 122 -1.96 -1.02 -6.94
CA LYS A 122 -3.39 -1.20 -6.74
C LYS A 122 -3.91 -0.26 -5.65
N ALA A 123 -3.04 0.07 -4.69
CA ALA A 123 -3.42 0.94 -3.57
C ALA A 123 -3.81 2.33 -4.06
N SER A 124 -2.96 2.93 -4.88
CA SER A 124 -3.22 4.26 -5.42
C SER A 124 -4.52 4.27 -6.22
N SER A 125 -4.68 3.28 -7.11
CA SER A 125 -5.87 3.19 -7.92
C SER A 125 -7.09 2.83 -7.10
N LEU A 126 -6.88 2.23 -5.94
CA LEU A 126 -7.97 1.91 -5.03
C LEU A 126 -8.58 3.20 -4.50
N ILE A 127 -7.71 4.09 -4.04
CA ILE A 127 -8.15 5.39 -3.53
C ILE A 127 -8.78 6.21 -4.64
N GLU A 128 -8.12 6.28 -5.79
CA GLU A 128 -8.66 6.97 -6.95
C GLU A 128 -9.98 6.35 -7.40
N GLU A 129 -10.05 5.02 -7.33
CA GLU A 129 -11.30 4.31 -7.61
C GLU A 129 -12.40 4.80 -6.67
N ALA A 130 -12.09 4.82 -5.37
CA ALA A 130 -13.04 5.28 -4.35
C ALA A 130 -13.45 6.73 -4.60
N LYS A 131 -12.48 7.55 -5.00
CA LYS A 131 -12.74 8.95 -5.31
C LYS A 131 -13.81 9.09 -6.38
N LYS A 132 -13.66 8.37 -7.49
CA LYS A 132 -14.62 8.45 -8.58
C LYS A 132 -15.90 7.69 -8.22
N ALA A 133 -15.75 6.63 -7.42
CA ALA A 133 -16.91 5.85 -6.96
C ALA A 133 -17.84 6.71 -6.11
N SER A 134 -17.24 7.58 -5.32
CA SER A 134 -18.00 8.48 -4.46
C SER A 134 -18.74 9.53 -5.30
N GLY A 135 -18.31 9.68 -6.56
CA GLY A 135 -18.93 10.64 -7.45
C GLY A 135 -19.94 9.99 -8.38
N HIS A 136 -20.28 8.74 -8.11
CA HIS A 136 -21.31 8.05 -8.88
C HIS A 136 -22.64 8.08 -8.13
N PRO A 137 -23.69 8.61 -8.76
CA PRO A 137 -25.04 8.69 -8.16
C PRO A 137 -25.69 7.32 -7.99
N GLY A 138 -25.00 6.28 -8.44
CA GLY A 138 -25.51 4.94 -8.32
C GLY A 138 -25.05 4.06 -9.45
N ASP A 139 -23.88 3.45 -9.28
CA ASP A 139 -23.33 2.58 -10.31
C ASP A 139 -22.90 1.25 -9.71
N PRO A 140 -23.57 0.15 -10.12
CA PRO A 140 -23.31 -1.18 -9.58
C PRO A 140 -21.93 -1.73 -9.99
N GLU A 141 -21.45 -1.30 -11.14
CA GLU A 141 -20.18 -1.76 -11.66
C GLU A 141 -19.04 -1.11 -10.89
N SER A 142 -19.21 0.15 -10.54
CA SER A 142 -18.26 0.89 -9.74
C SER A 142 -18.03 0.20 -8.40
N GLN A 143 -19.11 -0.34 -7.84
CA GLN A 143 -19.03 -1.10 -6.59
C GLN A 143 -18.15 -2.32 -6.76
N GLN A 144 -18.26 -2.96 -7.92
CA GLN A 144 -17.47 -4.12 -8.25
C GLN A 144 -16.02 -3.72 -8.49
N ARG A 145 -15.82 -2.60 -9.15
CA ARG A 145 -14.49 -2.06 -9.39
C ARG A 145 -13.76 -1.87 -8.06
N LEU A 146 -14.41 -1.15 -7.15
CA LEU A 146 -13.84 -0.85 -5.85
C LEU A 146 -13.52 -2.13 -5.07
N ALA A 147 -14.37 -3.13 -5.19
CA ALA A 147 -14.19 -4.38 -4.48
C ALA A 147 -13.00 -5.16 -5.03
N GLN A 148 -12.92 -5.25 -6.35
CA GLN A 148 -11.87 -6.04 -7.00
C GLN A 148 -10.50 -5.39 -6.84
N VAL A 149 -10.44 -4.07 -6.94
CA VAL A 149 -9.18 -3.35 -6.81
C VAL A 149 -8.64 -3.48 -5.38
N ALA A 150 -9.55 -3.52 -4.40
CA ALA A 150 -9.17 -3.69 -3.01
C ALA A 150 -8.62 -5.08 -2.78
N LYS A 151 -9.33 -6.07 -3.31
CA LYS A 151 -8.93 -7.47 -3.18
C LYS A 151 -7.53 -7.67 -3.78
N ALA A 152 -7.29 -7.03 -4.92
CA ALA A 152 -6.02 -7.14 -5.61
C ALA A 152 -4.86 -6.66 -4.76
N VAL A 153 -5.11 -5.66 -3.92
CA VAL A 153 -4.08 -5.14 -3.02
C VAL A 153 -3.58 -6.24 -2.10
N THR A 154 -4.51 -6.93 -1.45
CA THR A 154 -4.16 -8.02 -0.54
C THR A 154 -3.53 -9.18 -1.29
N GLN A 155 -3.92 -9.37 -2.54
CA GLN A 155 -3.34 -10.42 -3.38
C GLN A 155 -1.86 -10.15 -3.61
N ALA A 156 -1.53 -8.88 -3.87
CA ALA A 156 -0.15 -8.47 -4.06
C ALA A 156 0.61 -8.53 -2.74
N LEU A 157 -0.05 -8.14 -1.67
CA LEU A 157 0.53 -8.18 -0.33
C LEU A 157 1.01 -9.58 0.02
N ASN A 158 0.14 -10.57 -0.17
CA ASN A 158 0.47 -11.96 0.15
C ASN A 158 1.62 -12.45 -0.71
N ARG A 159 1.69 -11.96 -1.95
CA ARG A 159 2.76 -12.34 -2.86
C ARG A 159 4.11 -11.82 -2.35
N CYS A 160 4.08 -10.66 -1.73
CA CYS A 160 5.29 -10.02 -1.25
C CYS A 160 5.82 -10.75 -0.02
N VAL A 161 4.93 -11.01 0.92
CA VAL A 161 5.30 -11.70 2.15
C VAL A 161 5.68 -13.15 1.87
N SER A 162 5.21 -13.69 0.75
CA SER A 162 5.50 -15.06 0.38
C SER A 162 6.93 -15.18 -0.18
N CYS A 163 7.38 -14.14 -0.88
CA CYS A 163 8.70 -14.17 -1.49
C CYS A 163 9.79 -13.71 -0.51
N LEU A 164 9.38 -13.36 0.70
CA LEU A 164 10.32 -12.96 1.74
C LEU A 164 11.19 -14.14 2.16
N PRO A 165 12.46 -13.87 2.49
CA PRO A 165 13.34 -14.88 3.08
C PRO A 165 12.74 -15.41 4.37
N GLY A 166 12.59 -16.74 4.44
CA GLY A 166 11.90 -17.37 5.55
C GLY A 166 12.53 -17.07 6.90
N GLN A 167 13.86 -17.08 6.94
CA GLN A 167 14.62 -16.80 8.15
C GLN A 167 14.46 -17.92 9.18
N ARG A 168 15.41 -18.02 10.10
CA ARG A 168 15.37 -19.02 11.14
C ARG A 168 14.85 -18.42 12.45
N GLY A 1 -16.24 30.23 10.49
CA GLY A 1 -16.08 28.76 10.52
C GLY A 1 -14.68 28.34 10.11
N ILE A 2 -14.36 27.07 10.27
CA ILE A 2 -13.04 26.58 9.90
C ILE A 2 -13.17 25.40 8.94
N ASP A 3 -12.35 25.41 7.91
CA ASP A 3 -12.32 24.32 6.95
C ASP A 3 -10.88 23.88 6.73
N PRO A 4 -10.43 22.89 7.51
CA PRO A 4 -9.07 22.36 7.42
C PRO A 4 -8.81 21.68 6.08
N PHE A 5 -7.58 21.75 5.60
CA PHE A 5 -7.25 21.16 4.31
C PHE A 5 -7.03 19.67 4.44
N THR A 6 -7.14 19.22 5.67
CA THR A 6 -7.04 17.81 5.99
C THR A 6 -8.44 17.22 6.13
N GLY A 7 -9.44 18.09 6.05
CA GLY A 7 -10.82 17.64 6.14
C GLY A 7 -11.34 17.16 4.79
N PRO A 8 -11.75 18.09 3.91
CA PRO A 8 -12.15 17.76 2.54
C PRO A 8 -10.98 17.16 1.75
N LEU A 9 -11.30 16.51 0.64
CA LEU A 9 -10.31 15.77 -0.14
C LEU A 9 -9.69 14.68 0.71
N GLU A 10 -10.54 14.00 1.47
CA GLU A 10 -10.11 12.92 2.35
C GLU A 10 -9.26 11.89 1.60
N MET A 11 -9.84 11.32 0.55
CA MET A 11 -9.17 10.30 -0.22
C MET A 11 -8.13 10.90 -1.16
N ASP A 12 -8.41 12.07 -1.70
CA ASP A 12 -7.49 12.76 -2.61
C ASP A 12 -6.14 13.02 -1.94
N SER A 13 -6.19 13.56 -0.72
CA SER A 13 -4.97 13.88 0.01
C SER A 13 -4.24 12.60 0.43
N ALA A 14 -5.00 11.52 0.63
CA ALA A 14 -4.41 10.24 0.96
C ALA A 14 -3.72 9.65 -0.25
N LEU A 15 -4.33 9.85 -1.42
CA LEU A 15 -3.77 9.42 -2.68
C LEU A 15 -2.39 10.04 -2.89
N SER A 16 -2.27 11.32 -2.58
CA SER A 16 -1.02 12.05 -2.70
C SER A 16 0.10 11.33 -1.93
N VAL A 17 -0.24 10.80 -0.75
CA VAL A 17 0.73 10.07 0.06
C VAL A 17 1.19 8.81 -0.65
N VAL A 18 0.23 8.07 -1.22
CA VAL A 18 0.52 6.84 -1.94
C VAL A 18 1.38 7.13 -3.17
N GLN A 19 1.08 8.23 -3.84
CA GLN A 19 1.83 8.66 -5.02
C GLN A 19 3.28 8.96 -4.67
N ASN A 20 3.50 9.49 -3.46
CA ASN A 20 4.85 9.78 -3.01
C ASN A 20 5.59 8.51 -2.67
N LEU A 21 4.86 7.51 -2.20
CA LEU A 21 5.46 6.24 -1.81
C LEU A 21 6.11 5.55 -3.00
N GLU A 22 5.37 5.41 -4.10
CA GLU A 22 5.90 4.74 -5.28
C GLU A 22 7.12 5.45 -5.84
N LYS A 23 7.07 6.78 -5.87
CA LYS A 23 8.14 7.57 -6.46
C LYS A 23 9.38 7.53 -5.58
N ASP A 24 9.19 7.45 -4.26
CA ASP A 24 10.28 7.23 -3.33
C ASP A 24 10.86 5.83 -3.53
N LEU A 25 9.96 4.86 -3.74
CA LEU A 25 10.37 3.48 -3.96
C LEU A 25 11.18 3.36 -5.24
N GLN A 26 10.89 4.22 -6.22
CA GLN A 26 11.63 4.25 -7.47
C GLN A 26 13.10 4.54 -7.23
N GLU A 27 13.39 5.49 -6.36
CA GLU A 27 14.76 5.84 -6.02
C GLU A 27 15.48 4.65 -5.39
N ILE A 28 14.75 3.90 -4.58
CA ILE A 28 15.31 2.72 -3.93
C ILE A 28 15.43 1.57 -4.93
N LYS A 29 14.51 1.51 -5.89
CA LYS A 29 14.56 0.52 -6.96
C LYS A 29 15.83 0.73 -7.77
N ALA A 30 16.10 1.99 -8.11
CA ALA A 30 17.31 2.36 -8.84
C ALA A 30 18.54 2.09 -7.99
N ALA A 31 18.40 2.23 -6.67
CA ALA A 31 19.48 1.95 -5.75
C ALA A 31 19.83 0.48 -5.75
N ALA A 32 18.82 -0.37 -5.95
CA ALA A 32 19.04 -1.81 -6.01
C ALA A 32 19.79 -2.19 -7.29
N ARG A 33 19.55 -1.43 -8.34
CA ARG A 33 20.21 -1.66 -9.61
C ARG A 33 21.67 -1.20 -9.50
N ASP A 34 21.87 -0.04 -8.89
CA ASP A 34 23.21 0.53 -8.74
C ASP A 34 24.02 -0.24 -7.70
N GLY A 35 23.33 -0.75 -6.69
CA GLY A 35 23.99 -1.48 -5.63
C GLY A 35 24.22 -0.60 -4.42
N LYS A 36 23.18 0.14 -4.03
CA LYS A 36 23.27 1.05 -2.90
C LYS A 36 22.14 0.80 -1.91
N LEU A 37 21.61 -0.42 -1.89
CA LEU A 37 20.60 -0.78 -0.89
C LEU A 37 21.17 -0.69 0.51
N LYS A 38 20.33 -0.28 1.44
CA LYS A 38 20.76 -0.01 2.81
C LYS A 38 20.17 -1.02 3.78
N PRO A 39 21.02 -1.89 4.36
CA PRO A 39 20.58 -2.90 5.31
C PRO A 39 20.52 -2.34 6.74
N LEU A 40 20.39 -1.03 6.83
CA LEU A 40 20.37 -0.35 8.11
C LEU A 40 18.94 -0.14 8.61
N PRO A 41 18.06 0.53 7.82
CA PRO A 41 16.67 0.71 8.22
C PRO A 41 15.83 -0.55 7.98
N GLY A 42 15.37 -1.15 9.07
CA GLY A 42 14.58 -2.36 8.97
C GLY A 42 15.12 -3.45 9.88
N GLU A 43 16.32 -3.24 10.39
CA GLU A 43 16.96 -4.19 11.31
C GLU A 43 17.24 -5.52 10.62
N THR A 44 17.21 -6.61 11.37
CA THR A 44 17.46 -7.93 10.81
C THR A 44 16.28 -8.41 9.97
N MET A 45 16.48 -9.49 9.22
CA MET A 45 15.42 -10.10 8.41
C MET A 45 14.22 -10.42 9.28
N GLU A 46 14.49 -10.77 10.54
CA GLU A 46 13.45 -11.05 11.51
C GLU A 46 12.46 -9.91 11.60
N LYS A 47 12.98 -8.68 11.70
CA LYS A 47 12.14 -7.51 11.86
C LYS A 47 11.49 -7.12 10.54
N CYS A 48 12.29 -7.11 9.47
CA CYS A 48 11.80 -6.73 8.15
C CYS A 48 10.60 -7.58 7.74
N THR A 49 10.70 -8.89 7.92
CA THR A 49 9.63 -9.79 7.53
C THR A 49 8.42 -9.64 8.45
N GLN A 50 8.67 -9.37 9.73
CA GLN A 50 7.62 -9.22 10.72
C GLN A 50 6.86 -7.92 10.48
N ASP A 51 7.59 -6.84 10.28
CA ASP A 51 7.00 -5.53 10.04
C ASP A 51 6.22 -5.54 8.74
N LEU A 52 6.71 -6.33 7.78
CA LEU A 52 6.01 -6.51 6.52
C LEU A 52 4.63 -7.12 6.77
N GLY A 53 4.62 -8.19 7.56
CA GLY A 53 3.36 -8.83 7.92
C GLY A 53 2.44 -7.90 8.68
N ASN A 54 3.00 -7.19 9.66
CA ASN A 54 2.22 -6.23 10.45
C ASN A 54 1.59 -5.17 9.55
N SER A 55 2.40 -4.62 8.65
CA SER A 55 1.92 -3.62 7.72
C SER A 55 0.87 -4.20 6.78
N THR A 56 1.07 -5.46 6.38
CA THR A 56 0.10 -6.17 5.57
C THR A 56 -1.25 -6.21 6.26
N LYS A 57 -1.26 -6.66 7.51
CA LYS A 57 -2.47 -6.75 8.31
C LYS A 57 -3.09 -5.37 8.53
N ALA A 58 -2.23 -4.37 8.67
CA ALA A 58 -2.65 -2.99 8.88
C ALA A 58 -3.51 -2.48 7.73
N VAL A 59 -2.92 -2.43 6.53
CA VAL A 59 -3.60 -1.87 5.37
C VAL A 59 -4.71 -2.80 4.87
N SER A 60 -4.58 -4.10 5.12
CA SER A 60 -5.62 -5.05 4.76
C SER A 60 -6.90 -4.75 5.54
N SER A 61 -6.73 -4.35 6.79
CA SER A 61 -7.86 -3.98 7.62
C SER A 61 -8.41 -2.61 7.21
N ALA A 62 -7.55 -1.79 6.61
CA ALA A 62 -7.92 -0.45 6.20
C ALA A 62 -8.77 -0.46 4.94
N ILE A 63 -8.37 -1.27 3.96
CA ILE A 63 -9.13 -1.38 2.72
C ILE A 63 -10.52 -1.96 2.97
N ALA A 64 -10.64 -2.73 4.05
CA ALA A 64 -11.93 -3.28 4.45
C ALA A 64 -12.86 -2.17 4.95
N LYS A 65 -12.27 -1.14 5.56
CA LYS A 65 -13.04 -0.01 6.06
C LYS A 65 -13.53 0.86 4.91
N LEU A 66 -12.70 0.97 3.88
CA LEU A 66 -13.06 1.73 2.68
C LEU A 66 -14.31 1.15 2.03
N LEU A 67 -14.34 -0.16 1.88
CA LEU A 67 -15.49 -0.84 1.34
C LEU A 67 -16.64 -0.81 2.33
N GLY A 68 -16.32 -1.11 3.59
CA GLY A 68 -17.32 -1.16 4.63
C GLY A 68 -18.34 -2.24 4.36
N GLU A 69 -19.57 -1.83 4.10
CA GLU A 69 -20.64 -2.77 3.81
C GLU A 69 -20.77 -3.00 2.30
N ILE A 70 -20.37 -2.00 1.51
CA ILE A 70 -20.50 -2.08 0.06
C ILE A 70 -19.28 -1.47 -0.65
N ALA A 71 -19.40 -0.20 -1.04
CA ALA A 71 -18.29 0.51 -1.67
C ALA A 71 -17.94 1.75 -0.86
N GLN A 72 -18.65 1.93 0.25
CA GLN A 72 -18.46 3.07 1.11
C GLN A 72 -18.83 2.71 2.53
N GLY A 73 -17.84 2.63 3.40
CA GLY A 73 -18.09 2.31 4.80
C GLY A 73 -18.49 3.53 5.60
N ASN A 74 -19.56 4.20 5.14
CA ASN A 74 -20.04 5.44 5.75
C ASN A 74 -19.10 6.61 5.45
N GLU A 75 -19.66 7.81 5.44
CA GLU A 75 -18.98 9.02 4.99
C GLU A 75 -17.69 9.30 5.76
N ASN A 76 -17.72 9.10 7.08
CA ASN A 76 -16.58 9.44 7.93
C ASN A 76 -15.41 8.49 7.66
N TYR A 77 -15.69 7.19 7.69
CA TYR A 77 -14.65 6.16 7.58
C TYR A 77 -13.95 6.21 6.24
N ALA A 78 -14.67 6.70 5.23
CA ALA A 78 -14.10 6.86 3.89
C ALA A 78 -12.80 7.68 3.95
N GLY A 79 -12.81 8.71 4.78
CA GLY A 79 -11.63 9.53 4.95
C GLY A 79 -10.62 8.90 5.90
N ILE A 80 -11.13 8.24 6.93
CA ILE A 80 -10.28 7.63 7.95
C ILE A 80 -9.46 6.48 7.36
N ALA A 81 -10.12 5.61 6.61
CA ALA A 81 -9.49 4.44 6.04
C ALA A 81 -8.56 4.81 4.89
N ALA A 82 -8.87 5.89 4.20
CA ALA A 82 -8.04 6.36 3.11
C ALA A 82 -6.65 6.76 3.63
N ARG A 83 -6.63 7.36 4.80
CA ARG A 83 -5.37 7.74 5.42
C ARG A 83 -4.71 6.52 6.06
N ASP A 84 -5.53 5.54 6.42
CA ASP A 84 -5.06 4.34 7.10
C ASP A 84 -4.30 3.45 6.13
N VAL A 85 -4.84 3.27 4.92
CA VAL A 85 -4.15 2.51 3.88
C VAL A 85 -2.82 3.15 3.54
N ALA A 86 -2.82 4.48 3.42
CA ALA A 86 -1.61 5.22 3.10
C ALA A 86 -0.53 4.97 4.13
N GLY A 87 -0.91 5.04 5.41
CA GLY A 87 0.03 4.79 6.49
C GLY A 87 0.55 3.36 6.48
N GLY A 88 -0.33 2.41 6.19
CA GLY A 88 0.05 1.02 6.15
C GLY A 88 1.04 0.72 5.04
N LEU A 89 0.85 1.37 3.90
CA LEU A 89 1.70 1.14 2.73
C LEU A 89 3.11 1.69 2.96
N ARG A 90 3.22 2.73 3.78
CA ARG A 90 4.52 3.31 4.09
C ARG A 90 5.40 2.28 4.80
N SER A 91 4.86 1.71 5.86
CA SER A 91 5.57 0.70 6.63
C SER A 91 5.77 -0.57 5.79
N LEU A 92 4.79 -0.86 4.93
CA LEU A 92 4.88 -2.01 4.03
C LEU A 92 6.12 -1.86 3.15
N ALA A 93 6.26 -0.68 2.55
CA ALA A 93 7.38 -0.39 1.67
C ALA A 93 8.70 -0.39 2.42
N GLN A 94 8.69 0.17 3.63
CA GLN A 94 9.91 0.28 4.44
C GLN A 94 10.42 -1.11 4.81
N ALA A 95 9.50 -2.03 5.08
CA ALA A 95 9.87 -3.38 5.47
C ALA A 95 10.43 -4.14 4.28
N ALA A 96 9.78 -3.98 3.12
CA ALA A 96 10.20 -4.66 1.90
C ALA A 96 11.58 -4.18 1.46
N ARG A 97 11.88 -2.91 1.71
CA ARG A 97 13.17 -2.35 1.35
C ARG A 97 14.29 -2.95 2.20
N GLY A 98 13.99 -3.19 3.48
CA GLY A 98 14.95 -3.82 4.35
C GLY A 98 15.29 -5.23 3.91
N VAL A 99 14.25 -5.98 3.57
CA VAL A 99 14.40 -7.36 3.09
C VAL A 99 15.37 -7.44 1.92
N ALA A 100 15.15 -6.59 0.93
CA ALA A 100 15.95 -6.60 -0.30
C ALA A 100 17.41 -6.27 -0.02
N ALA A 101 17.65 -5.37 0.91
CA ALA A 101 19.01 -4.98 1.26
C ALA A 101 19.73 -6.12 1.98
N LEU A 102 18.99 -6.84 2.80
CA LEU A 102 19.55 -7.91 3.60
C LEU A 102 19.84 -9.16 2.77
N THR A 103 18.92 -9.51 1.87
CA THR A 103 19.06 -10.73 1.08
C THR A 103 20.26 -10.65 0.13
N SER A 104 20.38 -9.52 -0.57
CA SER A 104 21.50 -9.27 -1.49
C SER A 104 21.52 -10.26 -2.67
N ASP A 105 20.44 -11.03 -2.84
CA ASP A 105 20.34 -11.94 -3.98
C ASP A 105 19.77 -11.22 -5.19
N PRO A 106 20.55 -11.15 -6.28
CA PRO A 106 20.13 -10.46 -7.51
C PRO A 106 19.02 -11.21 -8.24
N ALA A 107 17.86 -11.26 -7.61
CA ALA A 107 16.67 -11.87 -8.17
C ALA A 107 15.48 -11.55 -7.27
N VAL A 108 15.56 -11.99 -6.02
CA VAL A 108 14.51 -11.72 -5.05
C VAL A 108 14.48 -10.25 -4.65
N GLN A 109 15.62 -9.56 -4.78
CA GLN A 109 15.68 -8.13 -4.46
C GLN A 109 14.68 -7.35 -5.29
N ALA A 110 14.71 -7.56 -6.60
CA ALA A 110 13.78 -6.89 -7.50
C ALA A 110 12.35 -7.34 -7.24
N ILE A 111 12.22 -8.59 -6.81
CA ILE A 111 10.93 -9.20 -6.60
C ILE A 111 10.21 -8.63 -5.37
N VAL A 112 10.93 -8.52 -4.25
CA VAL A 112 10.36 -7.99 -3.02
C VAL A 112 10.02 -6.51 -3.15
N LEU A 113 10.78 -5.81 -3.97
CA LEU A 113 10.53 -4.39 -4.19
C LEU A 113 9.36 -4.22 -5.11
N ASP A 114 9.31 -5.06 -6.13
CA ASP A 114 8.22 -5.06 -7.10
C ASP A 114 6.87 -5.32 -6.43
N THR A 115 6.85 -6.29 -5.52
CA THR A 115 5.62 -6.64 -4.83
C THR A 115 5.12 -5.47 -3.97
N ALA A 116 6.04 -4.86 -3.23
CA ALA A 116 5.71 -3.70 -2.40
C ALA A 116 5.10 -2.58 -3.25
N SER A 117 5.69 -2.36 -4.42
CA SER A 117 5.20 -1.35 -5.33
C SER A 117 3.87 -1.77 -5.93
N ASP A 118 3.75 -3.07 -6.22
CA ASP A 118 2.54 -3.63 -6.79
C ASP A 118 1.36 -3.42 -5.86
N VAL A 119 1.61 -3.52 -4.56
CA VAL A 119 0.59 -3.29 -3.54
C VAL A 119 0.02 -1.89 -3.66
N LEU A 120 0.89 -0.89 -3.65
CA LEU A 120 0.46 0.49 -3.69
C LEU A 120 -0.12 0.84 -5.06
N ASP A 121 0.36 0.18 -6.10
CA ASP A 121 -0.19 0.36 -7.45
C ASP A 121 -1.68 0.01 -7.45
N LYS A 122 -2.03 -1.09 -6.81
CA LYS A 122 -3.42 -1.49 -6.67
C LYS A 122 -4.16 -0.52 -5.75
N ALA A 123 -3.53 -0.16 -4.64
CA ALA A 123 -4.12 0.73 -3.66
C ALA A 123 -4.41 2.11 -4.24
N SER A 124 -3.52 2.59 -5.09
CA SER A 124 -3.71 3.87 -5.76
C SER A 124 -4.95 3.81 -6.63
N SER A 125 -5.09 2.72 -7.37
CA SER A 125 -6.25 2.51 -8.21
C SER A 125 -7.52 2.44 -7.37
N LEU A 126 -7.41 1.80 -6.21
CA LEU A 126 -8.53 1.73 -5.27
C LEU A 126 -9.01 3.13 -4.89
N ILE A 127 -8.06 4.00 -4.56
CA ILE A 127 -8.38 5.36 -4.15
C ILE A 127 -8.88 6.21 -5.33
N GLU A 128 -8.18 6.10 -6.46
CA GLU A 128 -8.55 6.87 -7.65
C GLU A 128 -9.90 6.42 -8.20
N GLU A 129 -10.13 5.11 -8.21
CA GLU A 129 -11.42 4.57 -8.64
C GLU A 129 -12.51 4.96 -7.65
N ALA A 130 -12.13 5.11 -6.38
CA ALA A 130 -13.08 5.51 -5.35
C ALA A 130 -13.56 6.95 -5.57
N LYS A 131 -12.69 7.77 -6.16
CA LYS A 131 -13.08 9.14 -6.52
C LYS A 131 -14.16 9.11 -7.60
N LYS A 132 -14.11 8.08 -8.43
CA LYS A 132 -15.12 7.89 -9.47
C LYS A 132 -16.41 7.37 -8.85
N ALA A 133 -16.25 6.48 -7.86
CA ALA A 133 -17.37 5.90 -7.14
C ALA A 133 -18.11 6.95 -6.34
N SER A 134 -17.33 7.82 -5.69
CA SER A 134 -17.89 8.91 -4.91
C SER A 134 -18.76 9.80 -5.80
N GLY A 135 -20.03 9.88 -5.49
CA GLY A 135 -20.96 10.62 -6.32
C GLY A 135 -22.08 9.74 -6.84
N HIS A 136 -21.95 8.43 -6.62
CA HIS A 136 -22.99 7.48 -6.99
C HIS A 136 -23.75 7.05 -5.73
N PRO A 137 -25.08 7.21 -5.72
CA PRO A 137 -25.92 6.87 -4.56
C PRO A 137 -25.96 5.38 -4.27
N GLY A 138 -25.44 4.58 -5.18
CA GLY A 138 -25.37 3.15 -4.97
C GLY A 138 -25.35 2.38 -6.26
N ASP A 139 -24.19 2.28 -6.89
CA ASP A 139 -24.06 1.54 -8.14
C ASP A 139 -23.35 0.23 -7.89
N PRO A 140 -24.02 -0.90 -8.18
CA PRO A 140 -23.48 -2.25 -7.95
C PRO A 140 -22.12 -2.46 -8.60
N GLU A 141 -21.97 -2.01 -9.84
CA GLU A 141 -20.72 -2.16 -10.56
C GLU A 141 -19.62 -1.33 -9.90
N SER A 142 -19.97 -0.11 -9.52
CA SER A 142 -19.04 0.77 -8.82
C SER A 142 -18.55 0.12 -7.53
N GLN A 143 -19.44 -0.60 -6.87
CA GLN A 143 -19.08 -1.33 -5.65
C GLN A 143 -18.09 -2.44 -5.98
N GLN A 144 -18.34 -3.15 -7.07
CA GLN A 144 -17.48 -4.24 -7.51
C GLN A 144 -16.10 -3.72 -7.87
N ARG A 145 -16.05 -2.54 -8.48
CA ARG A 145 -14.79 -1.92 -8.86
C ARG A 145 -13.85 -1.85 -7.66
N LEU A 146 -14.35 -1.28 -6.57
CA LEU A 146 -13.55 -1.11 -5.37
C LEU A 146 -13.33 -2.44 -4.66
N ALA A 147 -14.35 -3.29 -4.66
CA ALA A 147 -14.28 -4.58 -4.00
C ALA A 147 -13.22 -5.48 -4.64
N GLN A 148 -13.21 -5.51 -5.97
CA GLN A 148 -12.29 -6.38 -6.69
C GLN A 148 -10.86 -5.86 -6.62
N VAL A 149 -10.68 -4.54 -6.71
CA VAL A 149 -9.34 -3.97 -6.67
C VAL A 149 -8.74 -4.07 -5.26
N ALA A 150 -9.60 -3.93 -4.25
CA ALA A 150 -9.15 -4.11 -2.86
C ALA A 150 -8.74 -5.55 -2.63
N LYS A 151 -9.46 -6.47 -3.27
CA LYS A 151 -9.12 -7.88 -3.22
C LYS A 151 -7.74 -8.11 -3.82
N ALA A 152 -7.43 -7.38 -4.88
CA ALA A 152 -6.13 -7.43 -5.52
C ALA A 152 -5.04 -6.90 -4.59
N VAL A 153 -5.34 -5.79 -3.90
CA VAL A 153 -4.42 -5.24 -2.90
C VAL A 153 -4.10 -6.29 -1.85
N THR A 154 -5.13 -6.99 -1.41
CA THR A 154 -4.99 -8.05 -0.42
C THR A 154 -4.07 -9.16 -0.93
N GLN A 155 -4.22 -9.50 -2.21
CA GLN A 155 -3.41 -10.56 -2.81
C GLN A 155 -1.96 -10.10 -2.96
N ALA A 156 -1.77 -8.86 -3.37
CA ALA A 156 -0.44 -8.29 -3.53
C ALA A 156 0.33 -8.35 -2.22
N LEU A 157 -0.35 -8.00 -1.13
CA LEU A 157 0.23 -8.07 0.21
C LEU A 157 0.67 -9.50 0.53
N ASN A 158 -0.20 -10.45 0.24
CA ASN A 158 0.11 -11.86 0.47
C ASN A 158 1.29 -12.30 -0.37
N ARG A 159 1.38 -11.79 -1.59
CA ARG A 159 2.48 -12.12 -2.47
C ARG A 159 3.79 -11.57 -1.91
N CYS A 160 3.69 -10.47 -1.16
CA CYS A 160 4.85 -9.82 -0.59
C CYS A 160 5.46 -10.70 0.48
N VAL A 161 4.61 -11.18 1.38
CA VAL A 161 5.06 -12.04 2.46
C VAL A 161 5.39 -13.43 1.96
N SER A 162 4.83 -13.79 0.81
CA SER A 162 5.11 -15.09 0.19
C SER A 162 6.47 -15.08 -0.50
N CYS A 163 6.80 -13.98 -1.18
CA CYS A 163 8.02 -13.89 -1.96
C CYS A 163 9.26 -13.71 -1.08
N LEU A 164 9.04 -13.62 0.23
CA LEU A 164 10.14 -13.51 1.19
C LEU A 164 11.13 -14.67 1.02
N PRO A 165 12.43 -14.34 0.95
CA PRO A 165 13.52 -15.31 0.78
C PRO A 165 13.34 -16.61 1.56
N GLY A 166 12.91 -17.66 0.87
CA GLY A 166 12.71 -18.95 1.49
C GLY A 166 11.55 -18.96 2.47
N GLN A 167 11.78 -18.36 3.63
CA GLN A 167 10.81 -18.38 4.71
C GLN A 167 11.19 -17.32 5.73
N ARG A 168 10.20 -16.59 6.23
CA ARG A 168 10.45 -15.58 7.25
C ARG A 168 10.80 -16.24 8.58
N GLY A 1 2.23 26.65 10.40
CA GLY A 1 1.71 26.51 11.78
C GLY A 1 1.29 25.08 12.06
N ILE A 2 0.01 24.89 12.30
CA ILE A 2 -0.54 23.54 12.43
C ILE A 2 -1.02 23.08 11.06
N ASP A 3 -1.69 23.98 10.36
CA ASP A 3 -2.17 23.76 8.99
C ASP A 3 -2.93 22.43 8.86
N PRO A 4 -4.25 22.48 9.11
CA PRO A 4 -5.09 21.29 9.10
C PRO A 4 -5.42 20.80 7.70
N PHE A 5 -5.68 19.51 7.59
CA PHE A 5 -6.05 18.89 6.33
C PHE A 5 -7.55 18.66 6.30
N THR A 6 -8.29 19.48 7.05
CA THR A 6 -9.73 19.36 7.15
C THR A 6 -10.43 19.91 5.91
N GLY A 7 -9.69 20.67 5.12
CA GLY A 7 -10.23 21.23 3.90
C GLY A 7 -10.43 20.16 2.83
N PRO A 8 -9.33 19.60 2.29
CA PRO A 8 -9.40 18.48 1.35
C PRO A 8 -9.77 17.18 2.05
N LEU A 9 -10.32 16.25 1.29
CA LEU A 9 -10.69 14.97 1.82
C LEU A 9 -9.46 14.14 2.10
N GLU A 10 -9.59 13.24 3.05
CA GLU A 10 -8.50 12.37 3.48
C GLU A 10 -7.95 11.58 2.29
N MET A 11 -8.86 11.20 1.38
CA MET A 11 -8.49 10.43 0.19
C MET A 11 -7.49 11.19 -0.67
N ASP A 12 -7.60 12.51 -0.70
CA ASP A 12 -6.72 13.33 -1.51
C ASP A 12 -5.31 13.34 -0.92
N SER A 13 -5.25 13.55 0.40
CA SER A 13 -3.99 13.59 1.11
C SER A 13 -3.33 12.22 1.07
N ALA A 14 -4.13 11.18 1.29
CA ALA A 14 -3.64 9.80 1.25
C ALA A 14 -3.04 9.47 -0.11
N LEU A 15 -3.77 9.78 -1.16
CA LEU A 15 -3.30 9.52 -2.52
C LEU A 15 -1.99 10.25 -2.79
N SER A 16 -1.86 11.45 -2.23
CA SER A 16 -0.68 12.26 -2.42
C SER A 16 0.56 11.59 -1.82
N VAL A 17 0.43 11.03 -0.62
CA VAL A 17 1.58 10.43 0.05
C VAL A 17 1.99 9.12 -0.62
N VAL A 18 1.02 8.42 -1.19
CA VAL A 18 1.30 7.17 -1.90
C VAL A 18 2.12 7.45 -3.15
N GLN A 19 1.81 8.57 -3.82
CA GLN A 19 2.55 8.99 -5.00
C GLN A 19 4.00 9.31 -4.66
N ASN A 20 4.21 9.82 -3.45
CA ASN A 20 5.56 10.12 -2.98
C ASN A 20 6.27 8.83 -2.56
N LEU A 21 5.48 7.82 -2.20
CA LEU A 21 6.02 6.53 -1.79
C LEU A 21 6.53 5.73 -2.98
N GLU A 22 5.71 5.66 -4.03
CA GLU A 22 6.06 4.90 -5.23
C GLU A 22 7.36 5.41 -5.83
N LYS A 23 7.51 6.73 -5.90
CA LYS A 23 8.69 7.34 -6.48
C LYS A 23 9.94 6.95 -5.71
N ASP A 24 9.83 6.90 -4.38
CA ASP A 24 10.95 6.51 -3.52
C ASP A 24 11.35 5.08 -3.81
N LEU A 25 10.35 4.20 -3.89
CA LEU A 25 10.61 2.78 -4.06
C LEU A 25 11.17 2.47 -5.44
N GLN A 26 10.77 3.24 -6.44
CA GLN A 26 11.29 3.04 -7.80
C GLN A 26 12.77 3.39 -7.86
N GLU A 27 13.21 4.33 -7.03
CA GLU A 27 14.62 4.66 -6.93
C GLU A 27 15.37 3.50 -6.29
N ILE A 28 14.77 2.96 -5.25
CA ILE A 28 15.31 1.80 -4.54
C ILE A 28 15.36 0.59 -5.46
N LYS A 29 14.33 0.46 -6.28
CA LYS A 29 14.25 -0.62 -7.26
C LYS A 29 15.43 -0.56 -8.22
N ALA A 30 15.75 0.65 -8.68
CA ALA A 30 16.87 0.86 -9.57
C ALA A 30 18.19 0.58 -8.85
N ALA A 31 18.29 1.02 -7.62
CA ALA A 31 19.49 0.80 -6.80
C ALA A 31 19.69 -0.68 -6.51
N ALA A 32 18.59 -1.38 -6.24
CA ALA A 32 18.65 -2.81 -5.94
C ALA A 32 19.02 -3.61 -7.19
N ARG A 33 18.47 -3.21 -8.33
CA ARG A 33 18.79 -3.87 -9.59
C ARG A 33 20.28 -3.73 -9.87
N ASP A 34 20.79 -2.53 -9.69
CA ASP A 34 22.22 -2.27 -9.89
C ASP A 34 23.04 -3.02 -8.84
N GLY A 35 22.60 -2.90 -7.58
CA GLY A 35 23.30 -3.53 -6.48
C GLY A 35 23.94 -2.49 -5.58
N LYS A 36 23.32 -1.33 -5.48
CA LYS A 36 23.89 -0.20 -4.76
C LYS A 36 23.02 0.23 -3.58
N LEU A 37 22.23 -0.70 -3.05
CA LEU A 37 21.40 -0.42 -1.89
C LEU A 37 22.25 0.02 -0.70
N LYS A 38 21.73 0.97 0.07
CA LYS A 38 22.43 1.51 1.23
C LYS A 38 21.79 1.17 2.60
N PRO A 39 20.53 0.65 2.70
CA PRO A 39 19.93 0.30 3.99
C PRO A 39 20.39 -1.06 4.48
N LEU A 40 21.54 -1.46 3.93
CA LEU A 40 22.14 -2.76 4.20
C LEU A 40 22.26 -3.05 5.70
N PRO A 41 22.91 -2.18 6.50
CA PRO A 41 23.02 -2.37 7.94
C PRO A 41 21.88 -1.72 8.71
N GLY A 42 21.66 -2.19 9.92
CA GLY A 42 20.62 -1.61 10.75
C GLY A 42 19.81 -2.64 11.49
N GLU A 43 18.64 -2.95 10.95
CA GLU A 43 17.71 -3.88 11.60
C GLU A 43 17.92 -5.30 11.10
N THR A 44 17.10 -6.21 11.60
CA THR A 44 17.22 -7.62 11.25
C THR A 44 16.13 -8.04 10.25
N MET A 45 16.30 -9.22 9.69
CA MET A 45 15.30 -9.78 8.76
C MET A 45 14.02 -10.10 9.53
N GLU A 46 14.18 -10.41 10.81
CA GLU A 46 13.04 -10.64 11.68
C GLU A 46 12.09 -9.46 11.68
N LYS A 47 12.63 -8.29 11.99
CA LYS A 47 11.84 -7.08 12.15
C LYS A 47 11.14 -6.70 10.84
N CYS A 48 11.90 -6.62 9.76
CA CYS A 48 11.36 -6.15 8.49
C CYS A 48 10.28 -7.07 7.95
N THR A 49 10.50 -8.39 8.01
CA THR A 49 9.51 -9.34 7.52
C THR A 49 8.24 -9.28 8.36
N GLN A 50 8.41 -9.11 9.67
CA GLN A 50 7.29 -9.04 10.58
C GLN A 50 6.49 -7.77 10.34
N ASP A 51 7.19 -6.64 10.25
CA ASP A 51 6.55 -5.35 10.05
C ASP A 51 5.89 -5.31 8.68
N LEU A 52 6.48 -6.02 7.72
CA LEU A 52 5.89 -6.14 6.40
C LEU A 52 4.53 -6.83 6.49
N GLY A 53 4.50 -7.95 7.20
CA GLY A 53 3.25 -8.68 7.39
C GLY A 53 2.23 -7.88 8.17
N ASN A 54 2.70 -7.17 9.20
CA ASN A 54 1.83 -6.33 10.01
C ASN A 54 1.27 -5.18 9.18
N SER A 55 2.09 -4.63 8.30
CA SER A 55 1.63 -3.59 7.39
C SER A 55 0.63 -4.17 6.39
N THR A 56 0.89 -5.41 5.98
CA THR A 56 0.01 -6.12 5.07
C THR A 56 -1.41 -6.23 5.64
N LYS A 57 -1.51 -6.80 6.83
CA LYS A 57 -2.82 -6.98 7.48
C LYS A 57 -3.46 -5.65 7.82
N ALA A 58 -2.64 -4.67 8.17
CA ALA A 58 -3.11 -3.33 8.49
C ALA A 58 -3.89 -2.72 7.33
N VAL A 59 -3.24 -2.55 6.19
CA VAL A 59 -3.87 -1.93 5.03
C VAL A 59 -4.93 -2.85 4.41
N SER A 60 -4.74 -4.17 4.56
CA SER A 60 -5.73 -5.12 4.08
C SER A 60 -7.04 -4.97 4.86
N SER A 61 -6.92 -4.70 6.15
CA SER A 61 -8.08 -4.44 6.98
C SER A 61 -8.66 -3.07 6.63
N ALA A 62 -7.78 -2.13 6.31
CA ALA A 62 -8.18 -0.76 6.02
C ALA A 62 -8.96 -0.66 4.71
N ILE A 63 -8.53 -1.40 3.68
CA ILE A 63 -9.23 -1.39 2.40
C ILE A 63 -10.63 -1.97 2.54
N ALA A 64 -10.82 -2.84 3.53
CA ALA A 64 -12.14 -3.40 3.82
C ALA A 64 -13.10 -2.30 4.28
N LYS A 65 -12.55 -1.28 4.93
CA LYS A 65 -13.33 -0.12 5.37
C LYS A 65 -13.65 0.79 4.18
N LEU A 66 -12.66 0.96 3.30
CA LEU A 66 -12.85 1.76 2.10
C LEU A 66 -13.94 1.17 1.22
N LEU A 67 -14.03 -0.15 1.22
CA LEU A 67 -15.13 -0.84 0.58
C LEU A 67 -16.36 -0.77 1.48
N GLY A 68 -17.02 0.37 1.46
CA GLY A 68 -18.23 0.54 2.25
C GLY A 68 -19.43 -0.02 1.54
N GLU A 69 -20.31 0.87 1.09
CA GLU A 69 -21.51 0.48 0.38
C GLU A 69 -22.07 1.68 -0.37
N ILE A 70 -22.99 1.42 -1.29
CA ILE A 70 -23.63 2.49 -2.03
C ILE A 70 -24.95 2.86 -1.37
N ALA A 71 -25.76 3.66 -2.05
CA ALA A 71 -27.00 4.20 -1.48
C ALA A 71 -26.67 5.05 -0.26
N GLN A 72 -26.16 6.25 -0.53
CA GLN A 72 -25.69 7.17 0.50
C GLN A 72 -24.53 6.56 1.29
N GLY A 73 -23.31 6.81 0.83
CA GLY A 73 -22.14 6.25 1.47
C GLY A 73 -21.66 7.11 2.62
N ASN A 74 -21.01 6.49 3.59
CA ASN A 74 -20.49 7.21 4.75
C ASN A 74 -19.12 7.81 4.44
N GLU A 75 -19.06 9.13 4.33
CA GLU A 75 -17.84 9.81 3.95
C GLU A 75 -16.80 9.76 5.06
N ASN A 76 -17.24 9.66 6.30
CA ASN A 76 -16.33 9.65 7.44
C ASN A 76 -15.56 8.35 7.50
N TYR A 77 -16.28 7.26 7.30
CA TYR A 77 -15.69 5.93 7.28
C TYR A 77 -14.64 5.84 6.19
N ALA A 78 -15.02 6.31 5.00
CA ALA A 78 -14.14 6.33 3.85
C ALA A 78 -12.92 7.19 4.12
N GLY A 79 -13.13 8.31 4.80
CA GLY A 79 -12.03 9.20 5.14
C GLY A 79 -11.04 8.54 6.09
N ILE A 80 -11.54 7.96 7.17
CA ILE A 80 -10.70 7.28 8.15
C ILE A 80 -9.90 6.17 7.48
N ALA A 81 -10.58 5.38 6.66
CA ALA A 81 -9.96 4.26 5.97
C ALA A 81 -8.89 4.72 4.99
N ALA A 82 -9.15 5.83 4.32
CA ALA A 82 -8.22 6.38 3.34
C ALA A 82 -6.92 6.81 4.03
N ARG A 83 -7.04 7.34 5.23
CA ARG A 83 -5.88 7.76 5.99
C ARG A 83 -5.15 6.55 6.55
N ASP A 84 -5.92 5.51 6.89
CA ASP A 84 -5.36 4.29 7.47
C ASP A 84 -4.54 3.53 6.43
N VAL A 85 -5.09 3.38 5.22
CA VAL A 85 -4.38 2.68 4.15
C VAL A 85 -3.07 3.39 3.81
N ALA A 86 -3.11 4.72 3.82
CA ALA A 86 -1.92 5.51 3.52
C ALA A 86 -0.79 5.16 4.47
N GLY A 87 -1.11 5.11 5.76
CA GLY A 87 -0.14 4.71 6.75
C GLY A 87 0.38 3.30 6.51
N GLY A 88 -0.51 2.43 6.06
CA GLY A 88 -0.13 1.06 5.76
C GLY A 88 0.88 0.98 4.64
N LEU A 89 0.66 1.75 3.58
CA LEU A 89 1.57 1.78 2.44
C LEU A 89 2.94 2.31 2.85
N ARG A 90 2.96 3.31 3.73
CA ARG A 90 4.22 3.85 4.23
C ARG A 90 5.01 2.76 4.94
N SER A 91 4.36 2.13 5.90
CA SER A 91 4.97 1.06 6.66
C SER A 91 5.40 -0.10 5.76
N LEU A 92 4.54 -0.44 4.80
CA LEU A 92 4.84 -1.49 3.83
C LEU A 92 6.12 -1.16 3.07
N ALA A 93 6.18 0.06 2.56
CA ALA A 93 7.33 0.53 1.80
C ALA A 93 8.61 0.47 2.62
N GLN A 94 8.53 0.96 3.85
CA GLN A 94 9.68 1.00 4.75
C GLN A 94 10.20 -0.41 5.04
N ALA A 95 9.28 -1.33 5.25
CA ALA A 95 9.65 -2.71 5.53
C ALA A 95 10.26 -3.38 4.29
N ALA A 96 9.65 -3.14 3.13
CA ALA A 96 10.10 -3.74 1.88
C ALA A 96 11.51 -3.27 1.51
N ARG A 97 11.74 -1.97 1.58
CA ARG A 97 13.04 -1.41 1.23
C ARG A 97 14.10 -1.87 2.24
N GLY A 98 13.65 -2.21 3.44
CA GLY A 98 14.54 -2.74 4.44
C GLY A 98 14.94 -4.17 4.12
N VAL A 99 13.95 -5.00 3.82
CA VAL A 99 14.18 -6.40 3.45
C VAL A 99 15.18 -6.51 2.31
N ALA A 100 14.96 -5.72 1.26
CA ALA A 100 15.82 -5.76 0.07
C ALA A 100 17.26 -5.41 0.41
N ALA A 101 17.43 -4.46 1.33
CA ALA A 101 18.75 -4.03 1.76
C ALA A 101 19.41 -5.10 2.63
N LEU A 102 18.63 -5.61 3.55
CA LEU A 102 19.10 -6.56 4.54
C LEU A 102 19.46 -7.89 3.89
N THR A 103 18.69 -8.32 2.91
CA THR A 103 19.01 -9.54 2.18
C THR A 103 20.16 -9.28 1.21
N SER A 104 20.94 -10.32 0.93
CA SER A 104 22.10 -10.17 0.07
C SER A 104 21.92 -10.96 -1.22
N ASP A 105 20.75 -11.55 -1.38
CA ASP A 105 20.45 -12.32 -2.58
C ASP A 105 20.07 -11.41 -3.74
N PRO A 106 20.88 -11.40 -4.81
CA PRO A 106 20.63 -10.56 -5.98
C PRO A 106 19.52 -11.12 -6.86
N ALA A 107 18.31 -11.12 -6.31
CA ALA A 107 17.12 -11.56 -7.02
C ALA A 107 15.88 -11.17 -6.22
N VAL A 108 15.85 -11.58 -4.96
CA VAL A 108 14.75 -11.24 -4.08
C VAL A 108 14.71 -9.74 -3.80
N GLN A 109 15.88 -9.09 -3.89
CA GLN A 109 15.97 -7.64 -3.69
C GLN A 109 14.99 -6.91 -4.58
N ALA A 110 15.05 -7.18 -5.88
CA ALA A 110 14.17 -6.55 -6.83
C ALA A 110 12.74 -7.05 -6.68
N ILE A 111 12.61 -8.31 -6.29
CA ILE A 111 11.31 -8.95 -6.21
C ILE A 111 10.47 -8.44 -5.03
N VAL A 112 11.12 -8.14 -3.90
CA VAL A 112 10.41 -7.59 -2.75
C VAL A 112 9.92 -6.17 -3.05
N LEU A 113 10.73 -5.43 -3.79
CA LEU A 113 10.38 -4.06 -4.14
C LEU A 113 9.30 -4.04 -5.21
N ASP A 114 9.46 -4.92 -6.20
CA ASP A 114 8.52 -5.04 -7.30
C ASP A 114 7.11 -5.32 -6.77
N THR A 115 7.00 -6.24 -5.84
CA THR A 115 5.72 -6.59 -5.25
C THR A 115 5.17 -5.45 -4.39
N ALA A 116 6.05 -4.81 -3.63
CA ALA A 116 5.66 -3.67 -2.81
C ALA A 116 5.16 -2.52 -3.69
N SER A 117 5.84 -2.33 -4.82
CA SER A 117 5.45 -1.32 -5.79
C SER A 117 4.11 -1.68 -6.41
N ASP A 118 3.86 -2.98 -6.54
CA ASP A 118 2.60 -3.48 -7.06
C ASP A 118 1.48 -3.24 -6.05
N VAL A 119 1.82 -3.39 -4.77
CA VAL A 119 0.89 -3.11 -3.68
C VAL A 119 0.38 -1.68 -3.77
N LEU A 120 1.30 -0.72 -3.77
CA LEU A 120 0.92 0.68 -3.82
C LEU A 120 0.28 1.03 -5.17
N ASP A 121 0.70 0.32 -6.22
CA ASP A 121 0.10 0.50 -7.54
C ASP A 121 -1.40 0.27 -7.49
N LYS A 122 -1.79 -0.83 -6.85
CA LYS A 122 -3.20 -1.15 -6.69
C LYS A 122 -3.82 -0.29 -5.59
N ALA A 123 -3.04 0.02 -4.57
CA ALA A 123 -3.49 0.88 -3.47
C ALA A 123 -3.91 2.26 -3.99
N SER A 124 -3.14 2.77 -4.94
CA SER A 124 -3.46 4.04 -5.57
C SER A 124 -4.83 3.97 -6.23
N SER A 125 -5.02 2.96 -7.06
CA SER A 125 -6.28 2.77 -7.78
C SER A 125 -7.39 2.37 -6.81
N LEU A 126 -7.03 1.89 -5.63
CA LEU A 126 -8.00 1.62 -4.59
C LEU A 126 -8.60 2.95 -4.13
N ILE A 127 -7.71 3.87 -3.77
CA ILE A 127 -8.12 5.20 -3.36
C ILE A 127 -8.84 5.92 -4.50
N GLU A 128 -8.30 5.82 -5.70
CA GLU A 128 -8.91 6.43 -6.87
C GLU A 128 -10.31 5.86 -7.11
N GLU A 129 -10.43 4.53 -7.06
CA GLU A 129 -11.72 3.88 -7.25
C GLU A 129 -12.72 4.34 -6.20
N ALA A 130 -12.31 4.32 -4.93
CA ALA A 130 -13.16 4.74 -3.83
C ALA A 130 -13.55 6.20 -3.97
N LYS A 131 -12.65 6.99 -4.52
CA LYS A 131 -12.90 8.40 -4.77
C LYS A 131 -14.05 8.57 -5.76
N LYS A 132 -13.96 7.88 -6.89
CA LYS A 132 -15.00 7.92 -7.90
C LYS A 132 -16.27 7.25 -7.39
N ALA A 133 -16.10 6.23 -6.55
CA ALA A 133 -17.22 5.53 -5.94
C ALA A 133 -18.01 6.46 -5.00
N SER A 134 -17.30 7.41 -4.41
CA SER A 134 -17.93 8.42 -3.56
C SER A 134 -18.87 9.29 -4.39
N GLY A 135 -18.58 9.39 -5.68
CA GLY A 135 -19.44 10.12 -6.59
C GLY A 135 -20.37 9.20 -7.33
N HIS A 136 -20.47 7.97 -6.86
CA HIS A 136 -21.33 6.95 -7.47
C HIS A 136 -22.22 6.28 -6.42
N PRO A 137 -23.12 7.05 -5.76
CA PRO A 137 -23.98 6.50 -4.72
C PRO A 137 -25.07 5.59 -5.27
N GLY A 138 -25.26 5.66 -6.59
CA GLY A 138 -26.26 4.85 -7.23
C GLY A 138 -25.68 3.97 -8.31
N ASP A 139 -24.43 3.56 -8.13
CA ASP A 139 -23.76 2.71 -9.11
C ASP A 139 -23.40 1.37 -8.50
N PRO A 140 -24.16 0.31 -8.83
CA PRO A 140 -23.96 -1.03 -8.27
C PRO A 140 -22.59 -1.59 -8.64
N GLU A 141 -22.10 -1.22 -9.81
CA GLU A 141 -20.83 -1.71 -10.31
C GLU A 141 -19.67 -1.12 -9.54
N SER A 142 -19.90 0.02 -8.88
CA SER A 142 -18.88 0.65 -8.06
C SER A 142 -18.42 -0.29 -6.95
N GLN A 143 -19.36 -1.09 -6.42
CA GLN A 143 -19.03 -2.08 -5.41
C GLN A 143 -18.19 -3.19 -6.02
N GLN A 144 -18.62 -3.68 -7.17
CA GLN A 144 -17.92 -4.73 -7.91
C GLN A 144 -16.48 -4.32 -8.22
N ARG A 145 -16.29 -3.09 -8.70
CA ARG A 145 -14.97 -2.61 -9.04
C ARG A 145 -14.09 -2.49 -7.79
N LEU A 146 -14.67 -1.97 -6.71
CA LEU A 146 -13.97 -1.89 -5.43
C LEU A 146 -13.50 -3.26 -4.98
N ALA A 147 -14.39 -4.25 -5.11
CA ALA A 147 -14.07 -5.62 -4.71
C ALA A 147 -12.89 -6.17 -5.50
N GLN A 148 -12.85 -5.86 -6.80
CA GLN A 148 -11.79 -6.35 -7.67
C GLN A 148 -10.45 -5.75 -7.29
N VAL A 149 -10.41 -4.43 -7.16
CA VAL A 149 -9.16 -3.73 -6.90
C VAL A 149 -8.65 -3.99 -5.49
N ALA A 150 -9.57 -4.06 -4.51
CA ALA A 150 -9.18 -4.37 -3.14
C ALA A 150 -8.61 -5.77 -3.04
N LYS A 151 -9.18 -6.68 -3.82
CA LYS A 151 -8.71 -8.05 -3.86
C LYS A 151 -7.31 -8.08 -4.45
N ALA A 152 -7.08 -7.27 -5.47
CA ALA A 152 -5.77 -7.17 -6.11
C ALA A 152 -4.73 -6.66 -5.12
N VAL A 153 -5.11 -5.69 -4.29
CA VAL A 153 -4.24 -5.19 -3.24
C VAL A 153 -3.91 -6.31 -2.26
N THR A 154 -4.94 -7.03 -1.83
CA THR A 154 -4.78 -8.13 -0.89
C THR A 154 -3.87 -9.22 -1.46
N GLN A 155 -4.00 -9.49 -2.75
CA GLN A 155 -3.16 -10.47 -3.43
C GLN A 155 -1.72 -10.00 -3.51
N ALA A 156 -1.54 -8.74 -3.88
CA ALA A 156 -0.21 -8.14 -3.98
C ALA A 156 0.49 -8.18 -2.63
N LEU A 157 -0.24 -7.81 -1.58
CA LEU A 157 0.26 -7.86 -0.22
C LEU A 157 0.79 -9.25 0.12
N ASN A 158 -0.02 -10.26 -0.14
CA ASN A 158 0.34 -11.63 0.14
C ASN A 158 1.55 -12.05 -0.69
N ARG A 159 1.54 -11.69 -1.97
CA ARG A 159 2.61 -12.06 -2.88
C ARG A 159 3.92 -11.38 -2.46
N CYS A 160 3.83 -10.27 -1.75
CA CYS A 160 5.00 -9.56 -1.30
C CYS A 160 5.65 -10.33 -0.16
N VAL A 161 4.83 -10.72 0.81
CA VAL A 161 5.31 -11.51 1.93
C VAL A 161 5.66 -12.93 1.48
N SER A 162 5.06 -13.34 0.36
CA SER A 162 5.37 -14.62 -0.25
C SER A 162 6.78 -14.60 -0.86
N CYS A 163 7.25 -13.41 -1.20
CA CYS A 163 8.56 -13.25 -1.81
C CYS A 163 9.65 -13.13 -0.75
N LEU A 164 9.25 -13.07 0.51
CA LEU A 164 10.21 -12.95 1.60
C LEU A 164 11.14 -14.15 1.66
N PRO A 165 12.46 -13.89 1.67
CA PRO A 165 13.47 -14.92 1.70
C PRO A 165 13.66 -15.50 3.09
N GLY A 166 13.74 -16.83 3.17
CA GLY A 166 13.98 -17.48 4.43
C GLY A 166 15.45 -17.47 4.79
N GLN A 167 15.93 -16.30 5.21
CA GLN A 167 17.32 -16.05 5.56
C GLN A 167 18.31 -16.86 4.71
N ARG A 168 18.58 -16.35 3.52
CA ARG A 168 19.46 -17.03 2.58
C ARG A 168 20.91 -16.63 2.82
#